data_9DUM
#
_entry.id   9DUM
#
_cell.length_a   1.00
_cell.length_b   1.00
_cell.length_c   1.00
_cell.angle_alpha   90.00
_cell.angle_beta   90.00
_cell.angle_gamma   90.00
#
_symmetry.space_group_name_H-M   'P 1'
#
loop_
_entity.id
_entity.type
_entity.pdbx_description
1 polymer 'WD repeat-containing protein 18'
2 polymer 'Proline-, glutamic acid- and leucine-rich protein 1'
3 polymer 'Testis-expressed protein 10'
#
loop_
_entity_poly.entity_id
_entity_poly.type
_entity_poly.pdbx_seq_one_letter_code
_entity_poly.pdbx_strand_id
1 'polypeptide(L)'
;SNMAAPMEVAVCTDSAAPMWSCIVWELHSGANLLTYRGGQAGPRGLALLNGEYLLAAQLGKNYISAWELQRKDQLQQKIM
CPGPVTCLTASPNGLYVLAGVAESIHLWEVSTGNLLVILSRHYQDVSCLQFTGDSSHFISGGKDCLVLVWSLCSVLQADP
SRIPAPRHVWSHHALPITDLHCGFGGPLARVATSSLDQTVKLWEVSSGELLLSVLFDVSIMAVTMDLAEHHMFCGGSEGS
IFQVDLFTWPGQRERSFHPEQDAGKVFKGHRNQVTCLSVSTDGSVLLSGSHDETVRLWDVQSKQCIRTVALKGPVTNAAI
LLAPVSMLSSDFRPSLPLPHFNKHLLGAEHGDEPRHGGLTLRLGLHQQGSEPSYLDRTEQLQAVLCSTMEKSVLGGQDQL
RVRVTELEDEVRNLRKINRDLFDFSTRFITRPAK
;
A,B
2 'polypeptide(L)'
;SNMAAAVLSGPSAGSAAGVPGGTGGLSAVSSGPRLRLLLLESVSGLLQPRTGSAVAPVHPPNRSAPHLPGLMCLLRLHGS
VGGAQNLSALGALVSLSNARLSSIKTRFEGLCLLSLLVGESPTELFQQHCVSWLRSIQQVLQTQDPPATMELAVAVLRDL
LRYAAQLPALFRDISMNHLPGLLTSLLGLRPECEQSALEGMKACMTYFPRACGSLKGKLASFFLSRVDALSPQLQQLACE
CYSRLPSLGAGFSQGLKHTESWEQELHSLLASLHTLLGALYEGAETAPVQNEGPGVEMLLSSEDGDAHVLLQLRQRFSGL
ARCLGLMLSSEFGAPVSVPVQEILDFICRTLSVSSKNISLHGDGPLRLLLLPSIHLEALDLLSALILACGSRLLRFGILI
GRLLPQVLNSWSIGRDSLSPGQERPYSTVRTKVYAILELWVQVCGASAGMLQGGASGEALLTHLLSDISPPADALKLRSP
RGSPDGSLQTGKPSAPKKLKLDVGEAMAPPSHRKGDSNANSDVCAAALRGLSRTILMCGPLIKEETHRRLHDLVLPLVMG
VQQGEVLGSSPYTSSRCRRELYCLLLALLLAPSPRCPPPLACALQAFSLGQREDSLEVSSFCSEALVTCAALTHPRVPPL
QPMG
;
C,D
3 'polypeptide(L)'
;SNMTKKRKRQHDFQKVKLKVGKKKPKLQNATPTNFKTKTIHLPEQLKEDGTLPTNNRKLNIKDLLSQMHHYNAGVKQSAL
LGLKDLLSQYPFIIDAHLSNILSEVTAVFTDKDANVRLAAVQLLQFLAPKIRAEQISPFFPLVSAHLSSAMTHITEGIQE
DSLKVLDILLEQYPALITGRSSILLKNFVELISHQQLSKGLINRDRSQSWILSVNPNRRLTSQQWRLKVLVRLSKFLQAL
ADGSSRLRESEGLQEQKENPHATSNSIFINWKEHANDQQHIQVYENGGSQPNVSSQFRLRYLVGGLSGVDEGLSSTENLK
GFIEIIIPLLIECWVEAVPPQLATPVGNGIEREPLQVMQQVLNIISLLWKLSKQQDETHKLESWLRKNYLIDFKHHFMSR
FPYVLKEITKHKRKEPNKSIKHCTVLSNNIDHLLLNLTLSDIMVSLANASTLQKDCSWIEMIRKFVTETLEDGSRLNSKQ
LNRLLGVSWRLMQIQPNREDTETLIKAVYTLYQQRGLILPVRTLLLKFFSKIYQTEELRSCRFRYRSKVLSRWLAGLPLQ
LAHLGSRNPELSTQLIDIIHTAAARANKELLKSLQATALRIYDPQEGAVVVLPADSQQRLVQLVYFLPSLPADLLSRLSR
CCIMGRLSSSLAAMLIGILHMRSSFSGWKYSAKDWLMSDVDYFSFLFSTLTGFSKEELTWLQSLRGVPHVIQTQLSPVLL
YLTDLDQFLHHWDVTEAVFHSLLVIPARSQNFDILQSAISKHLVGLTVIPDSTAGCVFGVICKLLDHTCVVSETLLPFLA
SCCYSLLYFLLTIEKGEAEHLRKRDKLWGVCVSILALLPRVLRLMLQSLRVNRVGPEELPVVGQLLRLLLQHAPLRTHML
TNAILVQQIIKNITTLKSGSVQEQWLTDLHYCFNVYITGHPQGPSALATVY
;
H,G
#
# COMPACT_ATOMS: atom_id res chain seq x y z
N ALA A 5 -27.23 0.42 -2.10
CA ALA A 5 -26.15 1.34 -2.42
C ALA A 5 -26.39 2.71 -1.77
N PRO A 6 -25.32 3.30 -1.24
CA PRO A 6 -25.46 4.62 -0.61
C PRO A 6 -25.87 5.68 -1.62
N MET A 7 -26.66 6.64 -1.15
CA MET A 7 -27.16 7.72 -1.99
C MET A 7 -26.13 8.84 -2.07
N GLU A 8 -25.92 9.36 -3.26
CA GLU A 8 -24.96 10.44 -3.50
C GLU A 8 -25.67 11.61 -4.16
N VAL A 9 -25.47 12.81 -3.62
CA VAL A 9 -26.04 14.03 -4.18
C VAL A 9 -24.91 14.93 -4.65
N ALA A 10 -25.26 16.04 -5.30
CA ALA A 10 -24.25 16.98 -5.82
C ALA A 10 -24.77 18.40 -5.60
N VAL A 11 -24.37 19.01 -4.48
CA VAL A 11 -24.79 20.37 -4.19
C VAL A 11 -24.23 21.30 -5.24
N CYS A 12 -25.09 22.14 -5.80
CA CYS A 12 -24.69 23.04 -6.89
C CYS A 12 -25.49 24.32 -6.75
N THR A 13 -24.80 25.45 -6.60
CA THR A 13 -25.44 26.75 -6.54
C THR A 13 -25.01 27.60 -7.73
N ASP A 14 -25.49 28.84 -7.75
CA ASP A 14 -25.22 29.76 -8.85
C ASP A 14 -24.96 31.14 -8.27
N SER A 15 -24.93 32.16 -9.14
CA SER A 15 -24.67 33.52 -8.70
C SER A 15 -25.73 34.52 -9.14
N ALA A 16 -26.69 34.14 -9.98
CA ALA A 16 -27.79 35.01 -10.35
C ALA A 16 -29.06 34.70 -9.58
N ALA A 17 -29.35 33.42 -9.35
CA ALA A 17 -30.45 32.94 -8.52
C ALA A 17 -31.78 33.56 -8.91
N PRO A 18 -32.37 33.17 -10.05
CA PRO A 18 -33.71 33.68 -10.38
C PRO A 18 -34.76 33.27 -9.37
N MET A 19 -34.87 31.98 -9.07
CA MET A 19 -35.85 31.48 -8.12
C MET A 19 -35.20 30.87 -6.89
N TRP A 20 -34.32 29.88 -7.05
CA TRP A 20 -33.65 29.22 -5.93
C TRP A 20 -32.21 29.68 -5.83
N SER A 21 -31.57 29.30 -4.72
CA SER A 21 -30.16 29.58 -4.51
C SER A 21 -29.36 28.33 -4.16
N CYS A 22 -29.98 27.16 -4.25
CA CYS A 22 -29.30 25.89 -4.00
C CYS A 22 -30.16 24.78 -4.57
N ILE A 23 -29.59 23.94 -5.41
CA ILE A 23 -30.31 22.84 -6.05
C ILE A 23 -29.50 21.58 -5.80
N VAL A 24 -29.92 20.79 -4.81
CA VAL A 24 -29.26 19.52 -4.49
C VAL A 24 -29.98 18.43 -5.28
N TRP A 25 -29.37 17.97 -6.36
CA TRP A 25 -29.94 16.89 -7.14
C TRP A 25 -29.20 15.58 -6.84
N GLU A 26 -29.69 14.49 -7.42
CA GLU A 26 -29.09 13.17 -7.27
C GLU A 26 -28.05 12.98 -8.37
N LEU A 27 -26.98 12.25 -8.05
CA LEU A 27 -25.90 12.08 -9.02
C LEU A 27 -26.36 11.26 -10.22
N HIS A 28 -26.90 10.07 -9.99
CA HIS A 28 -27.33 9.20 -11.09
C HIS A 28 -28.84 9.23 -11.20
N SER A 29 -29.43 10.42 -11.12
CA SER A 29 -30.81 10.57 -11.56
C SER A 29 -31.07 11.87 -12.29
N GLY A 30 -30.48 12.96 -11.79
CA GLY A 30 -30.76 14.29 -12.25
C GLY A 30 -31.90 14.98 -11.53
N ALA A 31 -32.67 14.24 -10.73
CA ALA A 31 -33.84 14.80 -10.07
C ALA A 31 -33.44 15.67 -8.89
N ASN A 32 -34.15 16.77 -8.70
CA ASN A 32 -33.88 17.72 -7.63
C ASN A 32 -34.43 17.17 -6.32
N LEU A 33 -33.54 16.87 -5.36
CA LEU A 33 -33.97 16.43 -4.05
C LEU A 33 -34.53 17.58 -3.23
N LEU A 34 -33.69 18.58 -2.96
CA LEU A 34 -34.08 19.74 -2.17
C LEU A 34 -33.65 21.01 -2.89
N THR A 35 -34.49 22.05 -2.77
CA THR A 35 -34.16 23.36 -3.33
C THR A 35 -34.40 24.40 -2.25
N TYR A 36 -33.42 25.27 -2.02
CA TYR A 36 -33.52 26.32 -1.02
C TYR A 36 -33.63 27.68 -1.69
N ARG A 37 -34.49 28.53 -1.13
CA ARG A 37 -34.79 29.83 -1.70
C ARG A 37 -34.27 30.93 -0.79
N GLY A 38 -33.65 31.95 -1.40
CA GLY A 38 -33.08 33.04 -0.64
C GLY A 38 -32.24 33.99 -1.47
N GLY A 39 -31.05 34.32 -0.98
CA GLY A 39 -30.19 35.26 -1.65
C GLY A 39 -29.31 34.64 -2.72
N GLN A 40 -28.04 35.05 -2.76
CA GLN A 40 -27.08 34.53 -3.72
C GLN A 40 -25.81 34.13 -2.98
N ALA A 41 -25.43 32.86 -3.11
CA ALA A 41 -24.25 32.36 -2.41
C ALA A 41 -22.98 32.86 -3.09
N GLY A 42 -22.08 33.41 -2.30
CA GLY A 42 -20.83 33.94 -2.83
C GLY A 42 -19.85 32.84 -3.16
N PRO A 43 -18.78 33.22 -3.86
CA PRO A 43 -17.76 32.23 -4.23
C PRO A 43 -17.09 31.63 -3.01
N ARG A 44 -16.87 30.31 -3.06
CA ARG A 44 -16.20 29.56 -1.99
C ARG A 44 -16.90 29.76 -0.64
N GLY A 45 -18.20 30.05 -0.65
CA GLY A 45 -18.87 30.45 0.56
C GLY A 45 -20.06 29.61 0.95
N LEU A 46 -19.97 28.30 0.79
CA LEU A 46 -21.03 27.39 1.20
C LEU A 46 -20.42 26.23 1.97
N ALA A 47 -21.05 25.87 3.09
CA ALA A 47 -20.54 24.78 3.93
C ALA A 47 -21.65 24.31 4.84
N LEU A 48 -22.06 23.05 4.70
CA LEU A 48 -23.03 22.46 5.61
C LEU A 48 -22.42 22.32 7.00
N LEU A 49 -23.21 22.67 8.02
CA LEU A 49 -22.77 22.66 9.40
C LEU A 49 -23.53 21.58 10.15
N ASN A 50 -22.80 20.65 10.77
CA ASN A 50 -23.34 19.58 11.61
C ASN A 50 -24.30 18.66 10.87
N GLY A 51 -24.40 18.79 9.54
CA GLY A 51 -25.30 17.94 8.79
C GLY A 51 -26.77 18.27 8.95
N GLU A 52 -27.10 19.41 9.56
CA GLU A 52 -28.51 19.79 9.73
C GLU A 52 -28.76 21.21 9.22
N TYR A 53 -27.75 22.07 9.28
CA TYR A 53 -27.86 23.45 8.87
C TYR A 53 -26.98 23.73 7.67
N LEU A 54 -27.41 24.65 6.82
CA LEU A 54 -26.71 25.01 5.59
C LEU A 54 -26.45 26.51 5.59
N LEU A 55 -25.20 26.91 5.82
CA LEU A 55 -24.81 28.30 5.80
C LEU A 55 -24.29 28.68 4.41
N ALA A 56 -24.42 29.96 4.07
CA ALA A 56 -23.97 30.43 2.77
C ALA A 56 -23.72 31.94 2.84
N ALA A 57 -22.45 32.34 2.73
CA ALA A 57 -22.11 33.74 2.73
C ALA A 57 -22.68 34.43 1.49
N GLN A 58 -23.21 35.63 1.67
CA GLN A 58 -23.84 36.34 0.56
C GLN A 58 -22.79 37.01 -0.31
N LEU A 59 -23.18 37.31 -1.54
CA LEU A 59 -22.25 37.84 -2.55
C LEU A 59 -22.06 39.33 -2.31
N GLY A 60 -20.94 39.69 -1.69
CA GLY A 60 -20.57 41.08 -1.50
C GLY A 60 -21.14 41.73 -0.26
N LYS A 61 -22.02 41.06 0.47
CA LYS A 61 -22.62 41.64 1.66
C LYS A 61 -21.88 41.16 2.91
N ASN A 62 -22.34 41.61 4.06
CA ASN A 62 -21.63 41.42 5.32
C ASN A 62 -22.26 40.36 6.21
N TYR A 63 -23.29 39.66 5.75
CA TYR A 63 -23.99 38.70 6.59
C TYR A 63 -24.07 37.35 5.91
N ILE A 64 -24.28 36.31 6.74
CA ILE A 64 -24.29 34.92 6.30
C ILE A 64 -25.65 34.34 6.63
N SER A 65 -26.42 33.99 5.61
CA SER A 65 -27.73 33.39 5.83
C SER A 65 -27.57 31.93 6.26
N ALA A 66 -28.63 31.40 6.85
CA ALA A 66 -28.62 30.03 7.37
C ALA A 66 -29.95 29.37 7.04
N TRP A 67 -29.91 28.30 6.26
CA TRP A 67 -31.10 27.55 5.88
C TRP A 67 -31.11 26.20 6.60
N GLU A 68 -32.29 25.80 7.06
CA GLU A 68 -32.46 24.45 7.55
C GLU A 68 -32.50 23.47 6.38
N LEU A 69 -32.07 22.23 6.65
CA LEU A 69 -31.94 21.27 5.55
C LEU A 69 -33.29 20.83 4.99
N GLN A 70 -34.38 20.99 5.75
CA GLN A 70 -35.69 20.52 5.33
C GLN A 70 -36.72 21.65 5.32
N ARG A 71 -36.28 22.88 5.06
CA ARG A 71 -37.18 24.02 4.96
C ARG A 71 -36.70 24.92 3.84
N LYS A 72 -37.58 25.17 2.87
CA LYS A 72 -37.24 26.01 1.73
C LYS A 72 -37.43 27.48 2.08
N ASP A 73 -36.85 27.93 3.18
CA ASP A 73 -37.03 29.32 3.61
C ASP A 73 -35.85 29.71 4.48
N GLN A 74 -35.48 30.99 4.40
CA GLN A 74 -34.39 31.50 5.20
C GLN A 74 -34.77 31.56 6.68
N LEU A 75 -33.80 31.33 7.55
CA LEU A 75 -33.99 31.47 8.98
C LEU A 75 -33.74 32.91 9.40
N GLN A 76 -34.26 33.26 10.57
CA GLN A 76 -34.09 34.62 11.08
C GLN A 76 -32.69 34.88 11.61
N GLN A 77 -31.90 33.83 11.85
CA GLN A 77 -30.50 34.02 12.23
C GLN A 77 -29.72 34.51 11.01
N LYS A 78 -29.05 35.66 11.17
CA LYS A 78 -28.46 36.40 10.07
C LYS A 78 -27.04 36.83 10.43
N ILE A 79 -26.21 35.85 10.79
CA ILE A 79 -24.88 36.07 11.36
C ILE A 79 -24.18 37.23 10.66
N MET A 80 -23.72 38.20 11.45
CA MET A 80 -23.25 39.47 10.93
C MET A 80 -21.74 39.57 11.06
N CYS A 81 -21.13 40.26 10.11
CA CYS A 81 -19.68 40.43 10.05
C CYS A 81 -19.34 41.90 9.86
N PRO A 82 -18.24 42.35 10.43
CA PRO A 82 -17.82 43.77 10.29
C PRO A 82 -16.98 43.99 9.03
N GLY A 83 -17.52 43.63 7.88
CA GLY A 83 -16.83 43.83 6.63
C GLY A 83 -17.36 42.98 5.50
N PRO A 84 -16.68 43.03 4.36
CA PRO A 84 -17.12 42.26 3.19
C PRO A 84 -16.65 40.80 3.23
N VAL A 85 -17.44 39.94 3.89
CA VAL A 85 -17.07 38.53 3.99
C VAL A 85 -16.75 37.96 2.61
N THR A 86 -15.72 37.12 2.55
CA THR A 86 -15.20 36.61 1.30
C THR A 86 -15.44 35.11 1.11
N CYS A 87 -15.03 34.29 2.06
CA CYS A 87 -15.21 32.84 1.95
C CYS A 87 -15.48 32.26 3.34
N LEU A 88 -16.13 31.09 3.34
CA LEU A 88 -16.63 30.49 4.57
C LEU A 88 -16.28 29.00 4.59
N THR A 89 -16.18 28.44 5.79
CA THR A 89 -16.01 27.00 5.96
C THR A 89 -16.52 26.61 7.33
N ALA A 90 -16.84 25.32 7.47
CA ALA A 90 -17.29 24.75 8.73
C ALA A 90 -16.50 23.49 9.01
N SER A 91 -16.10 23.32 10.26
CA SER A 91 -15.25 22.20 10.63
C SER A 91 -15.98 20.88 10.39
N PRO A 92 -15.28 19.83 9.97
CA PRO A 92 -15.98 18.58 9.62
C PRO A 92 -16.78 17.98 10.77
N ASN A 93 -16.30 18.08 12.00
CA ASN A 93 -17.06 17.55 13.13
C ASN A 93 -18.28 18.39 13.43
N GLY A 94 -18.37 19.59 12.88
CA GLY A 94 -19.53 20.44 13.08
C GLY A 94 -19.51 21.17 14.41
N LEU A 95 -18.38 21.78 14.73
CA LEU A 95 -18.22 22.49 15.99
C LEU A 95 -17.85 23.95 15.84
N TYR A 96 -17.19 24.34 14.75
CA TYR A 96 -16.75 25.71 14.55
C TYR A 96 -17.12 26.19 13.16
N VAL A 97 -17.35 27.49 13.04
CA VAL A 97 -17.64 28.15 11.77
C VAL A 97 -16.61 29.25 11.57
N LEU A 98 -15.95 29.24 10.42
CA LEU A 98 -14.87 30.16 10.11
C LEU A 98 -15.26 31.04 8.94
N ALA A 99 -15.02 32.35 9.08
CA ALA A 99 -15.31 33.31 8.04
C ALA A 99 -14.01 33.85 7.45
N GLY A 100 -14.13 34.78 6.52
CA GLY A 100 -12.99 35.30 5.81
C GLY A 100 -13.02 36.81 5.64
N VAL A 101 -13.51 37.52 6.64
CA VAL A 101 -13.77 38.95 6.54
C VAL A 101 -12.49 39.73 6.27
N ALA A 102 -12.40 40.33 5.09
CA ALA A 102 -11.28 41.21 4.69
C ALA A 102 -9.98 40.43 4.88
N GLU A 103 -8.91 41.07 5.35
CA GLU A 103 -7.64 40.39 5.59
C GLU A 103 -7.56 39.84 7.01
N SER A 104 -8.56 39.08 7.41
CA SER A 104 -8.61 38.54 8.76
C SER A 104 -9.55 37.36 8.80
N ILE A 105 -9.31 36.44 9.73
CA ILE A 105 -10.11 35.23 9.88
C ILE A 105 -10.90 35.31 11.18
N HIS A 106 -12.20 35.05 11.09
CA HIS A 106 -13.10 35.09 12.24
C HIS A 106 -13.44 33.66 12.64
N LEU A 107 -13.13 33.30 13.88
CA LEU A 107 -13.39 31.97 14.40
C LEU A 107 -14.58 32.03 15.35
N TRP A 108 -15.58 31.20 15.10
CA TRP A 108 -16.80 31.15 15.91
C TRP A 108 -16.88 29.83 16.65
N GLU A 109 -18.00 29.63 17.34
CA GLU A 109 -18.27 28.38 18.03
C GLU A 109 -19.76 28.09 17.96
N VAL A 110 -20.11 26.81 17.86
CA VAL A 110 -21.49 26.41 17.65
C VAL A 110 -22.19 26.06 18.96
N SER A 111 -21.48 25.38 19.87
CA SER A 111 -22.11 24.93 21.11
C SER A 111 -22.55 26.11 21.98
N THR A 112 -21.82 27.21 21.95
CA THR A 112 -22.16 28.40 22.72
C THR A 112 -22.59 29.58 21.85
N GLY A 113 -21.79 29.94 20.85
CA GLY A 113 -22.10 31.05 19.98
C GLY A 113 -21.14 32.22 20.07
N ASN A 114 -20.10 32.14 20.90
CA ASN A 114 -19.19 33.25 21.09
C ASN A 114 -18.30 33.43 19.86
N LEU A 115 -17.42 34.41 19.93
CA LEU A 115 -16.40 34.67 18.91
C LEU A 115 -15.05 34.57 19.62
N LEU A 116 -14.36 33.44 19.42
CA LEU A 116 -13.20 33.13 20.25
C LEU A 116 -11.99 34.01 19.90
N VAL A 117 -11.70 34.19 18.62
CA VAL A 117 -10.47 34.86 18.22
C VAL A 117 -10.64 35.47 16.83
N ILE A 118 -9.97 36.59 16.60
CA ILE A 118 -9.91 37.25 15.30
C ILE A 118 -8.44 37.22 14.87
N LEU A 119 -8.11 36.31 13.96
CA LEU A 119 -6.74 36.20 13.47
C LEU A 119 -6.53 37.19 12.33
N SER A 120 -5.36 37.82 12.30
CA SER A 120 -5.06 38.77 11.20
C SER A 120 -3.57 38.72 10.89
N ARG A 121 -3.17 38.03 9.83
CA ARG A 121 -1.72 37.93 9.58
C ARG A 121 -1.47 37.92 8.08
N HIS A 122 -2.49 37.76 7.24
CA HIS A 122 -2.25 37.88 5.79
C HIS A 122 -2.03 39.37 5.49
N TYR A 123 -1.65 39.73 4.26
CA TYR A 123 -1.34 41.16 3.96
C TYR A 123 -2.35 41.67 2.95
N GLN A 124 -3.11 40.76 2.35
CA GLN A 124 -4.21 41.16 1.43
C GLN A 124 -5.43 40.24 1.71
N ASP A 125 -6.55 40.40 1.02
CA ASP A 125 -7.79 39.69 1.29
C ASP A 125 -7.55 38.19 1.39
N VAL A 126 -8.30 37.54 2.29
CA VAL A 126 -8.31 36.09 2.40
C VAL A 126 -9.18 35.52 1.30
N SER A 127 -8.69 34.48 0.62
CA SER A 127 -9.37 33.95 -0.56
C SER A 127 -9.99 32.58 -0.37
N CYS A 128 -9.46 31.74 0.53
CA CYS A 128 -9.96 30.39 0.68
C CYS A 128 -9.49 29.78 1.98
N LEU A 129 -10.40 29.10 2.67
CA LEU A 129 -10.11 28.35 3.89
C LEU A 129 -10.53 26.90 3.72
N GLN A 130 -9.94 26.03 4.54
CA GLN A 130 -10.23 24.61 4.48
C GLN A 130 -9.70 23.94 5.74
N PHE A 131 -10.43 22.94 6.21
CA PHE A 131 -10.02 22.11 7.34
C PHE A 131 -9.45 20.79 6.83
N THR A 132 -8.53 20.22 7.60
CA THR A 132 -7.75 19.07 7.12
C THR A 132 -8.42 17.75 7.49
N GLY A 133 -9.68 17.62 7.11
CA GLY A 133 -10.35 16.33 7.18
C GLY A 133 -10.75 15.85 8.55
N ASP A 134 -10.08 16.34 9.60
CA ASP A 134 -10.45 15.96 10.96
C ASP A 134 -10.44 17.14 11.93
N SER A 135 -10.56 18.37 11.41
CA SER A 135 -10.63 19.59 12.22
C SER A 135 -9.47 19.66 13.21
N SER A 136 -8.25 19.72 12.66
CA SER A 136 -7.06 19.91 13.47
C SER A 136 -6.10 20.94 12.91
N HIS A 137 -6.27 21.38 11.67
CA HIS A 137 -5.42 22.39 11.05
C HIS A 137 -6.26 23.08 9.98
N PHE A 138 -6.63 24.33 10.21
CA PHE A 138 -7.36 25.10 9.19
C PHE A 138 -6.37 25.98 8.45
N ILE A 139 -6.38 25.87 7.13
CA ILE A 139 -5.34 26.44 6.27
C ILE A 139 -5.98 27.46 5.34
N SER A 140 -5.50 28.71 5.42
CA SER A 140 -6.11 29.81 4.70
C SER A 140 -5.11 30.41 3.73
N GLY A 141 -5.50 30.54 2.47
CA GLY A 141 -4.66 31.13 1.44
C GLY A 141 -5.25 32.46 0.97
N GLY A 142 -4.44 33.51 1.10
CA GLY A 142 -4.87 34.86 0.80
C GLY A 142 -4.60 35.24 -0.65
N LYS A 143 -4.77 36.53 -0.92
CA LYS A 143 -4.48 37.11 -2.23
C LYS A 143 -3.11 37.77 -2.28
N ASP A 144 -2.28 37.57 -1.25
CA ASP A 144 -0.92 38.10 -1.24
C ASP A 144 0.12 37.01 -1.39
N CYS A 145 -0.23 35.92 -2.07
CA CYS A 145 0.65 34.80 -2.40
C CYS A 145 1.09 33.99 -1.19
N LEU A 146 0.41 34.12 -0.05
CA LEU A 146 0.75 33.37 1.15
C LEU A 146 -0.26 32.27 1.40
N VAL A 147 0.24 31.11 1.83
CA VAL A 147 -0.59 30.02 2.34
C VAL A 147 -0.07 29.66 3.72
N LEU A 148 -0.90 29.88 4.74
CA LEU A 148 -0.51 29.64 6.12
C LEU A 148 -1.24 28.43 6.67
N VAL A 149 -0.57 27.69 7.55
CA VAL A 149 -1.13 26.50 8.18
C VAL A 149 -1.30 26.82 9.66
N TRP A 150 -2.52 27.14 10.07
CA TRP A 150 -2.81 27.32 11.48
C TRP A 150 -3.02 25.97 12.15
N SER A 151 -3.02 25.99 13.48
CA SER A 151 -3.28 24.81 14.29
C SER A 151 -4.45 25.09 15.21
N LEU A 152 -5.43 24.18 15.23
CA LEU A 152 -6.60 24.39 16.05
C LEU A 152 -6.31 24.31 17.54
N CYS A 153 -5.14 23.82 17.93
CA CYS A 153 -4.78 23.79 19.33
C CYS A 153 -4.23 25.14 19.79
N SER A 154 -3.12 25.57 19.20
CA SER A 154 -2.44 26.78 19.64
C SER A 154 -3.24 28.06 19.36
N VAL A 155 -4.25 27.98 18.51
CA VAL A 155 -5.08 29.16 18.23
C VAL A 155 -6.13 29.36 19.30
N LEU A 156 -6.80 28.29 19.73
CA LEU A 156 -7.81 28.40 20.77
C LEU A 156 -7.20 28.79 22.11
N GLN A 157 -6.08 28.16 22.48
CA GLN A 157 -5.42 28.42 23.76
C GLN A 157 -4.36 29.50 23.54
N ALA A 158 -4.77 30.75 23.73
CA ALA A 158 -3.88 31.90 23.59
C ALA A 158 -4.12 32.86 24.75
N ASP A 159 -3.35 33.93 24.78
CA ASP A 159 -3.49 34.94 25.83
C ASP A 159 -4.65 35.88 25.54
N ILE A 163 -0.57 36.60 21.22
CA ILE A 163 -1.21 36.55 19.91
C ILE A 163 -0.86 35.26 19.19
N PRO A 164 -1.84 34.65 18.52
CA PRO A 164 -1.57 33.41 17.80
C PRO A 164 -0.68 33.62 16.60
N ALA A 165 0.06 32.58 16.24
CA ALA A 165 0.95 32.61 15.10
C ALA A 165 0.76 31.36 14.24
N PRO A 166 0.96 31.46 12.94
CA PRO A 166 0.82 30.29 12.08
C PRO A 166 1.98 29.32 12.26
N ARG A 167 1.75 28.08 11.87
CA ARG A 167 2.75 27.03 12.01
C ARG A 167 3.61 26.85 10.77
N HIS A 168 3.20 27.38 9.62
CA HIS A 168 3.95 27.23 8.37
C HIS A 168 3.58 28.38 7.45
N VAL A 169 4.54 29.25 7.16
CA VAL A 169 4.32 30.36 6.23
C VAL A 169 4.85 29.91 4.88
N TRP A 170 3.98 29.28 4.08
CA TRP A 170 4.36 28.80 2.76
C TRP A 170 4.30 29.95 1.76
N SER A 171 5.47 30.47 1.38
CA SER A 171 5.56 31.59 0.44
C SER A 171 6.45 31.17 -0.72
N HIS A 172 5.86 30.54 -1.72
CA HIS A 172 6.55 30.22 -2.96
C HIS A 172 5.83 30.72 -4.20
N HIS A 173 4.53 30.98 -4.14
CA HIS A 173 3.79 31.46 -5.29
C HIS A 173 4.10 32.92 -5.56
N ALA A 174 4.03 33.31 -6.83
CA ALA A 174 4.28 34.69 -7.25
C ALA A 174 3.00 35.42 -7.62
N LEU A 175 1.84 34.83 -7.36
CA LEU A 175 0.56 35.42 -7.73
C LEU A 175 -0.49 34.91 -6.75
N PRO A 176 -1.65 35.58 -6.68
CA PRO A 176 -2.64 35.22 -5.64
C PRO A 176 -3.08 33.76 -5.73
N ILE A 177 -3.35 33.19 -4.55
CA ILE A 177 -3.84 31.82 -4.44
C ILE A 177 -5.33 31.79 -4.77
N THR A 178 -5.78 30.69 -5.36
CA THR A 178 -7.16 30.55 -5.79
C THR A 178 -7.90 29.41 -5.12
N ASP A 179 -7.27 28.25 -4.94
CA ASP A 179 -7.96 27.11 -4.36
C ASP A 179 -6.95 26.16 -3.74
N LEU A 180 -7.43 25.29 -2.85
CA LEU A 180 -6.59 24.28 -2.22
C LEU A 180 -7.48 23.12 -1.79
N HIS A 181 -6.85 21.99 -1.49
CA HIS A 181 -7.59 20.79 -1.10
C HIS A 181 -6.75 20.01 -0.10
N CYS A 182 -7.13 20.06 1.18
CA CYS A 182 -6.44 19.31 2.22
C CYS A 182 -6.92 17.86 2.23
N GLY A 183 -5.98 16.94 2.42
CA GLY A 183 -6.28 15.53 2.41
C GLY A 183 -6.83 15.05 3.74
N PHE A 184 -6.91 13.72 3.86
CA PHE A 184 -7.43 13.09 5.06
C PHE A 184 -6.34 13.03 6.14
N GLY A 185 -6.75 12.67 7.35
CA GLY A 185 -5.83 12.53 8.45
C GLY A 185 -5.53 13.87 9.12
N GLY A 186 -4.70 13.80 10.15
CA GLY A 186 -4.33 14.97 10.92
C GLY A 186 -3.03 15.56 10.45
N PRO A 187 -1.97 15.40 11.24
CA PRO A 187 -0.66 15.89 10.82
C PRO A 187 0.04 14.91 9.90
N LEU A 188 -0.71 14.40 8.91
CA LEU A 188 -0.15 13.51 7.91
C LEU A 188 -0.76 13.74 6.54
N ALA A 189 -1.54 14.80 6.36
CA ALA A 189 -2.24 15.05 5.11
C ALA A 189 -1.28 15.68 4.10
N ARG A 190 -1.82 16.14 2.98
CA ARG A 190 -1.00 16.75 1.94
C ARG A 190 -1.84 17.80 1.22
N VAL A 191 -1.51 19.06 1.46
CA VAL A 191 -2.25 20.18 0.87
C VAL A 191 -1.81 20.37 -0.57
N ALA A 192 -2.75 20.81 -1.42
CA ALA A 192 -2.48 21.02 -2.84
C ALA A 192 -3.00 22.41 -3.24
N THR A 193 -2.14 23.42 -3.14
CA THR A 193 -2.50 24.79 -3.48
C THR A 193 -2.31 25.03 -4.98
N SER A 194 -2.90 26.13 -5.45
CA SER A 194 -2.77 26.52 -6.85
C SER A 194 -3.01 28.01 -6.98
N SER A 195 -2.29 28.65 -7.90
CA SER A 195 -2.40 30.09 -8.06
C SER A 195 -2.51 30.49 -9.54
N LEU A 196 -2.46 31.78 -9.82
CA LEU A 196 -2.55 32.27 -11.19
C LEU A 196 -1.23 32.26 -11.93
N ASP A 197 -0.17 31.83 -11.25
CA ASP A 197 1.19 31.83 -11.84
C ASP A 197 1.43 30.55 -12.63
N GLN A 198 0.38 29.79 -12.93
CA GLN A 198 0.47 28.54 -13.68
C GLN A 198 1.34 27.52 -12.95
N THR A 199 0.91 27.16 -11.75
CA THR A 199 1.58 26.13 -10.97
C THR A 199 0.60 25.50 -10.00
N VAL A 200 0.77 24.21 -9.75
CA VAL A 200 0.02 23.48 -8.74
C VAL A 200 1.02 22.75 -7.86
N LYS A 201 1.06 23.09 -6.58
CA LYS A 201 2.06 22.57 -5.67
C LYS A 201 1.41 21.71 -4.61
N LEU A 202 2.08 20.62 -4.25
CA LEU A 202 1.59 19.67 -3.25
C LEU A 202 2.52 19.73 -2.05
N TRP A 203 2.06 20.34 -0.97
CA TRP A 203 2.87 20.57 0.21
C TRP A 203 2.70 19.42 1.21
N GLU A 204 3.39 19.53 2.34
CA GLU A 204 3.31 18.56 3.42
C GLU A 204 3.03 19.30 4.73
N VAL A 205 2.16 18.71 5.56
CA VAL A 205 1.76 19.37 6.79
C VAL A 205 2.68 19.03 7.96
N SER A 206 3.24 17.82 7.99
CA SER A 206 4.07 17.40 9.12
C SER A 206 5.36 18.20 9.19
N SER A 207 6.08 18.31 8.08
CA SER A 207 7.36 19.02 8.04
C SER A 207 7.24 20.42 7.44
N GLY A 208 6.49 20.58 6.36
CA GLY A 208 6.30 21.89 5.77
C GLY A 208 7.20 22.16 4.58
N GLU A 209 7.46 21.14 3.77
CA GLU A 209 8.35 21.23 2.63
C GLU A 209 7.59 20.96 1.34
N LEU A 210 8.04 21.61 0.27
CA LEU A 210 7.48 21.35 -1.05
C LEU A 210 7.77 19.92 -1.48
N LEU A 211 6.85 19.35 -2.24
CA LEU A 211 7.00 17.98 -2.71
C LEU A 211 6.85 17.89 -4.23
N LEU A 212 6.05 18.78 -4.81
CA LEU A 212 5.77 18.74 -6.24
C LEU A 212 5.45 20.15 -6.72
N SER A 213 5.90 20.47 -7.92
CA SER A 213 5.70 21.81 -8.49
C SER A 213 5.29 21.72 -9.95
N VAL A 214 4.28 20.90 -10.25
CA VAL A 214 3.82 20.74 -11.62
C VAL A 214 3.39 22.10 -12.16
N LEU A 215 3.97 22.51 -13.28
CA LEU A 215 3.73 23.83 -13.87
C LEU A 215 2.95 23.66 -15.17
N PHE A 216 1.78 24.28 -15.24
CA PHE A 216 0.93 24.21 -16.43
C PHE A 216 1.19 25.40 -17.34
N ASP A 217 0.33 25.60 -18.35
CA ASP A 217 0.47 26.70 -19.29
C ASP A 217 -0.65 27.72 -19.17
N VAL A 218 -1.59 27.54 -18.24
CA VAL A 218 -2.68 28.49 -18.02
C VAL A 218 -2.86 28.68 -16.51
N SER A 219 -3.50 29.79 -16.15
CA SER A 219 -3.72 30.10 -14.74
C SER A 219 -4.68 29.11 -14.13
N ILE A 220 -4.19 28.29 -13.20
CA ILE A 220 -5.01 27.25 -12.57
C ILE A 220 -5.91 27.89 -11.53
N MET A 221 -7.18 27.50 -11.52
CA MET A 221 -8.17 28.08 -10.62
C MET A 221 -8.88 27.07 -9.74
N ALA A 222 -8.48 25.80 -9.78
CA ALA A 222 -9.14 24.79 -8.95
C ALA A 222 -8.28 23.53 -8.91
N VAL A 223 -8.20 22.91 -7.73
CA VAL A 223 -7.44 21.69 -7.54
C VAL A 223 -8.24 20.76 -6.64
N THR A 224 -8.31 19.48 -7.00
CA THR A 224 -8.98 18.49 -6.18
C THR A 224 -8.32 17.13 -6.39
N MET A 225 -8.06 16.43 -5.29
CA MET A 225 -7.53 15.08 -5.33
C MET A 225 -8.58 14.09 -4.85
N ASP A 226 -8.55 12.89 -5.40
CA ASP A 226 -9.43 11.85 -4.87
C ASP A 226 -8.88 11.38 -3.51
N LEU A 227 -9.72 10.65 -2.78
CA LEU A 227 -9.40 10.32 -1.40
C LEU A 227 -8.11 9.50 -1.29
N ALA A 228 -7.78 8.72 -2.31
CA ALA A 228 -6.59 7.88 -2.28
C ALA A 228 -5.35 8.58 -2.81
N GLU A 229 -5.45 9.85 -3.19
CA GLU A 229 -4.33 10.64 -3.68
C GLU A 229 -3.61 9.94 -4.84
N HIS A 230 -4.40 9.44 -5.79
CA HIS A 230 -3.87 8.84 -7.00
C HIS A 230 -3.90 9.77 -8.20
N HIS A 231 -4.71 10.82 -8.16
CA HIS A 231 -4.80 11.79 -9.23
C HIS A 231 -4.93 13.18 -8.63
N MET A 232 -4.62 14.19 -9.44
CA MET A 232 -4.75 15.59 -9.02
C MET A 232 -5.33 16.37 -10.20
N PHE A 233 -6.66 16.47 -10.23
CA PHE A 233 -7.37 17.11 -11.34
C PHE A 233 -7.31 18.62 -11.16
N CYS A 234 -6.26 19.24 -11.70
CA CYS A 234 -6.14 20.69 -11.64
C CYS A 234 -6.92 21.33 -12.77
N GLY A 235 -7.73 22.33 -12.44
CA GLY A 235 -8.51 23.03 -13.44
C GLY A 235 -7.69 23.94 -14.33
N GLY A 236 -8.34 24.88 -14.99
CA GLY A 236 -7.62 25.81 -15.85
C GLY A 236 -8.43 27.05 -16.09
N SER A 237 -7.85 27.98 -16.84
CA SER A 237 -8.51 29.23 -17.18
C SER A 237 -8.98 29.28 -18.63
N GLU A 238 -8.65 28.28 -19.45
CA GLU A 238 -9.12 28.21 -20.81
C GLU A 238 -10.21 27.17 -21.01
N GLY A 239 -10.60 26.46 -19.95
CA GLY A 239 -11.62 25.42 -20.01
C GLY A 239 -11.09 24.03 -19.73
N SER A 240 -9.82 23.79 -20.04
CA SER A 240 -9.26 22.46 -19.87
C SER A 240 -9.22 22.07 -18.40
N ILE A 241 -9.45 20.79 -18.15
CA ILE A 241 -9.36 20.22 -16.80
C ILE A 241 -8.28 19.15 -16.87
N PHE A 242 -7.05 19.53 -16.52
CA PHE A 242 -5.92 18.62 -16.64
C PHE A 242 -6.04 17.49 -15.62
N GLN A 243 -5.12 16.53 -15.72
CA GLN A 243 -5.07 15.41 -14.78
C GLN A 243 -3.62 15.02 -14.60
N VAL A 244 -3.15 15.00 -13.36
CA VAL A 244 -1.77 14.66 -13.04
C VAL A 244 -1.74 13.30 -12.37
N ASP A 245 -0.95 12.38 -12.91
CA ASP A 245 -0.84 11.03 -12.37
C ASP A 245 0.27 11.02 -11.33
N LEU A 246 -0.09 10.81 -10.07
CA LEU A 246 0.87 10.82 -8.98
C LEU A 246 1.41 9.44 -8.64
N PHE A 247 0.96 8.38 -9.31
CA PHE A 247 1.40 7.03 -9.02
C PHE A 247 2.28 6.42 -10.11
N THR A 248 2.13 6.85 -11.35
CA THR A 248 2.98 6.33 -12.43
C THR A 248 4.38 6.92 -12.33
N GLY A 264 -3.69 12.61 -23.80
CA GLY A 264 -4.94 11.98 -23.46
C GLY A 264 -5.31 12.10 -22.00
N LYS A 265 -4.66 13.06 -21.31
CA LYS A 265 -4.88 13.32 -19.91
C LYS A 265 -5.61 14.63 -19.68
N VAL A 266 -6.30 15.14 -20.70
CA VAL A 266 -6.96 16.44 -20.64
C VAL A 266 -8.45 16.25 -20.83
N PHE A 267 -9.24 16.65 -19.84
CA PHE A 267 -10.68 16.71 -20.00
C PHE A 267 -11.03 17.92 -20.86
N LYS A 268 -11.74 17.70 -21.96
CA LYS A 268 -12.05 18.75 -22.90
C LYS A 268 -13.56 18.85 -23.11
N GLY A 269 -14.05 20.08 -23.26
CA GLY A 269 -15.47 20.30 -23.46
C GLY A 269 -16.00 21.54 -22.77
N HIS A 270 -15.15 22.24 -22.02
CA HIS A 270 -15.55 23.50 -21.40
C HIS A 270 -15.10 24.67 -22.26
N ARG A 271 -15.61 25.86 -21.92
CA ARG A 271 -15.31 27.05 -22.72
C ARG A 271 -15.06 28.29 -21.88
N ASN A 272 -14.67 28.14 -20.62
CA ASN A 272 -14.41 29.27 -19.75
C ASN A 272 -13.62 28.78 -18.54
N GLN A 273 -13.41 29.65 -17.57
CA GLN A 273 -12.67 29.27 -16.36
C GLN A 273 -13.40 28.14 -15.65
N VAL A 274 -12.62 27.21 -15.10
CA VAL A 274 -13.16 26.10 -14.32
C VAL A 274 -12.95 26.46 -12.84
N THR A 275 -14.03 26.80 -12.16
CA THR A 275 -13.95 27.31 -10.80
C THR A 275 -14.06 26.20 -9.76
N CYS A 276 -15.07 25.34 -9.88
CA CYS A 276 -15.36 24.33 -8.88
C CYS A 276 -15.14 22.93 -9.44
N LEU A 277 -14.39 22.11 -8.71
CA LEU A 277 -14.16 20.72 -9.08
C LEU A 277 -14.28 19.86 -7.83
N SER A 278 -14.73 18.62 -8.02
CA SER A 278 -14.84 17.67 -6.93
C SER A 278 -15.01 16.27 -7.51
N VAL A 279 -14.37 15.29 -6.88
CA VAL A 279 -14.38 13.91 -7.34
C VAL A 279 -15.32 13.10 -6.46
N SER A 280 -16.01 12.13 -7.07
CA SER A 280 -16.94 11.30 -6.34
C SER A 280 -16.21 10.41 -5.35
N THR A 281 -16.98 9.61 -4.60
CA THR A 281 -16.38 8.76 -3.57
C THR A 281 -15.41 7.76 -4.17
N ASP A 282 -15.90 6.90 -5.07
CA ASP A 282 -15.04 5.86 -5.65
C ASP A 282 -14.29 6.35 -6.88
N GLY A 283 -13.66 7.52 -6.77
CA GLY A 283 -12.75 8.06 -7.76
C GLY A 283 -13.10 7.79 -9.22
N SER A 284 -14.37 7.90 -9.58
CA SER A 284 -14.79 7.51 -10.92
C SER A 284 -15.70 8.52 -11.60
N VAL A 285 -16.13 9.57 -10.91
CA VAL A 285 -16.99 10.60 -11.50
C VAL A 285 -16.48 11.97 -11.08
N LEU A 286 -16.31 12.86 -12.05
CA LEU A 286 -15.92 14.24 -11.79
C LEU A 286 -17.14 15.15 -11.87
N LEU A 287 -17.04 16.31 -11.23
CA LEU A 287 -18.09 17.34 -11.27
C LEU A 287 -17.40 18.68 -11.42
N SER A 288 -17.44 19.24 -12.62
CA SER A 288 -16.77 20.51 -12.91
C SER A 288 -17.76 21.66 -12.83
N GLY A 289 -17.35 22.73 -12.16
CA GLY A 289 -18.16 23.93 -12.14
C GLY A 289 -17.44 25.11 -12.77
N SER A 290 -17.91 25.57 -13.91
CA SER A 290 -17.21 26.58 -14.69
C SER A 290 -17.90 27.93 -14.55
N HIS A 291 -17.41 28.91 -15.31
CA HIS A 291 -17.97 30.25 -15.31
C HIS A 291 -18.98 30.47 -16.42
N ASP A 292 -19.18 29.44 -17.25
CA ASP A 292 -20.10 29.53 -18.43
C ASP A 292 -21.47 28.95 -18.11
N GLU A 293 -21.89 29.00 -16.85
CA GLU A 293 -23.19 28.52 -16.43
C GLU A 293 -23.39 27.05 -16.84
N THR A 294 -22.56 26.19 -16.27
CA THR A 294 -22.59 24.77 -16.63
C THR A 294 -21.89 23.97 -15.54
N VAL A 295 -22.46 22.82 -15.20
CA VAL A 295 -21.86 21.86 -14.29
C VAL A 295 -21.94 20.48 -14.94
N ARG A 296 -20.80 19.97 -15.40
CA ARG A 296 -20.76 18.72 -16.13
C ARG A 296 -20.54 17.54 -15.18
N LEU A 297 -20.41 16.35 -15.76
CA LEU A 297 -20.19 15.13 -14.98
C LEU A 297 -19.34 14.20 -15.83
N TRP A 298 -18.03 14.24 -15.64
CA TRP A 298 -17.12 13.40 -16.39
C TRP A 298 -16.94 12.05 -15.70
N ASP A 299 -16.80 11.01 -16.51
CA ASP A 299 -16.44 9.68 -16.03
C ASP A 299 -14.93 9.55 -16.23
N VAL A 300 -14.17 9.57 -15.14
CA VAL A 300 -12.71 9.63 -15.25
C VAL A 300 -12.22 8.20 -15.34
N GLN A 301 -12.43 7.60 -16.51
CA GLN A 301 -11.59 6.54 -17.06
C GLN A 301 -11.41 6.65 -18.56
N SER A 302 -12.24 7.44 -19.24
CA SER A 302 -12.16 7.63 -20.68
C SER A 302 -12.40 9.07 -21.09
N LYS A 303 -12.51 10.00 -20.13
CA LYS A 303 -12.62 11.43 -20.39
C LYS A 303 -13.81 11.75 -21.29
N GLN A 304 -15.00 11.34 -20.82
CA GLN A 304 -16.25 11.57 -21.54
C GLN A 304 -17.25 12.24 -20.62
N CYS A 305 -18.16 13.01 -21.21
CA CYS A 305 -19.21 13.70 -20.46
C CYS A 305 -20.45 12.82 -20.35
N ILE A 306 -21.16 12.99 -19.23
CA ILE A 306 -22.38 12.23 -18.96
C ILE A 306 -23.60 13.15 -18.83
N ARG A 307 -23.49 14.19 -18.02
CA ARG A 307 -24.57 15.14 -17.81
C ARG A 307 -24.04 16.56 -17.97
N THR A 308 -24.90 17.45 -18.43
CA THR A 308 -24.54 18.84 -18.74
C THR A 308 -25.57 19.80 -18.18
N VAL A 309 -25.90 19.64 -16.89
CA VAL A 309 -26.87 20.51 -16.25
C VAL A 309 -26.40 21.95 -16.33
N ALA A 310 -27.29 22.84 -16.79
CA ALA A 310 -26.95 24.24 -17.00
C ALA A 310 -27.74 25.11 -16.03
N LEU A 311 -27.03 25.95 -15.27
CA LEU A 311 -27.65 26.85 -14.32
C LEU A 311 -27.94 28.19 -15.01
N LYS A 312 -28.33 29.20 -14.22
CA LYS A 312 -28.71 30.50 -14.75
C LYS A 312 -27.71 31.59 -14.39
N GLY A 313 -26.44 31.22 -14.22
CA GLY A 313 -25.41 32.17 -13.89
C GLY A 313 -24.09 31.45 -13.62
N PRO A 314 -23.01 32.20 -13.51
CA PRO A 314 -21.71 31.57 -13.24
C PRO A 314 -21.74 30.76 -11.96
N VAL A 315 -21.15 29.58 -12.00
CA VAL A 315 -21.20 28.68 -10.85
C VAL A 315 -20.28 29.21 -9.76
N THR A 316 -20.79 29.21 -8.53
CA THR A 316 -20.03 29.68 -7.37
C THR A 316 -19.49 28.52 -6.54
N ASN A 317 -20.35 27.55 -6.19
CA ASN A 317 -19.93 26.37 -5.46
C ASN A 317 -20.58 25.14 -6.06
N ALA A 318 -19.81 24.06 -6.17
CA ALA A 318 -20.34 22.80 -6.69
C ALA A 318 -19.45 21.67 -6.18
N ALA A 319 -19.96 20.86 -5.27
CA ALA A 319 -19.18 19.77 -4.70
C ALA A 319 -20.06 18.54 -4.53
N ILE A 320 -19.46 17.37 -4.77
CA ILE A 320 -20.17 16.11 -4.61
C ILE A 320 -20.17 15.72 -3.14
N LEU A 321 -21.35 15.43 -2.61
CA LEU A 321 -21.52 15.21 -1.18
C LEU A 321 -22.33 13.94 -0.95
N LEU A 322 -21.88 13.10 -0.02
CA LEU A 322 -22.63 11.92 0.37
C LEU A 322 -23.91 12.36 1.08
N ALA A 323 -25.04 11.75 0.71
CA ALA A 323 -26.32 12.19 1.24
C ALA A 323 -26.44 11.84 2.71
N PRO A 324 -26.65 12.81 3.60
CA PRO A 324 -26.84 12.50 5.02
C PRO A 324 -28.22 11.93 5.28
N VAL A 325 -28.44 11.54 6.54
CA VAL A 325 -29.74 11.02 6.93
C VAL A 325 -30.80 12.12 6.87
N SER A 326 -30.43 13.36 7.21
CA SER A 326 -31.40 14.44 7.26
C SER A 326 -31.96 14.76 5.87
N MET A 327 -31.22 14.44 4.81
CA MET A 327 -31.68 14.73 3.46
C MET A 327 -32.63 13.66 2.91
N LEU A 328 -32.88 12.59 3.67
CA LEU A 328 -33.71 11.50 3.20
C LEU A 328 -35.04 11.38 3.94
N SER A 329 -35.15 11.94 5.14
CA SER A 329 -36.38 11.91 5.91
C SER A 329 -37.14 13.22 5.70
N SER A 330 -38.44 13.11 5.40
CA SER A 330 -39.25 14.28 5.09
C SER A 330 -39.72 15.02 6.34
N ASP A 331 -39.50 14.47 7.53
CA ASP A 331 -39.93 15.10 8.77
C ASP A 331 -38.79 15.40 9.73
N PHE A 332 -37.54 15.38 9.24
CA PHE A 332 -36.39 15.59 10.12
C PHE A 332 -36.38 17.01 10.65
N ARG A 333 -36.06 17.14 11.94
CA ARG A 333 -35.91 18.42 12.60
C ARG A 333 -34.58 18.46 13.32
N PRO A 334 -33.90 19.62 13.34
CA PRO A 334 -32.61 19.70 14.01
C PRO A 334 -32.72 19.39 15.50
N SER A 335 -31.70 18.71 16.02
CA SER A 335 -31.68 18.36 17.44
C SER A 335 -31.55 19.60 18.32
N LEU A 336 -30.68 20.53 17.94
CA LEU A 336 -30.47 21.74 18.72
C LEU A 336 -30.66 22.98 17.84
N PRO A 337 -31.18 24.07 18.41
CA PRO A 337 -31.32 25.30 17.65
C PRO A 337 -29.97 25.99 17.46
N LEU A 338 -29.91 26.81 16.41
CA LEU A 338 -28.70 27.59 16.14
C LEU A 338 -28.62 28.77 17.12
N PRO A 339 -27.52 28.94 17.83
CA PRO A 339 -27.43 30.04 18.80
C PRO A 339 -27.33 31.39 18.09
N HIS A 340 -27.40 32.44 18.90
CA HIS A 340 -27.25 33.81 18.41
C HIS A 340 -25.75 34.07 18.25
N PHE A 341 -25.27 34.04 17.02
CA PHE A 341 -23.85 34.20 16.76
C PHE A 341 -23.40 35.63 17.08
N ASN A 342 -22.37 35.75 17.90
CA ASN A 342 -21.93 37.05 18.38
C ASN A 342 -21.23 37.82 17.26
N LYS A 343 -21.03 39.11 17.52
CA LYS A 343 -20.36 40.00 16.59
C LYS A 343 -19.08 40.61 17.14
N HIS A 344 -19.04 40.91 18.44
CA HIS A 344 -17.84 41.42 19.09
C HIS A 344 -17.09 40.28 19.76
N LEU A 345 -15.88 40.59 20.24
CA LEU A 345 -15.04 39.59 20.89
C LEU A 345 -15.61 39.21 22.26
N LEU A 346 -15.01 38.18 22.84
CA LEU A 346 -15.43 37.70 24.16
C LEU A 346 -15.17 38.74 25.24
N GLY A 357 -17.19 29.31 31.19
CA GLY A 357 -17.81 28.16 30.55
C GLY A 357 -19.22 28.45 30.07
N GLY A 358 -20.05 27.42 30.05
CA GLY A 358 -21.43 27.57 29.61
C GLY A 358 -21.77 26.78 28.38
N LEU A 359 -21.09 25.66 28.16
CA LEU A 359 -21.34 24.82 27.00
C LEU A 359 -22.77 24.33 27.00
N THR A 360 -23.40 24.34 25.84
CA THR A 360 -24.74 23.80 25.64
C THR A 360 -24.63 22.54 24.78
N LEU A 361 -25.08 21.42 25.32
CA LEU A 361 -24.93 20.15 24.62
C LEU A 361 -25.99 19.17 25.12
N ARG A 362 -26.22 18.13 24.32
CA ARG A 362 -27.14 17.06 24.68
C ARG A 362 -26.33 15.89 25.22
N LEU A 363 -26.65 15.45 26.43
CA LEU A 363 -25.87 14.43 27.11
C LEU A 363 -26.26 13.03 26.61
N GLY A 364 -25.54 12.03 27.09
CA GLY A 364 -25.83 10.65 26.75
C GLY A 364 -25.60 10.30 25.29
N LEU A 365 -24.56 10.88 24.67
CA LEU A 365 -24.20 10.56 23.30
C LEU A 365 -22.96 9.69 23.19
N HIS A 366 -22.06 9.75 24.18
CA HIS A 366 -20.85 8.94 24.16
C HIS A 366 -21.12 7.46 24.36
N GLN A 367 -22.35 7.09 24.74
CA GLN A 367 -22.71 5.70 25.00
C GLN A 367 -23.74 5.18 24.01
N GLN A 368 -24.08 5.95 22.99
CA GLN A 368 -25.11 5.56 22.02
C GLN A 368 -24.75 4.23 21.36
N GLY A 369 -25.54 3.19 21.66
CA GLY A 369 -25.31 1.85 21.13
C GLY A 369 -24.87 0.86 22.17
N SER A 370 -24.19 1.33 23.22
CA SER A 370 -23.68 0.45 24.27
C SER A 370 -24.85 -0.03 25.12
N GLU A 371 -25.37 -1.20 24.79
CA GLU A 371 -26.48 -1.81 25.50
C GLU A 371 -26.14 -3.26 25.83
N PRO A 372 -26.66 -3.78 26.93
CA PRO A 372 -26.43 -5.20 27.24
C PRO A 372 -27.06 -6.09 26.18
N SER A 373 -26.23 -6.90 25.52
CA SER A 373 -26.69 -7.76 24.44
C SER A 373 -27.62 -8.84 24.98
N TYR A 374 -28.12 -9.67 24.07
CA TYR A 374 -29.08 -10.71 24.45
C TYR A 374 -28.45 -11.70 25.43
N LEU A 375 -27.19 -12.07 25.22
CA LEU A 375 -26.49 -12.98 26.11
C LEU A 375 -25.96 -12.29 27.36
N ASP A 376 -26.42 -11.07 27.65
CA ASP A 376 -26.11 -10.39 28.91
C ASP A 376 -27.34 -10.09 29.74
N ARG A 377 -28.51 -9.96 29.12
CA ARG A 377 -29.77 -9.92 29.87
C ARG A 377 -30.24 -11.30 30.26
N THR A 378 -29.61 -12.36 29.74
CA THR A 378 -29.89 -13.73 30.13
C THR A 378 -28.91 -14.27 31.15
N GLU A 379 -27.62 -13.96 31.00
CA GLU A 379 -26.64 -14.39 31.98
C GLU A 379 -26.91 -13.79 33.35
N GLN A 380 -27.28 -12.51 33.39
CA GLN A 380 -27.64 -11.88 34.66
C GLN A 380 -28.89 -12.53 35.26
N LEU A 381 -29.90 -12.80 34.42
CA LEU A 381 -31.10 -13.46 34.91
C LEU A 381 -30.79 -14.86 35.45
N GLN A 382 -29.96 -15.62 34.73
CA GLN A 382 -29.57 -16.94 35.20
C GLN A 382 -28.77 -16.88 36.49
N ALA A 383 -27.86 -15.90 36.62
CA ALA A 383 -27.14 -15.74 37.88
C ALA A 383 -28.08 -15.41 39.03
N VAL A 384 -29.08 -14.56 38.77
CA VAL A 384 -30.06 -14.22 39.81
C VAL A 384 -30.85 -15.48 40.21
N LEU A 385 -31.27 -16.27 39.22
CA LEU A 385 -32.01 -17.50 39.53
C LEU A 385 -31.15 -18.46 40.34
N CYS A 386 -29.88 -18.63 39.96
CA CYS A 386 -29.00 -19.53 40.68
C CYS A 386 -28.77 -19.06 42.11
N SER A 387 -28.54 -17.76 42.29
CA SER A 387 -28.32 -17.24 43.63
C SER A 387 -29.56 -17.39 44.50
N THR A 388 -30.74 -17.15 43.92
CA THR A 388 -31.98 -17.34 44.68
C THR A 388 -32.18 -18.80 45.06
N MET A 389 -31.89 -19.73 44.15
CA MET A 389 -32.07 -21.14 44.45
C MET A 389 -31.15 -21.59 45.58
N GLU A 390 -29.89 -21.16 45.55
CA GLU A 390 -28.95 -21.50 46.62
C GLU A 390 -29.28 -20.74 47.90
N ALA B 5 21.50 -3.84 26.67
CA ALA B 5 21.82 -4.05 25.28
C ALA B 5 21.88 -5.54 24.94
N PRO B 6 21.45 -5.90 23.74
CA PRO B 6 21.53 -7.31 23.31
C PRO B 6 22.97 -7.71 23.01
N MET B 7 23.14 -9.00 22.75
CA MET B 7 24.44 -9.59 22.48
C MET B 7 24.39 -10.34 21.15
N GLU B 8 25.35 -10.08 20.27
CA GLU B 8 25.39 -10.67 18.94
C GLU B 8 26.61 -11.56 18.82
N VAL B 9 26.40 -12.81 18.40
CA VAL B 9 27.46 -13.77 18.22
C VAL B 9 27.65 -14.03 16.73
N ALA B 10 28.69 -14.79 16.39
CA ALA B 10 29.01 -15.10 15.00
C ALA B 10 29.49 -16.55 14.95
N VAL B 11 28.56 -17.46 14.64
CA VAL B 11 28.91 -18.88 14.56
C VAL B 11 29.75 -19.12 13.31
N CYS B 12 30.89 -19.80 13.49
CA CYS B 12 31.80 -20.09 12.40
C CYS B 12 32.18 -21.56 12.42
N THR B 13 32.34 -22.14 11.23
CA THR B 13 32.76 -23.53 11.10
C THR B 13 33.80 -23.63 10.00
N ASP B 14 34.70 -24.60 10.13
CA ASP B 14 35.74 -24.85 9.15
C ASP B 14 35.61 -26.26 8.60
N SER B 15 36.06 -26.45 7.36
CA SER B 15 35.94 -27.73 6.69
C SER B 15 37.12 -28.66 6.92
N ALA B 16 38.10 -28.24 7.71
CA ALA B 16 39.21 -29.10 8.09
C ALA B 16 39.09 -29.63 9.52
N ALA B 17 38.71 -28.77 10.45
CA ALA B 17 38.47 -29.16 11.85
C ALA B 17 39.66 -29.90 12.46
N PRO B 18 40.80 -29.22 12.64
CA PRO B 18 41.92 -29.87 13.32
C PRO B 18 41.63 -30.12 14.80
N MET B 19 41.19 -29.08 15.50
CA MET B 19 40.86 -29.17 16.92
C MET B 19 39.39 -28.92 17.20
N TRP B 20 38.86 -27.78 16.77
CA TRP B 20 37.45 -27.44 16.95
C TRP B 20 36.70 -27.64 15.65
N SER B 21 35.38 -27.60 15.73
CA SER B 21 34.52 -27.73 14.56
C SER B 21 33.47 -26.65 14.42
N CYS B 22 33.08 -25.96 15.50
CA CYS B 22 32.11 -24.87 15.45
C CYS B 22 32.48 -23.88 16.55
N ILE B 23 33.21 -22.83 16.18
CA ILE B 23 33.65 -21.83 17.14
C ILE B 23 32.67 -20.68 17.15
N VAL B 24 32.22 -20.29 18.34
CA VAL B 24 31.29 -19.17 18.51
C VAL B 24 32.05 -18.04 19.21
N TRP B 25 32.26 -16.94 18.51
CA TRP B 25 33.01 -15.82 19.06
C TRP B 25 32.15 -14.57 19.05
N GLU B 26 32.38 -13.71 20.04
CA GLU B 26 31.64 -12.45 20.15
C GLU B 26 31.96 -11.54 18.97
N LEU B 27 30.95 -10.77 18.56
CA LEU B 27 31.09 -9.95 17.36
C LEU B 27 32.08 -8.81 17.57
N HIS B 28 31.80 -7.92 18.52
CA HIS B 28 32.55 -6.69 18.69
C HIS B 28 33.69 -6.83 19.68
N SER B 29 34.04 -8.05 20.08
CA SER B 29 35.14 -8.26 21.01
C SER B 29 36.15 -9.26 20.44
N GLY B 30 35.66 -10.22 19.65
CA GLY B 30 36.49 -11.23 19.07
C GLY B 30 36.84 -12.39 19.98
N ALA B 31 36.34 -12.39 21.21
CA ALA B 31 36.64 -13.44 22.17
C ALA B 31 35.71 -14.63 21.98
N ASN B 32 36.24 -15.82 22.26
CA ASN B 32 35.45 -17.03 22.11
C ASN B 32 34.39 -17.12 23.21
N LEU B 33 33.25 -17.71 22.85
CA LEU B 33 32.19 -17.99 23.80
C LEU B 33 31.99 -19.49 24.00
N LEU B 34 31.73 -20.23 22.93
CA LEU B 34 31.57 -21.68 22.98
C LEU B 34 32.31 -22.31 21.81
N THR B 35 32.92 -23.47 22.06
CA THR B 35 33.52 -24.27 21.01
C THR B 35 32.90 -25.66 21.03
N TYR B 36 33.13 -26.41 19.96
CA TYR B 36 32.58 -27.76 19.86
C TYR B 36 33.61 -28.67 19.19
N ARG B 37 33.56 -29.94 19.54
CA ARG B 37 34.54 -30.92 19.10
C ARG B 37 33.81 -32.10 18.47
N GLY B 38 34.17 -32.44 17.24
CA GLY B 38 33.51 -33.55 16.57
C GLY B 38 33.89 -33.58 15.09
N GLY B 39 33.03 -34.22 14.31
CA GLY B 39 33.29 -34.35 12.90
C GLY B 39 33.12 -33.05 12.14
N GLN B 40 33.62 -33.05 10.91
CA GLN B 40 33.55 -31.86 10.07
C GLN B 40 32.11 -31.53 9.70
N ALA B 41 31.84 -30.24 9.53
CA ALA B 41 30.51 -29.77 9.17
C ALA B 41 30.30 -29.97 7.67
N GLY B 42 29.19 -29.46 7.15
CA GLY B 42 28.88 -29.54 5.75
C GLY B 42 28.28 -28.25 5.24
N PRO B 43 28.52 -27.94 3.96
CA PRO B 43 28.02 -26.67 3.41
C PRO B 43 26.49 -26.60 3.51
N ARG B 44 26.01 -25.45 3.99
CA ARG B 44 24.58 -25.25 4.22
C ARG B 44 24.00 -26.35 5.11
N GLY B 45 24.77 -26.75 6.13
CA GLY B 45 24.39 -27.88 6.94
C GLY B 45 24.40 -27.65 8.44
N LEU B 46 24.17 -26.41 8.87
CA LEU B 46 24.10 -26.07 10.27
C LEU B 46 22.76 -25.42 10.57
N ALA B 47 22.15 -25.79 11.69
CA ALA B 47 20.86 -25.23 12.08
C ALA B 47 20.65 -25.45 13.56
N LEU B 48 20.42 -24.37 14.30
CA LEU B 48 20.08 -24.46 15.71
C LEU B 48 18.63 -24.87 15.86
N LEU B 49 18.38 -25.88 16.69
CA LEU B 49 17.03 -26.41 16.90
C LEU B 49 16.50 -25.89 18.23
N ASN B 50 15.43 -25.09 18.15
CA ASN B 50 14.73 -24.57 19.32
C ASN B 50 15.64 -23.77 20.26
N GLY B 51 16.77 -23.29 19.74
CA GLY B 51 17.72 -22.59 20.58
C GLY B 51 18.33 -23.43 21.67
N GLU B 52 18.34 -24.75 21.51
CA GLU B 52 18.89 -25.64 22.52
C GLU B 52 19.91 -26.62 21.96
N TYR B 53 19.71 -27.12 20.74
CA TYR B 53 20.55 -28.16 20.16
C TYR B 53 21.18 -27.65 18.87
N LEU B 54 22.48 -27.91 18.71
CA LEU B 54 23.23 -27.48 17.54
C LEU B 54 23.44 -28.66 16.60
N LEU B 55 22.43 -28.93 15.78
CA LEU B 55 22.54 -29.99 14.80
C LEU B 55 23.46 -29.58 13.66
N ALA B 56 24.22 -30.54 13.14
CA ALA B 56 25.13 -30.29 12.03
C ALA B 56 25.20 -31.52 11.15
N ALA B 57 25.31 -31.31 9.85
CA ALA B 57 25.46 -32.41 8.90
C ALA B 57 26.89 -32.92 8.94
N GLN B 58 27.25 -33.82 8.03
CA GLN B 58 28.61 -34.32 7.94
C GLN B 58 29.08 -34.28 6.50
N LEU B 59 30.34 -33.89 6.30
CA LEU B 59 30.90 -33.74 4.97
C LEU B 59 31.12 -35.12 4.36
N GLY B 60 30.41 -35.42 3.29
CA GLY B 60 30.56 -36.71 2.61
C GLY B 60 29.78 -37.86 3.20
N LYS B 61 29.87 -38.06 4.52
CA LYS B 61 29.17 -39.14 5.17
C LYS B 61 27.67 -38.84 5.20
N ASN B 62 26.88 -39.87 5.51
CA ASN B 62 25.43 -39.77 5.51
C ASN B 62 24.90 -39.99 6.92
N TYR B 63 24.91 -38.92 7.72
CA TYR B 63 24.25 -38.86 9.02
C TYR B 63 24.45 -37.45 9.54
N ILE B 64 23.76 -37.14 10.64
CA ILE B 64 23.71 -35.80 11.20
C ILE B 64 24.05 -35.88 12.68
N SER B 65 25.07 -35.14 13.11
CA SER B 65 25.46 -35.11 14.50
C SER B 65 24.51 -34.20 15.29
N ALA B 66 24.69 -34.17 16.60
CA ALA B 66 23.84 -33.34 17.46
C ALA B 66 24.63 -32.96 18.70
N TRP B 67 24.90 -31.67 18.87
CA TRP B 67 25.58 -31.15 20.04
C TRP B 67 24.60 -30.36 20.90
N GLU B 68 24.55 -30.69 22.19
CA GLU B 68 23.86 -29.83 23.13
C GLU B 68 24.65 -28.53 23.28
N LEU B 69 23.93 -27.41 23.38
CA LEU B 69 24.57 -26.10 23.25
C LEU B 69 25.63 -25.89 24.33
N GLN B 70 25.32 -26.24 25.57
CA GLN B 70 26.29 -26.12 26.66
C GLN B 70 27.04 -27.42 26.90
N ARG B 71 27.61 -27.99 25.85
CA ARG B 71 28.40 -29.22 25.95
C ARG B 71 29.42 -29.24 24.82
N LYS B 72 30.69 -29.43 25.17
CA LYS B 72 31.75 -29.44 24.17
C LYS B 72 31.86 -30.76 23.42
N ASP B 73 31.11 -31.78 23.81
CA ASP B 73 31.28 -33.12 23.27
C ASP B 73 30.03 -33.57 22.53
N GLN B 74 30.24 -34.43 21.53
CA GLN B 74 29.16 -34.92 20.71
C GLN B 74 28.22 -35.80 21.51
N LEU B 75 26.92 -35.69 21.23
CA LEU B 75 25.94 -36.58 21.83
C LEU B 75 25.94 -37.93 21.13
N GLN B 76 25.31 -38.91 21.76
CA GLN B 76 25.27 -40.27 21.24
C GLN B 76 24.10 -40.50 20.29
N GLN B 77 23.36 -39.45 19.95
CA GLN B 77 22.24 -39.56 19.01
C GLN B 77 22.69 -39.08 17.65
N LYS B 78 22.40 -39.87 16.62
CA LYS B 78 22.80 -39.55 15.25
C LYS B 78 21.61 -39.79 14.33
N ILE B 79 21.11 -38.73 13.71
CA ILE B 79 20.08 -38.89 12.69
C ILE B 79 20.69 -39.56 11.46
N MET B 80 20.06 -40.63 11.00
CA MET B 80 20.59 -41.42 9.90
C MET B 80 19.67 -41.33 8.70
N CYS B 81 20.27 -41.25 7.51
CA CYS B 81 19.54 -41.10 6.27
C CYS B 81 20.03 -42.12 5.25
N PRO B 82 19.15 -42.56 4.33
CA PRO B 82 19.53 -43.52 3.29
C PRO B 82 20.19 -42.89 2.07
N GLY B 83 21.24 -42.11 2.31
CA GLY B 83 21.96 -41.46 1.23
C GLY B 83 22.70 -40.23 1.73
N PRO B 84 23.62 -39.71 0.91
CA PRO B 84 24.47 -38.60 1.35
C PRO B 84 23.66 -37.35 1.66
N VAL B 85 23.70 -36.93 2.93
CA VAL B 85 23.02 -35.72 3.34
C VAL B 85 23.71 -34.51 2.70
N THR B 86 22.91 -33.62 2.11
CA THR B 86 23.45 -32.48 1.39
C THR B 86 23.25 -31.16 2.15
N CYS B 87 22.04 -30.87 2.60
CA CYS B 87 21.77 -29.64 3.34
C CYS B 87 20.76 -29.92 4.44
N LEU B 88 20.76 -29.06 5.45
CA LEU B 88 19.89 -29.21 6.61
C LEU B 88 19.36 -27.84 7.02
N THR B 89 18.17 -27.84 7.61
CA THR B 89 17.56 -26.60 8.09
C THR B 89 16.46 -26.93 9.08
N ALA B 90 16.51 -26.30 10.25
CA ALA B 90 15.48 -26.47 11.27
C ALA B 90 14.51 -25.30 11.21
N SER B 91 13.23 -25.60 11.41
CA SER B 91 12.20 -24.58 11.31
C SER B 91 12.38 -23.53 12.41
N PRO B 92 12.04 -22.27 12.14
CA PRO B 92 12.29 -21.21 13.13
C PRO B 92 11.61 -21.45 14.47
N ASN B 93 10.35 -21.89 14.46
CA ASN B 93 9.70 -22.18 15.77
C ASN B 93 10.43 -23.31 16.48
N GLY B 94 10.93 -24.29 15.76
CA GLY B 94 11.58 -25.45 16.36
C GLY B 94 10.79 -26.72 16.33
N LEU B 95 9.59 -26.74 15.75
CA LEU B 95 8.77 -27.95 15.76
C LEU B 95 9.25 -28.98 14.75
N TYR B 96 9.74 -28.56 13.60
CA TYR B 96 10.08 -29.46 12.51
C TYR B 96 11.55 -29.32 12.13
N VAL B 97 12.22 -30.45 11.94
CA VAL B 97 13.57 -30.50 11.41
C VAL B 97 13.49 -31.12 10.02
N LEU B 98 14.03 -30.42 9.02
CA LEU B 98 13.88 -30.80 7.64
C LEU B 98 15.25 -30.85 6.97
N ALA B 99 15.55 -31.98 6.33
CA ALA B 99 16.86 -32.20 5.73
C ALA B 99 16.69 -32.74 4.32
N GLY B 100 17.74 -32.60 3.52
CA GLY B 100 17.70 -33.05 2.14
C GLY B 100 18.68 -34.15 1.84
N VAL B 101 18.18 -35.29 1.36
CA VAL B 101 19.00 -36.46 1.07
C VAL B 101 18.97 -36.66 -0.44
N ALA B 102 20.13 -36.55 -1.08
CA ALA B 102 20.26 -36.67 -2.52
C ALA B 102 19.26 -35.75 -3.23
N GLU B 103 18.17 -36.32 -3.73
CA GLU B 103 17.10 -35.54 -4.31
C GLU B 103 15.85 -35.46 -3.44
N SER B 104 15.81 -36.14 -2.31
CA SER B 104 14.65 -36.16 -1.44
C SER B 104 14.76 -35.07 -0.37
N ILE B 105 13.61 -34.75 0.23
CA ILE B 105 13.47 -33.60 1.11
C ILE B 105 12.96 -34.07 2.48
N HIS B 106 13.48 -35.21 2.96
CA HIS B 106 13.05 -35.83 4.22
C HIS B 106 12.65 -34.82 5.28
N LEU B 107 11.46 -34.99 5.86
CA LEU B 107 10.92 -34.05 6.83
C LEU B 107 10.57 -34.79 8.11
N TRP B 108 11.03 -34.28 9.24
CA TRP B 108 10.84 -34.89 10.54
C TRP B 108 9.90 -34.06 11.39
N GLU B 109 9.72 -34.49 12.64
CA GLU B 109 8.96 -33.74 13.63
C GLU B 109 9.68 -33.87 14.97
N VAL B 110 9.99 -32.73 15.59
CA VAL B 110 10.80 -32.75 16.79
C VAL B 110 10.02 -33.35 17.97
N SER B 111 8.72 -33.07 18.04
CA SER B 111 7.93 -33.48 19.21
C SER B 111 7.91 -35.00 19.35
N THR B 112 7.31 -35.69 18.38
CA THR B 112 7.18 -37.15 18.48
C THR B 112 8.44 -37.86 18.02
N GLY B 113 9.12 -37.32 17.01
CA GLY B 113 10.28 -37.97 16.43
C GLY B 113 10.02 -38.75 15.17
N ASN B 114 8.80 -38.70 14.63
CA ASN B 114 8.44 -39.48 13.45
C ASN B 114 9.06 -38.86 12.19
N LEU B 115 8.89 -39.55 11.07
CA LEU B 115 9.26 -39.07 9.75
C LEU B 115 7.97 -38.94 8.95
N LEU B 116 7.41 -37.73 8.91
CA LEU B 116 6.08 -37.54 8.35
C LEU B 116 6.03 -37.88 6.87
N VAL B 117 6.77 -37.15 6.04
CA VAL B 117 6.71 -37.33 4.59
C VAL B 117 8.12 -37.34 4.03
N ILE B 118 8.23 -37.90 2.82
CA ILE B 118 9.47 -37.87 2.04
C ILE B 118 9.09 -37.28 0.69
N LEU B 119 9.34 -36.00 0.48
CA LEU B 119 8.87 -35.36 -0.76
C LEU B 119 9.98 -35.61 -1.78
N SER B 120 9.69 -35.63 -3.07
CA SER B 120 10.73 -35.98 -4.06
C SER B 120 10.32 -35.43 -5.42
N ARG B 121 10.70 -34.20 -5.77
CA ARG B 121 10.37 -33.73 -7.14
C ARG B 121 11.65 -33.26 -7.84
N HIS B 122 12.72 -32.98 -7.13
CA HIS B 122 13.88 -32.44 -7.86
C HIS B 122 14.42 -33.56 -8.73
N TYR B 123 15.07 -33.25 -9.87
CA TYR B 123 15.58 -34.29 -10.80
C TYR B 123 17.04 -34.57 -10.48
N GLN B 124 17.69 -33.71 -9.71
CA GLN B 124 19.08 -33.94 -9.25
C GLN B 124 19.25 -33.48 -7.79
N ASP B 125 20.46 -33.35 -7.28
CA ASP B 125 20.73 -33.08 -5.87
C ASP B 125 20.07 -31.78 -5.42
N VAL B 126 19.88 -31.67 -4.10
CA VAL B 126 19.29 -30.49 -3.47
C VAL B 126 20.41 -29.79 -2.71
N SER B 127 20.67 -28.53 -3.05
CA SER B 127 21.85 -27.84 -2.53
C SER B 127 21.51 -26.55 -1.78
N CYS B 128 20.27 -26.38 -1.37
CA CYS B 128 19.88 -25.23 -0.54
C CYS B 128 18.49 -25.47 0.02
N LEU B 129 18.28 -25.05 1.26
CA LEU B 129 17.03 -25.37 1.95
C LEU B 129 16.80 -24.28 3.00
N GLN B 130 15.71 -23.52 2.84
CA GLN B 130 15.43 -22.40 3.73
C GLN B 130 13.96 -22.42 4.14
N PHE B 131 13.68 -21.80 5.28
CA PHE B 131 12.34 -21.71 5.84
C PHE B 131 11.93 -20.26 5.91
N THR B 132 10.72 -19.96 5.44
CA THR B 132 10.19 -18.61 5.55
C THR B 132 10.06 -18.22 7.01
N GLY B 133 10.29 -16.94 7.31
CA GLY B 133 10.48 -16.47 8.66
C GLY B 133 9.32 -16.66 9.63
N ASP B 134 8.26 -17.34 9.19
CA ASP B 134 7.18 -17.73 10.09
C ASP B 134 6.88 -19.22 10.03
N SER B 135 7.74 -20.01 9.38
CA SER B 135 7.61 -21.46 9.28
C SER B 135 6.26 -21.87 8.70
N SER B 136 5.82 -21.15 7.67
CA SER B 136 4.64 -21.54 6.92
C SER B 136 4.97 -22.08 5.53
N HIS B 137 6.01 -21.56 4.88
CA HIS B 137 6.51 -22.08 3.63
C HIS B 137 7.99 -22.39 3.79
N PHE B 138 8.48 -23.38 3.05
CA PHE B 138 9.90 -23.65 2.98
C PHE B 138 10.30 -23.81 1.52
N ILE B 139 11.33 -23.07 1.11
CA ILE B 139 11.77 -23.03 -0.28
C ILE B 139 12.95 -23.97 -0.44
N SER B 140 12.89 -24.81 -1.47
CA SER B 140 13.95 -25.76 -1.77
C SER B 140 14.45 -25.57 -3.18
N GLY B 141 15.77 -25.65 -3.37
CA GLY B 141 16.35 -25.53 -4.68
C GLY B 141 17.55 -26.45 -4.80
N GLY B 142 17.82 -26.87 -6.03
CA GLY B 142 18.87 -27.85 -6.24
C GLY B 142 19.70 -27.65 -7.49
N LYS B 143 20.50 -28.66 -7.83
CA LYS B 143 21.40 -28.60 -8.97
C LYS B 143 20.70 -28.87 -10.29
N ASP B 144 19.37 -28.86 -10.32
CA ASP B 144 18.62 -29.00 -11.57
C ASP B 144 18.06 -27.67 -12.06
N CYS B 145 18.59 -26.56 -11.55
CA CYS B 145 18.17 -25.21 -11.94
C CYS B 145 16.71 -24.95 -11.61
N LEU B 146 16.19 -25.60 -10.57
CA LEU B 146 14.81 -25.45 -10.16
C LEU B 146 14.75 -24.97 -8.73
N VAL B 147 13.85 -24.02 -8.46
CA VAL B 147 13.56 -23.55 -7.12
C VAL B 147 12.06 -23.71 -6.89
N LEU B 148 11.69 -24.52 -5.90
CA LEU B 148 10.31 -24.83 -5.62
C LEU B 148 9.90 -24.23 -4.28
N VAL B 149 8.63 -23.82 -4.20
CA VAL B 149 8.07 -23.26 -2.98
C VAL B 149 7.02 -24.25 -2.48
N TRP B 150 7.37 -25.01 -1.45
CA TRP B 150 6.41 -25.90 -0.82
C TRP B 150 5.54 -25.11 0.16
N SER B 151 4.67 -25.82 0.85
CA SER B 151 3.80 -25.21 1.86
C SER B 151 3.63 -26.18 3.00
N LEU B 152 3.89 -25.71 4.23
CA LEU B 152 3.87 -26.61 5.38
C LEU B 152 2.48 -27.13 5.69
N CYS B 153 1.43 -26.50 5.17
CA CYS B 153 0.09 -27.00 5.41
C CYS B 153 -0.24 -28.16 4.47
N SER B 154 0.03 -27.98 3.17
CA SER B 154 -0.34 -28.98 2.18
C SER B 154 0.52 -30.23 2.25
N VAL B 155 1.79 -30.11 2.62
CA VAL B 155 2.67 -31.28 2.64
C VAL B 155 2.60 -32.07 3.93
N LEU B 156 1.82 -31.61 4.91
CA LEU B 156 1.67 -32.31 6.18
C LEU B 156 0.37 -33.10 6.26
N GLN B 157 -0.76 -32.48 5.90
CA GLN B 157 -2.06 -33.11 6.01
C GLN B 157 -2.53 -33.69 4.68
N ALA B 158 -1.59 -34.09 3.83
CA ALA B 158 -1.91 -34.71 2.55
C ALA B 158 -2.11 -36.20 2.73
N ASP B 159 -3.00 -36.77 1.92
CA ASP B 159 -3.30 -38.19 2.00
C ASP B 159 -2.06 -39.00 1.62
N PRO B 160 -1.89 -40.21 2.19
CA PRO B 160 -0.75 -41.05 1.80
C PRO B 160 -0.73 -41.40 0.32
N SER B 161 -1.88 -41.24 -0.35
CA SER B 161 -2.01 -41.53 -1.78
C SER B 161 -2.34 -40.26 -2.54
N ARG B 162 -1.67 -39.16 -2.21
CA ARG B 162 -1.90 -37.88 -2.88
C ARG B 162 -0.65 -37.22 -3.44
N ILE B 163 0.55 -37.73 -3.14
CA ILE B 163 1.83 -37.27 -3.70
C ILE B 163 1.89 -35.75 -3.77
N PRO B 164 2.10 -35.06 -2.65
CA PRO B 164 1.97 -33.60 -2.65
C PRO B 164 2.90 -32.93 -3.65
N ALA B 165 2.41 -31.84 -4.25
CA ALA B 165 3.09 -31.09 -5.28
C ALA B 165 3.48 -29.70 -4.78
N PRO B 166 4.53 -29.10 -5.32
CA PRO B 166 4.93 -27.77 -4.87
C PRO B 166 3.91 -26.71 -5.26
N ARG B 167 3.83 -25.67 -4.44
CA ARG B 167 2.90 -24.58 -4.72
C ARG B 167 3.34 -23.76 -5.92
N HIS B 168 4.64 -23.51 -6.06
CA HIS B 168 5.20 -22.76 -7.17
C HIS B 168 6.43 -23.48 -7.71
N VAL B 169 6.60 -23.43 -9.03
CA VAL B 169 7.76 -24.01 -9.70
C VAL B 169 8.48 -22.86 -10.40
N TRP B 170 9.57 -22.39 -9.80
CA TRP B 170 10.34 -21.27 -10.35
C TRP B 170 11.50 -21.84 -11.16
N SER B 171 11.38 -21.78 -12.49
CA SER B 171 12.42 -22.29 -13.40
C SER B 171 12.78 -21.18 -14.38
N HIS B 172 13.70 -20.31 -13.98
CA HIS B 172 14.25 -19.29 -14.86
C HIS B 172 15.76 -19.34 -15.00
N HIS B 173 16.46 -19.94 -14.04
CA HIS B 173 17.91 -20.05 -14.12
C HIS B 173 18.31 -21.09 -15.17
N ALA B 174 19.57 -21.03 -15.59
CA ALA B 174 20.13 -21.98 -16.53
C ALA B 174 21.31 -22.74 -15.96
N LEU B 175 21.52 -22.67 -14.66
CA LEU B 175 22.66 -23.29 -14.00
C LEU B 175 22.29 -23.56 -12.55
N PRO B 176 23.02 -24.44 -11.86
CA PRO B 176 22.60 -24.84 -10.51
C PRO B 176 22.49 -23.67 -9.55
N ILE B 177 21.50 -23.76 -8.65
CA ILE B 177 21.33 -22.76 -7.60
C ILE B 177 22.43 -22.90 -6.57
N THR B 178 22.67 -21.83 -5.81
CA THR B 178 23.75 -21.84 -4.83
C THR B 178 23.31 -21.35 -3.45
N ASP B 179 22.30 -20.48 -3.38
CA ASP B 179 21.91 -19.93 -2.09
C ASP B 179 20.54 -19.28 -2.21
N LEU B 180 19.86 -19.16 -1.07
CA LEU B 180 18.56 -18.49 -1.00
C LEU B 180 18.50 -17.64 0.26
N HIS B 181 17.55 -16.71 0.28
CA HIS B 181 17.30 -15.91 1.49
C HIS B 181 15.82 -15.55 1.52
N CYS B 182 15.05 -16.26 2.34
CA CYS B 182 13.64 -15.97 2.54
C CYS B 182 13.48 -15.00 3.69
N GLY B 183 12.91 -13.83 3.42
CA GLY B 183 12.78 -12.79 4.43
C GLY B 183 11.65 -13.07 5.40
N PHE B 184 11.43 -12.10 6.28
CA PHE B 184 10.36 -12.19 7.26
C PHE B 184 9.00 -12.24 6.56
N GLY B 185 7.96 -12.49 7.35
CA GLY B 185 6.63 -12.49 6.81
C GLY B 185 5.91 -13.83 6.85
N GLY B 186 5.78 -14.47 5.70
CA GLY B 186 4.90 -15.59 5.53
C GLY B 186 4.38 -15.63 4.11
N PRO B 187 3.06 -15.57 3.95
CA PRO B 187 2.49 -15.54 2.60
C PRO B 187 2.68 -14.19 1.92
N LEU B 188 3.53 -13.34 2.48
CA LEU B 188 3.85 -12.04 1.91
C LEU B 188 5.35 -11.81 1.74
N ALA B 189 6.17 -12.83 1.94
CA ALA B 189 7.62 -12.67 1.98
C ALA B 189 8.18 -12.55 0.57
N ARG B 190 9.51 -12.52 0.47
CA ARG B 190 10.21 -12.42 -0.81
C ARG B 190 11.49 -13.24 -0.76
N VAL B 191 11.74 -14.00 -1.81
CA VAL B 191 12.92 -14.86 -1.89
C VAL B 191 13.95 -14.20 -2.79
N ALA B 192 15.21 -14.60 -2.63
CA ALA B 192 16.34 -13.97 -3.31
C ALA B 192 17.26 -15.03 -3.90
N THR B 193 16.69 -15.97 -4.65
CA THR B 193 17.47 -17.08 -5.20
C THR B 193 18.59 -16.58 -6.09
N SER B 194 19.71 -17.31 -6.07
CA SER B 194 20.88 -16.95 -6.88
C SER B 194 21.49 -18.22 -7.46
N SER B 195 21.90 -18.14 -8.73
CA SER B 195 22.41 -19.30 -9.44
C SER B 195 23.85 -19.06 -9.88
N LEU B 196 24.37 -20.00 -10.67
CA LEU B 196 25.73 -19.93 -11.19
C LEU B 196 25.83 -19.17 -12.50
N ASP B 197 24.70 -18.75 -13.07
CA ASP B 197 24.70 -18.11 -14.40
C ASP B 197 24.98 -16.61 -14.29
N GLN B 198 25.42 -16.14 -13.14
CA GLN B 198 25.77 -14.73 -12.92
C GLN B 198 24.52 -13.86 -12.77
N THR B 199 23.49 -14.38 -12.12
CA THR B 199 22.26 -13.64 -11.88
C THR B 199 21.82 -13.80 -10.43
N VAL B 200 21.08 -12.81 -9.95
CA VAL B 200 20.48 -12.84 -8.62
C VAL B 200 19.06 -12.32 -8.76
N LYS B 201 18.08 -13.21 -8.68
CA LYS B 201 16.69 -12.86 -8.91
C LYS B 201 15.93 -12.80 -7.59
N LEU B 202 15.03 -11.83 -7.49
CA LEU B 202 14.19 -11.63 -6.30
C LEU B 202 12.76 -11.95 -6.68
N TRP B 203 12.22 -13.03 -6.12
CA TRP B 203 10.88 -13.50 -6.43
C TRP B 203 9.89 -13.04 -5.37
N GLU B 204 8.62 -13.36 -5.61
CA GLU B 204 7.54 -13.09 -4.67
C GLU B 204 6.86 -14.40 -4.31
N VAL B 205 6.69 -14.64 -3.00
CA VAL B 205 6.14 -15.92 -2.54
C VAL B 205 4.63 -15.90 -2.43
N SER B 206 3.99 -14.75 -2.63
CA SER B 206 2.54 -14.65 -2.56
C SER B 206 1.88 -15.04 -3.88
N SER B 207 2.28 -14.42 -4.98
CA SER B 207 1.72 -14.71 -6.29
C SER B 207 2.65 -15.53 -7.17
N GLY B 208 3.95 -15.48 -6.93
CA GLY B 208 4.89 -16.27 -7.72
C GLY B 208 5.34 -15.59 -9.00
N GLU B 209 5.91 -14.40 -8.89
CA GLU B 209 6.33 -13.62 -10.04
C GLU B 209 7.74 -13.09 -9.85
N LEU B 210 8.45 -12.91 -10.95
CA LEU B 210 9.75 -12.27 -10.92
C LEU B 210 9.61 -10.78 -10.62
N LEU B 211 10.64 -10.23 -9.97
CA LEU B 211 10.64 -8.81 -9.65
C LEU B 211 11.94 -8.14 -10.05
N LEU B 212 13.02 -8.91 -10.12
CA LEU B 212 14.35 -8.35 -10.35
C LEU B 212 15.25 -9.45 -10.89
N SER B 213 16.15 -9.08 -11.80
CA SER B 213 17.02 -10.05 -12.46
C SER B 213 18.44 -9.50 -12.61
N VAL B 214 18.99 -8.93 -11.54
CA VAL B 214 20.32 -8.35 -11.59
C VAL B 214 21.32 -9.35 -12.15
N LEU B 215 22.08 -8.93 -13.15
CA LEU B 215 23.06 -9.79 -13.82
C LEU B 215 24.46 -9.27 -13.53
N PHE B 216 25.26 -10.07 -12.83
CA PHE B 216 26.60 -9.67 -12.44
C PHE B 216 27.61 -10.14 -13.48
N ASP B 217 28.90 -10.06 -13.14
CA ASP B 217 29.98 -10.46 -14.02
C ASP B 217 30.52 -11.85 -13.69
N VAL B 218 30.64 -12.19 -12.40
CA VAL B 218 31.13 -13.48 -11.98
C VAL B 218 30.00 -14.26 -11.33
N SER B 219 30.16 -15.57 -11.28
CA SER B 219 29.11 -16.44 -10.75
C SER B 219 28.84 -16.13 -9.28
N ILE B 220 27.57 -15.99 -8.94
CA ILE B 220 27.18 -15.64 -7.57
C ILE B 220 27.06 -16.91 -6.75
N MET B 221 27.64 -16.90 -5.55
CA MET B 221 27.65 -18.08 -4.69
C MET B 221 27.03 -17.85 -3.32
N ALA B 222 26.50 -16.66 -3.04
CA ALA B 222 25.85 -16.39 -1.76
C ALA B 222 25.10 -15.08 -1.85
N VAL B 223 23.87 -15.06 -1.34
CA VAL B 223 23.04 -13.86 -1.32
C VAL B 223 22.42 -13.71 0.06
N THR B 224 22.50 -12.50 0.60
CA THR B 224 21.82 -12.15 1.84
C THR B 224 21.19 -10.78 1.66
N MET B 225 20.17 -10.50 2.46
CA MET B 225 19.42 -9.26 2.34
C MET B 225 19.24 -8.64 3.72
N ASP B 226 19.17 -7.31 3.74
CA ASP B 226 18.83 -6.60 4.96
C ASP B 226 17.41 -6.98 5.38
N LEU B 227 17.17 -6.96 6.69
CA LEU B 227 15.89 -7.43 7.22
C LEU B 227 14.72 -6.58 6.72
N ALA B 228 14.95 -5.32 6.37
CA ALA B 228 13.93 -4.46 5.81
C ALA B 228 13.99 -4.39 4.29
N GLU B 229 14.81 -5.22 3.66
CA GLU B 229 14.98 -5.25 2.21
C GLU B 229 15.42 -3.89 1.67
N HIS B 230 16.59 -3.45 2.13
CA HIS B 230 17.22 -2.23 1.63
C HIS B 230 18.45 -2.50 0.78
N HIS B 231 19.17 -3.59 1.04
CA HIS B 231 20.37 -3.95 0.30
C HIS B 231 20.34 -5.43 -0.03
N MET B 232 21.02 -5.81 -1.10
CA MET B 232 21.11 -7.20 -1.53
C MET B 232 22.58 -7.51 -1.77
N PHE B 233 23.27 -7.95 -0.72
CA PHE B 233 24.71 -8.26 -0.81
C PHE B 233 24.87 -9.60 -1.52
N CYS B 234 25.29 -9.57 -2.76
CA CYS B 234 25.53 -10.76 -3.55
C CYS B 234 27.03 -11.05 -3.60
N GLY B 235 27.41 -12.25 -3.20
CA GLY B 235 28.80 -12.66 -3.23
C GLY B 235 29.27 -12.89 -4.65
N GLY B 236 30.53 -13.26 -4.77
CA GLY B 236 31.12 -13.52 -6.07
C GLY B 236 31.96 -14.78 -6.06
N SER B 237 32.36 -15.19 -7.25
CA SER B 237 33.24 -16.34 -7.42
C SER B 237 34.71 -15.95 -7.49
N GLU B 238 35.03 -14.67 -7.36
CA GLU B 238 36.39 -14.19 -7.38
C GLU B 238 36.82 -13.54 -6.08
N GLY B 239 35.90 -13.13 -5.22
CA GLY B 239 36.24 -12.52 -3.96
C GLY B 239 35.41 -11.29 -3.63
N SER B 240 35.00 -10.55 -4.65
CA SER B 240 34.25 -9.33 -4.42
C SER B 240 32.88 -9.66 -3.83
N ILE B 241 32.35 -8.71 -3.06
CA ILE B 241 31.02 -8.83 -2.48
C ILE B 241 30.21 -7.65 -3.02
N PHE B 242 29.51 -7.87 -4.12
CA PHE B 242 28.75 -6.80 -4.75
C PHE B 242 27.55 -6.43 -3.89
N GLN B 243 27.09 -5.19 -4.06
CA GLN B 243 25.98 -4.66 -3.25
C GLN B 243 24.98 -3.97 -4.17
N VAL B 244 23.73 -4.38 -4.10
CA VAL B 244 22.66 -3.76 -4.86
C VAL B 244 21.80 -2.93 -3.92
N ASP B 245 21.31 -1.80 -4.41
CA ASP B 245 20.48 -0.89 -3.63
C ASP B 245 19.05 -1.01 -4.15
N LEU B 246 18.16 -1.59 -3.35
CA LEU B 246 16.78 -1.80 -3.76
C LEU B 246 15.90 -0.59 -3.56
N PHE B 247 16.34 0.42 -2.81
CA PHE B 247 15.53 1.60 -2.57
C PHE B 247 15.84 2.76 -3.51
N THR B 248 16.98 2.72 -4.22
CA THR B 248 17.21 3.67 -5.29
C THR B 248 16.34 3.35 -6.50
N TRP B 249 16.32 2.08 -6.90
CA TRP B 249 15.42 1.55 -7.93
C TRP B 249 15.44 2.36 -9.21
N PRO B 250 16.46 2.21 -10.07
CA PRO B 250 16.45 2.90 -11.37
C PRO B 250 15.14 2.77 -12.12
N GLY B 251 14.46 1.63 -12.02
CA GLY B 251 13.09 1.55 -12.51
C GLY B 251 12.83 0.52 -13.60
N GLN B 252 13.60 -0.55 -13.63
CA GLN B 252 13.41 -1.61 -14.62
C GLN B 252 13.37 -2.97 -13.91
N ARG B 253 13.24 -4.03 -14.71
CA ARG B 253 13.14 -5.38 -14.19
C ARG B 253 14.38 -6.24 -14.45
N GLU B 254 15.16 -5.91 -15.49
CA GLU B 254 16.38 -6.64 -15.82
C GLU B 254 17.52 -5.63 -15.85
N ARG B 255 18.17 -5.43 -14.70
CA ARG B 255 19.24 -4.46 -14.59
C ARG B 255 20.57 -5.09 -15.03
N SER B 256 21.65 -4.33 -14.84
CA SER B 256 23.00 -4.82 -15.07
C SER B 256 23.92 -4.05 -14.14
N PHE B 257 24.89 -4.75 -13.54
CA PHE B 257 25.65 -4.17 -12.45
C PHE B 257 26.50 -2.97 -12.88
N HIS B 258 27.21 -3.07 -14.00
CA HIS B 258 28.10 -1.99 -14.40
C HIS B 258 27.33 -0.69 -14.64
N PRO B 259 26.19 -0.70 -15.33
CA PRO B 259 25.35 0.51 -15.35
C PRO B 259 24.79 0.89 -13.99
N GLU B 260 24.76 -0.03 -13.03
CA GLU B 260 24.27 0.24 -11.68
C GLU B 260 25.39 0.65 -10.73
N GLN B 261 26.42 1.32 -11.25
CA GLN B 261 27.53 1.90 -10.49
C GLN B 261 28.53 0.83 -10.09
N ASP B 262 29.76 1.24 -9.77
CA ASP B 262 30.84 0.32 -9.47
C ASP B 262 31.91 1.07 -8.70
N ALA B 263 32.81 0.32 -8.05
CA ALA B 263 33.98 0.83 -7.35
C ALA B 263 33.59 1.63 -6.11
N GLY B 264 32.30 1.79 -5.87
CA GLY B 264 31.81 2.46 -4.69
C GLY B 264 30.68 1.66 -4.06
N LYS B 265 30.43 0.48 -4.62
CA LYS B 265 29.39 -0.42 -4.15
C LYS B 265 29.88 -1.86 -4.10
N VAL B 266 31.18 -2.06 -4.01
CA VAL B 266 31.79 -3.38 -4.06
C VAL B 266 32.74 -3.53 -2.88
N PHE B 267 32.45 -4.48 -1.99
CA PHE B 267 33.42 -4.85 -0.98
C PHE B 267 34.53 -5.67 -1.63
N LYS B 268 35.77 -5.33 -1.33
CA LYS B 268 36.91 -6.05 -1.89
C LYS B 268 37.91 -6.35 -0.80
N GLY B 269 38.67 -7.43 -0.99
CA GLY B 269 39.64 -7.86 0.00
C GLY B 269 39.76 -9.36 0.08
N HIS B 270 38.89 -10.08 -0.61
CA HIS B 270 38.93 -11.53 -0.66
C HIS B 270 39.67 -12.00 -1.90
N ARG B 271 40.24 -13.20 -1.82
CA ARG B 271 41.03 -13.77 -2.90
C ARG B 271 40.46 -15.04 -3.49
N ASN B 272 39.28 -15.48 -3.05
CA ASN B 272 38.64 -16.66 -3.59
C ASN B 272 37.13 -16.51 -3.39
N GLN B 273 36.39 -17.61 -3.60
CA GLN B 273 34.94 -17.56 -3.51
C GLN B 273 34.49 -17.13 -2.12
N VAL B 274 33.24 -16.69 -2.03
CA VAL B 274 32.62 -16.31 -0.75
C VAL B 274 31.31 -17.09 -0.65
N THR B 275 31.36 -18.27 -0.04
CA THR B 275 30.16 -19.07 0.16
C THR B 275 29.56 -18.88 1.55
N CYS B 276 29.43 -17.63 1.99
CA CYS B 276 28.80 -17.28 3.27
C CYS B 276 28.55 -15.78 3.35
N LEU B 277 27.34 -15.39 3.71
CA LEU B 277 27.02 -13.98 3.97
C LEU B 277 25.93 -13.91 5.01
N SER B 278 25.94 -12.85 5.81
CA SER B 278 24.90 -12.60 6.78
C SER B 278 25.05 -11.17 7.30
N VAL B 279 23.93 -10.45 7.40
CA VAL B 279 23.91 -9.07 7.88
C VAL B 279 23.46 -9.07 9.33
N SER B 280 24.03 -8.17 10.12
CA SER B 280 23.67 -8.07 11.53
C SER B 280 22.26 -7.50 11.67
N THR B 281 21.82 -7.37 12.93
CA THR B 281 20.46 -6.92 13.20
C THR B 281 20.24 -5.49 12.71
N ASP B 282 21.00 -4.54 13.27
CA ASP B 282 20.81 -3.14 12.91
C ASP B 282 21.18 -2.87 11.45
N GLY B 283 22.08 -3.66 10.89
CA GLY B 283 22.46 -3.50 9.50
C GLY B 283 23.67 -2.60 9.31
N SER B 284 24.72 -2.82 10.10
CA SER B 284 25.92 -2.00 10.02
C SER B 284 27.20 -2.82 9.96
N VAL B 285 27.15 -4.13 10.18
CA VAL B 285 28.31 -5.00 10.05
C VAL B 285 27.88 -6.25 9.31
N LEU B 286 28.64 -6.65 8.31
CA LEU B 286 28.35 -7.82 7.49
C LEU B 286 29.44 -8.86 7.68
N LEU B 287 29.04 -10.10 7.96
CA LEU B 287 29.98 -11.20 8.16
C LEU B 287 29.98 -12.09 6.92
N SER B 288 31.17 -12.37 6.39
CA SER B 288 31.29 -13.15 5.17
C SER B 288 32.39 -14.19 5.32
N GLY B 289 32.05 -15.44 5.00
CA GLY B 289 33.06 -16.49 4.89
C GLY B 289 33.72 -16.46 3.54
N SER B 290 34.49 -17.51 3.26
CA SER B 290 35.22 -17.58 1.99
C SER B 290 35.77 -18.99 1.83
N HIS B 291 36.53 -19.18 0.75
CA HIS B 291 37.31 -20.38 0.52
C HIS B 291 38.80 -20.15 0.73
N ASP B 292 39.22 -18.92 1.01
CA ASP B 292 40.62 -18.63 1.29
C ASP B 292 40.93 -18.68 2.77
N GLU B 293 40.13 -19.41 3.55
CA GLU B 293 40.37 -19.62 4.98
C GLU B 293 40.41 -18.29 5.75
N THR B 294 39.33 -17.54 5.65
CA THR B 294 39.23 -16.27 6.35
C THR B 294 37.77 -15.88 6.52
N VAL B 295 37.41 -15.44 7.71
CA VAL B 295 36.09 -14.89 8.01
C VAL B 295 36.30 -13.47 8.52
N ARG B 296 35.82 -12.49 7.76
CA ARG B 296 36.09 -11.09 8.07
C ARG B 296 34.80 -10.30 8.12
N LEU B 297 34.76 -9.30 9.01
CA LEU B 297 33.60 -8.44 9.18
C LEU B 297 33.78 -7.17 8.37
N TRP B 298 32.71 -6.72 7.71
CA TRP B 298 32.75 -5.51 6.92
C TRP B 298 32.00 -4.38 7.65
N ASP B 299 31.93 -3.22 6.98
CA ASP B 299 31.44 -1.98 7.57
C ASP B 299 30.47 -1.30 6.60
N VAL B 300 29.40 -2.02 6.25
CA VAL B 300 28.57 -1.79 5.07
C VAL B 300 28.34 -0.31 4.77
N GLN B 301 28.25 0.53 5.79
CA GLN B 301 28.09 1.96 5.60
C GLN B 301 29.31 2.61 4.95
N SER B 302 30.51 2.05 5.13
CA SER B 302 31.72 2.68 4.64
C SER B 302 32.60 1.74 3.83
N LYS B 303 32.15 0.50 3.62
CA LYS B 303 32.84 -0.47 2.77
C LYS B 303 34.29 -0.68 3.21
N GLN B 304 34.49 -0.86 4.51
CA GLN B 304 35.83 -1.07 5.06
C GLN B 304 35.84 -2.32 5.93
N CYS B 305 37.00 -2.97 5.99
CA CYS B 305 37.15 -4.14 6.85
C CYS B 305 37.34 -3.70 8.30
N ILE B 306 37.01 -4.61 9.21
CA ILE B 306 37.15 -4.39 10.65
C ILE B 306 38.11 -5.39 11.28
N ARG B 307 37.91 -6.68 11.02
CA ARG B 307 38.81 -7.71 11.51
C ARG B 307 38.81 -8.86 10.50
N THR B 308 39.84 -9.69 10.59
CA THR B 308 40.14 -10.70 9.58
C THR B 308 40.42 -12.06 10.22
N VAL B 309 39.52 -12.49 11.10
CA VAL B 309 39.65 -13.79 11.76
C VAL B 309 39.92 -14.87 10.72
N ALA B 310 40.97 -15.64 10.94
CA ALA B 310 41.45 -16.63 9.97
C ALA B 310 41.22 -18.03 10.54
N LEU B 311 40.38 -18.80 9.87
CA LEU B 311 40.15 -20.19 10.24
C LEU B 311 41.17 -21.08 9.54
N LYS B 312 40.96 -22.39 9.59
CA LYS B 312 41.82 -23.36 8.93
C LYS B 312 41.00 -24.12 7.90
N GLY B 313 41.43 -24.09 6.64
CA GLY B 313 40.70 -24.70 5.56
C GLY B 313 39.56 -23.83 5.08
N PRO B 314 38.83 -24.30 4.07
CA PRO B 314 37.71 -23.51 3.55
C PRO B 314 36.64 -23.32 4.61
N VAL B 315 35.93 -22.21 4.52
CA VAL B 315 34.86 -21.89 5.46
C VAL B 315 33.55 -22.38 4.85
N THR B 316 32.83 -23.23 5.60
CA THR B 316 31.59 -23.82 5.12
C THR B 316 30.37 -23.00 5.54
N ASN B 317 30.18 -22.82 6.85
CA ASN B 317 29.03 -22.11 7.39
C ASN B 317 29.48 -20.94 8.25
N ALA B 318 28.79 -19.83 8.13
CA ALA B 318 29.08 -18.63 8.91
C ALA B 318 27.86 -17.73 8.90
N ALA B 319 27.42 -17.33 10.10
CA ALA B 319 26.23 -16.51 10.22
C ALA B 319 26.29 -15.72 11.52
N ILE B 320 25.43 -14.70 11.61
CA ILE B 320 25.34 -13.84 12.77
C ILE B 320 23.98 -14.07 13.42
N LEU B 321 23.99 -14.39 14.70
CA LEU B 321 22.77 -14.64 15.45
C LEU B 321 22.58 -13.58 16.54
N LEU B 322 21.43 -13.65 17.18
CA LEU B 322 21.13 -12.88 18.38
C LEU B 322 21.18 -13.83 19.56
N ALA B 323 22.26 -13.73 20.34
CA ALA B 323 22.59 -14.69 21.39
C ALA B 323 21.41 -14.99 22.30
N PRO B 324 20.88 -16.21 22.27
CA PRO B 324 19.76 -16.56 23.15
C PRO B 324 20.18 -16.64 24.62
N VAL B 325 19.24 -16.99 25.49
CA VAL B 325 19.55 -17.20 26.89
C VAL B 325 20.48 -18.40 27.07
N SER B 326 20.48 -19.32 26.11
CA SER B 326 21.29 -20.54 26.21
C SER B 326 22.77 -20.22 26.33
N MET B 327 23.30 -19.41 25.40
CA MET B 327 24.73 -19.15 25.38
C MET B 327 25.17 -18.24 26.51
N LEU B 328 24.28 -17.35 26.97
CA LEU B 328 24.64 -16.46 28.07
C LEU B 328 24.71 -17.21 29.40
N SER B 329 23.73 -18.08 29.65
CA SER B 329 23.74 -18.87 30.87
C SER B 329 24.83 -19.93 30.83
N SER B 330 25.10 -20.53 31.98
CA SER B 330 26.22 -21.46 32.10
C SER B 330 25.81 -22.93 32.18
N ASP B 331 24.59 -23.24 32.57
CA ASP B 331 24.14 -24.63 32.66
C ASP B 331 23.04 -24.95 31.65
N PHE B 332 21.89 -24.28 31.76
CA PHE B 332 20.78 -24.40 30.83
C PHE B 332 20.54 -25.83 30.34
N ARG B 333 20.18 -26.70 31.27
CA ARG B 333 19.79 -28.05 30.87
C ARG B 333 18.58 -27.97 29.95
N PRO B 334 18.60 -28.65 28.81
CA PRO B 334 17.52 -28.48 27.83
C PRO B 334 16.18 -28.92 28.39
N SER B 335 15.12 -28.23 27.94
CA SER B 335 13.78 -28.51 28.45
C SER B 335 13.33 -29.93 28.10
N LEU B 336 13.59 -30.37 26.87
CA LEU B 336 13.17 -31.69 26.44
C LEU B 336 14.32 -32.40 25.74
N PRO B 337 14.53 -33.67 26.04
CA PRO B 337 15.56 -34.43 25.32
C PRO B 337 15.19 -34.65 23.86
N LEU B 338 16.20 -34.72 23.03
CA LEU B 338 15.98 -34.98 21.61
C LEU B 338 15.48 -36.41 21.43
N PRO B 339 14.38 -36.62 20.70
CA PRO B 339 13.82 -37.97 20.58
C PRO B 339 14.61 -38.87 19.66
N HIS B 340 14.12 -40.09 19.43
CA HIS B 340 14.76 -41.04 18.52
C HIS B 340 14.26 -40.74 17.11
N PHE B 341 15.13 -40.13 16.30
CA PHE B 341 14.76 -39.75 14.95
C PHE B 341 14.68 -40.99 14.06
N ASN B 342 13.48 -41.28 13.55
CA ASN B 342 13.28 -42.47 12.75
C ASN B 342 13.92 -42.31 11.38
N LYS B 343 14.12 -43.45 10.70
CA LYS B 343 14.61 -43.46 9.33
C LYS B 343 13.64 -44.16 8.38
N HIS B 344 12.53 -44.68 8.87
CA HIS B 344 11.52 -45.31 8.05
C HIS B 344 10.23 -44.50 8.10
N LEU B 345 9.49 -44.48 7.00
CA LEU B 345 8.29 -43.66 6.90
C LEU B 345 7.22 -44.22 7.83
N LEU B 346 7.05 -43.56 8.97
CA LEU B 346 6.05 -43.92 9.97
C LEU B 346 6.13 -45.39 10.36
N GLY B 357 -1.63 -39.83 16.97
CA GLY B 357 -1.51 -39.24 18.28
C GLY B 357 -0.24 -39.65 19.00
N GLY B 358 0.08 -38.96 20.10
CA GLY B 358 1.27 -39.27 20.86
C GLY B 358 2.21 -38.10 21.00
N LEU B 359 1.68 -36.88 20.91
CA LEU B 359 2.50 -35.69 21.07
C LEU B 359 3.17 -35.68 22.45
N THR B 360 4.44 -35.29 22.48
CA THR B 360 5.19 -35.16 23.71
C THR B 360 5.52 -33.68 23.91
N LEU B 361 4.91 -33.09 24.93
CA LEU B 361 5.04 -31.65 25.15
C LEU B 361 4.81 -31.34 26.62
N ARG B 362 5.21 -30.14 27.01
CA ARG B 362 5.01 -29.64 28.37
C ARG B 362 3.84 -28.67 28.38
N LEU B 363 2.86 -28.92 29.25
CA LEU B 363 1.67 -28.10 29.31
C LEU B 363 1.94 -26.81 30.08
N GLY B 364 0.93 -25.97 30.19
CA GLY B 364 1.04 -24.74 30.96
C GLY B 364 2.04 -23.75 30.41
N LEU B 365 2.05 -23.55 29.10
CA LEU B 365 2.93 -22.58 28.48
C LEU B 365 2.19 -21.53 27.66
N HIS B 366 0.88 -21.67 27.47
CA HIS B 366 0.07 -20.69 26.76
C HIS B 366 -0.41 -19.56 27.67
N GLN B 367 -0.05 -19.59 28.95
CA GLN B 367 -0.47 -18.57 29.90
C GLN B 367 0.70 -18.05 30.72
N GLN B 368 1.93 -18.24 30.25
CA GLN B 368 3.12 -17.83 30.99
C GLN B 368 3.11 -16.33 31.25
N GLY B 369 3.00 -15.95 32.52
CA GLY B 369 2.94 -14.56 32.91
C GLY B 369 1.55 -14.02 33.10
N SER B 370 0.51 -14.76 32.72
CA SER B 370 -0.87 -14.30 32.88
C SER B 370 -1.35 -14.51 34.31
N GLU B 371 -0.61 -13.93 35.24
CA GLU B 371 -0.90 -13.98 36.67
C GLU B 371 -1.61 -12.70 37.11
N PRO B 372 -2.45 -12.78 38.15
CA PRO B 372 -3.17 -11.59 38.61
C PRO B 372 -2.21 -10.49 39.06
N SER B 373 -2.58 -9.25 38.76
CA SER B 373 -1.79 -8.11 39.16
C SER B 373 -2.06 -7.77 40.62
N TYR B 374 -1.20 -6.90 41.18
CA TYR B 374 -1.33 -6.54 42.59
C TYR B 374 -2.67 -5.86 42.87
N LEU B 375 -3.09 -4.94 42.00
CA LEU B 375 -4.34 -4.24 42.22
C LEU B 375 -5.53 -5.18 42.12
N ASP B 376 -5.45 -6.18 41.23
CA ASP B 376 -6.54 -7.14 41.11
C ASP B 376 -6.71 -7.94 42.40
N ARG B 377 -5.60 -8.44 42.96
CA ARG B 377 -5.69 -9.20 44.21
C ARG B 377 -6.15 -8.31 45.36
N THR B 378 -5.67 -7.07 45.41
CA THR B 378 -6.12 -6.16 46.47
C THR B 378 -7.61 -5.89 46.36
N GLU B 379 -8.12 -5.66 45.15
CA GLU B 379 -9.54 -5.42 44.97
C GLU B 379 -10.37 -6.64 45.34
N GLN B 380 -9.89 -7.84 44.99
CA GLN B 380 -10.60 -9.06 45.37
C GLN B 380 -10.64 -9.21 46.89
N LEU B 381 -9.52 -8.92 47.56
CA LEU B 381 -9.49 -9.00 49.02
C LEU B 381 -10.46 -8.01 49.65
N GLN B 382 -10.49 -6.77 49.13
CA GLN B 382 -11.40 -5.78 49.66
C GLN B 382 -12.86 -6.17 49.42
N ALA B 383 -13.16 -6.75 48.25
CA ALA B 383 -14.52 -7.22 48.00
C ALA B 383 -14.89 -8.34 48.96
N VAL B 384 -13.96 -9.25 49.25
CA VAL B 384 -14.24 -10.31 50.21
C VAL B 384 -14.52 -9.73 51.59
N LEU B 385 -13.71 -8.75 52.01
CA LEU B 385 -13.90 -8.11 53.30
C LEU B 385 -15.28 -7.43 53.38
N CYS B 386 -15.64 -6.69 52.32
CA CYS B 386 -16.93 -6.00 52.32
C CYS B 386 -18.09 -6.98 52.34
N SER B 387 -17.99 -8.08 51.59
CA SER B 387 -19.04 -9.08 51.60
C SER B 387 -19.17 -9.74 52.97
N THR B 388 -18.03 -10.01 53.62
CA THR B 388 -18.07 -10.59 54.97
C THR B 388 -18.69 -9.62 55.96
N MET B 389 -18.41 -8.32 55.82
CA MET B 389 -18.96 -7.34 56.74
C MET B 389 -20.48 -7.32 56.70
N GLU B 390 -21.06 -7.39 55.50
CA GLU B 390 -22.51 -7.40 55.36
C GLU B 390 -23.10 -8.71 55.87
N SER C 64 -16.09 1.50 65.87
CA SER C 64 -15.76 1.82 64.49
C SER C 64 -15.53 0.57 63.66
N ALA C 65 -16.47 -0.38 63.76
CA ALA C 65 -16.38 -1.63 63.02
C ALA C 65 -16.73 -1.47 61.54
N PRO C 66 -17.86 -0.85 61.18
CA PRO C 66 -18.21 -0.77 59.75
C PRO C 66 -17.19 -0.03 58.91
N HIS C 67 -16.50 0.96 59.47
CA HIS C 67 -15.52 1.74 58.72
C HIS C 67 -14.20 1.00 58.50
N LEU C 68 -14.09 -0.26 58.96
CA LEU C 68 -12.81 -0.96 58.89
C LEU C 68 -12.29 -1.13 57.46
N PRO C 69 -13.06 -1.67 56.51
CA PRO C 69 -12.47 -1.93 55.18
C PRO C 69 -11.90 -0.70 54.50
N GLY C 70 -12.55 0.46 54.65
CA GLY C 70 -11.99 1.67 54.09
C GLY C 70 -10.64 2.04 54.70
N LEU C 71 -10.53 1.90 56.02
CA LEU C 71 -9.26 2.17 56.68
C LEU C 71 -8.18 1.18 56.23
N MET C 72 -8.55 -0.10 56.09
CA MET C 72 -7.59 -1.09 55.63
C MET C 72 -7.09 -0.74 54.23
N CYS C 73 -8.00 -0.39 53.34
CA CYS C 73 -7.62 -0.04 51.97
C CYS C 73 -6.75 1.20 51.94
N LEU C 74 -7.09 2.22 52.73
CA LEU C 74 -6.30 3.45 52.73
C LEU C 74 -4.93 3.24 53.35
N LEU C 75 -4.82 2.33 54.32
CA LEU C 75 -3.51 2.00 54.88
C LEU C 75 -2.67 1.22 53.87
N ARG C 76 -3.32 0.35 53.09
CA ARG C 76 -2.59 -0.38 52.05
C ARG C 76 -2.12 0.55 50.94
N LEU C 77 -2.94 1.55 50.58
CA LEU C 77 -2.60 2.43 49.48
C LEU C 77 -1.34 3.23 49.76
N HIS C 78 -1.20 3.75 50.97
CA HIS C 78 -0.03 4.56 51.32
C HIS C 78 1.25 3.75 51.39
N GLY C 79 1.18 2.43 51.39
CA GLY C 79 2.37 1.61 51.58
C GLY C 79 3.00 1.82 52.95
N SER C 80 2.18 1.89 53.99
CA SER C 80 2.68 2.21 55.33
C SER C 80 3.25 0.98 56.02
N VAL C 81 2.48 -0.09 56.11
CA VAL C 81 2.95 -1.29 56.81
C VAL C 81 4.14 -1.89 56.07
N GLY C 82 4.07 -1.95 54.75
CA GLY C 82 5.17 -2.49 53.96
C GLY C 82 6.32 -1.53 53.82
N GLY C 83 6.96 -1.18 54.93
CA GLY C 83 8.09 -0.26 54.91
C GLY C 83 8.52 0.17 56.29
N ASN C 98 -3.79 -11.03 67.30
CA ASN C 98 -3.38 -11.96 68.35
C ASN C 98 -4.12 -11.67 69.66
N ALA C 99 -4.78 -10.52 69.71
CA ALA C 99 -5.52 -10.09 70.89
C ALA C 99 -7.03 -10.07 70.67
N ARG C 100 -7.48 -9.41 69.62
CA ARG C 100 -8.92 -9.31 69.34
C ARG C 100 -9.47 -10.57 68.68
N LEU C 101 -8.61 -11.49 68.26
CA LEU C 101 -9.04 -12.72 67.59
C LEU C 101 -9.51 -13.78 68.58
N SER C 102 -9.29 -13.59 69.88
CA SER C 102 -9.60 -14.60 70.89
C SER C 102 -11.03 -14.52 71.39
N SER C 103 -11.84 -13.60 70.86
CA SER C 103 -13.23 -13.44 71.28
C SER C 103 -14.15 -13.51 70.08
N ILE C 104 -15.32 -14.13 70.28
CA ILE C 104 -16.29 -14.25 69.21
C ILE C 104 -16.88 -12.91 68.81
N LYS C 105 -16.81 -11.91 69.71
CA LYS C 105 -17.43 -10.61 69.41
C LYS C 105 -16.62 -9.84 68.38
N THR C 106 -15.29 -9.90 68.45
CA THR C 106 -14.42 -9.08 67.62
C THR C 106 -13.51 -9.93 66.76
N ARG C 107 -14.02 -11.04 66.21
CA ARG C 107 -13.22 -11.86 65.31
C ARG C 107 -12.93 -11.11 64.01
N PHE C 108 -13.94 -10.45 63.45
CA PHE C 108 -13.73 -9.66 62.24
C PHE C 108 -12.80 -8.48 62.49
N GLU C 109 -12.93 -7.85 63.66
CA GLU C 109 -12.10 -6.70 64.01
C GLU C 109 -10.62 -7.04 63.98
N GLY C 110 -10.26 -8.26 64.37
CA GLY C 110 -8.87 -8.66 64.35
C GLY C 110 -8.48 -9.28 63.02
N LEU C 111 -9.45 -9.91 62.34
CA LEU C 111 -9.17 -10.52 61.06
C LEU C 111 -8.84 -9.48 59.99
N CYS C 112 -9.42 -8.28 60.10
CA CYS C 112 -9.07 -7.23 59.14
C CYS C 112 -7.61 -6.83 59.28
N LEU C 113 -7.16 -6.56 60.51
CA LEU C 113 -5.75 -6.21 60.70
C LEU C 113 -4.85 -7.37 60.31
N LEU C 114 -5.28 -8.61 60.58
CA LEU C 114 -4.51 -9.78 60.14
C LEU C 114 -4.37 -9.83 58.63
N SER C 115 -5.46 -9.52 57.91
CA SER C 115 -5.40 -9.47 56.46
C SER C 115 -4.39 -8.43 55.99
N LEU C 116 -4.41 -7.25 56.63
CA LEU C 116 -3.43 -6.23 56.26
C LEU C 116 -2.01 -6.72 56.50
N LEU C 117 -1.77 -7.33 57.67
CA LEU C 117 -0.40 -7.73 58.00
C LEU C 117 0.12 -8.81 57.05
N VAL C 118 -0.71 -9.81 56.72
CA VAL C 118 -0.25 -10.81 55.77
C VAL C 118 -0.07 -10.21 54.38
N GLY C 119 -0.94 -9.27 54.01
CA GLY C 119 -0.87 -8.72 52.66
C GLY C 119 0.36 -7.88 52.38
N GLU C 120 0.79 -7.08 53.35
CA GLU C 120 1.77 -6.03 53.11
C GLU C 120 2.84 -5.98 54.21
N SER C 121 3.44 -7.14 54.52
CA SER C 121 4.44 -7.16 55.59
C SER C 121 5.85 -7.19 55.02
N PRO C 122 6.82 -6.64 55.75
CA PRO C 122 8.23 -6.82 55.37
C PRO C 122 8.66 -8.25 55.61
N THR C 123 9.79 -8.62 54.97
CA THR C 123 10.22 -10.00 55.01
C THR C 123 10.59 -10.47 56.42
N GLU C 124 11.11 -9.56 57.26
CA GLU C 124 11.50 -9.96 58.62
C GLU C 124 10.28 -10.28 59.46
N LEU C 125 9.26 -9.41 59.45
CA LEU C 125 8.06 -9.65 60.23
C LEU C 125 7.35 -10.91 59.76
N PHE C 126 7.32 -11.15 58.45
CA PHE C 126 6.71 -12.36 57.93
C PHE C 126 7.49 -13.60 58.38
N GLN C 127 8.80 -13.60 58.18
CA GLN C 127 9.61 -14.74 58.60
C GLN C 127 9.50 -14.98 60.11
N GLN C 128 9.16 -13.95 60.88
CA GLN C 128 9.01 -14.13 62.32
C GLN C 128 7.64 -14.69 62.70
N HIS C 129 6.56 -14.13 62.13
CA HIS C 129 5.21 -14.39 62.61
C HIS C 129 4.38 -15.27 61.69
N CYS C 130 4.97 -15.86 60.65
CA CYS C 130 4.19 -16.67 59.72
C CYS C 130 3.58 -17.89 60.41
N VAL C 131 4.36 -18.58 61.23
CA VAL C 131 3.85 -19.77 61.91
C VAL C 131 2.73 -19.41 62.88
N SER C 132 2.91 -18.33 63.64
CA SER C 132 1.87 -17.91 64.57
C SER C 132 0.59 -17.52 63.86
N TRP C 133 0.71 -16.79 62.74
CA TRP C 133 -0.48 -16.41 61.99
C TRP C 133 -1.16 -17.63 61.38
N LEU C 134 -0.37 -18.61 60.92
CA LEU C 134 -0.95 -19.83 60.38
C LEU C 134 -1.70 -20.60 61.45
N ARG C 135 -1.14 -20.69 62.66
CA ARG C 135 -1.81 -21.35 63.76
C ARG C 135 -3.11 -20.64 64.12
N SER C 136 -3.08 -19.30 64.14
CA SER C 136 -4.31 -18.56 64.43
C SER C 136 -5.37 -18.81 63.37
N ILE C 137 -4.97 -18.79 62.08
CA ILE C 137 -5.92 -19.02 61.00
C ILE C 137 -6.52 -20.42 61.11
N GLN C 138 -5.69 -21.42 61.43
CA GLN C 138 -6.23 -22.76 61.66
C GLN C 138 -7.19 -22.78 62.83
N GLN C 139 -6.92 -21.98 63.87
CA GLN C 139 -7.80 -21.94 65.03
C GLN C 139 -9.16 -21.33 64.69
N VAL C 140 -9.20 -20.36 63.77
CA VAL C 140 -10.49 -19.77 63.40
C VAL C 140 -11.38 -20.79 62.69
N LEU C 141 -10.77 -21.78 62.01
CA LEU C 141 -11.53 -22.69 61.16
C LEU C 141 -12.27 -23.77 61.92
N GLN C 142 -12.05 -23.91 63.23
CA GLN C 142 -12.68 -24.97 64.02
C GLN C 142 -13.31 -24.38 65.29
N THR C 143 -14.06 -23.29 65.13
CA THR C 143 -14.73 -22.66 66.25
C THR C 143 -16.20 -22.36 65.99
N GLN C 144 -16.77 -22.96 64.94
CA GLN C 144 -18.20 -22.83 64.63
C GLN C 144 -18.59 -21.37 64.40
N ASP C 145 -17.71 -20.60 63.78
CA ASP C 145 -18.02 -19.23 63.40
C ASP C 145 -18.95 -19.21 62.19
N PRO C 146 -19.66 -18.10 61.99
CA PRO C 146 -20.54 -17.99 60.81
C PRO C 146 -19.75 -18.11 59.52
N PRO C 147 -20.40 -18.50 58.42
CA PRO C 147 -19.64 -18.79 57.19
C PRO C 147 -18.80 -17.64 56.67
N ALA C 148 -19.22 -16.39 56.91
CA ALA C 148 -18.43 -15.26 56.44
C ALA C 148 -17.04 -15.24 57.07
N THR C 149 -16.96 -15.52 58.37
CA THR C 149 -15.67 -15.56 59.04
C THR C 149 -14.79 -16.68 58.49
N MET C 150 -15.39 -17.84 58.18
CA MET C 150 -14.62 -18.93 57.58
C MET C 150 -14.09 -18.54 56.20
N GLU C 151 -14.91 -17.86 55.40
CA GLU C 151 -14.45 -17.41 54.09
C GLU C 151 -13.31 -16.40 54.22
N LEU C 152 -13.42 -15.48 55.19
CA LEU C 152 -12.35 -14.53 55.42
C LEU C 152 -11.06 -15.23 55.83
N ALA C 153 -11.18 -16.24 56.72
CA ALA C 153 -10.01 -16.99 57.15
C ALA C 153 -9.36 -17.71 55.97
N VAL C 154 -10.17 -18.29 55.09
CA VAL C 154 -9.62 -18.96 53.91
C VAL C 154 -8.93 -17.97 53.00
N ALA C 155 -9.51 -16.78 52.83
CA ALA C 155 -8.89 -15.76 51.99
C ALA C 155 -7.54 -15.32 52.56
N VAL C 156 -7.45 -15.19 53.89
CA VAL C 156 -6.16 -14.90 54.51
C VAL C 156 -5.18 -16.04 54.30
N LEU C 157 -5.66 -17.29 54.46
CA LEU C 157 -4.79 -18.46 54.34
C LEU C 157 -4.19 -18.59 52.95
N ARG C 158 -4.96 -18.22 51.92
CA ARG C 158 -4.43 -18.29 50.56
C ARG C 158 -3.16 -17.44 50.43
N ASP C 159 -3.24 -16.18 50.85
CA ASP C 159 -2.07 -15.31 50.79
C ASP C 159 -0.95 -15.80 51.70
N LEU C 160 -1.30 -16.28 52.90
CA LEU C 160 -0.29 -16.80 53.81
C LEU C 160 0.51 -17.92 53.16
N LEU C 161 -0.17 -18.91 52.59
CA LEU C 161 0.53 -20.03 51.97
C LEU C 161 1.30 -19.60 50.74
N ARG C 162 0.72 -18.71 49.92
CA ARG C 162 1.41 -18.27 48.71
C ARG C 162 2.71 -17.56 49.05
N TYR C 163 2.70 -16.71 50.08
CA TYR C 163 3.91 -15.99 50.45
C TYR C 163 4.90 -16.88 51.19
N ALA C 164 4.43 -17.85 51.98
CA ALA C 164 5.32 -18.74 52.70
C ALA C 164 5.94 -19.81 51.81
N ALA C 165 5.36 -20.06 50.62
CA ALA C 165 5.91 -21.07 49.73
C ALA C 165 7.23 -20.65 49.09
N GLN C 166 7.64 -19.39 49.22
CA GLN C 166 8.85 -18.92 48.58
C GLN C 166 10.07 -19.00 49.49
N LEU C 167 9.91 -18.71 50.77
CA LEU C 167 11.03 -18.76 51.70
C LEU C 167 11.39 -20.21 51.99
N PRO C 168 12.65 -20.62 51.76
CA PRO C 168 12.97 -22.05 51.84
C PRO C 168 12.78 -22.67 53.22
N ALA C 169 13.34 -22.05 54.26
CA ALA C 169 13.23 -22.63 55.60
C ALA C 169 11.78 -22.70 56.06
N LEU C 170 11.03 -21.64 55.85
CA LEU C 170 9.60 -21.64 56.20
C LEU C 170 8.86 -22.67 55.37
N PHE C 171 9.20 -22.80 54.09
CA PHE C 171 8.58 -23.81 53.24
C PHE C 171 8.78 -25.21 53.83
N ARG C 172 10.02 -25.55 54.17
CA ARG C 172 10.30 -26.88 54.71
C ARG C 172 9.61 -27.09 56.05
N ASP C 173 9.63 -26.08 56.92
CA ASP C 173 9.01 -26.23 58.24
C ASP C 173 7.51 -26.46 58.12
N ILE C 174 6.83 -25.65 57.31
CA ILE C 174 5.39 -25.79 57.15
C ILE C 174 5.06 -27.12 56.48
N SER C 175 5.81 -27.48 55.43
CA SER C 175 5.57 -28.76 54.76
C SER C 175 5.81 -29.95 55.67
N MET C 176 6.66 -29.79 56.70
CA MET C 176 6.96 -30.91 57.58
C MET C 176 5.97 -31.04 58.72
N ASN C 177 5.68 -29.96 59.44
CA ASN C 177 4.92 -30.09 60.69
C ASN C 177 3.71 -29.16 60.80
N HIS C 178 3.23 -28.59 59.70
CA HIS C 178 2.01 -27.79 59.83
C HIS C 178 0.93 -28.14 58.83
N LEU C 179 1.30 -28.50 57.60
CA LEU C 179 0.30 -28.69 56.54
C LEU C 179 -0.70 -29.81 56.82
N PRO C 180 -0.31 -31.00 57.30
CA PRO C 180 -1.33 -32.04 57.54
C PRO C 180 -2.42 -31.60 58.52
N GLY C 181 -2.07 -30.81 59.53
CA GLY C 181 -3.08 -30.28 60.42
C GLY C 181 -4.06 -29.36 59.70
N LEU C 182 -3.55 -28.51 58.81
CA LEU C 182 -4.41 -27.64 58.03
C LEU C 182 -5.35 -28.45 57.15
N LEU C 183 -4.83 -29.49 56.49
CA LEU C 183 -5.69 -30.32 55.64
C LEU C 183 -6.74 -31.05 56.45
N THR C 184 -6.37 -31.57 57.62
CA THR C 184 -7.33 -32.25 58.47
C THR C 184 -8.43 -31.31 58.94
N SER C 185 -8.05 -30.10 59.35
CA SER C 185 -9.06 -29.13 59.79
C SER C 185 -9.96 -28.70 58.63
N LEU C 186 -9.38 -28.52 57.44
CA LEU C 186 -10.18 -28.10 56.29
C LEU C 186 -11.17 -29.18 55.88
N LEU C 187 -10.74 -30.45 55.88
CA LEU C 187 -11.66 -31.53 55.51
C LEU C 187 -12.79 -31.66 56.52
N GLY C 188 -12.48 -31.51 57.80
CA GLY C 188 -13.49 -31.66 58.84
C GLY C 188 -14.24 -30.38 59.12
N LEU C 189 -15.04 -29.91 58.17
CA LEU C 189 -15.84 -28.71 58.30
C LEU C 189 -17.32 -29.06 58.16
N ARG C 190 -18.16 -28.15 58.60
CA ARG C 190 -19.60 -28.36 58.53
C ARG C 190 -20.05 -28.41 57.07
N PRO C 191 -21.11 -29.17 56.78
CA PRO C 191 -21.62 -29.24 55.39
C PRO C 191 -22.21 -27.92 54.91
N GLU C 192 -22.33 -26.91 55.77
CA GLU C 192 -22.80 -25.60 55.36
C GLU C 192 -21.70 -24.73 54.77
N CYS C 193 -20.44 -25.11 54.94
CA CYS C 193 -19.31 -24.31 54.48
C CYS C 193 -18.45 -25.06 53.48
N GLU C 194 -19.08 -25.70 52.50
CA GLU C 194 -18.34 -26.47 51.51
C GLU C 194 -17.46 -25.57 50.64
N GLN C 195 -17.95 -24.35 50.34
CA GLN C 195 -17.23 -23.46 49.42
C GLN C 195 -15.88 -23.06 50.00
N SER C 196 -15.85 -22.62 51.26
CA SER C 196 -14.61 -22.16 51.86
C SER C 196 -13.60 -23.29 52.02
N ALA C 197 -14.09 -24.49 52.34
CA ALA C 197 -13.19 -25.64 52.49
C ALA C 197 -12.46 -25.92 51.19
N LEU C 198 -13.19 -25.97 50.08
CA LEU C 198 -12.55 -26.22 48.78
C LEU C 198 -11.66 -25.05 48.38
N GLU C 199 -12.08 -23.82 48.70
CA GLU C 199 -11.25 -22.66 48.35
C GLU C 199 -9.91 -22.71 49.07
N GLY C 200 -9.91 -23.14 50.34
CA GLY C 200 -8.66 -23.28 51.05
C GLY C 200 -7.85 -24.50 50.62
N MET C 201 -8.52 -25.59 50.26
CA MET C 201 -7.80 -26.79 49.87
C MET C 201 -7.14 -26.64 48.51
N LYS C 202 -7.74 -25.84 47.61
CA LYS C 202 -7.06 -25.54 46.35
C LYS C 202 -5.77 -24.78 46.59
N ALA C 203 -5.79 -23.80 47.50
CA ALA C 203 -4.58 -23.08 47.86
C ALA C 203 -3.55 -23.99 48.51
N CYS C 204 -4.00 -24.90 49.37
CA CYS C 204 -3.08 -25.85 50.00
C CYS C 204 -2.43 -26.75 48.96
N MET C 205 -3.20 -27.21 47.99
CA MET C 205 -2.69 -28.12 46.97
C MET C 205 -1.88 -27.41 45.89
N THR C 206 -2.02 -26.09 45.75
CA THR C 206 -1.34 -25.38 44.69
C THR C 206 0.11 -25.04 45.03
N TYR C 207 0.34 -24.38 46.16
CA TYR C 207 1.68 -23.93 46.53
C TYR C 207 2.45 -24.94 47.36
N PHE C 208 1.80 -25.95 47.91
CA PHE C 208 2.44 -26.96 48.77
C PHE C 208 2.07 -28.34 48.26
N PRO C 209 2.57 -28.73 47.08
CA PRO C 209 2.05 -29.94 46.44
C PRO C 209 2.55 -31.23 47.06
N ARG C 210 3.81 -31.27 47.53
CA ARG C 210 4.40 -32.54 47.93
C ARG C 210 3.82 -33.06 49.23
N ALA C 211 3.48 -32.17 50.17
CA ALA C 211 3.15 -32.58 51.52
C ALA C 211 1.71 -33.04 51.69
N CYS C 212 0.87 -32.92 50.66
CA CYS C 212 -0.53 -33.35 50.76
C CYS C 212 -0.76 -34.76 50.26
N GLY C 213 0.29 -35.50 49.89
CA GLY C 213 0.12 -36.84 49.39
C GLY C 213 -0.40 -37.83 50.42
N SER C 214 -0.35 -37.48 51.71
CA SER C 214 -0.83 -38.38 52.75
C SER C 214 -2.33 -38.61 52.64
N LEU C 215 -3.10 -37.54 52.39
CA LEU C 215 -4.56 -37.62 52.38
C LEU C 215 -5.12 -37.63 50.96
N LYS C 216 -4.42 -38.24 50.02
CA LYS C 216 -4.87 -38.22 48.63
C LYS C 216 -6.20 -38.95 48.46
N GLY C 217 -6.39 -40.06 49.18
CA GLY C 217 -7.65 -40.79 49.06
C GLY C 217 -8.84 -39.97 49.52
N LYS C 218 -8.72 -39.33 50.68
CA LYS C 218 -9.81 -38.50 51.18
C LYS C 218 -10.03 -37.29 50.29
N LEU C 219 -8.96 -36.69 49.78
CA LEU C 219 -9.11 -35.55 48.87
C LEU C 219 -9.82 -35.97 47.59
N ALA C 220 -9.46 -37.14 47.05
CA ALA C 220 -10.12 -37.64 45.86
C ALA C 220 -11.60 -37.91 46.11
N SER C 221 -11.92 -38.52 47.25
CA SER C 221 -13.32 -38.76 47.58
C SER C 221 -14.11 -37.46 47.69
N PHE C 222 -13.52 -36.44 48.34
CA PHE C 222 -14.21 -35.18 48.50
C PHE C 222 -14.41 -34.47 47.16
N PHE C 223 -13.35 -34.38 46.35
CA PHE C 223 -13.46 -33.71 45.06
C PHE C 223 -14.27 -34.51 44.05
N LEU C 224 -14.51 -35.80 44.29
CA LEU C 224 -15.32 -36.61 43.40
C LEU C 224 -16.79 -36.64 43.80
N SER C 225 -17.10 -36.49 45.09
CA SER C 225 -18.48 -36.45 45.52
C SER C 225 -19.14 -35.09 45.25
N ARG C 226 -18.34 -34.04 45.06
CA ARG C 226 -18.86 -32.70 44.80
C ARG C 226 -18.70 -32.28 43.34
N VAL C 227 -18.24 -33.18 42.48
CA VAL C 227 -18.01 -32.84 41.08
C VAL C 227 -19.28 -32.78 40.26
N ASP C 228 -20.41 -33.20 40.81
CA ASP C 228 -21.70 -33.13 40.12
C ASP C 228 -22.71 -32.28 40.86
N ALA C 229 -22.25 -31.34 41.67
CA ALA C 229 -23.17 -30.46 42.39
C ALA C 229 -23.88 -29.52 41.43
N LEU C 230 -25.14 -29.20 41.75
CA LEU C 230 -25.95 -28.40 40.84
C LEU C 230 -25.53 -26.94 40.83
N SER C 231 -25.02 -26.44 41.94
CA SER C 231 -24.60 -25.03 42.01
C SER C 231 -23.40 -24.82 41.10
N PRO C 232 -23.46 -23.89 40.14
CA PRO C 232 -22.33 -23.72 39.21
C PRO C 232 -21.02 -23.38 39.90
N GLN C 233 -21.05 -22.55 40.94
CA GLN C 233 -19.82 -22.20 41.63
C GLN C 233 -19.21 -23.42 42.32
N LEU C 234 -20.04 -24.22 42.97
CA LEU C 234 -19.55 -25.42 43.64
C LEU C 234 -18.95 -26.40 42.66
N GLN C 235 -19.63 -26.61 41.52
CA GLN C 235 -19.13 -27.53 40.51
C GLN C 235 -17.81 -27.02 39.93
N GLN C 236 -17.73 -25.72 39.65
CA GLN C 236 -16.49 -25.16 39.10
C GLN C 236 -15.34 -25.32 40.09
N LEU C 237 -15.59 -25.05 41.36
CA LEU C 237 -14.54 -25.19 42.37
C LEU C 237 -14.10 -26.65 42.50
N ALA C 238 -15.05 -27.59 42.51
CA ALA C 238 -14.69 -29.00 42.62
C ALA C 238 -13.88 -29.45 41.41
N CYS C 239 -14.28 -29.02 40.21
CA CYS C 239 -13.54 -29.40 39.01
C CYS C 239 -12.13 -28.81 39.02
N GLU C 240 -12.00 -27.55 39.46
CA GLU C 240 -10.67 -26.94 39.51
C GLU C 240 -9.78 -27.65 40.53
N CYS C 241 -10.33 -28.02 41.69
CA CYS C 241 -9.53 -28.70 42.71
C CYS C 241 -9.16 -30.11 42.29
N TYR C 242 -10.06 -30.80 41.58
CA TYR C 242 -9.83 -32.20 41.24
C TYR C 242 -8.88 -32.38 40.07
N SER C 243 -8.67 -31.35 39.26
CA SER C 243 -7.86 -31.51 38.06
C SER C 243 -6.37 -31.66 38.36
N ARG C 244 -5.92 -31.26 39.55
CA ARG C 244 -4.51 -31.34 39.90
C ARG C 244 -4.19 -32.54 40.78
N LEU C 245 -5.09 -33.51 40.88
CA LEU C 245 -4.81 -34.71 41.66
C LEU C 245 -3.57 -35.46 41.21
N PRO C 246 -3.30 -35.66 39.90
CA PRO C 246 -2.06 -36.35 39.52
C PRO C 246 -0.79 -35.56 39.79
N SER C 247 -0.87 -34.38 40.42
CA SER C 247 0.32 -33.57 40.65
C SER C 247 0.94 -33.82 42.02
N LEU C 248 0.13 -34.11 43.03
CA LEU C 248 0.65 -34.35 44.36
C LEU C 248 1.51 -35.61 44.41
N GLY C 249 2.47 -35.61 45.32
CA GLY C 249 3.35 -36.76 45.48
C GLY C 249 4.76 -36.38 45.90
N HIS C 258 5.11 -38.64 38.12
CA HIS C 258 4.02 -37.72 37.82
C HIS C 258 3.50 -37.93 36.40
N THR C 259 4.41 -38.21 35.47
CA THR C 259 4.02 -38.46 34.09
C THR C 259 3.14 -39.69 33.98
N GLU C 260 3.50 -40.76 34.71
CA GLU C 260 2.70 -41.98 34.67
C GLU C 260 1.32 -41.75 35.29
N SER C 261 1.24 -40.94 36.34
CA SER C 261 -0.04 -40.64 36.96
C SER C 261 -0.90 -39.70 36.12
N TRP C 262 -0.31 -39.05 35.12
CA TRP C 262 -1.07 -38.13 34.27
C TRP C 262 -1.88 -38.90 33.24
N GLU C 263 -1.21 -39.69 32.40
CA GLU C 263 -1.92 -40.42 31.36
C GLU C 263 -2.86 -41.47 31.95
N GLN C 264 -2.52 -42.02 33.11
CA GLN C 264 -3.38 -43.03 33.73
C GLN C 264 -4.74 -42.43 34.11
N GLU C 265 -4.75 -41.23 34.65
CA GLU C 265 -6.01 -40.57 34.98
C GLU C 265 -6.77 -40.18 33.73
N LEU C 266 -6.07 -39.67 32.70
CA LEU C 266 -6.76 -39.20 31.51
C LEU C 266 -7.41 -40.35 30.73
N HIS C 267 -6.85 -41.55 30.81
CA HIS C 267 -7.46 -42.69 30.13
C HIS C 267 -8.64 -43.26 30.91
N SER C 268 -8.89 -42.78 32.13
CA SER C 268 -10.08 -43.16 32.87
C SER C 268 -11.21 -42.16 32.67
N LEU C 269 -10.88 -40.86 32.58
CA LEU C 269 -11.91 -39.86 32.27
C LEU C 269 -12.48 -40.08 30.88
N LEU C 270 -11.62 -40.39 29.91
CA LEU C 270 -12.11 -40.66 28.56
C LEU C 270 -12.80 -42.02 28.45
N ALA C 271 -12.68 -42.87 29.46
CA ALA C 271 -13.43 -44.12 29.50
C ALA C 271 -14.79 -43.95 30.16
N SER C 272 -14.86 -43.13 31.21
CA SER C 272 -16.15 -42.84 31.83
C SER C 272 -17.04 -42.03 30.89
N LEU C 273 -16.45 -41.05 30.19
CA LEU C 273 -17.24 -40.26 29.24
C LEU C 273 -17.74 -41.11 28.09
N HIS C 274 -16.99 -42.14 27.69
CA HIS C 274 -17.45 -43.03 26.64
C HIS C 274 -18.58 -43.94 27.10
N THR C 275 -18.86 -43.99 28.40
CA THR C 275 -19.96 -44.79 28.94
C THR C 275 -21.22 -43.97 29.16
N LEU C 276 -21.09 -42.76 29.72
CA LEU C 276 -22.25 -41.90 29.92
C LEU C 276 -22.89 -41.50 28.60
N LEU C 277 -22.08 -41.33 27.55
CA LEU C 277 -22.63 -41.01 26.25
C LEU C 277 -23.45 -42.17 25.69
N GLY C 278 -23.11 -43.41 26.05
CA GLY C 278 -23.90 -44.55 25.65
C GLY C 278 -25.23 -44.67 26.35
N ALA C 279 -25.35 -44.08 27.54
CA ALA C 279 -26.61 -44.06 28.28
C ALA C 279 -27.35 -42.73 28.11
N LEU C 280 -26.85 -41.84 27.25
CA LEU C 280 -27.47 -40.56 26.98
C LEU C 280 -27.91 -40.38 25.54
N TYR C 281 -27.32 -41.11 24.60
CA TYR C 281 -27.61 -41.00 23.17
C TYR C 281 -28.13 -42.33 22.62
N GLU C 282 -29.04 -42.97 23.33
CA GLU C 282 -29.49 -44.30 22.90
C GLU C 282 -30.53 -44.20 21.79
N GLY C 283 -30.26 -43.40 20.76
CA GLY C 283 -31.08 -43.39 19.58
C GLY C 283 -30.26 -43.40 18.30
N ALA C 284 -28.97 -43.17 18.44
CA ALA C 284 -28.04 -43.21 17.32
C ALA C 284 -26.80 -44.04 17.60
N GLU C 285 -26.30 -44.00 18.83
CA GLU C 285 -25.08 -44.72 19.19
C GLU C 285 -25.42 -45.99 19.98
N ALA C 307 -36.52 -39.53 33.08
CA ALA C 307 -37.21 -38.65 34.01
C ALA C 307 -36.20 -37.81 34.80
N HIS C 308 -35.72 -38.37 35.91
CA HIS C 308 -34.72 -37.71 36.74
C HIS C 308 -33.34 -38.34 36.66
N VAL C 309 -33.23 -39.56 36.14
CA VAL C 309 -31.91 -40.18 35.98
C VAL C 309 -31.12 -39.44 34.91
N LEU C 310 -31.78 -39.01 33.84
CA LEU C 310 -31.11 -38.26 32.79
C LEU C 310 -30.59 -36.91 33.27
N LEU C 311 -31.34 -36.22 34.13
CA LEU C 311 -30.90 -34.93 34.65
C LEU C 311 -29.69 -35.05 35.56
N GLN C 312 -29.44 -36.24 36.11
CA GLN C 312 -28.21 -36.50 36.86
C GLN C 312 -27.07 -37.01 35.98
N LEU C 313 -27.40 -37.81 34.96
CA LEU C 313 -26.37 -38.27 34.04
C LEU C 313 -25.77 -37.09 33.27
N ARG C 314 -26.60 -36.12 32.89
CA ARG C 314 -26.09 -34.94 32.21
C ARG C 314 -25.12 -34.17 33.11
N GLN C 315 -25.46 -34.01 34.39
CA GLN C 315 -24.57 -33.32 35.31
C GLN C 315 -23.27 -34.08 35.50
N ARG C 316 -23.35 -35.40 35.62
CA ARG C 316 -22.14 -36.21 35.74
C ARG C 316 -21.25 -36.07 34.52
N PHE C 317 -21.86 -36.10 33.32
CA PHE C 317 -21.09 -35.92 32.09
C PHE C 317 -20.45 -34.55 32.03
N SER C 318 -21.19 -33.51 32.41
CA SER C 318 -20.63 -32.16 32.40
C SER C 318 -19.45 -32.05 33.34
N GLY C 319 -19.57 -32.61 34.55
CA GLY C 319 -18.46 -32.56 35.49
C GLY C 319 -17.24 -33.30 34.99
N LEU C 320 -17.44 -34.52 34.46
CA LEU C 320 -16.32 -35.31 34.00
C LEU C 320 -15.70 -34.78 32.72
N ALA C 321 -16.44 -33.98 31.94
CA ALA C 321 -15.83 -33.33 30.79
C ALA C 321 -15.09 -32.05 31.18
N ARG C 322 -15.63 -31.29 32.15
CA ARG C 322 -14.92 -30.12 32.62
C ARG C 322 -13.62 -30.49 33.32
N CYS C 323 -13.60 -31.61 34.04
CA CYS C 323 -12.36 -32.07 34.67
C CYS C 323 -11.29 -32.36 33.62
N LEU C 324 -11.66 -33.06 32.55
CA LEU C 324 -10.71 -33.33 31.48
C LEU C 324 -10.24 -32.05 30.80
N GLY C 325 -11.17 -31.13 30.55
CA GLY C 325 -10.79 -29.87 29.93
C GLY C 325 -9.81 -29.08 30.78
N LEU C 326 -10.00 -29.09 32.11
CA LEU C 326 -9.05 -28.43 32.99
C LEU C 326 -7.73 -29.18 33.04
N MET C 327 -7.76 -30.51 32.97
CA MET C 327 -6.53 -31.29 32.97
C MET C 327 -5.66 -30.97 31.77
N LEU C 328 -6.28 -30.83 30.59
CA LEU C 328 -5.51 -30.65 29.37
C LEU C 328 -4.81 -29.30 29.29
N SER C 329 -5.33 -28.27 29.95
CA SER C 329 -4.88 -26.89 29.74
C SER C 329 -4.53 -26.22 31.07
N SER C 330 -3.72 -26.89 31.88
CA SER C 330 -3.26 -26.34 33.15
C SER C 330 -1.75 -26.53 33.24
N GLU C 331 -1.18 -26.12 34.37
CA GLU C 331 0.25 -26.25 34.59
C GLU C 331 0.61 -27.69 34.94
N PHE C 332 1.90 -28.00 34.81
CA PHE C 332 2.43 -29.29 35.19
C PHE C 332 3.95 -29.20 35.28
N GLY C 333 4.53 -30.04 36.13
CA GLY C 333 5.97 -30.02 36.35
C GLY C 333 6.72 -31.16 35.68
N ALA C 334 6.11 -31.79 34.68
CA ALA C 334 6.76 -32.91 34.01
C ALA C 334 6.17 -33.07 32.61
N PRO C 335 6.99 -33.39 31.61
CA PRO C 335 6.45 -33.61 30.27
C PRO C 335 5.47 -34.77 30.25
N VAL C 336 4.41 -34.61 29.44
CA VAL C 336 3.36 -35.62 29.32
C VAL C 336 3.12 -35.92 27.86
N SER C 337 2.55 -37.09 27.61
CA SER C 337 2.22 -37.54 26.26
C SER C 337 0.70 -37.46 26.10
N VAL C 338 0.24 -36.45 25.35
CA VAL C 338 -1.18 -36.19 25.17
C VAL C 338 -1.75 -37.15 24.13
N PRO C 339 -2.79 -37.91 24.45
CA PRO C 339 -3.44 -38.78 23.44
C PRO C 339 -4.43 -37.99 22.59
N VAL C 340 -3.89 -37.32 21.56
CA VAL C 340 -4.69 -36.40 20.77
C VAL C 340 -5.73 -37.15 19.96
N GLN C 341 -5.35 -38.31 19.41
CA GLN C 341 -6.27 -39.03 18.53
C GLN C 341 -7.50 -39.52 19.29
N GLU C 342 -7.32 -40.03 20.51
CA GLU C 342 -8.46 -40.49 21.29
C GLU C 342 -9.40 -39.34 21.65
N ILE C 343 -8.84 -38.20 22.05
CA ILE C 343 -9.67 -37.05 22.39
C ILE C 343 -10.44 -36.56 21.17
N LEU C 344 -9.78 -36.51 20.01
CA LEU C 344 -10.46 -36.07 18.80
C LEU C 344 -11.55 -37.06 18.39
N ASP C 345 -11.29 -38.36 18.57
CA ASP C 345 -12.33 -39.35 18.27
C ASP C 345 -13.53 -39.17 19.17
N PHE C 346 -13.30 -38.95 20.47
CA PHE C 346 -14.42 -38.72 21.38
C PHE C 346 -15.20 -37.46 21.01
N ILE C 347 -14.48 -36.39 20.67
CA ILE C 347 -15.14 -35.15 20.30
C ILE C 347 -15.98 -35.34 19.05
N CYS C 348 -15.44 -36.06 18.06
CA CYS C 348 -16.19 -36.30 16.84
C CYS C 348 -17.40 -37.20 17.09
N ARG C 349 -17.29 -38.15 18.01
CA ARG C 349 -18.45 -38.97 18.36
C ARG C 349 -19.52 -38.13 19.04
N THR C 350 -19.13 -37.24 19.94
CA THR C 350 -20.11 -36.43 20.66
C THR C 350 -20.89 -35.53 19.71
N LEU C 351 -20.20 -34.91 18.76
CA LEU C 351 -20.82 -33.99 17.81
C LEU C 351 -21.43 -34.70 16.61
N SER C 352 -21.68 -36.00 16.71
CA SER C 352 -22.22 -36.79 15.62
C SER C 352 -23.74 -36.92 15.66
N VAL C 353 -24.31 -37.04 16.85
CA VAL C 353 -25.76 -37.22 16.99
C VAL C 353 -26.43 -35.85 16.93
N SER C 354 -27.36 -35.67 16.01
CA SER C 354 -28.12 -34.46 15.85
C SER C 354 -29.58 -34.71 16.22
N SER C 355 -30.40 -33.66 16.10
CA SER C 355 -31.80 -33.76 16.48
C SER C 355 -32.59 -34.68 15.55
N LYS C 356 -32.13 -34.88 14.32
CA LYS C 356 -32.87 -35.69 13.36
C LYS C 356 -32.81 -37.18 13.65
N ASN C 357 -31.95 -37.61 14.57
CA ASN C 357 -31.86 -39.02 14.93
C ASN C 357 -32.51 -39.36 16.26
N ILE C 358 -32.75 -38.37 17.12
CA ILE C 358 -33.37 -38.63 18.41
C ILE C 358 -34.85 -38.95 18.22
N SER C 359 -35.29 -40.06 18.81
CA SER C 359 -36.67 -40.47 18.68
C SER C 359 -37.59 -39.50 19.42
N LEU C 360 -38.88 -39.54 19.08
CA LEU C 360 -39.88 -38.66 19.68
C LEU C 360 -41.02 -39.46 20.31
N HIS C 361 -40.74 -40.69 20.74
CA HIS C 361 -41.74 -41.55 21.37
C HIS C 361 -41.16 -42.07 22.69
N GLY C 362 -41.54 -41.42 23.79
CA GLY C 362 -41.07 -41.81 25.09
C GLY C 362 -40.21 -40.77 25.76
N ASP C 363 -39.01 -41.14 26.16
CA ASP C 363 -38.06 -40.21 26.77
C ASP C 363 -37.35 -39.34 25.75
N GLY C 364 -37.79 -39.36 24.50
CA GLY C 364 -37.17 -38.61 23.43
C GLY C 364 -37.09 -37.11 23.64
N PRO C 365 -38.21 -36.48 24.03
CA PRO C 365 -38.16 -35.03 24.30
C PRO C 365 -37.14 -34.65 25.35
N LEU C 366 -36.98 -35.46 26.39
CA LEU C 366 -36.00 -35.12 27.43
C LEU C 366 -34.58 -35.19 26.89
N ARG C 367 -34.26 -36.21 26.10
CA ARG C 367 -32.92 -36.30 25.52
C ARG C 367 -32.68 -35.17 24.52
N LEU C 368 -33.69 -34.83 23.72
CA LEU C 368 -33.54 -33.76 22.74
C LEU C 368 -33.38 -32.41 23.43
N LEU C 369 -34.02 -32.22 24.59
CA LEU C 369 -33.85 -30.97 25.32
C LEU C 369 -32.42 -30.82 25.84
N LEU C 370 -31.79 -31.94 26.21
CA LEU C 370 -30.43 -31.92 26.74
C LEU C 370 -29.36 -31.90 25.66
N LEU C 371 -29.75 -31.94 24.38
CA LEU C 371 -28.77 -32.06 23.30
C LEU C 371 -27.79 -30.91 23.22
N PRO C 372 -28.20 -29.63 23.22
CA PRO C 372 -27.22 -28.56 23.03
C PRO C 372 -26.13 -28.51 24.10
N SER C 373 -26.45 -28.87 25.35
CA SER C 373 -25.46 -28.79 26.41
C SER C 373 -24.29 -29.74 26.15
N ILE C 374 -24.57 -30.95 25.66
CA ILE C 374 -23.51 -31.91 25.41
C ILE C 374 -22.63 -31.48 24.24
N HIS C 375 -23.25 -30.93 23.18
CA HIS C 375 -22.46 -30.40 22.09
C HIS C 375 -21.59 -29.23 22.54
N LEU C 376 -22.13 -28.38 23.41
CA LEU C 376 -21.32 -27.29 23.98
C LEU C 376 -20.17 -27.83 24.80
N GLU C 377 -20.38 -28.90 25.55
CA GLU C 377 -19.30 -29.51 26.31
C GLU C 377 -18.21 -30.05 25.38
N ALA C 378 -18.62 -30.70 24.28
CA ALA C 378 -17.64 -31.19 23.32
C ALA C 378 -16.85 -30.05 22.70
N LEU C 379 -17.52 -28.94 22.36
CA LEU C 379 -16.83 -27.79 21.82
C LEU C 379 -15.86 -27.19 22.83
N ASP C 380 -16.22 -27.18 24.11
CA ASP C 380 -15.30 -26.72 25.14
C ASP C 380 -14.07 -27.62 25.21
N LEU C 381 -14.27 -28.94 25.09
CA LEU C 381 -13.13 -29.85 25.05
C LEU C 381 -12.24 -29.57 23.84
N LEU C 382 -12.85 -29.28 22.69
CA LEU C 382 -12.06 -28.94 21.51
C LEU C 382 -11.26 -27.66 21.72
N SER C 383 -11.88 -26.66 22.35
CA SER C 383 -11.16 -25.42 22.66
C SER C 383 -9.98 -25.69 23.58
N ALA C 384 -10.17 -26.52 24.60
CA ALA C 384 -9.07 -26.86 25.50
C ALA C 384 -7.95 -27.57 24.75
N LEU C 385 -8.31 -28.51 23.86
CA LEU C 385 -7.31 -29.22 23.08
C LEU C 385 -6.51 -28.27 22.22
N ILE C 386 -7.19 -27.35 21.52
CA ILE C 386 -6.48 -26.41 20.65
C ILE C 386 -5.59 -25.49 21.49
N LEU C 387 -6.08 -25.06 22.66
CA LEU C 387 -5.29 -24.18 23.52
C LEU C 387 -4.06 -24.89 24.06
N ALA C 388 -4.15 -26.20 24.31
CA ALA C 388 -3.04 -26.93 24.92
C ALA C 388 -2.01 -27.39 23.89
N CYS C 389 -2.45 -28.08 22.85
CA CYS C 389 -1.49 -28.64 21.88
C CYS C 389 -0.73 -27.54 21.14
N GLY C 390 -1.43 -26.52 20.69
CA GLY C 390 -0.79 -25.40 20.02
C GLY C 390 -0.86 -25.54 18.51
N SER C 391 0.29 -25.38 17.85
CA SER C 391 0.37 -25.41 16.40
C SER C 391 0.79 -26.76 15.86
N ARG C 392 0.84 -27.78 16.70
CA ARG C 392 1.22 -29.13 16.29
C ARG C 392 0.05 -29.94 15.78
N LEU C 393 -1.12 -29.33 15.64
CA LEU C 393 -2.32 -30.02 15.20
C LEU C 393 -2.57 -29.90 13.70
N LEU C 394 -1.58 -29.45 12.93
CA LEU C 394 -1.79 -29.29 11.50
C LEU C 394 -2.08 -30.61 10.81
N ARG C 395 -1.66 -31.72 11.40
CA ARG C 395 -1.92 -33.03 10.80
C ARG C 395 -3.40 -33.40 10.91
N PHE C 396 -4.05 -33.02 12.01
CA PHE C 396 -5.48 -33.22 12.20
C PHE C 396 -6.28 -31.98 11.81
N GLY C 397 -5.61 -30.99 11.23
CA GLY C 397 -6.31 -29.79 10.79
C GLY C 397 -7.46 -30.06 9.85
N ILE C 398 -7.39 -31.12 9.05
CA ILE C 398 -8.50 -31.43 8.15
C ILE C 398 -9.75 -31.78 8.96
N LEU C 399 -9.60 -32.65 9.96
CA LEU C 399 -10.72 -33.00 10.82
C LEU C 399 -11.23 -31.79 11.59
N ILE C 400 -10.30 -30.99 12.12
CA ILE C 400 -10.72 -29.83 12.90
C ILE C 400 -11.47 -28.83 12.04
N GLY C 401 -11.01 -28.58 10.81
CA GLY C 401 -11.69 -27.66 9.92
C GLY C 401 -12.97 -28.21 9.33
N ARG C 402 -13.13 -29.53 9.31
CA ARG C 402 -14.40 -30.11 8.89
C ARG C 402 -15.42 -30.14 10.01
N LEU C 403 -14.97 -30.19 11.27
CA LEU C 403 -15.91 -30.28 12.38
C LEU C 403 -16.78 -29.03 12.50
N LEU C 404 -16.20 -27.85 12.32
CA LEU C 404 -16.96 -26.62 12.55
C LEU C 404 -18.15 -26.46 11.60
N PRO C 405 -18.02 -26.60 10.28
CA PRO C 405 -19.20 -26.46 9.42
C PRO C 405 -20.30 -27.46 9.75
N GLN C 406 -19.94 -28.69 10.13
CA GLN C 406 -20.95 -29.68 10.47
C GLN C 406 -21.72 -29.27 11.73
N VAL C 407 -21.01 -28.79 12.76
CA VAL C 407 -21.68 -28.34 13.97
C VAL C 407 -22.57 -27.15 13.70
N LEU C 408 -22.09 -26.20 12.88
CA LEU C 408 -22.93 -25.06 12.52
C LEU C 408 -24.15 -25.50 11.72
N ASN C 409 -24.00 -26.50 10.86
CA ASN C 409 -25.11 -26.97 10.03
C ASN C 409 -26.16 -27.70 10.86
N SER C 410 -25.74 -28.46 11.87
CA SER C 410 -26.70 -29.21 12.68
C SER C 410 -27.43 -28.34 13.70
N TRP C 411 -27.07 -27.07 13.84
CA TRP C 411 -27.67 -26.17 14.82
C TRP C 411 -28.02 -24.83 14.17
N SER C 412 -28.68 -24.89 13.01
CA SER C 412 -29.11 -23.69 12.31
C SER C 412 -30.60 -23.76 12.03
N ILE C 413 -31.29 -22.65 12.22
CA ILE C 413 -32.72 -22.55 11.93
C ILE C 413 -33.04 -21.19 11.34
N GLN C 422 -36.59 -10.44 17.27
CA GLN C 422 -36.61 -11.78 17.86
C GLN C 422 -35.27 -12.49 17.65
N GLU C 423 -34.63 -12.85 18.76
CA GLU C 423 -33.35 -13.54 18.67
C GLU C 423 -33.54 -14.95 18.12
N ARG C 424 -32.65 -15.34 17.23
CA ARG C 424 -32.73 -16.66 16.61
C ARG C 424 -32.43 -17.75 17.64
N PRO C 425 -33.00 -18.94 17.47
CA PRO C 425 -32.71 -20.04 18.40
C PRO C 425 -31.28 -20.55 18.24
N TYR C 426 -30.79 -21.18 19.30
CA TYR C 426 -29.43 -21.71 19.37
C TYR C 426 -28.39 -20.60 19.12
N SER C 427 -28.41 -19.61 20.01
CA SER C 427 -27.50 -18.48 19.90
C SER C 427 -26.24 -18.65 20.73
N THR C 428 -26.06 -19.79 21.39
CA THR C 428 -24.87 -20.05 22.19
C THR C 428 -23.90 -21.01 21.52
N VAL C 429 -24.40 -21.98 20.76
CA VAL C 429 -23.53 -22.94 20.09
C VAL C 429 -22.76 -22.27 18.96
N ARG C 430 -23.45 -21.45 18.16
CA ARG C 430 -22.79 -20.81 17.02
C ARG C 430 -21.72 -19.83 17.46
N THR C 431 -21.98 -19.09 18.54
CA THR C 431 -20.96 -18.20 19.07
C THR C 431 -19.73 -18.98 19.53
N LYS C 432 -19.95 -20.14 20.17
CA LYS C 432 -18.85 -20.98 20.59
C LYS C 432 -18.04 -21.47 19.39
N VAL C 433 -18.72 -21.86 18.31
CA VAL C 433 -18.02 -22.34 17.13
C VAL C 433 -17.19 -21.21 16.49
N TYR C 434 -17.75 -20.00 16.43
CA TYR C 434 -16.98 -18.89 15.90
C TYR C 434 -15.79 -18.55 16.78
N ALA C 435 -15.93 -18.62 18.10
CA ALA C 435 -14.77 -18.45 18.98
C ALA C 435 -13.73 -19.55 18.75
N ILE C 436 -14.18 -20.77 18.49
CA ILE C 436 -13.26 -21.86 18.18
C ILE C 436 -12.47 -21.55 16.90
N LEU C 437 -13.16 -21.05 15.88
CA LEU C 437 -12.48 -20.70 14.63
C LEU C 437 -11.47 -19.58 14.86
N GLU C 438 -11.85 -18.57 15.65
CA GLU C 438 -10.91 -17.49 15.94
C GLU C 438 -9.69 -18.01 16.67
N LEU C 439 -9.89 -18.88 17.65
CA LEU C 439 -8.76 -19.46 18.38
C LEU C 439 -7.87 -20.29 17.47
N TRP C 440 -8.48 -21.09 16.59
CA TRP C 440 -7.72 -21.95 15.68
C TRP C 440 -6.87 -21.11 14.73
N VAL C 441 -7.43 -20.03 14.20
CA VAL C 441 -6.64 -19.16 13.33
C VAL C 441 -5.56 -18.44 14.14
N GLN C 442 -5.86 -18.07 15.39
CA GLN C 442 -4.88 -17.37 16.21
C GLN C 442 -3.67 -18.23 16.52
N VAL C 443 -3.87 -19.49 16.91
CA VAL C 443 -2.73 -20.32 17.30
C VAL C 443 -1.89 -20.70 16.09
N CYS C 444 -2.53 -21.08 14.98
CA CYS C 444 -1.78 -21.56 13.82
C CYS C 444 -1.09 -20.40 13.11
N GLY C 445 -1.87 -19.45 12.61
CA GLY C 445 -1.32 -18.32 11.88
C GLY C 445 -1.63 -18.38 10.41
N ALA C 446 -0.60 -18.41 9.57
CA ALA C 446 -0.78 -18.50 8.14
C ALA C 446 -0.96 -19.93 7.65
N SER C 447 -0.79 -20.92 8.53
CA SER C 447 -0.92 -22.33 8.17
C SER C 447 -2.29 -22.90 8.52
N ALA C 448 -3.25 -22.04 8.91
CA ALA C 448 -4.54 -22.54 9.35
C ALA C 448 -5.26 -23.27 8.22
N GLY C 449 -5.19 -22.74 7.00
CA GLY C 449 -5.90 -23.34 5.88
C GLY C 449 -7.41 -23.24 5.98
N MET C 450 -7.93 -22.10 6.43
CA MET C 450 -9.35 -21.87 6.54
C MET C 450 -9.85 -21.03 5.36
N LEU C 451 -11.07 -21.33 4.93
CA LEU C 451 -11.80 -20.57 3.91
C LEU C 451 -11.14 -20.60 2.54
N GLN C 452 -10.10 -21.41 2.36
CA GLN C 452 -9.36 -21.48 1.09
C GLN C 452 -9.58 -22.87 0.49
N GLY C 453 -10.59 -22.97 -0.36
CA GLY C 453 -10.82 -24.19 -1.13
C GLY C 453 -11.44 -25.31 -0.34
N GLY C 454 -12.34 -26.05 -0.98
CA GLY C 454 -12.97 -27.20 -0.38
C GLY C 454 -14.42 -26.94 -0.01
N ALA C 455 -15.18 -28.03 0.04
CA ALA C 455 -16.59 -27.93 0.42
C ALA C 455 -16.75 -27.42 1.85
N SER C 456 -15.89 -27.87 2.75
CA SER C 456 -15.94 -27.38 4.13
C SER C 456 -15.65 -25.89 4.20
N GLY C 457 -14.65 -25.42 3.45
CA GLY C 457 -14.35 -24.00 3.43
C GLY C 457 -15.50 -23.18 2.86
N GLU C 458 -16.10 -23.65 1.77
CA GLU C 458 -17.22 -22.93 1.18
C GLU C 458 -18.42 -22.91 2.13
N ALA C 459 -18.67 -24.01 2.84
CA ALA C 459 -19.77 -24.03 3.80
C ALA C 459 -19.51 -23.07 4.95
N LEU C 460 -18.26 -23.02 5.43
CA LEU C 460 -17.93 -22.06 6.49
C LEU C 460 -18.12 -20.63 6.02
N LEU C 461 -17.71 -20.32 4.79
CA LEU C 461 -17.90 -18.98 4.27
C LEU C 461 -19.38 -18.65 4.14
N THR C 462 -20.19 -19.59 3.66
CA THR C 462 -21.62 -19.35 3.53
C THR C 462 -22.26 -19.11 4.90
N HIS C 463 -21.86 -19.90 5.91
CA HIS C 463 -22.42 -19.70 7.24
C HIS C 463 -21.99 -18.36 7.82
N LEU C 464 -20.75 -17.93 7.57
CA LEU C 464 -20.28 -16.66 8.10
C LEU C 464 -20.98 -15.49 7.42
N LEU C 465 -21.30 -15.62 6.13
CA LEU C 465 -21.94 -14.54 5.39
C LEU C 465 -23.44 -14.43 5.66
N SER C 466 -24.06 -15.44 6.25
CA SER C 466 -25.47 -15.40 6.59
C SER C 466 -25.70 -15.00 8.04
N ASP C 467 -24.64 -14.64 8.77
CA ASP C 467 -24.75 -14.22 10.15
C ASP C 467 -24.43 -12.75 10.36
N ILE C 468 -23.64 -12.14 9.48
CA ILE C 468 -23.30 -10.73 9.62
C ILE C 468 -24.22 -9.83 8.82
N SER C 469 -24.96 -10.36 7.85
CA SER C 469 -25.90 -9.55 7.10
C SER C 469 -27.12 -9.21 7.97
N PRO C 470 -27.54 -7.95 7.99
CA PRO C 470 -28.64 -7.55 8.86
C PRO C 470 -29.98 -7.96 8.27
N PRO C 471 -30.86 -8.60 9.07
CA PRO C 471 -32.19 -9.02 8.63
C PRO C 471 -33.05 -7.85 8.15
N ARG C 513 -44.62 -3.05 18.72
CA ARG C 513 -44.37 -4.49 18.63
C ARG C 513 -43.34 -4.92 19.66
N LYS C 514 -43.69 -5.91 20.46
CA LYS C 514 -42.80 -6.42 21.50
C LYS C 514 -41.56 -7.04 20.86
N GLY C 515 -40.38 -6.58 21.30
CA GLY C 515 -39.16 -7.08 20.73
C GLY C 515 -37.96 -6.39 21.32
N ASP C 516 -36.82 -6.57 20.66
CA ASP C 516 -35.55 -6.00 21.10
C ASP C 516 -34.91 -5.24 19.96
N SER C 517 -34.07 -4.27 20.30
CA SER C 517 -33.40 -3.46 19.28
C SER C 517 -32.22 -4.20 18.68
N ASN C 518 -31.30 -4.67 19.52
CA ASN C 518 -30.08 -5.35 19.06
C ASN C 518 -30.27 -6.86 19.05
N ALA C 519 -31.26 -7.31 18.28
CA ALA C 519 -31.51 -8.74 18.13
C ALA C 519 -30.35 -9.40 17.39
N ASN C 520 -29.92 -10.55 17.90
CA ASN C 520 -28.80 -11.31 17.32
C ASN C 520 -27.53 -10.46 17.29
N SER C 521 -27.20 -9.83 18.42
CA SER C 521 -26.05 -8.96 18.49
C SER C 521 -24.80 -9.64 19.03
N ASP C 522 -24.88 -10.92 19.40
CA ASP C 522 -23.71 -11.67 19.83
C ASP C 522 -23.15 -12.54 18.73
N VAL C 523 -24.02 -13.12 17.89
CA VAL C 523 -23.55 -13.92 16.76
C VAL C 523 -22.90 -13.03 15.71
N CYS C 524 -23.50 -11.86 15.45
CA CYS C 524 -22.95 -10.96 14.44
C CYS C 524 -21.60 -10.38 14.84
N ALA C 525 -21.25 -10.41 16.12
CA ALA C 525 -19.94 -9.93 16.54
C ALA C 525 -18.88 -11.01 16.46
N ALA C 526 -19.21 -12.23 16.90
CA ALA C 526 -18.24 -13.32 16.84
C ALA C 526 -17.91 -13.69 15.40
N ALA C 527 -18.90 -13.69 14.52
CA ALA C 527 -18.65 -14.00 13.12
C ALA C 527 -17.68 -13.00 12.51
N LEU C 528 -17.88 -11.71 12.77
CA LEU C 528 -16.97 -10.69 12.25
C LEU C 528 -15.59 -10.82 12.87
N ARG C 529 -15.52 -11.10 14.18
CA ARG C 529 -14.22 -11.21 14.83
C ARG C 529 -13.45 -12.43 14.34
N GLY C 530 -14.14 -13.45 13.86
CA GLY C 530 -13.46 -14.58 13.25
C GLY C 530 -13.05 -14.31 11.82
N LEU C 531 -13.96 -13.71 11.04
CA LEU C 531 -13.70 -13.44 9.64
C LEU C 531 -12.55 -12.46 9.45
N SER C 532 -12.50 -11.41 10.28
CA SER C 532 -11.43 -10.44 10.16
C SER C 532 -10.07 -11.07 10.42
N ARG C 533 -9.96 -11.90 11.46
CA ARG C 533 -8.71 -12.57 11.76
C ARG C 533 -8.33 -13.53 10.64
N THR C 534 -9.30 -14.30 10.12
CA THR C 534 -9.00 -15.24 9.06
C THR C 534 -8.49 -14.52 7.81
N ILE C 535 -9.13 -13.40 7.45
CA ILE C 535 -8.70 -12.67 6.27
C ILE C 535 -7.35 -12.01 6.49
N LEU C 536 -7.11 -11.46 7.69
CA LEU C 536 -5.87 -10.74 7.93
C LEU C 536 -4.68 -11.68 7.97
N MET C 537 -4.84 -12.89 8.52
CA MET C 537 -3.71 -13.80 8.65
C MET C 537 -3.42 -14.54 7.34
N CYS C 538 -4.38 -15.33 6.86
CA CYS C 538 -4.22 -16.08 5.62
C CYS C 538 -4.96 -15.39 4.47
N GLY C 539 -4.52 -14.18 4.17
CA GLY C 539 -5.18 -13.35 3.18
C GLY C 539 -4.85 -13.67 1.75
N PRO C 540 -3.60 -13.50 1.34
CA PRO C 540 -3.25 -13.64 -0.08
C PRO C 540 -3.39 -15.04 -0.63
N LEU C 541 -3.68 -16.04 0.21
CA LEU C 541 -3.85 -17.41 -0.26
C LEU C 541 -5.30 -17.78 -0.54
N ILE C 542 -6.22 -16.82 -0.42
CA ILE C 542 -7.64 -17.05 -0.69
C ILE C 542 -7.93 -16.61 -2.11
N LYS C 543 -8.80 -17.36 -2.80
CA LYS C 543 -9.12 -17.06 -4.19
C LYS C 543 -9.81 -15.70 -4.30
N GLU C 544 -9.65 -15.08 -5.47
CA GLU C 544 -10.15 -13.71 -5.68
C GLU C 544 -11.66 -13.62 -5.53
N GLU C 545 -12.37 -14.72 -5.79
CA GLU C 545 -13.83 -14.67 -5.73
C GLU C 545 -14.33 -14.36 -4.33
N THR C 546 -13.70 -14.94 -3.31
CA THR C 546 -14.11 -14.67 -1.93
C THR C 546 -13.87 -13.21 -1.56
N HIS C 547 -12.71 -12.67 -1.94
CA HIS C 547 -12.42 -11.26 -1.64
C HIS C 547 -13.39 -10.34 -2.36
N ARG C 548 -13.73 -10.66 -3.61
CA ARG C 548 -14.68 -9.83 -4.35
C ARG C 548 -16.08 -9.92 -3.76
N ARG C 549 -16.48 -11.11 -3.30
CA ARG C 549 -17.77 -11.25 -2.65
C ARG C 549 -17.83 -10.44 -1.37
N LEU C 550 -16.73 -10.43 -0.60
CA LEU C 550 -16.70 -9.65 0.63
C LEU C 550 -16.62 -8.15 0.37
N HIS C 551 -16.02 -7.74 -0.76
CA HIS C 551 -15.97 -6.32 -1.09
C HIS C 551 -17.35 -5.75 -1.39
N ASP C 552 -18.23 -6.54 -2.01
CA ASP C 552 -19.58 -6.10 -2.35
C ASP C 552 -20.52 -6.10 -1.16
N LEU C 553 -20.10 -6.62 0.00
CA LEU C 553 -20.93 -6.68 1.19
C LEU C 553 -20.50 -5.69 2.26
N VAL C 554 -19.21 -5.64 2.59
CA VAL C 554 -18.76 -4.79 3.68
C VAL C 554 -18.84 -3.32 3.30
N LEU C 555 -18.44 -2.97 2.07
CA LEU C 555 -18.42 -1.56 1.68
C LEU C 555 -19.81 -0.95 1.64
N PRO C 556 -20.83 -1.57 1.02
CA PRO C 556 -22.18 -0.99 1.10
C PRO C 556 -22.79 -1.05 2.49
N LEU C 557 -22.19 -1.78 3.43
CA LEU C 557 -22.73 -1.93 4.78
C LEU C 557 -22.15 -0.93 5.77
N VAL C 558 -20.86 -0.62 5.66
CA VAL C 558 -20.25 0.36 6.56
C VAL C 558 -20.73 1.77 6.25
N MET C 559 -21.26 2.01 5.05
CA MET C 559 -21.81 3.31 4.69
C MET C 559 -23.33 3.34 4.78
N GLY C 560 -23.94 2.31 5.34
CA GLY C 560 -25.37 2.27 5.52
C GLY C 560 -25.75 2.26 6.99
N VAL C 561 -24.85 1.79 7.85
CA VAL C 561 -25.10 1.80 9.29
C VAL C 561 -24.92 3.18 9.90
N GLN C 562 -24.42 4.15 9.12
CA GLN C 562 -24.22 5.51 9.59
C GLN C 562 -25.03 6.49 8.75
N GLN C 563 -26.22 6.08 8.35
CA GLN C 563 -27.11 6.91 7.54
C GLN C 563 -28.53 6.35 7.53
N GLY C 568 -33.74 -0.07 13.27
CA GLY C 568 -34.69 -0.89 13.99
C GLY C 568 -34.07 -2.14 14.60
N SER C 569 -34.63 -3.29 14.27
CA SER C 569 -34.14 -4.57 14.79
C SER C 569 -32.96 -5.03 13.92
N SER C 570 -31.80 -4.43 14.17
CA SER C 570 -30.59 -4.74 13.44
C SER C 570 -29.45 -4.98 14.42
N PRO C 571 -28.56 -5.93 14.12
CA PRO C 571 -27.43 -6.18 15.04
C PRO C 571 -26.41 -5.06 15.09
N TYR C 572 -26.47 -4.10 14.17
CA TYR C 572 -25.47 -3.04 14.11
C TYR C 572 -25.86 -1.80 14.90
N THR C 573 -26.97 -1.85 15.65
CA THR C 573 -27.31 -0.77 16.56
C THR C 573 -26.42 -0.76 17.80
N SER C 574 -25.61 -1.79 18.00
CA SER C 574 -24.62 -1.80 19.07
C SER C 574 -23.36 -1.05 18.62
N SER C 575 -22.37 -0.98 19.50
CA SER C 575 -21.07 -0.41 19.18
C SER C 575 -20.01 -1.48 18.92
N ARG C 576 -20.05 -2.57 19.68
CA ARG C 576 -19.13 -3.67 19.46
C ARG C 576 -19.39 -4.40 18.15
N CYS C 577 -20.61 -4.31 17.62
CA CYS C 577 -20.91 -4.90 16.32
C CYS C 577 -20.55 -3.99 15.16
N ARG C 578 -20.12 -2.75 15.45
CA ARG C 578 -19.62 -1.84 14.43
C ARG C 578 -18.11 -1.70 14.45
N ARG C 579 -17.49 -1.76 15.64
CA ARG C 579 -16.03 -1.75 15.69
C ARG C 579 -15.45 -2.96 14.97
N GLU C 580 -16.09 -4.13 15.12
CA GLU C 580 -15.61 -5.31 14.41
C GLU C 580 -15.73 -5.16 12.91
N LEU C 581 -16.81 -4.52 12.44
CA LEU C 581 -16.94 -4.25 11.01
C LEU C 581 -15.84 -3.33 10.51
N TYR C 582 -15.55 -2.27 11.26
CA TYR C 582 -14.48 -1.36 10.87
C TYR C 582 -13.10 -2.01 10.97
N CYS C 583 -12.96 -3.04 11.80
CA CYS C 583 -11.71 -3.80 11.82
C CYS C 583 -11.63 -4.77 10.64
N LEU C 584 -12.76 -5.36 10.25
CA LEU C 584 -12.77 -6.23 9.08
C LEU C 584 -12.45 -5.45 7.81
N LEU C 585 -12.92 -4.21 7.72
CA LEU C 585 -12.56 -3.39 6.57
C LEU C 585 -11.06 -3.18 6.49
N LEU C 586 -10.41 -2.88 7.62
CA LEU C 586 -8.97 -2.71 7.63
C LEU C 586 -8.25 -4.01 7.30
N ALA C 587 -8.80 -5.14 7.77
CA ALA C 587 -8.21 -6.43 7.44
C ALA C 587 -8.27 -6.69 5.94
N LEU C 588 -9.40 -6.34 5.31
CA LEU C 588 -9.51 -6.48 3.86
C LEU C 588 -8.51 -5.60 3.13
N LEU C 589 -8.32 -4.36 3.63
CA LEU C 589 -7.35 -3.47 2.98
C LEU C 589 -5.92 -3.97 3.12
N LEU C 590 -5.58 -4.50 4.30
CA LEU C 590 -4.17 -4.77 4.61
C LEU C 590 -3.63 -5.97 3.86
N ALA C 591 -4.44 -7.01 3.68
CA ALA C 591 -3.99 -8.28 3.11
C ALA C 591 -4.90 -8.64 1.94
N PRO C 592 -4.69 -8.04 0.78
CA PRO C 592 -5.53 -8.33 -0.39
C PRO C 592 -4.94 -9.43 -1.26
N SER C 593 -5.82 -10.05 -2.05
CA SER C 593 -5.38 -11.02 -3.03
C SER C 593 -4.57 -10.33 -4.12
N PRO C 594 -3.54 -10.98 -4.65
CA PRO C 594 -2.65 -10.29 -5.59
C PRO C 594 -3.33 -9.78 -6.85
N ARG C 595 -4.43 -10.40 -7.27
CA ARG C 595 -5.11 -10.03 -8.50
C ARG C 595 -6.39 -9.23 -8.27
N CYS C 596 -6.69 -8.86 -7.03
CA CYS C 596 -7.89 -8.11 -6.69
C CYS C 596 -7.50 -6.93 -5.81
N PRO C 597 -7.19 -5.79 -6.41
CA PRO C 597 -6.81 -4.61 -5.62
C PRO C 597 -7.93 -4.16 -4.71
N PRO C 598 -7.61 -3.76 -3.48
CA PRO C 598 -8.65 -3.38 -2.52
C PRO C 598 -9.21 -2.01 -2.83
N PRO C 599 -10.42 -1.70 -2.38
CA PRO C 599 -11.02 -0.37 -2.61
C PRO C 599 -10.60 0.66 -1.57
N LEU C 600 -9.41 1.22 -1.77
CA LEU C 600 -8.88 2.20 -0.82
C LEU C 600 -9.72 3.46 -0.79
N ALA C 601 -10.16 3.94 -1.96
CA ALA C 601 -10.90 5.20 -2.02
C ALA C 601 -12.23 5.10 -1.27
N CYS C 602 -12.93 3.97 -1.41
CA CYS C 602 -14.22 3.82 -0.76
C CYS C 602 -14.10 3.43 0.71
N ALA C 603 -12.93 3.00 1.15
CA ALA C 603 -12.72 2.67 2.56
C ALA C 603 -12.21 3.86 3.36
N LEU C 604 -11.41 4.73 2.74
CA LEU C 604 -10.94 5.92 3.43
C LEU C 604 -12.12 6.83 3.79
N GLN C 605 -13.10 6.95 2.90
CA GLN C 605 -14.28 7.75 3.20
C GLN C 605 -15.08 7.16 4.36
N ALA C 606 -15.22 5.83 4.39
CA ALA C 606 -15.92 5.20 5.50
C ALA C 606 -15.20 5.42 6.81
N PHE C 607 -13.87 5.30 6.81
CA PHE C 607 -13.11 5.56 8.02
C PHE C 607 -13.23 7.02 8.46
N SER C 608 -13.23 7.94 7.49
CA SER C 608 -13.40 9.36 7.83
C SER C 608 -14.76 9.61 8.45
N LEU C 609 -15.81 9.00 7.90
CA LEU C 609 -17.13 9.10 8.50
C LEU C 609 -17.19 8.47 9.88
N GLY C 610 -16.36 7.45 10.13
CA GLY C 610 -16.38 6.79 11.42
C GLY C 610 -15.91 7.67 12.56
N GLN C 611 -14.88 8.49 12.32
CA GLN C 611 -14.29 9.27 13.40
C GLN C 611 -15.14 10.47 13.80
N ARG C 612 -16.20 10.77 13.07
CA ARG C 612 -17.14 11.82 13.45
C ARG C 612 -18.37 11.27 14.14
N GLU C 613 -18.30 10.02 14.60
CA GLU C 613 -19.42 9.36 15.25
C GLU C 613 -19.52 9.82 16.70
N ASP C 614 -20.36 9.16 17.48
CA ASP C 614 -20.59 9.51 18.88
C ASP C 614 -20.00 8.51 19.86
N SER C 615 -20.07 7.22 19.56
CA SER C 615 -19.51 6.22 20.45
C SER C 615 -18.00 6.38 20.56
N LEU C 616 -17.49 6.33 21.78
CA LEU C 616 -16.06 6.52 21.99
C LEU C 616 -15.22 5.33 21.53
N GLU C 617 -15.85 4.20 21.21
CA GLU C 617 -15.14 3.03 20.72
C GLU C 617 -14.99 3.08 19.20
N VAL C 618 -16.10 3.30 18.50
CA VAL C 618 -16.06 3.42 17.04
C VAL C 618 -15.26 4.65 16.63
N SER C 619 -15.50 5.78 17.29
CA SER C 619 -14.83 7.02 16.93
C SER C 619 -13.36 7.01 17.30
N SER C 620 -12.92 6.06 18.12
CA SER C 620 -11.50 5.91 18.41
C SER C 620 -10.83 4.92 17.47
N PHE C 621 -11.50 3.80 17.16
CA PHE C 621 -10.89 2.86 16.23
C PHE C 621 -10.82 3.43 14.82
N CYS C 622 -11.86 4.16 14.39
CA CYS C 622 -11.83 4.76 13.07
C CYS C 622 -10.80 5.88 12.96
N SER C 623 -10.30 6.39 14.08
CA SER C 623 -9.22 7.37 14.05
C SER C 623 -7.85 6.74 14.19
N GLU C 624 -7.77 5.58 14.86
CA GLU C 624 -6.52 4.82 14.88
C GLU C 624 -6.28 4.06 13.58
N ALA C 625 -7.32 3.81 12.80
CA ALA C 625 -7.15 3.09 11.55
C ALA C 625 -6.72 4.01 10.41
N LEU C 626 -7.04 5.30 10.49
CA LEU C 626 -6.61 6.22 9.45
C LEU C 626 -5.09 6.40 9.45
N VAL C 627 -4.46 6.34 10.62
CA VAL C 627 -3.00 6.42 10.67
C VAL C 627 -2.37 5.24 9.95
N THR C 628 -2.90 4.03 10.18
CA THR C 628 -2.41 2.86 9.47
C THR C 628 -2.67 2.97 7.97
N CYS C 629 -3.87 3.43 7.59
CA CYS C 629 -4.18 3.59 6.17
C CYS C 629 -3.32 4.65 5.50
N ALA C 630 -2.79 5.61 6.26
CA ALA C 630 -1.91 6.62 5.71
C ALA C 630 -0.55 6.07 5.34
N ALA C 631 -0.26 4.81 5.64
CA ALA C 631 0.98 4.18 5.22
C ALA C 631 0.85 3.44 3.89
N LEU C 632 -0.37 3.09 3.49
CA LEU C 632 -0.61 2.51 2.17
C LEU C 632 -0.74 3.57 1.08
N THR C 633 -0.89 4.84 1.46
CA THR C 633 -1.04 5.94 0.51
C THR C 633 0.19 6.84 0.44
N HIS C 634 0.92 7.00 1.53
CA HIS C 634 2.12 7.83 1.56
C HIS C 634 3.34 6.93 1.80
N PRO C 635 3.88 6.31 0.76
CA PRO C 635 4.93 5.30 0.96
C PRO C 635 6.29 5.90 1.27
N ARG C 636 7.28 5.04 1.50
CA ARG C 636 8.62 5.47 1.85
C ARG C 636 9.71 4.92 0.93
N VAL C 637 9.49 3.79 0.27
CA VAL C 637 10.47 3.24 -0.68
C VAL C 637 9.74 2.91 -1.97
N PRO C 638 10.46 2.87 -3.09
CA PRO C 638 9.81 2.65 -4.39
C PRO C 638 9.15 1.28 -4.47
N PRO C 639 8.06 1.15 -5.24
CA PRO C 639 7.33 -0.12 -5.39
C PRO C 639 7.96 -1.09 -6.39
N LEU C 640 8.85 -1.93 -5.87
CA LEU C 640 9.59 -2.91 -6.68
C LEU C 640 8.67 -3.73 -7.57
N SER D 64 -38.29 -31.60 41.63
CA SER D 64 -37.44 -31.14 40.54
C SER D 64 -37.09 -29.67 40.72
N ALA D 65 -37.34 -29.15 41.93
CA ALA D 65 -37.03 -27.75 42.21
C ALA D 65 -35.56 -27.39 42.01
N PRO D 66 -34.58 -28.18 42.48
CA PRO D 66 -33.18 -27.79 42.22
C PRO D 66 -32.82 -27.74 40.75
N HIS D 67 -33.50 -28.50 39.90
CA HIS D 67 -33.19 -28.56 38.48
C HIS D 67 -33.93 -27.51 37.65
N LEU D 68 -34.77 -26.69 38.27
CA LEU D 68 -35.56 -25.71 37.52
C LEU D 68 -34.72 -24.70 36.75
N PRO D 69 -33.67 -24.09 37.32
CA PRO D 69 -32.88 -23.14 36.51
C PRO D 69 -32.28 -23.77 35.26
N GLY D 70 -31.79 -25.00 35.36
CA GLY D 70 -31.24 -25.67 34.19
C GLY D 70 -32.29 -25.94 33.13
N LEU D 71 -33.46 -26.41 33.55
CA LEU D 71 -34.54 -26.65 32.60
C LEU D 71 -34.99 -25.36 31.93
N MET D 72 -35.09 -24.28 32.70
CA MET D 72 -35.48 -22.99 32.12
C MET D 72 -34.45 -22.49 31.13
N CYS D 73 -33.16 -22.61 31.46
CA CYS D 73 -32.12 -22.20 30.52
C CYS D 73 -32.16 -23.04 29.25
N LEU D 74 -32.37 -24.34 29.38
CA LEU D 74 -32.40 -25.21 28.20
C LEU D 74 -33.63 -24.92 27.34
N LEU D 75 -34.77 -24.62 27.97
CA LEU D 75 -35.95 -24.21 27.21
C LEU D 75 -35.71 -22.88 26.51
N ARG D 76 -34.96 -21.97 27.15
CA ARG D 76 -34.60 -20.71 26.51
C ARG D 76 -33.71 -20.94 25.30
N LEU D 77 -32.80 -21.91 25.39
CA LEU D 77 -31.85 -22.16 24.30
C LEU D 77 -32.58 -22.51 23.01
N HIS D 78 -33.56 -23.42 23.10
CA HIS D 78 -34.26 -23.89 21.90
C HIS D 78 -35.18 -22.84 21.31
N GLY D 79 -35.51 -21.79 22.05
CA GLY D 79 -36.44 -20.78 21.56
C GLY D 79 -37.83 -21.34 21.29
N SER D 80 -38.26 -22.30 22.10
CA SER D 80 -39.58 -22.90 21.89
C SER D 80 -40.70 -21.90 22.15
N VAL D 81 -40.58 -21.10 23.21
CA VAL D 81 -41.61 -20.14 23.56
C VAL D 81 -41.46 -18.87 22.72
N SER D 95 -51.46 -21.20 33.37
CA SER D 95 -52.26 -21.76 34.46
C SER D 95 -51.35 -22.26 35.59
N LEU D 96 -50.32 -23.02 35.21
CA LEU D 96 -49.39 -23.52 36.21
C LEU D 96 -48.57 -22.41 36.86
N SER D 97 -48.28 -21.35 36.11
CA SER D 97 -47.51 -20.24 36.68
C SER D 97 -48.27 -19.55 37.80
N ASN D 98 -49.56 -19.26 37.58
CA ASN D 98 -50.36 -18.61 38.60
C ASN D 98 -50.80 -19.58 39.69
N ALA D 99 -50.77 -20.89 39.42
CA ALA D 99 -51.18 -21.86 40.44
C ALA D 99 -50.15 -21.96 41.55
N ARG D 100 -48.87 -21.81 41.21
CA ARG D 100 -47.79 -21.92 42.20
C ARG D 100 -47.41 -20.59 42.83
N LEU D 101 -48.09 -19.50 42.47
CA LEU D 101 -47.85 -18.20 43.07
C LEU D 101 -48.76 -17.92 44.25
N SER D 102 -49.58 -18.88 44.66
CA SER D 102 -50.51 -18.72 45.77
C SER D 102 -50.14 -19.63 46.93
N SER D 103 -48.84 -19.72 47.22
CA SER D 103 -48.35 -20.55 48.32
C SER D 103 -46.98 -20.04 48.73
N ILE D 104 -46.45 -20.61 49.81
CA ILE D 104 -45.13 -20.26 50.30
C ILE D 104 -44.08 -21.26 49.85
N LYS D 105 -44.42 -22.55 49.85
CA LYS D 105 -43.44 -23.58 49.52
C LYS D 105 -43.08 -23.62 48.04
N THR D 106 -43.98 -23.17 47.16
CA THR D 106 -43.78 -23.28 45.72
C THR D 106 -43.67 -21.92 45.05
N ARG D 107 -43.29 -20.88 45.78
CA ARG D 107 -43.15 -19.55 45.19
C ARG D 107 -42.01 -19.51 44.18
N PHE D 108 -40.89 -20.15 44.50
CA PHE D 108 -39.71 -20.05 43.65
C PHE D 108 -39.95 -20.67 42.28
N GLU D 109 -40.64 -21.80 42.23
CA GLU D 109 -40.93 -22.44 40.95
C GLU D 109 -41.81 -21.54 40.08
N GLY D 110 -42.84 -20.94 40.68
CA GLY D 110 -43.69 -20.04 39.93
C GLY D 110 -42.96 -18.81 39.45
N LEU D 111 -42.07 -18.27 40.28
CA LEU D 111 -41.26 -17.14 39.87
C LEU D 111 -40.36 -17.50 38.69
N CYS D 112 -39.77 -18.70 38.71
CA CYS D 112 -38.94 -19.12 37.58
C CYS D 112 -39.76 -19.26 36.31
N LEU D 113 -40.96 -19.86 36.41
CA LEU D 113 -41.81 -19.99 35.23
C LEU D 113 -42.22 -18.62 34.70
N LEU D 114 -42.55 -17.69 35.59
CA LEU D 114 -42.88 -16.33 35.16
C LEU D 114 -41.69 -15.64 34.52
N SER D 115 -40.48 -15.87 35.07
CA SER D 115 -39.28 -15.27 34.49
C SER D 115 -39.04 -15.77 33.08
N LEU D 116 -39.30 -17.05 32.84
CA LEU D 116 -39.20 -17.57 31.48
C LEU D 116 -40.26 -16.96 30.58
N LEU D 117 -41.52 -16.98 31.02
CA LEU D 117 -42.62 -16.54 30.17
C LEU D 117 -42.50 -15.06 29.82
N VAL D 118 -42.37 -14.19 30.83
CA VAL D 118 -42.38 -12.76 30.61
C VAL D 118 -41.19 -12.28 29.80
N GLY D 119 -40.18 -13.13 29.60
CA GLY D 119 -39.03 -12.75 28.80
C GLY D 119 -39.09 -13.31 27.40
N GLU D 120 -39.60 -14.54 27.24
CA GLU D 120 -39.62 -15.17 25.93
C GLU D 120 -41.03 -15.43 25.43
N SER D 121 -41.93 -14.46 25.58
CA SER D 121 -43.31 -14.64 25.17
C SER D 121 -43.59 -13.90 23.87
N PRO D 122 -44.53 -14.39 23.06
CA PRO D 122 -44.96 -13.64 21.86
C PRO D 122 -45.71 -12.38 22.25
N THR D 123 -45.94 -11.53 21.24
CA THR D 123 -46.58 -10.25 21.49
C THR D 123 -48.00 -10.40 22.03
N GLU D 124 -48.77 -11.34 21.47
CA GLU D 124 -50.16 -11.48 21.87
C GLU D 124 -50.28 -11.93 23.33
N LEU D 125 -49.49 -12.92 23.73
CA LEU D 125 -49.55 -13.41 25.10
C LEU D 125 -49.17 -12.30 26.09
N PHE D 126 -48.14 -11.53 25.76
CA PHE D 126 -47.74 -10.42 26.64
C PHE D 126 -48.84 -9.38 26.72
N GLN D 127 -49.38 -8.97 25.57
CA GLN D 127 -50.44 -7.98 25.57
C GLN D 127 -51.70 -8.45 26.28
N GLN D 128 -51.88 -9.77 26.41
CA GLN D 128 -53.04 -10.30 27.10
C GLN D 128 -52.81 -10.57 28.58
N HIS D 129 -51.55 -10.77 29.01
CA HIS D 129 -51.28 -11.19 30.38
C HIS D 129 -50.39 -10.22 31.16
N CYS D 130 -50.05 -9.06 30.59
CA CYS D 130 -49.17 -8.13 31.30
C CYS D 130 -49.78 -7.67 32.61
N VAL D 131 -51.06 -7.28 32.59
CA VAL D 131 -51.71 -6.77 33.80
C VAL D 131 -51.79 -7.86 34.86
N SER D 132 -52.14 -9.08 34.46
CA SER D 132 -52.23 -10.18 35.42
C SER D 132 -50.87 -10.48 36.04
N TRP D 133 -49.82 -10.51 35.22
CA TRP D 133 -48.49 -10.78 35.74
C TRP D 133 -48.03 -9.68 36.69
N LEU D 134 -48.30 -8.41 36.34
CA LEU D 134 -47.92 -7.32 37.22
C LEU D 134 -48.68 -7.37 38.53
N ARG D 135 -49.97 -7.72 38.49
CA ARG D 135 -50.73 -7.85 39.73
C ARG D 135 -50.19 -8.98 40.58
N SER D 136 -49.79 -10.09 39.95
CA SER D 136 -49.20 -11.20 40.71
C SER D 136 -47.88 -10.79 41.36
N ILE D 137 -47.05 -10.04 40.64
CA ILE D 137 -45.79 -9.57 41.20
C ILE D 137 -46.03 -8.62 42.37
N GLN D 138 -47.01 -7.73 42.22
CA GLN D 138 -47.34 -6.81 43.31
C GLN D 138 -47.87 -7.58 44.52
N GLN D 139 -48.64 -8.64 44.30
CA GLN D 139 -49.09 -9.48 45.40
C GLN D 139 -47.92 -10.16 46.10
N VAL D 140 -46.95 -10.64 45.31
CA VAL D 140 -45.78 -11.29 45.89
C VAL D 140 -44.97 -10.31 46.73
N LEU D 141 -44.83 -9.07 46.24
CA LEU D 141 -43.94 -8.10 46.86
C LEU D 141 -44.38 -7.65 48.25
N GLN D 142 -45.47 -8.17 48.81
CA GLN D 142 -45.96 -7.73 50.10
C GLN D 142 -46.38 -8.91 50.96
N THR D 143 -45.55 -9.96 51.02
CA THR D 143 -45.89 -11.16 51.78
C THR D 143 -44.85 -11.51 52.84
N GLN D 144 -43.87 -10.64 53.09
CA GLN D 144 -42.85 -10.85 54.11
C GLN D 144 -42.06 -12.13 53.88
N ASP D 145 -41.89 -12.51 52.62
CA ASP D 145 -41.10 -13.69 52.28
C ASP D 145 -39.61 -13.37 52.41
N PRO D 146 -38.76 -14.40 52.44
CA PRO D 146 -37.33 -14.15 52.54
C PRO D 146 -36.84 -13.29 51.40
N PRO D 147 -35.75 -12.53 51.60
CA PRO D 147 -35.34 -11.54 50.60
C PRO D 147 -35.00 -12.12 49.24
N ALA D 148 -34.70 -13.41 49.14
CA ALA D 148 -34.43 -14.01 47.84
C ALA D 148 -35.66 -13.94 46.93
N THR D 149 -36.86 -14.16 47.51
CA THR D 149 -38.07 -14.05 46.73
C THR D 149 -38.27 -12.63 46.22
N MET D 150 -38.00 -11.62 47.05
CA MET D 150 -38.07 -10.23 46.57
C MET D 150 -37.05 -9.96 45.49
N GLU D 151 -35.84 -10.51 45.61
CA GLU D 151 -34.84 -10.31 44.57
C GLU D 151 -35.31 -10.87 43.24
N LEU D 152 -35.85 -12.09 43.26
CA LEU D 152 -36.35 -12.69 42.02
C LEU D 152 -37.54 -11.92 41.48
N ALA D 153 -38.45 -11.48 42.35
CA ALA D 153 -39.62 -10.74 41.90
C ALA D 153 -39.22 -9.42 41.25
N VAL D 154 -38.25 -8.71 41.83
CA VAL D 154 -37.80 -7.45 41.25
C VAL D 154 -37.06 -7.71 39.94
N ALA D 155 -36.30 -8.80 39.86
CA ALA D 155 -35.63 -9.14 38.61
C ALA D 155 -36.63 -9.40 37.50
N VAL D 156 -37.74 -10.06 37.82
CA VAL D 156 -38.78 -10.28 36.82
C VAL D 156 -39.50 -8.96 36.49
N LEU D 157 -39.75 -8.14 37.51
CA LEU D 157 -40.49 -6.89 37.31
C LEU D 157 -39.71 -5.91 36.43
N ARG D 158 -38.38 -5.92 36.52
CA ARG D 158 -37.58 -5.05 35.66
C ARG D 158 -37.84 -5.36 34.19
N ASP D 159 -37.81 -6.64 33.83
CA ASP D 159 -38.13 -7.03 32.46
C ASP D 159 -39.59 -6.73 32.12
N LEU D 160 -40.49 -6.95 33.08
CA LEU D 160 -41.91 -6.73 32.82
C LEU D 160 -42.19 -5.27 32.48
N LEU D 161 -41.56 -4.34 33.21
CA LEU D 161 -41.76 -2.92 32.95
C LEU D 161 -40.88 -2.39 31.83
N ARG D 162 -39.81 -3.11 31.46
CA ARG D 162 -39.04 -2.71 30.29
C ARG D 162 -39.76 -3.09 29.00
N TYR D 163 -40.42 -4.25 28.99
CA TYR D 163 -41.14 -4.69 27.80
C TYR D 163 -42.52 -4.05 27.67
N ALA D 164 -43.03 -3.40 28.71
CA ALA D 164 -44.34 -2.79 28.67
C ALA D 164 -44.30 -1.33 28.25
N ALA D 165 -43.13 -0.80 27.90
CA ALA D 165 -43.02 0.57 27.41
C ALA D 165 -43.03 0.65 25.89
N GLN D 166 -42.96 -0.48 25.19
CA GLN D 166 -43.00 -0.51 23.75
C GLN D 166 -44.39 -0.80 23.20
N LEU D 167 -45.38 -0.93 24.07
CA LEU D 167 -46.77 -1.17 23.65
C LEU D 167 -47.62 0.00 24.15
N PRO D 168 -48.06 0.90 23.26
CA PRO D 168 -48.76 2.11 23.73
C PRO D 168 -49.97 1.84 24.61
N ALA D 169 -50.79 0.84 24.28
CA ALA D 169 -51.96 0.55 25.10
C ALA D 169 -51.56 0.07 26.49
N LEU D 170 -50.65 -0.91 26.55
CA LEU D 170 -50.18 -1.39 27.85
C LEU D 170 -49.45 -0.30 28.61
N PHE D 171 -48.64 0.50 27.91
CA PHE D 171 -47.94 1.61 28.55
C PHE D 171 -48.91 2.57 29.22
N ARG D 172 -49.94 3.00 28.47
CA ARG D 172 -50.90 3.94 29.03
C ARG D 172 -51.67 3.31 30.19
N ASP D 173 -52.11 2.07 30.04
CA ASP D 173 -52.90 1.43 31.09
C ASP D 173 -52.09 1.28 32.38
N ILE D 174 -50.85 0.79 32.26
CA ILE D 174 -50.01 0.64 33.44
C ILE D 174 -49.74 1.99 34.07
N SER D 175 -49.30 2.97 33.27
CA SER D 175 -48.93 4.29 33.77
C SER D 175 -50.10 4.99 34.44
N MET D 176 -51.33 4.70 34.03
CA MET D 176 -52.49 5.37 34.60
C MET D 176 -53.16 4.60 35.72
N ASN D 177 -52.90 3.29 35.85
CA ASN D 177 -53.59 2.51 36.87
C ASN D 177 -52.65 1.91 37.91
N HIS D 178 -51.60 1.22 37.50
CA HIS D 178 -50.88 0.36 38.43
C HIS D 178 -49.61 0.98 39.00
N LEU D 179 -48.92 1.82 38.23
CA LEU D 179 -47.64 2.36 38.70
C LEU D 179 -47.74 3.14 40.00
N PRO D 180 -48.73 4.02 40.22
CA PRO D 180 -48.80 4.71 41.52
C PRO D 180 -48.93 3.75 42.70
N GLY D 181 -49.67 2.66 42.55
CA GLY D 181 -49.78 1.69 43.61
C GLY D 181 -48.56 0.80 43.74
N LEU D 182 -47.94 0.47 42.60
CA LEU D 182 -46.73 -0.34 42.61
C LEU D 182 -45.59 0.41 43.29
N LEU D 183 -45.52 1.73 43.10
CA LEU D 183 -44.49 2.52 43.78
C LEU D 183 -44.66 2.47 45.29
N THR D 184 -45.90 2.59 45.77
CA THR D 184 -46.14 2.50 47.22
C THR D 184 -45.80 1.10 47.74
N SER D 185 -46.17 0.06 46.97
CA SER D 185 -45.83 -1.31 47.38
C SER D 185 -44.32 -1.49 47.47
N LEU D 186 -43.58 -0.93 46.51
CA LEU D 186 -42.13 -0.98 46.56
C LEU D 186 -41.58 -0.21 47.76
N LEU D 187 -42.17 0.95 48.05
CA LEU D 187 -41.75 1.75 49.19
C LEU D 187 -42.02 1.06 50.52
N GLY D 188 -43.01 0.17 50.57
CA GLY D 188 -43.40 -0.44 51.82
C GLY D 188 -42.60 -1.66 52.22
N LEU D 189 -41.46 -1.88 51.57
CA LEU D 189 -40.64 -3.04 51.88
C LEU D 189 -39.90 -2.84 53.22
N ARG D 190 -39.53 -3.97 53.82
CA ARG D 190 -38.83 -3.95 55.09
C ARG D 190 -37.42 -3.40 54.91
N PRO D 191 -36.84 -2.84 55.98
CA PRO D 191 -35.46 -2.33 55.88
C PRO D 191 -34.43 -3.39 55.49
N GLU D 192 -34.68 -4.65 55.82
CA GLU D 192 -33.71 -5.70 55.50
C GLU D 192 -33.54 -5.85 53.99
N CYS D 193 -34.64 -5.83 53.25
CA CYS D 193 -34.59 -5.93 51.78
C CYS D 193 -34.69 -4.54 51.14
N GLU D 194 -33.63 -3.75 51.35
CA GLU D 194 -33.58 -2.41 50.79
C GLU D 194 -32.98 -2.36 49.40
N GLN D 195 -32.05 -3.26 49.09
CA GLN D 195 -31.43 -3.28 47.77
C GLN D 195 -32.44 -3.60 46.68
N SER D 196 -33.34 -4.55 46.94
CA SER D 196 -34.36 -4.88 45.96
C SER D 196 -35.28 -3.70 45.70
N ALA D 197 -35.61 -2.93 46.74
CA ALA D 197 -36.42 -1.74 46.56
C ALA D 197 -35.73 -0.74 45.65
N LEU D 198 -34.42 -0.52 45.83
CA LEU D 198 -33.70 0.41 44.97
C LEU D 198 -33.65 -0.09 43.53
N GLU D 199 -33.43 -1.39 43.33
CA GLU D 199 -33.41 -1.93 41.97
C GLU D 199 -34.77 -1.78 41.29
N GLY D 200 -35.84 -2.12 41.98
CA GLY D 200 -37.16 -1.93 41.41
C GLY D 200 -37.49 -0.48 41.14
N MET D 201 -37.01 0.42 42.00
CA MET D 201 -37.27 1.84 41.82
C MET D 201 -36.52 2.38 40.62
N LYS D 202 -35.29 1.93 40.40
CA LYS D 202 -34.60 2.26 39.15
C LYS D 202 -35.36 1.72 37.95
N ALA D 203 -35.89 0.50 38.06
CA ALA D 203 -36.65 -0.08 36.95
C ALA D 203 -37.89 0.75 36.62
N CYS D 204 -38.62 1.20 37.64
CA CYS D 204 -39.82 2.01 37.42
C CYS D 204 -39.51 3.47 37.12
N MET D 205 -38.29 3.93 37.35
CA MET D 205 -37.92 5.30 37.00
C MET D 205 -37.22 5.44 35.66
N THR D 206 -36.61 4.39 35.12
CA THR D 206 -35.91 4.50 33.85
C THR D 206 -36.85 4.38 32.66
N TYR D 207 -37.78 3.43 32.70
CA TYR D 207 -38.67 3.19 31.56
C TYR D 207 -40.00 3.92 31.68
N PHE D 208 -40.44 4.23 32.89
CA PHE D 208 -41.74 4.87 33.14
C PHE D 208 -41.51 6.12 33.99
N PRO D 209 -40.99 7.19 33.39
CA PRO D 209 -40.60 8.36 34.18
C PRO D 209 -41.70 9.40 34.39
N ARG D 210 -42.82 9.32 33.67
CA ARG D 210 -43.85 10.34 33.78
C ARG D 210 -44.89 10.02 34.86
N ALA D 211 -45.36 8.77 34.92
CA ALA D 211 -46.30 8.40 35.95
C ALA D 211 -45.68 8.49 37.34
N CYS D 212 -44.41 8.10 37.46
CA CYS D 212 -43.69 8.17 38.73
C CYS D 212 -43.20 9.61 38.89
N GLY D 213 -44.16 10.51 39.08
CA GLY D 213 -43.85 11.91 39.25
C GLY D 213 -44.70 12.58 40.32
N SER D 214 -45.66 11.85 40.85
CA SER D 214 -46.49 12.34 41.95
C SER D 214 -45.92 11.96 43.31
N LEU D 215 -44.85 11.19 43.35
CA LEU D 215 -44.21 10.76 44.59
C LEU D 215 -42.74 11.16 44.62
N LYS D 216 -42.39 12.29 43.98
CA LYS D 216 -40.99 12.68 43.88
C LYS D 216 -40.41 13.04 45.25
N GLY D 217 -41.21 13.62 46.14
CA GLY D 217 -40.71 13.97 47.45
C GLY D 217 -40.29 12.75 48.26
N LYS D 218 -41.14 11.73 48.28
CA LYS D 218 -40.80 10.50 49.00
C LYS D 218 -39.60 9.80 48.36
N LEU D 219 -39.53 9.79 47.02
CA LEU D 219 -38.39 9.20 46.34
C LEU D 219 -37.09 9.92 46.71
N ALA D 220 -37.13 11.25 46.74
CA ALA D 220 -35.95 12.02 47.09
C ALA D 220 -35.54 11.77 48.54
N SER D 221 -36.51 11.72 49.44
CA SER D 221 -36.20 11.45 50.84
C SER D 221 -35.61 10.06 51.01
N PHE D 222 -36.14 9.08 50.27
CA PHE D 222 -35.60 7.72 50.35
C PHE D 222 -34.18 7.65 49.83
N PHE D 223 -33.92 8.26 48.67
CA PHE D 223 -32.61 8.14 48.05
C PHE D 223 -31.55 9.01 48.72
N LEU D 224 -31.93 10.12 49.32
CA LEU D 224 -30.95 11.01 49.94
C LEU D 224 -30.35 10.39 51.19
N SER D 225 -31.16 9.68 51.99
CA SER D 225 -30.67 9.10 53.22
C SER D 225 -29.73 7.93 52.99
N ARG D 226 -29.74 7.34 51.79
CA ARG D 226 -28.88 6.20 51.48
C ARG D 226 -27.73 6.58 50.55
N VAL D 227 -27.50 7.87 50.32
CA VAL D 227 -26.36 8.31 49.51
C VAL D 227 -25.04 8.20 50.25
N ASP D 228 -25.07 7.97 51.56
CA ASP D 228 -23.86 7.84 52.36
C ASP D 228 -23.69 6.45 52.95
N ALA D 229 -24.41 5.46 52.41
CA ALA D 229 -24.32 4.11 52.91
C ALA D 229 -22.92 3.55 52.71
N LEU D 230 -22.43 2.82 53.71
CA LEU D 230 -21.06 2.29 53.65
C LEU D 230 -20.93 1.12 52.70
N SER D 231 -22.01 0.39 52.44
CA SER D 231 -21.94 -0.73 51.52
C SER D 231 -21.70 -0.22 50.11
N PRO D 232 -20.66 -0.71 49.41
CA PRO D 232 -20.40 -0.18 48.05
C PRO D 232 -21.53 -0.41 47.08
N GLN D 233 -22.16 -1.59 47.12
CA GLN D 233 -23.28 -1.86 46.22
C GLN D 233 -24.47 -0.96 46.53
N LEU D 234 -24.81 -0.83 47.81
CA LEU D 234 -25.93 0.03 48.20
C LEU D 234 -25.64 1.49 47.84
N GLN D 235 -24.42 1.96 48.10
CA GLN D 235 -24.06 3.32 47.77
C GLN D 235 -24.15 3.57 46.27
N GLN D 236 -23.63 2.64 45.46
CA GLN D 236 -23.67 2.81 44.02
C GLN D 236 -25.12 2.79 43.50
N LEU D 237 -25.95 1.89 44.03
CA LEU D 237 -27.34 1.84 43.59
C LEU D 237 -28.09 3.11 43.97
N ALA D 238 -27.86 3.61 45.19
CA ALA D 238 -28.52 4.84 45.61
C ALA D 238 -28.06 6.03 44.78
N CYS D 239 -26.77 6.09 44.45
CA CYS D 239 -26.29 7.17 43.59
C CYS D 239 -26.88 7.08 42.19
N GLU D 240 -27.02 5.86 41.67
CA GLU D 240 -27.62 5.69 40.36
C GLU D 240 -29.09 6.11 40.36
N CYS D 241 -29.82 5.76 41.41
CA CYS D 241 -31.23 6.12 41.49
C CYS D 241 -31.48 7.56 41.91
N TYR D 242 -30.47 8.24 42.45
CA TYR D 242 -30.62 9.62 42.90
C TYR D 242 -30.28 10.65 41.83
N SER D 243 -29.54 10.25 40.80
CA SER D 243 -29.21 11.15 39.70
C SER D 243 -30.28 11.17 38.63
N ARG D 244 -31.33 10.37 38.76
CA ARG D 244 -32.43 10.34 37.81
C ARG D 244 -33.59 11.23 38.24
N LEU D 245 -33.49 11.90 39.39
CA LEU D 245 -34.56 12.77 39.85
C LEU D 245 -34.88 13.91 38.88
N PRO D 246 -33.91 14.62 38.28
CA PRO D 246 -34.29 15.69 37.34
C PRO D 246 -35.13 15.21 36.18
N SER D 247 -34.88 13.99 35.68
CA SER D 247 -35.69 13.46 34.59
C SER D 247 -37.12 13.20 35.01
N LEU D 248 -37.35 12.93 36.30
CA LEU D 248 -38.68 12.65 36.79
C LEU D 248 -39.55 13.89 36.73
N GLY D 249 -40.85 13.68 36.53
CA GLY D 249 -41.78 14.78 36.49
C GLY D 249 -42.55 14.86 35.18
N ALA D 250 -42.75 16.08 34.68
CA ALA D 250 -43.47 16.29 33.43
C ALA D 250 -42.55 16.84 32.35
N LEU D 256 -38.62 22.27 29.12
CA LEU D 256 -38.02 23.43 29.77
C LEU D 256 -37.88 23.19 31.26
N LYS D 257 -38.87 22.52 31.85
CA LYS D 257 -38.80 22.23 33.29
C LYS D 257 -37.66 21.28 33.61
N HIS D 258 -37.43 20.28 32.74
CA HIS D 258 -36.37 19.31 33.00
C HIS D 258 -35.00 19.97 32.99
N THR D 259 -34.75 20.88 32.05
CA THR D 259 -33.46 21.57 32.01
C THR D 259 -33.24 22.40 33.26
N GLU D 260 -34.27 23.12 33.71
CA GLU D 260 -34.15 23.92 34.92
C GLU D 260 -33.89 23.05 36.14
N SER D 261 -34.60 21.93 36.25
CA SER D 261 -34.37 21.03 37.38
C SER D 261 -32.96 20.46 37.35
N TRP D 262 -32.48 20.08 36.17
CA TRP D 262 -31.13 19.55 36.04
C TRP D 262 -30.09 20.59 36.48
N GLU D 263 -30.22 21.81 35.99
CA GLU D 263 -29.26 22.86 36.34
C GLU D 263 -29.30 23.16 37.84
N GLN D 264 -30.51 23.25 38.41
CA GLN D 264 -30.63 23.55 39.82
C GLN D 264 -30.01 22.45 40.67
N GLU D 265 -30.26 21.19 40.32
CA GLU D 265 -29.67 20.09 41.08
C GLU D 265 -28.16 20.08 40.95
N LEU D 266 -27.63 20.34 39.75
CA LEU D 266 -26.18 20.39 39.59
C LEU D 266 -25.56 21.49 40.45
N HIS D 267 -26.18 22.67 40.47
CA HIS D 267 -25.63 23.75 41.27
C HIS D 267 -25.72 23.47 42.77
N SER D 268 -26.82 22.86 43.22
CA SER D 268 -26.93 22.51 44.63
C SER D 268 -25.88 21.47 45.02
N LEU D 269 -25.65 20.47 44.16
CA LEU D 269 -24.63 19.48 44.44
C LEU D 269 -23.24 20.12 44.49
N LEU D 270 -22.96 21.06 43.59
CA LEU D 270 -21.67 21.73 43.61
C LEU D 270 -21.49 22.54 44.89
N ALA D 271 -22.54 23.24 45.33
CA ALA D 271 -22.45 24.00 46.57
C ALA D 271 -22.21 23.09 47.77
N SER D 272 -22.91 21.96 47.83
CA SER D 272 -22.71 21.03 48.93
C SER D 272 -21.30 20.44 48.91
N LEU D 273 -20.79 20.13 47.71
CA LEU D 273 -19.43 19.63 47.60
C LEU D 273 -18.42 20.67 48.07
N HIS D 274 -18.63 21.94 47.73
CA HIS D 274 -17.74 22.98 48.20
C HIS D 274 -17.76 23.08 49.72
N THR D 275 -18.94 23.02 50.32
CA THR D 275 -19.04 23.11 51.78
C THR D 275 -18.33 21.94 52.44
N LEU D 276 -18.54 20.72 51.94
CA LEU D 276 -17.88 19.55 52.52
C LEU D 276 -16.37 19.63 52.33
N LEU D 277 -15.92 20.07 51.16
CA LEU D 277 -14.48 20.19 50.93
C LEU D 277 -13.85 21.19 51.88
N GLY D 278 -14.54 22.31 52.13
CA GLY D 278 -14.05 23.24 53.12
C GLY D 278 -14.04 22.65 54.51
N ALA D 279 -15.00 21.77 54.82
CA ALA D 279 -15.02 21.13 56.14
C ALA D 279 -13.85 20.16 56.32
N LEU D 280 -13.51 19.40 55.27
CA LEU D 280 -12.46 18.40 55.39
C LEU D 280 -11.04 18.98 55.31
N TYR D 281 -10.89 20.24 54.86
CA TYR D 281 -9.56 20.81 54.65
C TYR D 281 -9.34 22.03 55.52
N GLU D 282 -9.65 21.93 56.82
CA GLU D 282 -9.44 23.06 57.71
C GLU D 282 -7.98 23.52 57.68
N GLY D 283 -7.05 22.57 57.67
CA GLY D 283 -5.65 22.91 57.44
C GLY D 283 -5.38 23.08 55.95
N ALA D 284 -4.59 24.10 55.64
CA ALA D 284 -4.27 24.47 54.26
C ALA D 284 -5.53 24.73 53.44
N ALA D 307 -12.86 12.48 65.54
CA ALA D 307 -12.13 11.43 64.82
C ALA D 307 -13.10 10.48 64.13
N HIS D 308 -14.40 10.64 64.43
CA HIS D 308 -15.43 9.85 63.79
C HIS D 308 -16.43 10.69 63.00
N VAL D 309 -16.28 12.01 63.01
CA VAL D 309 -17.08 12.85 62.13
C VAL D 309 -16.41 13.01 60.77
N LEU D 310 -15.07 12.90 60.72
CA LEU D 310 -14.38 12.94 59.44
C LEU D 310 -14.77 11.75 58.58
N LEU D 311 -14.94 10.58 59.20
CA LEU D 311 -15.31 9.39 58.45
C LEU D 311 -16.74 9.43 57.94
N GLN D 312 -17.58 10.33 58.45
CA GLN D 312 -18.91 10.54 57.89
C GLN D 312 -18.89 11.64 56.84
N LEU D 313 -18.12 12.70 57.07
CA LEU D 313 -17.99 13.75 56.07
C LEU D 313 -17.36 13.23 54.80
N ARG D 314 -16.37 12.35 54.91
CA ARG D 314 -15.76 11.75 53.73
C ARG D 314 -16.77 10.91 52.95
N GLN D 315 -17.62 10.15 53.65
CA GLN D 315 -18.63 9.36 52.97
C GLN D 315 -19.63 10.24 52.24
N ARG D 316 -20.07 11.32 52.89
CA ARG D 316 -20.99 12.24 52.23
C ARG D 316 -20.35 12.88 51.00
N PHE D 317 -19.09 13.30 51.13
CA PHE D 317 -18.39 13.91 50.00
C PHE D 317 -18.27 12.93 48.84
N SER D 318 -17.87 11.69 49.12
CA SER D 318 -17.73 10.70 48.06
C SER D 318 -19.08 10.42 47.40
N GLY D 319 -20.14 10.29 48.19
CA GLY D 319 -21.45 10.03 47.61
C GLY D 319 -21.92 11.17 46.71
N LEU D 320 -21.77 12.41 47.17
CA LEU D 320 -22.22 13.53 46.36
C LEU D 320 -21.37 13.69 45.11
N ALA D 321 -20.05 13.48 45.21
CA ALA D 321 -19.21 13.54 44.01
C ALA D 321 -19.56 12.46 43.01
N ARG D 322 -19.85 11.24 43.47
CA ARG D 322 -20.29 10.20 42.55
C ARG D 322 -21.65 10.50 41.93
N CYS D 323 -22.56 11.12 42.69
CA CYS D 323 -23.83 11.54 42.12
C CYS D 323 -23.62 12.58 41.02
N LEU D 324 -22.72 13.54 41.25
CA LEU D 324 -22.41 14.51 40.20
C LEU D 324 -21.80 13.84 38.98
N GLY D 325 -20.87 12.89 39.20
CA GLY D 325 -20.27 12.19 38.09
C GLY D 325 -21.26 11.40 37.26
N LEU D 326 -22.23 10.75 37.91
CA LEU D 326 -23.26 10.05 37.19
C LEU D 326 -24.28 11.00 36.55
N MET D 327 -24.44 12.20 37.10
CA MET D 327 -25.32 13.18 36.49
C MET D 327 -24.72 13.73 35.20
N LEU D 328 -23.41 13.94 35.17
CA LEU D 328 -22.76 14.47 33.97
C LEU D 328 -22.69 13.45 32.83
N SER D 329 -22.63 12.16 33.13
CA SER D 329 -22.41 11.13 32.11
C SER D 329 -23.58 10.15 32.02
N SER D 330 -24.79 10.68 31.99
CA SER D 330 -25.98 9.84 31.82
C SER D 330 -26.81 10.34 30.64
N GLU D 331 -27.97 9.73 30.44
CA GLU D 331 -28.85 10.07 29.33
C GLU D 331 -29.92 11.04 29.80
N PHE D 332 -30.11 12.13 29.07
CA PHE D 332 -31.13 13.12 29.38
C PHE D 332 -31.88 13.50 28.12
N GLY D 333 -33.13 13.91 28.29
CA GLY D 333 -33.97 14.26 27.16
C GLY D 333 -33.71 15.64 26.59
N ALA D 334 -33.95 16.67 27.39
CA ALA D 334 -33.78 18.05 26.94
C ALA D 334 -32.32 18.48 26.98
N PRO D 335 -31.93 19.43 26.14
CA PRO D 335 -30.56 19.93 26.18
C PRO D 335 -30.26 20.66 27.48
N VAL D 336 -28.99 20.64 27.87
CA VAL D 336 -28.54 21.22 29.13
C VAL D 336 -27.47 22.27 28.88
N SER D 337 -26.99 22.90 29.95
CA SER D 337 -26.05 24.01 29.90
C SER D 337 -24.90 23.78 30.86
N VAL D 338 -24.26 22.61 30.76
CA VAL D 338 -23.18 22.18 31.62
C VAL D 338 -22.19 23.31 31.90
N PRO D 339 -22.07 23.77 33.14
CA PRO D 339 -21.05 24.77 33.48
C PRO D 339 -19.69 24.13 33.65
N VAL D 340 -18.79 24.40 32.71
CA VAL D 340 -17.47 23.76 32.73
C VAL D 340 -16.53 24.50 33.68
N GLN D 341 -16.59 25.83 33.70
CA GLN D 341 -15.65 26.60 34.49
C GLN D 341 -15.78 26.31 35.98
N GLU D 342 -17.02 26.20 36.48
CA GLU D 342 -17.21 25.96 37.90
C GLU D 342 -16.70 24.57 38.30
N ILE D 343 -17.03 23.55 37.50
CA ILE D 343 -16.57 22.19 37.79
C ILE D 343 -15.05 22.12 37.76
N LEU D 344 -14.43 22.75 36.76
CA LEU D 344 -12.98 22.75 36.68
C LEU D 344 -12.35 23.53 37.82
N ASP D 345 -12.97 24.62 38.27
CA ASP D 345 -12.47 25.33 39.45
C ASP D 345 -12.53 24.45 40.69
N PHE D 346 -13.64 23.72 40.88
CA PHE D 346 -13.74 22.83 42.02
C PHE D 346 -12.69 21.72 41.96
N ILE D 347 -12.47 21.15 40.77
CA ILE D 347 -11.47 20.09 40.63
C ILE D 347 -10.07 20.64 40.92
N CYS D 348 -9.77 21.83 40.39
CA CYS D 348 -8.46 22.44 40.64
C CYS D 348 -8.28 22.78 42.12
N ARG D 349 -9.37 23.08 42.82
CA ARG D 349 -9.26 23.31 44.25
C ARG D 349 -9.01 22.02 45.00
N THR D 350 -9.68 20.93 44.61
CA THR D 350 -9.51 19.66 45.31
C THR D 350 -8.09 19.13 45.16
N LEU D 351 -7.52 19.25 43.95
CA LEU D 351 -6.18 18.75 43.68
C LEU D 351 -5.09 19.76 44.05
N SER D 352 -5.40 20.73 44.90
CA SER D 352 -4.44 21.75 45.31
C SER D 352 -3.75 21.43 46.62
N VAL D 353 -4.44 20.75 47.54
CA VAL D 353 -3.87 20.43 48.84
C VAL D 353 -3.08 19.14 48.74
N SER D 354 -1.80 19.19 49.06
CA SER D 354 -0.90 18.05 48.97
C SER D 354 -0.58 17.53 50.37
N SER D 355 0.32 16.56 50.44
CA SER D 355 0.71 15.97 51.72
C SER D 355 1.72 16.80 52.48
N LYS D 356 2.26 17.86 51.88
CA LYS D 356 3.24 18.71 52.52
C LYS D 356 2.64 19.94 53.19
N ASN D 357 1.32 20.07 53.17
CA ASN D 357 0.65 21.20 53.80
C ASN D 357 -0.20 20.81 55.01
N ILE D 358 -0.57 19.53 55.14
CA ILE D 358 -1.40 19.10 56.25
C ILE D 358 -0.60 19.18 57.54
N SER D 359 -1.21 19.76 58.57
CA SER D 359 -0.55 19.85 59.89
C SER D 359 -0.36 18.45 60.47
N LEU D 360 0.70 18.31 61.27
CA LEU D 360 1.06 17.04 61.87
C LEU D 360 0.59 16.91 63.32
N HIS D 361 -0.19 17.87 63.81
CA HIS D 361 -0.68 17.87 65.17
C HIS D 361 -2.19 17.70 65.20
N GLY D 362 -2.70 17.32 66.37
CA GLY D 362 -4.14 17.11 66.51
C GLY D 362 -4.59 15.94 65.67
N ASP D 363 -5.60 16.18 64.83
CA ASP D 363 -6.14 15.16 63.93
C ASP D 363 -5.46 15.17 62.56
N GLY D 364 -4.21 15.61 62.50
CA GLY D 364 -3.47 15.69 61.25
C GLY D 364 -3.33 14.38 60.51
N PRO D 365 -2.93 13.31 61.22
CA PRO D 365 -2.82 12.00 60.54
C PRO D 365 -4.11 11.54 59.88
N LEU D 366 -5.27 11.81 60.50
CA LEU D 366 -6.53 11.42 59.88
C LEU D 366 -6.77 12.19 58.58
N ARG D 367 -6.51 13.50 58.58
CA ARG D 367 -6.66 14.27 57.36
C ARG D 367 -5.62 13.93 56.31
N LEU D 368 -4.49 13.35 56.72
CA LEU D 368 -3.47 12.93 55.76
C LEU D 368 -3.77 11.56 55.19
N LEU D 369 -4.47 10.72 55.94
CA LEU D 369 -4.82 9.38 55.48
C LEU D 369 -5.95 9.41 54.46
N LEU D 370 -6.89 10.36 54.59
CA LEU D 370 -8.03 10.42 53.70
C LEU D 370 -7.73 11.15 52.38
N LEU D 371 -6.53 11.70 52.23
CA LEU D 371 -6.22 12.50 51.04
C LEU D 371 -6.35 11.73 49.73
N PRO D 372 -5.79 10.52 49.58
CA PRO D 372 -5.90 9.83 48.29
C PRO D 372 -7.33 9.56 47.86
N SER D 373 -8.25 9.28 48.80
CA SER D 373 -9.63 9.05 48.42
C SER D 373 -10.27 10.31 47.83
N ILE D 374 -9.99 11.47 48.43
CA ILE D 374 -10.52 12.72 47.92
C ILE D 374 -9.94 13.02 46.54
N HIS D 375 -8.62 12.81 46.38
CA HIS D 375 -8.02 13.05 45.07
C HIS D 375 -8.57 12.10 44.02
N LEU D 376 -8.84 10.85 44.40
CA LEU D 376 -9.46 9.91 43.48
C LEU D 376 -10.85 10.36 43.09
N GLU D 377 -11.63 10.89 44.04
CA GLU D 377 -12.96 11.38 43.72
C GLU D 377 -12.88 12.55 42.74
N ALA D 378 -11.95 13.47 42.97
CA ALA D 378 -11.78 14.60 42.06
C ALA D 378 -11.37 14.13 40.67
N LEU D 379 -10.46 13.16 40.59
CA LEU D 379 -10.04 12.64 39.29
C LEU D 379 -11.19 11.94 38.59
N ASP D 380 -12.03 11.22 39.34
CA ASP D 380 -13.20 10.58 38.74
C ASP D 380 -14.18 11.62 38.20
N LEU D 381 -14.38 12.71 38.93
CA LEU D 381 -15.24 13.79 38.43
C LEU D 381 -14.66 14.40 37.15
N LEU D 382 -13.34 14.59 37.11
CA LEU D 382 -12.72 15.14 35.91
C LEU D 382 -12.86 14.18 34.73
N SER D 383 -12.71 12.88 34.97
CA SER D 383 -12.89 11.90 33.91
C SER D 383 -14.32 11.91 33.39
N ALA D 384 -15.30 12.02 34.29
CA ALA D 384 -16.70 12.12 33.86
C ALA D 384 -16.93 13.38 33.03
N LEU D 385 -16.33 14.50 33.44
CA LEU D 385 -16.46 15.74 32.68
C LEU D 385 -15.88 15.58 31.28
N ILE D 386 -14.70 14.99 31.16
CA ILE D 386 -14.09 14.79 29.85
C ILE D 386 -14.94 13.85 29.01
N LEU D 387 -15.51 12.82 29.63
CA LEU D 387 -16.36 11.88 28.91
C LEU D 387 -17.61 12.56 28.38
N ALA D 388 -18.20 13.47 29.18
CA ALA D 388 -19.46 14.08 28.79
C ALA D 388 -19.27 15.18 27.76
N CYS D 389 -18.39 16.16 28.07
CA CYS D 389 -18.25 17.32 27.18
C CYS D 389 -17.69 16.93 25.83
N GLY D 390 -16.69 16.07 25.80
CA GLY D 390 -16.10 15.61 24.55
C GLY D 390 -14.88 16.44 24.17
N SER D 391 -14.84 16.87 22.91
CA SER D 391 -13.69 17.61 22.38
C SER D 391 -13.86 19.12 22.51
N ARG D 392 -14.89 19.58 23.21
CA ARG D 392 -15.12 21.00 23.39
C ARG D 392 -14.27 21.59 24.51
N LEU D 393 -13.48 20.78 25.19
CA LEU D 393 -12.62 21.25 26.28
C LEU D 393 -11.26 21.71 25.79
N LEU D 394 -11.08 21.86 24.48
CA LEU D 394 -9.78 22.30 23.96
C LEU D 394 -9.43 23.70 24.45
N ARG D 395 -10.44 24.57 24.60
CA ARG D 395 -10.17 25.90 25.12
C ARG D 395 -9.62 25.85 26.54
N PHE D 396 -10.20 24.99 27.38
CA PHE D 396 -9.64 24.72 28.70
C PHE D 396 -8.64 23.58 28.65
N GLY D 397 -7.68 23.68 27.75
CA GLY D 397 -6.71 22.62 27.55
C GLY D 397 -5.50 22.72 28.45
N ILE D 398 -5.11 23.95 28.77
CA ILE D 398 -3.94 24.18 29.61
C ILE D 398 -4.14 23.64 31.02
N LEU D 399 -5.33 23.85 31.61
CA LEU D 399 -5.59 23.34 32.95
C LEU D 399 -5.50 21.82 32.98
N ILE D 400 -6.10 21.16 31.98
CA ILE D 400 -6.10 19.70 31.95
C ILE D 400 -4.70 19.17 31.67
N GLY D 401 -3.92 19.87 30.84
CA GLY D 401 -2.56 19.43 30.58
C GLY D 401 -1.61 19.68 31.73
N ARG D 402 -1.93 20.62 32.60
CA ARG D 402 -1.09 20.91 33.75
C ARG D 402 -1.46 20.11 34.99
N LEU D 403 -2.74 19.72 35.12
CA LEU D 403 -3.16 18.99 36.32
C LEU D 403 -2.53 17.60 36.42
N LEU D 404 -2.08 17.01 35.31
CA LEU D 404 -1.50 15.67 35.39
C LEU D 404 -0.10 15.68 36.00
N PRO D 405 0.86 16.47 35.51
CA PRO D 405 2.18 16.49 36.16
C PRO D 405 2.17 17.13 37.53
N GLN D 406 1.05 17.72 37.95
CA GLN D 406 0.93 18.26 39.30
C GLN D 406 0.35 17.24 40.27
N VAL D 407 -0.60 16.43 39.80
CA VAL D 407 -1.09 15.32 40.64
C VAL D 407 -0.03 14.25 40.76
N LEU D 408 0.69 13.96 39.68
CA LEU D 408 1.75 12.95 39.76
C LEU D 408 2.96 13.42 40.53
N ASN D 409 3.04 14.71 40.88
CA ASN D 409 4.18 15.21 41.64
C ASN D 409 3.95 15.19 43.14
N SER D 410 2.70 15.11 43.59
CA SER D 410 2.37 15.01 45.00
C SER D 410 2.11 13.58 45.46
N TRP D 411 2.23 12.61 44.57
CA TRP D 411 1.98 11.21 44.87
C TRP D 411 3.09 10.33 44.33
N SER D 412 4.33 10.75 44.57
CA SER D 412 5.51 10.05 44.06
C SER D 412 6.34 9.54 45.22
N ILE D 413 7.03 8.43 44.99
CA ILE D 413 7.87 7.81 46.02
C ILE D 413 9.10 8.69 46.30
N GLY D 421 10.91 -6.13 44.06
CA GLY D 421 9.92 -7.02 44.64
C GLY D 421 8.97 -6.33 45.60
N GLN D 422 8.90 -5.00 45.50
CA GLN D 422 8.03 -4.21 46.35
C GLN D 422 7.21 -3.28 45.47
N GLU D 423 5.89 -3.30 45.65
CA GLU D 423 5.02 -2.43 44.87
C GLU D 423 5.15 -0.99 45.36
N ARG D 424 5.31 -0.07 44.41
CA ARG D 424 5.51 1.33 44.75
C ARG D 424 4.25 1.91 45.41
N PRO D 425 4.42 2.85 46.33
CA PRO D 425 3.27 3.48 46.96
C PRO D 425 2.49 4.37 45.99
N TYR D 426 1.21 4.56 46.31
CA TYR D 426 0.30 5.36 45.49
C TYR D 426 0.25 4.87 44.05
N SER D 427 -0.19 3.63 43.88
CA SER D 427 -0.33 3.06 42.55
C SER D 427 -1.68 3.38 41.92
N THR D 428 -2.74 3.46 42.73
CA THR D 428 -4.07 3.75 42.19
C THR D 428 -4.13 5.14 41.57
N VAL D 429 -3.55 6.14 42.24
CA VAL D 429 -3.60 7.50 41.72
C VAL D 429 -2.79 7.62 40.44
N ARG D 430 -1.59 7.04 40.41
CA ARG D 430 -0.76 7.11 39.22
C ARG D 430 -1.28 6.24 38.09
N THR D 431 -2.18 5.29 38.38
CA THR D 431 -2.88 4.60 37.30
C THR D 431 -4.05 5.43 36.79
N LYS D 432 -4.79 6.07 37.69
CA LYS D 432 -5.92 6.90 37.29
C LYS D 432 -5.48 8.07 36.43
N VAL D 433 -4.34 8.68 36.77
CA VAL D 433 -3.87 9.82 35.98
C VAL D 433 -3.54 9.40 34.56
N TYR D 434 -2.87 8.25 34.41
CA TYR D 434 -2.55 7.76 33.07
C TYR D 434 -3.80 7.38 32.31
N ALA D 435 -4.80 6.80 32.99
CA ALA D 435 -6.06 6.51 32.32
C ALA D 435 -6.75 7.78 31.84
N ILE D 436 -6.69 8.84 32.65
CA ILE D 436 -7.26 10.12 32.25
C ILE D 436 -6.52 10.69 31.06
N LEU D 437 -5.19 10.54 31.04
CA LEU D 437 -4.41 11.01 29.89
C LEU D 437 -4.80 10.25 28.62
N GLU D 438 -4.96 8.93 28.74
CA GLU D 438 -5.39 8.14 27.58
C GLU D 438 -6.76 8.56 27.10
N LEU D 439 -7.69 8.79 28.03
CA LEU D 439 -9.02 9.27 27.66
C LEU D 439 -8.96 10.62 26.97
N TRP D 440 -8.14 11.53 27.50
CA TRP D 440 -8.00 12.86 26.92
C TRP D 440 -7.50 12.77 25.48
N VAL D 441 -6.42 12.02 25.26
CA VAL D 441 -5.88 11.89 23.91
C VAL D 441 -6.89 11.21 22.99
N GLN D 442 -7.57 10.17 23.48
CA GLN D 442 -8.51 9.44 22.64
C GLN D 442 -9.72 10.28 22.24
N VAL D 443 -10.19 11.15 23.13
CA VAL D 443 -11.33 11.98 22.76
C VAL D 443 -10.89 13.18 21.91
N CYS D 444 -9.68 13.70 22.12
CA CYS D 444 -9.27 14.87 21.35
C CYS D 444 -8.75 14.50 19.98
N GLY D 445 -7.67 13.72 19.91
CA GLY D 445 -7.10 13.37 18.64
C GLY D 445 -5.74 14.02 18.41
N ALA D 446 -5.50 14.48 17.18
CA ALA D 446 -4.24 15.14 16.86
C ALA D 446 -4.11 16.51 17.50
N SER D 447 -5.20 17.06 18.04
CA SER D 447 -5.17 18.36 18.70
C SER D 447 -5.14 18.24 20.22
N ALA D 448 -4.75 17.08 20.74
CA ALA D 448 -4.65 16.92 22.18
C ALA D 448 -3.58 17.83 22.77
N GLY D 449 -2.47 18.01 22.07
CA GLY D 449 -1.40 18.87 22.54
C GLY D 449 -0.71 18.39 23.80
N MET D 450 -0.40 17.10 23.85
CA MET D 450 0.32 16.50 24.97
C MET D 450 1.77 16.23 24.56
N LEU D 451 2.69 16.49 25.48
CA LEU D 451 4.13 16.28 25.27
C LEU D 451 4.70 17.15 24.17
N GLN D 452 3.97 18.18 23.73
CA GLN D 452 4.43 19.07 22.67
C GLN D 452 4.99 20.34 23.29
N GLY D 453 6.21 20.22 23.83
CA GLY D 453 6.93 21.36 24.34
C GLY D 453 6.35 21.96 25.60
N GLY D 454 7.10 22.88 26.21
CA GLY D 454 6.67 23.56 27.42
C GLY D 454 7.28 22.94 28.67
N ALA D 455 7.04 23.61 29.78
CA ALA D 455 7.52 23.13 31.08
C ALA D 455 6.66 22.02 31.64
N SER D 456 5.35 22.06 31.40
CA SER D 456 4.44 21.02 31.87
C SER D 456 4.37 19.84 30.91
N GLY D 457 4.97 19.93 29.73
CA GLY D 457 5.03 18.82 28.80
C GLY D 457 6.29 17.99 28.90
N GLU D 458 7.29 18.46 29.63
CA GLU D 458 8.49 17.69 29.89
C GLU D 458 8.60 17.22 31.34
N ALA D 459 7.78 17.76 32.23
CA ALA D 459 7.67 17.22 33.58
C ALA D 459 6.73 16.04 33.66
N LEU D 460 6.04 15.72 32.57
CA LEU D 460 5.21 14.53 32.46
C LEU D 460 5.93 13.37 31.80
N LEU D 461 6.71 13.63 30.75
CA LEU D 461 7.48 12.57 30.11
C LEU D 461 8.47 11.93 31.07
N THR D 462 8.97 12.72 32.04
CA THR D 462 9.81 12.13 33.08
C THR D 462 9.02 11.15 33.93
N HIS D 463 7.77 11.50 34.27
CA HIS D 463 6.92 10.58 35.01
C HIS D 463 6.48 9.38 34.18
N LEU D 464 6.68 9.41 32.87
CA LEU D 464 6.36 8.27 32.02
C LEU D 464 7.55 7.35 31.83
N LEU D 465 8.73 7.92 31.58
CA LEU D 465 9.94 7.12 31.45
C LEU D 465 10.39 6.52 32.79
N SER D 466 9.89 7.03 33.91
CA SER D 466 10.20 6.48 35.22
C SER D 466 9.18 5.46 35.68
N ASP D 467 8.21 5.11 34.82
CA ASP D 467 7.23 4.09 35.13
C ASP D 467 7.26 2.90 34.19
N ILE D 468 7.75 3.06 32.97
CA ILE D 468 7.86 1.95 32.02
C ILE D 468 9.23 1.31 32.01
N SER D 469 10.16 1.80 32.84
CA SER D 469 11.49 1.24 32.90
C SER D 469 11.59 0.21 34.02
N PRO D 470 12.37 -0.85 33.83
CA PRO D 470 12.49 -1.87 34.86
C PRO D 470 13.56 -1.48 35.88
N PRO D 471 13.37 -1.82 37.16
CA PRO D 471 14.33 -1.49 38.22
C PRO D 471 15.61 -2.29 38.11
N HIS D 512 15.31 -15.85 48.91
CA HIS D 512 16.07 -15.09 49.90
C HIS D 512 15.30 -13.86 50.36
N ARG D 513 14.26 -13.51 49.62
CA ARG D 513 13.44 -12.35 49.96
C ARG D 513 12.02 -12.57 49.46
N LYS D 514 11.09 -11.82 50.04
CA LYS D 514 9.68 -11.94 49.71
C LYS D 514 9.35 -11.06 48.51
N GLY D 515 8.07 -10.89 48.23
CA GLY D 515 7.60 -10.08 47.13
C GLY D 515 6.85 -10.92 46.11
N ASP D 516 6.66 -10.33 44.93
CA ASP D 516 5.99 -11.01 43.83
C ASP D 516 6.72 -10.69 42.54
N SER D 517 6.58 -11.60 41.57
CA SER D 517 7.27 -11.43 40.29
C SER D 517 6.78 -10.20 39.54
N ASN D 518 5.47 -9.98 39.50
CA ASN D 518 4.89 -8.85 38.78
C ASN D 518 4.84 -7.64 39.72
N ALA D 519 5.98 -6.96 39.83
CA ALA D 519 6.09 -5.77 40.65
C ALA D 519 5.76 -4.54 39.82
N ASN D 520 4.82 -3.72 40.31
CA ASN D 520 4.39 -2.50 39.64
C ASN D 520 3.89 -2.80 38.23
N SER D 521 3.03 -3.81 38.11
CA SER D 521 2.52 -4.22 36.82
C SER D 521 1.25 -3.48 36.42
N ASP D 522 0.77 -2.54 37.25
CA ASP D 522 -0.39 -1.75 36.90
C ASP D 522 -0.01 -0.44 36.23
N VAL D 523 0.94 0.29 36.82
CA VAL D 523 1.38 1.54 36.21
C VAL D 523 2.14 1.28 34.91
N CYS D 524 2.90 0.19 34.85
CA CYS D 524 3.69 -0.10 33.66
C CYS D 524 2.84 -0.49 32.45
N ALA D 525 1.55 -0.71 32.63
CA ALA D 525 0.63 -0.94 31.52
C ALA D 525 -0.15 0.31 31.14
N ALA D 526 -0.68 1.04 32.12
CA ALA D 526 -1.38 2.29 31.83
C ALA D 526 -0.44 3.31 31.21
N ALA D 527 0.78 3.41 31.72
CA ALA D 527 1.75 4.35 31.16
C ALA D 527 2.08 3.99 29.72
N LEU D 528 2.28 2.71 29.44
CA LEU D 528 2.58 2.28 28.08
C LEU D 528 1.41 2.55 27.15
N ARG D 529 0.18 2.30 27.61
CA ARG D 529 -0.99 2.57 26.77
C ARG D 529 -1.11 4.06 26.47
N GLY D 530 -0.94 4.91 27.49
CA GLY D 530 -1.01 6.35 27.27
C GLY D 530 0.08 6.84 26.33
N LEU D 531 1.31 6.36 26.53
CA LEU D 531 2.40 6.78 25.65
C LEU D 531 2.19 6.32 24.22
N SER D 532 1.70 5.08 24.03
CA SER D 532 1.46 4.59 22.69
C SER D 532 0.36 5.39 22.00
N ARG D 533 -0.72 5.70 22.72
CA ARG D 533 -1.78 6.52 22.11
C ARG D 533 -1.26 7.91 21.75
N THR D 534 -0.50 8.53 22.65
CA THR D 534 0.03 9.86 22.38
C THR D 534 0.95 9.86 21.18
N ILE D 535 1.83 8.87 21.08
CA ILE D 535 2.76 8.81 19.95
C ILE D 535 2.01 8.52 18.66
N LEU D 536 0.98 7.66 18.72
CA LEU D 536 0.24 7.34 17.50
C LEU D 536 -0.52 8.54 16.97
N MET D 537 -1.17 9.30 17.86
CA MET D 537 -1.96 10.43 17.39
C MET D 537 -1.09 11.66 17.16
N CYS D 538 -0.44 12.16 18.21
CA CYS D 538 0.38 13.37 18.12
C CYS D 538 1.84 13.00 17.87
N GLY D 539 2.07 12.31 16.76
CA GLY D 539 3.39 11.78 16.46
C GLY D 539 4.27 12.68 15.63
N PRO D 540 3.80 13.11 14.46
CA PRO D 540 4.66 13.94 13.60
C PRO D 540 4.84 15.36 14.10
N LEU D 541 4.31 15.68 15.28
CA LEU D 541 4.45 17.01 15.84
C LEU D 541 5.39 17.06 17.03
N ILE D 542 5.84 15.92 17.54
CA ILE D 542 6.76 15.89 18.68
C ILE D 542 8.18 16.06 18.19
N LYS D 543 9.00 16.76 18.99
CA LYS D 543 10.38 17.02 18.63
C LYS D 543 11.16 15.72 18.41
N GLU D 544 12.34 15.86 17.81
CA GLU D 544 13.16 14.69 17.51
C GLU D 544 13.83 14.12 18.75
N GLU D 545 14.11 14.95 19.75
CA GLU D 545 14.80 14.47 20.95
C GLU D 545 13.94 13.45 21.71
N THR D 546 12.64 13.73 21.85
CA THR D 546 11.77 12.79 22.52
C THR D 546 11.69 11.47 21.78
N HIS D 547 11.59 11.53 20.44
CA HIS D 547 11.58 10.31 19.65
C HIS D 547 12.86 9.51 19.79
N ARG D 548 14.02 10.18 19.77
CA ARG D 548 15.29 9.48 19.93
C ARG D 548 15.44 8.86 21.32
N ARG D 549 15.01 9.58 22.36
CA ARG D 549 15.05 9.00 23.71
C ARG D 549 14.14 7.79 23.82
N LEU D 550 12.94 7.87 23.24
CA LEU D 550 12.03 6.73 23.26
C LEU D 550 12.60 5.55 22.50
N HIS D 551 13.23 5.80 21.36
CA HIS D 551 13.89 4.71 20.64
C HIS D 551 14.96 4.06 21.49
N ASP D 552 15.86 4.87 22.07
CA ASP D 552 16.95 4.32 22.86
C ASP D 552 16.47 3.62 24.13
N LEU D 553 15.28 3.96 24.62
CA LEU D 553 14.75 3.31 25.81
C LEU D 553 13.89 2.09 25.51
N VAL D 554 13.29 2.01 24.32
CA VAL D 554 12.37 0.93 23.99
C VAL D 554 13.05 -0.17 23.20
N LEU D 555 13.79 0.17 22.14
CA LEU D 555 14.36 -0.86 21.28
C LEU D 555 15.27 -1.84 22.02
N PRO D 556 16.18 -1.42 22.90
CA PRO D 556 16.95 -2.40 23.68
C PRO D 556 16.21 -2.98 24.86
N LEU D 557 14.90 -2.75 24.97
CA LEU D 557 14.08 -3.31 26.04
C LEU D 557 13.12 -4.39 25.56
N VAL D 558 12.71 -4.35 24.28
CA VAL D 558 11.88 -5.41 23.74
C VAL D 558 12.71 -6.62 23.33
N MET D 559 14.00 -6.45 23.09
CA MET D 559 14.89 -7.53 22.70
C MET D 559 15.72 -8.05 23.86
N GLY D 560 15.47 -7.56 25.06
CA GLY D 560 16.13 -8.07 26.25
C GLY D 560 15.17 -8.80 27.16
N VAL D 561 13.90 -8.42 27.10
CA VAL D 561 12.87 -9.12 27.86
C VAL D 561 12.64 -10.51 27.29
N GLN D 562 12.86 -10.70 26.00
CA GLN D 562 12.65 -12.00 25.38
C GLN D 562 13.80 -12.95 25.68
N GLN D 563 15.01 -12.59 25.23
CA GLN D 563 16.20 -13.41 25.47
C GLN D 563 16.96 -12.92 26.70
N GLY D 564 16.31 -13.05 27.84
CA GLY D 564 16.90 -12.63 29.10
C GLY D 564 15.93 -12.63 30.26
N GLY D 568 14.11 -11.53 36.78
CA GLY D 568 13.38 -11.88 37.98
C GLY D 568 12.80 -10.69 38.71
N SER D 569 11.50 -10.76 39.01
CA SER D 569 10.77 -9.70 39.71
C SER D 569 10.89 -8.37 38.97
N SER D 570 10.37 -8.37 37.74
CA SER D 570 10.35 -7.20 36.88
C SER D 570 8.93 -6.94 36.39
N PRO D 571 8.59 -5.69 36.09
CA PRO D 571 7.23 -5.42 35.60
C PRO D 571 6.91 -6.13 34.30
N TYR D 572 7.92 -6.46 33.49
CA TYR D 572 7.70 -7.13 32.21
C TYR D 572 7.73 -8.65 32.35
N THR D 573 6.95 -9.17 33.29
CA THR D 573 6.74 -10.60 33.43
C THR D 573 5.26 -10.97 33.32
N SER D 574 4.45 -10.05 32.81
CA SER D 574 3.03 -10.29 32.60
C SER D 574 2.73 -10.20 31.11
N SER D 575 1.71 -10.93 30.67
CA SER D 575 1.32 -10.92 29.27
C SER D 575 0.63 -9.63 28.86
N ARG D 576 0.59 -8.62 29.72
CA ARG D 576 0.03 -7.31 29.39
C ARG D 576 1.11 -6.27 29.19
N CYS D 577 2.10 -6.21 30.08
CA CYS D 577 3.18 -5.25 29.96
C CYS D 577 4.10 -5.52 28.77
N ARG D 578 4.00 -6.69 28.15
CA ARG D 578 4.74 -6.98 26.93
C ARG D 578 3.92 -6.65 25.69
N ARG D 579 2.63 -6.98 25.70
CA ARG D 579 1.77 -6.62 24.58
C ARG D 579 1.69 -5.11 24.42
N GLU D 580 1.58 -4.38 25.54
CA GLU D 580 1.55 -2.92 25.44
C GLU D 580 2.88 -2.37 24.95
N LEU D 581 3.99 -2.99 25.34
CA LEU D 581 5.29 -2.55 24.84
C LEU D 581 5.41 -2.75 23.33
N TYR D 582 4.94 -3.89 22.83
CA TYR D 582 4.95 -4.09 21.38
C TYR D 582 4.00 -3.14 20.67
N CYS D 583 2.87 -2.80 21.31
CA CYS D 583 2.00 -1.77 20.75
C CYS D 583 2.71 -0.44 20.66
N LEU D 584 3.48 -0.09 21.69
CA LEU D 584 4.27 1.15 21.65
C LEU D 584 5.30 1.11 20.53
N LEU D 585 5.94 -0.04 20.33
CA LEU D 585 6.90 -0.17 19.24
C LEU D 585 6.25 0.06 17.88
N LEU D 586 5.09 -0.56 17.67
CA LEU D 586 4.37 -0.35 16.41
C LEU D 586 3.95 1.09 16.25
N ALA D 587 3.51 1.73 17.34
CA ALA D 587 3.11 3.13 17.28
C ALA D 587 4.29 4.02 16.90
N LEU D 588 5.47 3.74 17.46
CA LEU D 588 6.66 4.51 17.10
C LEU D 588 7.00 4.32 15.63
N LEU D 589 6.87 3.09 15.12
CA LEU D 589 7.15 2.85 13.71
C LEU D 589 6.17 3.59 12.81
N LEU D 590 4.89 3.61 13.18
CA LEU D 590 3.86 4.13 12.29
C LEU D 590 3.89 5.65 12.14
N ALA D 591 4.21 6.38 13.20
CA ALA D 591 4.13 7.84 13.20
C ALA D 591 5.44 8.44 13.72
N PRO D 592 6.47 8.48 12.88
CA PRO D 592 7.74 9.09 13.28
C PRO D 592 7.85 10.55 12.89
N SER D 593 8.60 11.29 13.69
CA SER D 593 8.89 12.68 13.34
C SER D 593 9.73 12.73 12.07
N PRO D 594 9.42 13.61 11.12
CA PRO D 594 10.09 13.55 9.81
C PRO D 594 11.48 14.16 9.81
N ARG D 595 12.25 13.89 10.86
CA ARG D 595 13.67 14.19 10.88
C ARG D 595 14.49 13.10 11.53
N CYS D 596 13.85 12.04 12.04
CA CYS D 596 14.55 10.93 12.68
C CYS D 596 13.87 9.64 12.23
N PRO D 597 14.34 9.03 11.16
CA PRO D 597 13.68 7.83 10.62
C PRO D 597 13.68 6.71 11.64
N PRO D 598 12.57 5.97 11.75
CA PRO D 598 12.49 4.93 12.77
C PRO D 598 13.39 3.76 12.42
N PRO D 599 13.84 3.00 13.42
CA PRO D 599 14.68 1.81 13.14
C PRO D 599 13.85 0.63 12.67
N LEU D 600 13.54 0.64 11.37
CA LEU D 600 12.73 -0.42 10.78
C LEU D 600 13.49 -1.73 10.64
N ALA D 601 14.80 -1.74 10.87
CA ALA D 601 15.58 -2.95 10.74
C ALA D 601 15.64 -3.76 12.03
N CYS D 602 15.60 -3.10 13.18
CA CYS D 602 15.62 -3.80 14.46
C CYS D 602 14.23 -4.13 14.97
N ALA D 603 13.24 -3.30 14.66
CA ALA D 603 11.88 -3.57 15.11
C ALA D 603 11.31 -4.81 14.44
N LEU D 604 11.66 -5.06 13.19
CA LEU D 604 11.19 -6.27 12.51
C LEU D 604 11.76 -7.51 13.17
N GLN D 605 13.05 -7.48 13.54
CA GLN D 605 13.63 -8.60 14.28
C GLN D 605 12.98 -8.76 15.65
N ALA D 606 12.69 -7.63 16.32
CA ALA D 606 12.05 -7.71 17.62
C ALA D 606 10.67 -8.35 17.53
N PHE D 607 9.91 -8.00 16.49
CA PHE D 607 8.62 -8.65 16.27
C PHE D 607 8.80 -10.12 15.93
N SER D 608 9.82 -10.45 15.13
CA SER D 608 10.03 -11.83 14.73
C SER D 608 10.31 -12.75 15.92
N LEU D 609 10.77 -12.20 17.04
CA LEU D 609 10.95 -12.97 18.26
C LEU D 609 9.68 -13.06 19.09
N GLY D 610 8.61 -12.40 18.67
CA GLY D 610 7.39 -12.41 19.43
C GLY D 610 6.37 -13.40 18.92
N GLN D 611 6.31 -13.59 17.60
CA GLN D 611 5.36 -14.53 17.02
C GLN D 611 5.70 -15.98 17.31
N ARG D 612 6.88 -16.25 17.87
CA ARG D 612 7.26 -17.61 18.27
C ARG D 612 7.42 -17.72 19.78
N GLU D 613 6.79 -16.82 20.54
CA GLU D 613 6.88 -16.84 21.99
C GLU D 613 5.96 -17.93 22.55
N ASP D 614 5.82 -17.98 23.87
CA ASP D 614 5.04 -19.01 24.52
C ASP D 614 3.60 -18.60 24.74
N SER D 615 3.34 -17.33 25.02
CA SER D 615 1.99 -16.87 25.30
C SER D 615 1.15 -16.88 24.02
N LEU D 616 -0.10 -16.45 24.14
CA LEU D 616 -0.99 -16.34 23.00
C LEU D 616 -1.37 -14.90 22.68
N GLU D 617 -1.48 -14.04 23.69
CA GLU D 617 -1.77 -12.63 23.44
C GLU D 617 -0.60 -11.97 22.72
N VAL D 618 0.62 -12.15 23.25
CA VAL D 618 1.79 -11.56 22.62
C VAL D 618 2.10 -12.24 21.29
N SER D 619 1.99 -13.57 21.24
CA SER D 619 2.25 -14.29 20.01
C SER D 619 1.20 -14.05 18.94
N SER D 620 0.08 -13.45 19.30
CA SER D 620 -0.89 -13.03 18.28
C SER D 620 -0.68 -11.58 17.88
N PHE D 621 -0.42 -10.69 18.83
CA PHE D 621 -0.19 -9.29 18.46
C PHE D 621 1.08 -9.14 17.63
N CYS D 622 2.16 -9.82 18.01
CA CYS D 622 3.40 -9.70 17.24
C CYS D 622 3.25 -10.24 15.83
N SER D 623 2.50 -11.33 15.67
CA SER D 623 2.25 -11.86 14.33
C SER D 623 1.23 -11.03 13.56
N GLU D 624 0.42 -10.21 14.25
CA GLU D 624 -0.47 -9.29 13.58
C GLU D 624 0.19 -7.96 13.27
N ALA D 625 1.36 -7.68 13.84
CA ALA D 625 2.10 -6.48 13.51
C ALA D 625 3.02 -6.64 12.31
N LEU D 626 3.35 -7.88 11.95
CA LEU D 626 4.14 -8.15 10.75
C LEU D 626 3.32 -8.05 9.47
N VAL D 627 1.99 -8.01 9.58
CA VAL D 627 1.16 -7.73 8.41
C VAL D 627 1.04 -6.23 8.18
N THR D 628 1.02 -5.43 9.25
CA THR D 628 1.09 -3.99 9.09
C THR D 628 2.49 -3.54 8.68
N CYS D 629 3.52 -4.11 9.31
CA CYS D 629 4.89 -3.76 8.99
C CYS D 629 5.30 -4.20 7.59
N ALA D 630 4.55 -5.11 6.98
CA ALA D 630 4.82 -5.52 5.61
C ALA D 630 4.31 -4.52 4.59
N ALA D 631 3.74 -3.41 5.04
CA ALA D 631 3.32 -2.32 4.16
C ALA D 631 4.25 -1.12 4.21
N LEU D 632 5.11 -1.02 5.23
CA LEU D 632 6.13 0.02 5.26
C LEU D 632 7.36 -0.35 4.46
N THR D 633 7.52 -1.62 4.08
CA THR D 633 8.67 -2.06 3.30
C THR D 633 8.32 -2.67 1.96
N HIS D 634 7.05 -2.95 1.70
CA HIS D 634 6.59 -3.50 0.42
C HIS D 634 5.47 -2.63 -0.13
N PRO D 635 5.78 -1.41 -0.58
CA PRO D 635 4.72 -0.49 -1.02
C PRO D 635 4.12 -0.88 -2.36
N ARG D 636 3.06 -0.19 -2.75
CA ARG D 636 2.42 -0.40 -4.04
C ARG D 636 2.40 0.82 -4.94
N VAL D 637 2.73 2.00 -4.42
CA VAL D 637 2.90 3.20 -5.24
C VAL D 637 4.16 3.92 -4.79
N PRO D 638 4.74 4.75 -5.67
CA PRO D 638 5.91 5.54 -5.28
C PRO D 638 5.54 6.87 -4.64
N ASN E 60 -24.96 13.64 -69.03
CA ASN E 60 -24.24 13.75 -67.76
C ASN E 60 -24.84 12.84 -66.71
N ILE E 61 -24.38 12.98 -65.47
CA ILE E 61 -24.89 12.14 -64.38
C ILE E 61 -26.36 12.43 -64.11
N LYS E 62 -26.73 13.72 -64.07
CA LYS E 62 -28.12 14.07 -63.79
C LYS E 62 -29.07 13.51 -64.84
N ASP E 63 -28.63 13.43 -66.09
CA ASP E 63 -29.41 12.73 -67.10
C ASP E 63 -29.55 11.25 -66.76
N LEU E 64 -28.45 10.62 -66.34
CA LEU E 64 -28.50 9.21 -65.98
C LEU E 64 -29.33 8.97 -64.74
N LEU E 65 -29.29 9.90 -63.77
CA LEU E 65 -30.11 9.77 -62.58
C LEU E 65 -31.59 9.80 -62.94
N SER E 66 -31.97 10.62 -63.91
CA SER E 66 -33.36 10.63 -64.38
C SER E 66 -33.71 9.33 -65.09
N GLN E 67 -32.76 8.76 -65.84
CA GLN E 67 -33.00 7.48 -66.52
C GLN E 67 -33.19 6.32 -65.55
N MET E 68 -32.66 6.42 -64.33
CA MET E 68 -32.81 5.37 -63.32
C MET E 68 -34.18 5.36 -62.68
N HIS E 69 -34.81 6.53 -62.52
CA HIS E 69 -36.12 6.63 -61.90
C HIS E 69 -37.26 6.53 -62.91
N HIS E 70 -36.96 6.30 -64.18
CA HIS E 70 -37.99 6.20 -65.20
C HIS E 70 -38.87 4.97 -64.94
N TYR E 71 -40.13 5.06 -65.36
CA TYR E 71 -41.07 3.98 -65.11
C TYR E 71 -40.70 2.72 -65.87
N ASN E 72 -40.23 2.86 -67.10
CA ASN E 72 -39.88 1.70 -67.91
C ASN E 72 -38.64 1.01 -67.35
N ALA E 73 -38.71 -0.32 -67.23
CA ALA E 73 -37.57 -1.08 -66.72
C ALA E 73 -36.48 -1.19 -67.78
N GLY E 74 -36.85 -1.34 -69.04
CA GLY E 74 -35.86 -1.46 -70.10
C GLY E 74 -35.06 -0.20 -70.32
N VAL E 75 -35.64 0.96 -69.97
CA VAL E 75 -34.92 2.22 -70.09
C VAL E 75 -33.70 2.24 -69.16
N LYS E 76 -33.87 1.73 -67.94
CA LYS E 76 -32.77 1.75 -66.98
C LYS E 76 -31.59 0.91 -67.45
N GLN E 77 -31.87 -0.20 -68.13
CA GLN E 77 -30.81 -1.14 -68.50
C GLN E 77 -29.68 -0.46 -69.27
N SER E 78 -30.03 0.47 -70.17
CA SER E 78 -29.00 1.20 -70.89
C SER E 78 -28.24 2.14 -69.97
N ALA E 79 -28.88 2.61 -68.90
CA ALA E 79 -28.24 3.59 -68.02
C ALA E 79 -27.13 2.96 -67.19
N LEU E 80 -27.38 1.78 -66.62
CA LEU E 80 -26.37 1.16 -65.76
C LEU E 80 -25.10 0.80 -66.53
N LEU E 81 -25.25 0.26 -67.73
CA LEU E 81 -24.08 -0.07 -68.54
C LEU E 81 -23.28 1.18 -68.87
N GLY E 82 -23.96 2.26 -69.27
CA GLY E 82 -23.27 3.51 -69.52
C GLY E 82 -22.74 4.16 -68.27
N LEU E 83 -23.38 3.90 -67.12
CA LEU E 83 -22.94 4.52 -65.87
C LEU E 83 -21.54 4.05 -65.49
N LYS E 84 -21.33 2.72 -65.44
CA LYS E 84 -20.05 2.20 -64.99
C LYS E 84 -18.91 2.67 -65.88
N ASP E 85 -19.16 2.81 -67.17
CA ASP E 85 -18.15 3.34 -68.08
C ASP E 85 -17.78 4.76 -67.72
N LEU E 86 -18.77 5.57 -67.31
CA LEU E 86 -18.51 6.98 -67.05
C LEU E 86 -17.65 7.17 -65.81
N LEU E 87 -17.97 6.49 -64.70
CA LEU E 87 -17.15 6.62 -63.51
C LEU E 87 -15.80 5.92 -63.66
N SER E 88 -15.73 4.90 -64.52
CA SER E 88 -14.44 4.28 -64.80
C SER E 88 -13.49 5.27 -65.48
N GLN E 89 -14.01 6.02 -66.46
CA GLN E 89 -13.20 7.05 -67.09
C GLN E 89 -12.82 8.16 -66.12
N TYR E 90 -13.78 8.60 -65.30
CA TYR E 90 -13.55 9.67 -64.33
C TYR E 90 -13.88 9.18 -62.94
N PRO E 91 -12.89 8.75 -62.15
CA PRO E 91 -13.17 8.41 -60.74
C PRO E 91 -13.64 9.61 -59.93
N PHE E 92 -13.39 10.83 -60.40
CA PHE E 92 -13.84 12.02 -59.67
C PHE E 92 -15.35 12.13 -59.63
N ILE E 93 -16.07 11.42 -60.50
CA ILE E 93 -17.53 11.39 -60.43
C ILE E 93 -17.98 10.77 -59.11
N ILE E 94 -17.15 9.91 -58.52
CA ILE E 94 -17.52 9.25 -57.27
C ILE E 94 -17.78 10.28 -56.18
N ASP E 95 -16.75 11.04 -55.81
CA ASP E 95 -16.83 11.88 -54.62
C ASP E 95 -17.68 13.13 -54.81
N ALA E 96 -17.98 13.50 -56.06
CA ALA E 96 -18.71 14.75 -56.29
C ALA E 96 -20.13 14.68 -55.75
N HIS E 97 -20.82 13.56 -55.96
CA HIS E 97 -22.24 13.43 -55.59
C HIS E 97 -22.51 12.06 -54.98
N LEU E 98 -21.68 11.66 -54.01
CA LEU E 98 -21.79 10.33 -53.42
C LEU E 98 -23.18 10.03 -52.88
N SER E 99 -23.84 11.02 -52.27
CA SER E 99 -25.12 10.77 -51.62
C SER E 99 -26.19 10.34 -52.63
N ASN E 100 -26.22 10.97 -53.80
CA ASN E 100 -27.30 10.70 -54.75
C ASN E 100 -27.11 9.38 -55.48
N ILE E 101 -25.87 9.02 -55.84
CA ILE E 101 -25.65 7.79 -56.60
C ILE E 101 -26.07 6.57 -55.78
N LEU E 102 -25.70 6.55 -54.50
CA LEU E 102 -26.05 5.41 -53.66
C LEU E 102 -27.57 5.30 -53.48
N SER E 103 -28.24 6.44 -53.33
CA SER E 103 -29.67 6.42 -53.05
C SER E 103 -30.46 5.78 -54.18
N GLU E 104 -30.12 6.11 -55.44
CA GLU E 104 -30.89 5.63 -56.57
C GLU E 104 -30.70 4.13 -56.79
N VAL E 105 -29.44 3.67 -56.76
CA VAL E 105 -29.17 2.25 -57.02
C VAL E 105 -29.70 1.40 -55.86
N THR E 106 -29.63 1.90 -54.63
CA THR E 106 -30.08 1.13 -53.48
C THR E 106 -31.57 1.33 -53.22
N ALA E 107 -32.25 2.16 -54.02
CA ALA E 107 -33.62 2.56 -53.71
C ALA E 107 -34.55 1.36 -53.59
N VAL E 108 -34.59 0.51 -54.61
CA VAL E 108 -35.55 -0.59 -54.62
C VAL E 108 -34.91 -1.90 -54.19
N PHE E 109 -33.77 -2.26 -54.81
CA PHE E 109 -33.06 -3.50 -54.52
C PHE E 109 -33.89 -4.75 -54.82
N THR E 110 -35.09 -4.57 -55.39
CA THR E 110 -35.91 -5.72 -55.78
C THR E 110 -36.71 -5.29 -57.02
N ASP E 111 -36.15 -5.59 -58.19
CA ASP E 111 -36.82 -5.30 -59.46
C ASP E 111 -37.79 -6.43 -59.78
N LYS E 112 -38.38 -6.38 -60.98
CA LYS E 112 -39.27 -7.44 -61.43
C LYS E 112 -38.64 -8.31 -62.52
N ASP E 113 -37.55 -7.85 -63.13
CA ASP E 113 -36.81 -8.62 -64.13
C ASP E 113 -35.43 -8.95 -63.58
N ALA E 114 -34.96 -10.17 -63.86
CA ALA E 114 -33.75 -10.68 -63.22
C ALA E 114 -32.52 -9.86 -63.58
N ASN E 115 -32.37 -9.50 -64.85
CA ASN E 115 -31.15 -8.83 -65.29
C ASN E 115 -31.02 -7.42 -64.73
N VAL E 116 -32.11 -6.80 -64.30
CA VAL E 116 -32.04 -5.45 -63.77
C VAL E 116 -31.22 -5.42 -62.48
N ARG E 117 -31.48 -6.37 -61.58
CA ARG E 117 -30.67 -6.47 -60.37
C ARG E 117 -29.23 -6.86 -60.71
N LEU E 118 -29.06 -7.75 -61.69
CA LEU E 118 -27.72 -8.15 -62.10
C LEU E 118 -26.91 -6.96 -62.56
N ALA E 119 -27.52 -6.08 -63.36
CA ALA E 119 -26.85 -4.85 -63.76
C ALA E 119 -26.56 -3.97 -62.55
N ALA E 120 -27.49 -3.89 -61.61
CA ALA E 120 -27.25 -3.15 -60.38
C ALA E 120 -26.15 -3.81 -59.55
N VAL E 121 -26.14 -5.14 -59.50
CA VAL E 121 -25.10 -5.84 -58.76
C VAL E 121 -23.73 -5.60 -59.38
N GLN E 122 -23.64 -5.69 -60.72
CA GLN E 122 -22.38 -5.40 -61.39
C GLN E 122 -21.97 -3.95 -61.19
N LEU E 123 -22.94 -3.04 -61.13
CA LEU E 123 -22.63 -1.66 -60.76
C LEU E 123 -22.08 -1.60 -59.35
N LEU E 124 -22.69 -2.35 -58.42
CA LEU E 124 -22.16 -2.41 -57.06
C LEU E 124 -20.83 -3.13 -57.02
N GLN E 125 -20.61 -4.09 -57.92
CA GLN E 125 -19.30 -4.74 -58.03
C GLN E 125 -18.23 -3.73 -58.44
N PHE E 126 -18.55 -2.86 -59.40
CA PHE E 126 -17.61 -1.85 -59.86
C PHE E 126 -17.50 -0.66 -58.91
N LEU E 127 -18.61 -0.28 -58.26
CA LEU E 127 -18.62 0.92 -57.44
C LEU E 127 -18.00 0.68 -56.07
N ALA E 128 -18.03 -0.56 -55.59
CA ALA E 128 -17.49 -0.86 -54.26
C ALA E 128 -16.01 -0.52 -54.08
N PRO E 129 -15.10 -0.84 -55.01
CA PRO E 129 -13.67 -0.53 -54.76
C PRO E 129 -13.40 0.95 -54.53
N LYS E 130 -14.17 1.84 -55.14
CA LYS E 130 -13.89 3.27 -55.02
C LYS E 130 -14.28 3.82 -53.65
N ILE E 131 -15.53 3.62 -53.24
CA ILE E 131 -15.98 4.15 -51.95
C ILE E 131 -15.35 3.31 -50.84
N ARG E 132 -14.71 3.97 -49.89
CA ARG E 132 -14.06 3.30 -48.77
C ARG E 132 -14.48 3.97 -47.46
N ALA E 133 -15.63 3.53 -46.92
CA ALA E 133 -16.17 3.93 -45.63
C ALA E 133 -16.42 5.44 -45.46
N GLU E 134 -16.59 5.86 -44.21
CA GLU E 134 -17.01 7.22 -43.86
C GLU E 134 -18.34 7.58 -44.49
N GLN E 135 -18.32 7.90 -45.79
CA GLN E 135 -19.54 8.38 -46.45
C GLN E 135 -20.64 7.34 -46.45
N ILE E 136 -20.30 6.07 -46.70
CA ILE E 136 -21.34 5.04 -46.81
C ILE E 136 -21.85 4.62 -45.44
N SER E 137 -21.16 4.97 -44.37
CA SER E 137 -21.46 4.54 -43.01
C SER E 137 -22.90 4.84 -42.55
N PRO E 138 -23.43 6.05 -42.73
CA PRO E 138 -24.77 6.34 -42.20
C PRO E 138 -25.93 5.88 -43.07
N PHE E 139 -25.73 5.55 -44.34
CA PHE E 139 -26.80 4.90 -45.10
C PHE E 139 -26.76 3.39 -45.03
N PHE E 140 -25.89 2.81 -44.20
CA PHE E 140 -25.97 1.38 -43.93
C PHE E 140 -27.31 0.94 -43.35
N PRO E 141 -27.93 1.66 -42.40
CA PRO E 141 -29.32 1.32 -42.05
C PRO E 141 -30.25 1.43 -43.25
N LEU E 142 -29.96 2.39 -44.13
CA LEU E 142 -30.81 2.60 -45.31
C LEU E 142 -30.76 1.40 -46.25
N VAL E 143 -29.55 0.96 -46.63
CA VAL E 143 -29.43 -0.17 -47.56
C VAL E 143 -29.94 -1.44 -46.92
N SER E 144 -29.66 -1.64 -45.62
CA SER E 144 -30.16 -2.82 -44.93
C SER E 144 -31.69 -2.82 -44.85
N ALA E 145 -32.31 -1.64 -44.87
CA ALA E 145 -33.76 -1.56 -44.86
C ALA E 145 -34.35 -2.20 -46.11
N HIS E 146 -33.84 -1.82 -47.28
CA HIS E 146 -34.26 -2.49 -48.52
C HIS E 146 -33.79 -3.94 -48.54
N LEU E 147 -32.60 -4.20 -48.01
CA LEU E 147 -32.09 -5.56 -47.95
C LEU E 147 -32.99 -6.45 -47.10
N SER E 148 -33.31 -6.01 -45.89
CA SER E 148 -34.09 -6.84 -44.97
C SER E 148 -35.48 -7.12 -45.54
N SER E 149 -36.11 -6.11 -46.16
CA SER E 149 -37.43 -6.33 -46.75
C SER E 149 -37.38 -7.34 -47.88
N ALA E 150 -36.31 -7.29 -48.69
CA ALA E 150 -36.20 -8.20 -49.82
C ALA E 150 -35.90 -9.63 -49.37
N MET E 151 -35.00 -9.80 -48.38
CA MET E 151 -34.75 -11.12 -47.83
C MET E 151 -36.00 -11.69 -47.17
N THR E 152 -36.73 -10.85 -46.43
CA THR E 152 -37.98 -11.27 -45.80
C THR E 152 -39.15 -10.89 -46.70
N HIS E 153 -39.25 -11.61 -47.82
CA HIS E 153 -40.31 -11.40 -48.79
C HIS E 153 -40.86 -12.75 -49.23
N ILE E 154 -42.11 -12.74 -49.70
CA ILE E 154 -42.79 -13.99 -50.06
C ILE E 154 -42.08 -14.68 -51.22
N THR E 155 -41.72 -13.92 -52.26
CA THR E 155 -41.12 -14.53 -53.43
C THR E 155 -39.69 -14.97 -53.15
N GLU E 156 -39.39 -16.23 -53.47
CA GLU E 156 -38.07 -16.78 -53.19
C GLU E 156 -36.99 -16.07 -54.00
N GLY E 157 -37.27 -15.76 -55.27
CA GLY E 157 -36.28 -15.14 -56.12
C GLY E 157 -35.83 -13.77 -55.63
N ILE E 158 -36.75 -13.02 -55.01
CA ILE E 158 -36.40 -11.71 -54.47
C ILE E 158 -35.39 -11.86 -53.33
N GLN E 159 -35.64 -12.82 -52.43
CA GLN E 159 -34.74 -13.02 -51.30
C GLN E 159 -33.35 -13.44 -51.76
N GLU E 160 -33.27 -14.33 -52.74
CA GLU E 160 -31.97 -14.76 -53.23
C GLU E 160 -31.22 -13.62 -53.91
N ASP E 161 -31.93 -12.68 -54.52
CA ASP E 161 -31.28 -11.51 -55.09
C ASP E 161 -30.66 -10.65 -54.00
N SER E 162 -31.38 -10.42 -52.90
CA SER E 162 -30.84 -9.66 -51.79
C SER E 162 -29.73 -10.42 -51.09
N LEU E 163 -29.85 -11.74 -51.00
CA LEU E 163 -28.82 -12.54 -50.35
C LEU E 163 -27.49 -12.41 -51.08
N LYS E 164 -27.53 -12.32 -52.41
CA LYS E 164 -26.30 -12.07 -53.17
C LYS E 164 -25.70 -10.72 -52.83
N VAL E 165 -26.54 -9.72 -52.60
CA VAL E 165 -26.04 -8.38 -52.29
C VAL E 165 -25.22 -8.39 -51.01
N LEU E 166 -25.64 -9.18 -50.02
CA LEU E 166 -24.93 -9.23 -48.75
C LEU E 166 -23.49 -9.69 -48.95
N ASP E 167 -23.28 -10.70 -49.79
CA ASP E 167 -21.93 -11.17 -50.06
C ASP E 167 -21.09 -10.13 -50.77
N ILE E 168 -21.74 -9.15 -51.42
CA ILE E 168 -21.01 -8.16 -52.20
C ILE E 168 -20.28 -7.19 -51.27
N LEU E 169 -21.01 -6.55 -50.35
CA LEU E 169 -20.39 -5.54 -49.50
C LEU E 169 -19.72 -6.15 -48.28
N LEU E 170 -19.94 -7.44 -48.04
CA LEU E 170 -19.22 -8.13 -46.96
C LEU E 170 -17.72 -8.14 -47.23
N GLU E 171 -17.33 -8.35 -48.49
CA GLU E 171 -15.91 -8.42 -48.83
C GLU E 171 -15.20 -7.10 -48.61
N GLN E 172 -15.88 -5.98 -48.94
CA GLN E 172 -15.18 -4.71 -49.07
C GLN E 172 -14.97 -4.03 -47.72
N TYR E 173 -16.00 -3.97 -46.88
CA TYR E 173 -15.93 -3.36 -45.55
C TYR E 173 -16.40 -4.37 -44.52
N PRO E 174 -15.64 -5.45 -44.30
CA PRO E 174 -16.12 -6.50 -43.40
C PRO E 174 -16.27 -6.06 -41.95
N ALA E 175 -15.54 -5.05 -41.51
CA ALA E 175 -15.58 -4.62 -40.12
C ALA E 175 -16.92 -3.99 -39.76
N LEU E 176 -17.46 -3.15 -40.63
CA LEU E 176 -18.64 -2.37 -40.29
C LEU E 176 -19.95 -3.11 -40.57
N ILE E 177 -19.90 -4.27 -41.21
CA ILE E 177 -21.12 -5.06 -41.41
C ILE E 177 -21.69 -5.52 -40.07
N THR E 178 -20.83 -5.79 -39.10
CA THR E 178 -21.22 -6.35 -37.82
C THR E 178 -21.75 -5.31 -36.84
N GLY E 179 -21.73 -4.03 -37.21
CA GLY E 179 -22.20 -2.98 -36.33
C GLY E 179 -23.68 -3.05 -36.04
N ARG E 180 -24.50 -2.98 -37.07
CA ARG E 180 -25.96 -2.96 -36.93
C ARG E 180 -26.58 -4.30 -37.34
N SER E 181 -25.91 -5.41 -37.02
CA SER E 181 -26.41 -6.72 -37.42
C SER E 181 -27.77 -6.99 -36.82
N SER E 182 -27.83 -7.13 -35.49
CA SER E 182 -29.08 -7.22 -34.72
C SER E 182 -30.17 -8.02 -35.43
N ILE E 183 -30.91 -7.35 -36.32
CA ILE E 183 -32.05 -7.92 -37.01
C ILE E 183 -31.65 -8.99 -38.01
N LEU E 184 -30.56 -8.75 -38.77
CA LEU E 184 -30.23 -9.58 -39.91
C LEU E 184 -30.05 -11.05 -39.56
N LEU E 185 -29.49 -11.34 -38.38
CA LEU E 185 -29.32 -12.73 -37.96
C LEU E 185 -30.67 -13.43 -37.83
N LYS E 186 -31.68 -12.72 -37.33
CA LYS E 186 -33.02 -13.28 -37.23
C LYS E 186 -33.56 -13.57 -38.63
N ASN E 187 -33.35 -12.64 -39.57
CA ASN E 187 -33.88 -12.78 -40.92
C ASN E 187 -33.42 -14.07 -41.59
N PHE E 188 -32.20 -14.50 -41.30
CA PHE E 188 -31.72 -15.78 -41.83
C PHE E 188 -32.55 -16.93 -41.30
N VAL E 189 -32.90 -16.89 -40.02
CA VAL E 189 -33.74 -17.92 -39.43
C VAL E 189 -35.16 -17.87 -40.00
N GLU E 190 -35.65 -16.66 -40.28
CA GLU E 190 -37.04 -16.50 -40.69
C GLU E 190 -37.35 -17.26 -41.98
N LEU E 191 -36.46 -17.15 -42.99
CA LEU E 191 -36.72 -17.82 -44.26
C LEU E 191 -36.64 -19.33 -44.12
N ILE E 192 -35.69 -19.83 -43.33
CA ILE E 192 -35.55 -21.28 -43.16
C ILE E 192 -36.61 -21.84 -42.21
N SER E 193 -37.20 -21.00 -41.37
CA SER E 193 -38.24 -21.45 -40.45
C SER E 193 -39.62 -20.96 -40.90
N GLN E 223 -34.29 -27.55 -49.42
CA GLN E 223 -32.99 -28.16 -49.19
C GLN E 223 -31.89 -27.37 -49.90
N GLN E 224 -31.94 -27.37 -51.24
CA GLN E 224 -30.96 -26.61 -52.00
C GLN E 224 -31.07 -25.11 -51.73
N TRP E 225 -32.30 -24.61 -51.61
CA TRP E 225 -32.49 -23.22 -51.23
C TRP E 225 -31.90 -22.93 -49.86
N ARG E 226 -32.09 -23.86 -48.92
CA ARG E 226 -31.48 -23.73 -47.60
C ARG E 226 -29.96 -23.81 -47.68
N LEU E 227 -29.44 -24.59 -48.62
CA LEU E 227 -27.99 -24.75 -48.73
C LEU E 227 -27.32 -23.43 -49.11
N LYS E 228 -27.85 -22.76 -50.13
CA LYS E 228 -27.26 -21.50 -50.58
C LYS E 228 -27.26 -20.47 -49.46
N VAL E 229 -28.25 -20.54 -48.56
CA VAL E 229 -28.27 -19.67 -47.38
C VAL E 229 -27.09 -19.98 -46.48
N LEU E 230 -26.78 -21.26 -46.29
CA LEU E 230 -25.72 -21.68 -45.37
C LEU E 230 -24.33 -21.34 -45.88
N VAL E 231 -24.16 -21.14 -47.19
CA VAL E 231 -22.82 -20.89 -47.73
C VAL E 231 -22.25 -19.59 -47.16
N ARG E 232 -23.01 -18.51 -47.23
CA ARG E 232 -22.57 -17.24 -46.69
C ARG E 232 -22.99 -17.03 -45.24
N LEU E 233 -23.84 -17.90 -44.69
CA LEU E 233 -24.12 -17.85 -43.26
C LEU E 233 -22.88 -18.16 -42.46
N SER E 234 -22.09 -19.16 -42.89
CA SER E 234 -20.79 -19.39 -42.28
C SER E 234 -19.89 -18.18 -42.45
N LYS E 235 -19.89 -17.58 -43.64
CA LYS E 235 -19.16 -16.34 -43.85
C LYS E 235 -19.71 -15.23 -42.95
N PHE E 236 -21.02 -15.24 -42.71
CA PHE E 236 -21.62 -14.25 -41.81
C PHE E 236 -21.08 -14.45 -40.39
N LEU E 237 -21.16 -15.69 -39.87
CA LEU E 237 -20.66 -15.95 -38.54
C LEU E 237 -19.15 -15.74 -38.45
N GLN E 238 -18.41 -16.08 -39.51
CA GLN E 238 -16.97 -15.84 -39.52
C GLN E 238 -16.66 -14.35 -39.40
N ALA E 239 -17.56 -13.48 -39.88
CA ALA E 239 -17.32 -12.04 -39.79
C ALA E 239 -17.24 -11.57 -38.34
N LEU E 240 -18.13 -12.06 -37.48
CA LEU E 240 -18.04 -11.71 -36.06
C LEU E 240 -16.74 -12.23 -35.45
N ALA E 241 -16.36 -13.47 -35.76
CA ALA E 241 -15.15 -14.04 -35.20
C ALA E 241 -13.91 -13.28 -35.68
N ASP E 242 -13.80 -13.06 -36.99
CA ASP E 242 -12.66 -12.33 -37.52
C ASP E 242 -12.71 -10.87 -37.11
N GLY E 243 -13.89 -10.26 -37.11
CA GLY E 243 -13.99 -8.84 -36.77
C GLY E 243 -13.65 -8.58 -35.32
N SER E 244 -14.17 -9.41 -34.41
CA SER E 244 -13.91 -9.19 -32.99
C SER E 244 -12.47 -9.52 -32.63
N SER E 245 -11.89 -10.54 -33.27
CA SER E 245 -10.52 -10.92 -32.96
C SER E 245 -9.54 -9.81 -33.33
N ARG E 246 -9.74 -9.18 -34.48
CA ARG E 246 -8.85 -8.10 -34.92
C ARG E 246 -9.46 -6.74 -34.60
N GLY E 288 5.45 -5.41 -10.09
CA GLY E 288 6.77 -5.34 -10.68
C GLY E 288 6.93 -4.22 -11.68
N SER E 289 7.62 -3.16 -11.27
CA SER E 289 7.92 -1.95 -12.05
C SER E 289 6.68 -1.14 -12.38
N GLN E 290 5.48 -1.58 -11.98
CA GLN E 290 4.27 -0.84 -12.22
C GLN E 290 3.43 -0.92 -10.95
N PRO E 291 2.79 0.18 -10.53
CA PRO E 291 2.09 0.16 -9.23
C PRO E 291 1.00 -0.89 -9.12
N ASN E 292 0.21 -1.11 -10.17
CA ASN E 292 -0.93 -2.04 -10.17
C ASN E 292 -1.81 -1.80 -8.94
N VAL E 293 -2.38 -0.60 -8.89
CA VAL E 293 -3.21 -0.19 -7.77
C VAL E 293 -4.60 0.26 -8.19
N SER E 294 -4.89 0.32 -9.49
CA SER E 294 -6.23 0.70 -9.94
C SER E 294 -7.23 -0.37 -9.53
N SER E 295 -8.35 0.06 -8.95
CA SER E 295 -9.38 -0.85 -8.46
C SER E 295 -10.60 -0.80 -9.35
N GLN E 296 -11.31 -1.93 -9.42
CA GLN E 296 -12.49 -2.07 -10.25
C GLN E 296 -13.78 -2.06 -9.44
N PHE E 297 -13.74 -1.67 -8.18
CA PHE E 297 -14.94 -1.59 -7.36
C PHE E 297 -15.60 -0.23 -7.54
N ARG E 298 -16.90 -0.22 -7.77
CA ARG E 298 -17.66 1.00 -8.00
C ARG E 298 -18.94 0.96 -7.19
N LEU E 299 -19.24 2.06 -6.50
CA LEU E 299 -20.49 2.20 -5.78
C LEU E 299 -21.59 2.63 -6.76
N ARG E 300 -22.44 1.69 -7.14
CA ARG E 300 -23.48 1.97 -8.12
C ARG E 300 -24.80 1.31 -7.73
N LEU E 313 -24.02 -10.15 -31.95
CA LEU E 313 -23.62 -11.16 -30.98
C LEU E 313 -22.47 -10.67 -30.12
N SER E 314 -22.26 -9.35 -30.11
CA SER E 314 -21.18 -8.77 -29.32
C SER E 314 -21.38 -9.02 -27.83
N SER E 315 -22.61 -8.81 -27.34
CA SER E 315 -22.90 -9.05 -25.94
C SER E 315 -22.94 -10.55 -25.65
N THR E 316 -22.64 -10.89 -24.39
CA THR E 316 -22.67 -12.29 -24.00
C THR E 316 -24.08 -12.87 -24.09
N GLU E 317 -25.08 -12.11 -23.63
CA GLU E 317 -26.45 -12.59 -23.71
C GLU E 317 -26.95 -12.64 -25.15
N ASN E 318 -26.57 -11.65 -25.96
CA ASN E 318 -26.99 -11.65 -27.36
C ASN E 318 -26.47 -12.88 -28.09
N LEU E 319 -25.21 -13.24 -27.87
CA LEU E 319 -24.71 -14.50 -28.38
C LEU E 319 -25.44 -15.67 -27.72
N LYS E 320 -25.62 -15.62 -26.40
CA LYS E 320 -26.31 -16.70 -25.70
C LYS E 320 -27.77 -16.80 -26.12
N GLY E 321 -28.43 -15.66 -26.28
CA GLY E 321 -29.81 -15.68 -26.77
C GLY E 321 -29.90 -16.27 -28.16
N PHE E 322 -28.87 -16.05 -28.98
CA PHE E 322 -28.82 -16.69 -30.30
C PHE E 322 -28.57 -18.18 -30.18
N ILE E 323 -27.90 -18.63 -29.11
CA ILE E 323 -27.49 -20.03 -29.00
C ILE E 323 -28.70 -20.95 -29.03
N GLU E 324 -29.65 -20.74 -28.10
CA GLU E 324 -30.80 -21.63 -28.05
C GLU E 324 -31.73 -21.49 -29.24
N ILE E 325 -31.52 -20.46 -30.07
CA ILE E 325 -32.46 -20.21 -31.17
C ILE E 325 -32.09 -21.03 -32.40
N ILE E 326 -30.82 -21.07 -32.77
CA ILE E 326 -30.41 -21.65 -34.05
C ILE E 326 -30.18 -23.15 -33.93
N ILE E 327 -29.33 -23.59 -33.00
CA ILE E 327 -28.84 -24.97 -32.97
C ILE E 327 -29.97 -26.00 -33.00
N PRO E 328 -31.09 -25.81 -32.28
CA PRO E 328 -32.21 -26.74 -32.49
C PRO E 328 -32.71 -26.77 -33.92
N LEU E 329 -32.57 -25.67 -34.68
CA LEU E 329 -33.02 -25.66 -36.06
C LEU E 329 -32.05 -26.41 -36.98
N LEU E 330 -30.74 -26.31 -36.73
CA LEU E 330 -29.81 -27.10 -37.54
C LEU E 330 -29.91 -28.59 -37.24
N ILE E 331 -30.29 -28.96 -36.02
CA ILE E 331 -30.62 -30.36 -35.76
C ILE E 331 -31.78 -30.81 -36.63
N GLU E 332 -32.79 -29.95 -36.79
CA GLU E 332 -33.86 -30.22 -37.73
C GLU E 332 -33.32 -30.36 -39.15
N CYS E 333 -32.40 -29.47 -39.54
CA CYS E 333 -31.75 -29.60 -40.83
C CYS E 333 -30.86 -30.84 -40.88
N TRP E 334 -30.27 -31.23 -39.74
CA TRP E 334 -29.42 -32.40 -39.70
C TRP E 334 -30.18 -33.67 -40.05
N VAL E 335 -31.39 -33.81 -39.53
CA VAL E 335 -32.24 -34.95 -39.91
C VAL E 335 -32.59 -34.87 -41.39
N GLU E 336 -32.91 -33.67 -41.88
CA GLU E 336 -33.27 -33.51 -43.28
C GLU E 336 -32.08 -33.75 -44.21
N ALA E 337 -30.85 -33.66 -43.68
CA ALA E 337 -29.67 -33.85 -44.51
C ALA E 337 -29.62 -35.26 -45.08
N VAL E 338 -29.52 -36.26 -44.21
CA VAL E 338 -29.47 -37.66 -44.61
C VAL E 338 -30.46 -38.43 -43.74
N PRO E 339 -31.42 -39.15 -44.32
CA PRO E 339 -32.41 -39.92 -43.54
C PRO E 339 -31.79 -41.13 -42.84
N PRO E 354 -26.97 -33.25 -51.78
CA PRO E 354 -25.56 -33.32 -52.15
C PRO E 354 -24.66 -33.71 -50.98
N LEU E 355 -23.50 -33.06 -50.87
CA LEU E 355 -22.50 -33.40 -49.88
C LEU E 355 -22.15 -32.28 -48.91
N GLN E 356 -22.47 -31.02 -49.24
CA GLN E 356 -22.12 -29.92 -48.35
C GLN E 356 -23.01 -29.90 -47.12
N VAL E 357 -24.31 -29.68 -47.32
CA VAL E 357 -25.39 -29.72 -46.34
C VAL E 357 -24.91 -29.84 -44.90
N MET E 358 -24.61 -31.08 -44.48
CA MET E 358 -24.24 -31.34 -43.10
C MET E 358 -22.92 -30.65 -42.72
N GLN E 359 -21.95 -30.64 -43.64
CA GLN E 359 -20.65 -30.09 -43.32
C GLN E 359 -20.74 -28.61 -42.97
N GLN E 360 -21.54 -27.85 -43.73
CA GLN E 360 -21.70 -26.44 -43.40
C GLN E 360 -22.39 -26.26 -42.06
N VAL E 361 -23.31 -27.17 -41.71
CA VAL E 361 -23.90 -27.16 -40.38
C VAL E 361 -22.82 -27.44 -39.34
N LEU E 362 -21.89 -28.34 -39.64
CA LEU E 362 -20.80 -28.61 -38.71
C LEU E 362 -19.93 -27.37 -38.52
N ASN E 363 -19.71 -26.61 -39.60
CA ASN E 363 -18.81 -25.46 -39.53
C ASN E 363 -19.35 -24.36 -38.62
N ILE E 364 -20.63 -24.02 -38.75
CA ILE E 364 -21.12 -22.85 -38.04
C ILE E 364 -21.20 -23.11 -36.54
N ILE E 365 -21.36 -24.36 -36.14
CA ILE E 365 -21.38 -24.68 -34.71
C ILE E 365 -20.03 -24.38 -34.08
N SER E 366 -18.99 -24.86 -34.74
CA SER E 366 -17.62 -24.63 -34.21
C SER E 366 -17.38 -23.13 -34.29
N LEU E 367 -17.83 -22.53 -35.37
CA LEU E 367 -17.69 -21.07 -35.48
C LEU E 367 -18.19 -20.44 -34.18
N LEU E 368 -19.43 -20.74 -33.79
CA LEU E 368 -19.98 -20.06 -32.59
C LEU E 368 -19.33 -20.62 -31.31
N TRP E 369 -18.96 -21.90 -31.31
CA TRP E 369 -18.26 -22.41 -30.11
C TRP E 369 -17.01 -21.56 -29.91
N LYS E 370 -16.23 -21.43 -30.98
CA LYS E 370 -15.01 -20.59 -30.89
C LYS E 370 -15.46 -19.19 -30.47
N LEU E 371 -16.61 -18.76 -30.96
CA LEU E 371 -17.07 -17.38 -30.66
C LEU E 371 -17.34 -17.28 -29.14
N SER E 372 -17.54 -18.42 -28.46
CA SER E 372 -17.68 -18.34 -26.99
C SER E 372 -16.34 -17.90 -26.40
N LYS E 373 -15.30 -18.70 -26.60
CA LYS E 373 -13.95 -18.31 -26.12
C LYS E 373 -13.65 -16.93 -26.72
N THR E 378 -17.33 -18.33 -18.37
CA THR E 378 -17.39 -19.28 -19.48
C THR E 378 -17.70 -20.70 -19.02
N HIS E 379 -17.28 -21.05 -17.79
CA HIS E 379 -17.48 -22.42 -17.30
C HIS E 379 -18.97 -22.74 -17.19
N LYS E 380 -19.75 -21.82 -16.63
CA LYS E 380 -21.18 -22.09 -16.46
C LYS E 380 -21.88 -22.24 -17.81
N LEU E 381 -21.54 -21.38 -18.78
CA LEU E 381 -22.18 -21.47 -20.08
C LEU E 381 -21.79 -22.74 -20.82
N GLU E 382 -20.50 -23.12 -20.77
CA GLU E 382 -20.09 -24.33 -21.46
C GLU E 382 -20.70 -25.57 -20.81
N SER E 383 -20.79 -25.59 -19.47
CA SER E 383 -21.47 -26.69 -18.80
C SER E 383 -22.95 -26.72 -19.16
N TRP E 384 -23.56 -25.55 -19.32
CA TRP E 384 -24.96 -25.49 -19.71
C TRP E 384 -25.16 -26.10 -21.09
N LEU E 385 -24.32 -25.73 -22.06
CA LEU E 385 -24.42 -26.34 -23.38
C LEU E 385 -24.18 -27.85 -23.31
N ARG E 386 -23.19 -28.27 -22.53
CA ARG E 386 -22.90 -29.69 -22.37
C ARG E 386 -24.13 -30.45 -21.88
N LYS E 387 -24.66 -30.03 -20.73
CA LYS E 387 -25.77 -30.74 -20.11
C LYS E 387 -27.09 -30.57 -20.87
N ASN E 388 -27.20 -29.56 -21.72
CA ASN E 388 -28.45 -29.36 -22.46
C ASN E 388 -28.44 -30.03 -23.83
N TYR E 389 -27.26 -30.23 -24.43
CA TYR E 389 -27.19 -30.80 -25.77
C TYR E 389 -26.41 -32.10 -25.83
N LEU E 390 -26.10 -32.72 -24.70
CA LEU E 390 -25.49 -34.05 -24.73
C LEU E 390 -26.36 -35.05 -25.47
N ILE E 391 -27.68 -35.02 -25.23
CA ILE E 391 -28.57 -36.00 -25.82
C ILE E 391 -28.53 -35.91 -27.34
N ASP E 392 -28.57 -34.69 -27.88
CA ASP E 392 -28.51 -34.52 -29.33
C ASP E 392 -27.13 -34.85 -29.88
N PHE E 393 -26.08 -34.34 -29.23
CA PHE E 393 -24.73 -34.51 -29.76
C PHE E 393 -24.26 -35.97 -29.72
N LYS E 394 -24.80 -36.78 -28.80
CA LYS E 394 -24.31 -38.15 -28.68
C LYS E 394 -24.64 -38.97 -29.93
N HIS E 395 -25.87 -38.89 -30.41
CA HIS E 395 -26.31 -39.73 -31.52
C HIS E 395 -26.72 -38.94 -32.75
N HIS E 396 -27.53 -37.89 -32.58
CA HIS E 396 -28.03 -37.16 -33.74
C HIS E 396 -26.92 -36.44 -34.49
N PHE E 397 -25.88 -36.01 -33.79
CA PHE E 397 -24.80 -35.23 -34.40
C PHE E 397 -23.71 -36.11 -35.00
N MET E 398 -23.85 -37.43 -34.91
CA MET E 398 -22.87 -38.33 -35.52
C MET E 398 -22.92 -38.20 -37.04
N SER E 399 -21.75 -38.34 -37.66
CA SER E 399 -21.61 -38.30 -39.10
C SER E 399 -21.06 -39.63 -39.62
N ARG E 400 -20.77 -39.68 -40.91
CA ARG E 400 -20.22 -40.87 -41.54
C ARG E 400 -18.71 -40.85 -41.38
N PHE E 401 -18.20 -41.63 -40.43
CA PHE E 401 -16.75 -41.69 -40.22
C PHE E 401 -16.02 -42.24 -41.44
N PRO E 402 -16.41 -43.39 -42.04
CA PRO E 402 -15.71 -43.84 -43.25
C PRO E 402 -15.99 -42.93 -44.44
N TYR E 403 -17.27 -42.69 -44.71
CA TYR E 403 -17.74 -41.84 -45.81
C TYR E 403 -16.98 -42.07 -47.11
N HIS E 432 -10.58 -33.38 -47.42
CA HIS E 432 -11.08 -34.71 -47.72
C HIS E 432 -11.48 -35.44 -46.45
N LEU E 433 -10.97 -34.96 -45.31
CA LEU E 433 -11.28 -35.53 -44.01
C LEU E 433 -11.84 -34.48 -43.05
N LEU E 434 -11.91 -33.22 -43.46
CA LEU E 434 -12.40 -32.16 -42.59
C LEU E 434 -13.84 -32.40 -42.13
N LEU E 435 -14.63 -33.17 -42.89
CA LEU E 435 -15.99 -33.49 -42.48
C LEU E 435 -16.00 -34.16 -41.12
N ASN E 436 -15.21 -35.22 -40.96
CA ASN E 436 -15.09 -35.87 -39.66
C ASN E 436 -14.19 -35.09 -38.71
N LEU E 437 -13.25 -34.31 -39.24
CA LEU E 437 -12.32 -33.57 -38.38
C LEU E 437 -13.05 -32.53 -37.54
N THR E 438 -13.96 -31.78 -38.18
CA THR E 438 -14.72 -30.76 -37.44
C THR E 438 -15.63 -31.40 -36.40
N LEU E 439 -16.25 -32.54 -36.75
CA LEU E 439 -17.09 -33.24 -35.79
C LEU E 439 -16.28 -33.70 -34.60
N SER E 440 -15.08 -34.26 -34.83
CA SER E 440 -14.23 -34.65 -33.74
C SER E 440 -13.82 -33.46 -32.89
N ASP E 441 -13.51 -32.34 -33.54
CA ASP E 441 -13.12 -31.14 -32.81
C ASP E 441 -14.22 -30.68 -31.86
N ILE E 442 -15.45 -30.57 -32.38
CA ILE E 442 -16.54 -30.09 -31.53
C ILE E 442 -16.88 -31.12 -30.46
N MET E 443 -16.82 -32.41 -30.78
CA MET E 443 -17.12 -33.45 -29.81
C MET E 443 -16.14 -33.43 -28.64
N VAL E 444 -14.85 -33.27 -28.95
CA VAL E 444 -13.87 -33.13 -27.87
C VAL E 444 -14.06 -31.82 -27.12
N SER E 445 -14.44 -30.75 -27.84
CA SER E 445 -14.66 -29.46 -27.21
C SER E 445 -15.85 -29.47 -26.26
N LEU E 446 -16.78 -30.40 -26.41
CA LEU E 446 -17.88 -30.52 -25.45
C LEU E 446 -17.35 -30.75 -24.04
N ALA E 449 -13.81 -32.43 -18.58
CA ALA E 449 -13.18 -32.23 -17.28
C ALA E 449 -12.87 -33.56 -16.61
N SER E 450 -13.91 -34.17 -16.01
CA SER E 450 -13.79 -35.45 -15.31
C SER E 450 -14.93 -36.37 -15.70
N THR E 451 -15.32 -36.36 -16.97
CA THR E 451 -16.42 -37.18 -17.47
C THR E 451 -15.93 -38.27 -18.42
N LEU E 452 -14.66 -38.68 -18.27
CA LEU E 452 -14.10 -39.69 -19.16
C LEU E 452 -14.76 -41.04 -18.95
N GLN E 453 -15.11 -41.38 -17.70
CA GLN E 453 -15.68 -42.69 -17.42
C GLN E 453 -17.09 -42.84 -18.01
N LYS E 454 -17.82 -41.74 -18.16
CA LYS E 454 -19.15 -41.78 -18.74
C LYS E 454 -19.15 -41.56 -20.25
N ASP E 455 -17.99 -41.31 -20.85
CA ASP E 455 -17.89 -40.99 -22.26
C ASP E 455 -16.80 -41.79 -22.97
N CYS E 456 -16.25 -42.82 -22.31
CA CYS E 456 -15.12 -43.56 -22.84
C CYS E 456 -15.40 -44.17 -24.20
N SER E 457 -16.66 -44.49 -24.51
CA SER E 457 -16.97 -45.11 -25.79
C SER E 457 -16.62 -44.19 -26.96
N TRP E 458 -17.23 -43.00 -27.00
CA TRP E 458 -16.90 -42.10 -28.10
C TRP E 458 -15.53 -41.49 -27.94
N ILE E 459 -15.00 -41.41 -26.71
CA ILE E 459 -13.60 -41.01 -26.57
C ILE E 459 -12.69 -42.01 -27.28
N GLU E 460 -12.97 -43.30 -27.12
CA GLU E 460 -12.14 -44.33 -27.74
C GLU E 460 -12.27 -44.32 -29.26
N MET E 461 -13.49 -44.23 -29.77
CA MET E 461 -13.59 -44.25 -31.24
C MET E 461 -13.08 -42.96 -31.86
N ILE E 462 -13.19 -41.82 -31.16
CA ILE E 462 -12.60 -40.59 -31.67
C ILE E 462 -11.07 -40.68 -31.63
N ARG E 463 -10.51 -41.34 -30.61
CA ARG E 463 -9.07 -41.57 -30.56
C ARG E 463 -8.63 -42.46 -31.72
N LYS E 464 -9.42 -43.50 -32.02
CA LYS E 464 -9.11 -44.34 -33.17
C LYS E 464 -9.13 -43.52 -34.46
N PHE E 465 -10.12 -42.65 -34.62
CA PHE E 465 -10.21 -41.82 -35.82
C PHE E 465 -9.01 -40.89 -35.94
N VAL E 466 -8.64 -40.22 -34.84
CA VAL E 466 -7.54 -39.27 -34.92
C VAL E 466 -6.22 -39.99 -35.16
N THR E 467 -6.04 -41.18 -34.57
CA THR E 467 -4.85 -41.97 -34.87
C THR E 467 -4.82 -42.38 -36.33
N GLU E 468 -5.97 -42.78 -36.88
CA GLU E 468 -6.03 -43.19 -38.27
C GLU E 468 -5.66 -42.05 -39.21
N THR E 469 -6.17 -40.84 -38.96
CA THR E 469 -5.82 -39.73 -39.84
C THR E 469 -4.40 -39.27 -39.62
N LEU E 470 -3.87 -39.40 -38.40
CA LEU E 470 -2.49 -39.04 -38.14
C LEU E 470 -1.52 -39.97 -38.85
N GLU E 471 -1.84 -41.27 -38.89
CA GLU E 471 -0.92 -42.24 -39.47
C GLU E 471 -0.69 -42.00 -40.96
N ASP E 472 -1.76 -41.68 -41.70
CA ASP E 472 -1.69 -41.57 -43.14
C ASP E 472 -1.77 -40.12 -43.63
N GLY E 473 -1.41 -39.16 -42.78
CA GLY E 473 -1.47 -37.77 -43.16
C GLY E 473 -0.20 -37.27 -43.83
N SER E 474 -0.22 -37.17 -45.16
CA SER E 474 0.95 -36.68 -45.89
C SER E 474 0.63 -35.49 -46.79
N ARG E 475 -0.53 -35.48 -47.45
CA ARG E 475 -0.92 -34.38 -48.32
C ARG E 475 -1.77 -33.34 -47.60
N LEU E 476 -1.97 -33.49 -46.30
CA LEU E 476 -2.85 -32.58 -45.56
C LEU E 476 -2.22 -31.20 -45.46
N ASN E 477 -3.06 -30.17 -45.65
CA ASN E 477 -2.60 -28.80 -45.56
C ASN E 477 -2.35 -28.42 -44.10
N SER E 478 -1.86 -27.19 -43.90
CA SER E 478 -1.38 -26.77 -42.58
C SER E 478 -2.51 -26.47 -41.61
N LYS E 479 -3.60 -25.88 -42.09
CA LYS E 479 -4.64 -25.38 -41.18
C LYS E 479 -5.34 -26.52 -40.46
N GLN E 480 -5.94 -27.45 -41.21
CA GLN E 480 -6.62 -28.56 -40.58
C GLN E 480 -5.65 -29.51 -39.89
N LEU E 481 -4.39 -29.55 -40.33
CA LEU E 481 -3.39 -30.31 -39.58
C LEU E 481 -3.15 -29.71 -38.21
N ASN E 482 -3.08 -28.37 -38.11
CA ASN E 482 -2.98 -27.72 -36.82
C ASN E 482 -4.22 -27.98 -35.98
N ARG E 483 -5.39 -27.97 -36.61
CA ARG E 483 -6.62 -28.28 -35.89
C ARG E 483 -6.59 -29.71 -35.33
N LEU E 484 -6.11 -30.67 -36.13
CA LEU E 484 -5.99 -32.04 -35.68
C LEU E 484 -4.97 -32.18 -34.56
N LEU E 485 -3.87 -31.44 -34.65
CA LEU E 485 -2.87 -31.46 -33.58
C LEU E 485 -3.46 -30.94 -32.28
N GLY E 486 -4.21 -29.84 -32.35
CA GLY E 486 -4.89 -29.35 -31.16
C GLY E 486 -5.91 -30.33 -30.62
N VAL E 487 -6.62 -31.02 -31.51
CA VAL E 487 -7.58 -32.03 -31.08
C VAL E 487 -6.88 -33.16 -30.35
N SER E 488 -5.73 -33.62 -30.88
CA SER E 488 -4.97 -34.68 -30.22
C SER E 488 -4.45 -34.21 -28.87
N TRP E 489 -3.97 -32.97 -28.80
CA TRP E 489 -3.48 -32.44 -27.53
C TRP E 489 -4.61 -32.39 -26.49
N ARG E 490 -5.80 -31.94 -26.91
CA ARG E 490 -6.92 -31.93 -25.97
C ARG E 490 -7.34 -33.34 -25.59
N LEU E 491 -7.23 -34.29 -26.52
CA LEU E 491 -7.57 -35.68 -26.23
C LEU E 491 -6.64 -36.26 -25.17
N MET E 492 -5.33 -36.03 -25.31
CA MET E 492 -4.41 -36.55 -24.31
C MET E 492 -4.53 -35.79 -22.99
N GLN E 493 -4.86 -34.49 -23.04
CA GLN E 493 -5.06 -33.73 -21.82
C GLN E 493 -6.27 -34.23 -21.04
N ILE E 494 -7.37 -34.52 -21.75
CA ILE E 494 -8.59 -34.96 -21.07
C ILE E 494 -8.49 -36.41 -20.59
N GLN E 495 -7.50 -37.17 -21.06
CA GLN E 495 -7.29 -38.55 -20.65
C GLN E 495 -5.84 -38.69 -20.24
N PRO E 496 -5.50 -38.30 -19.00
CA PRO E 496 -4.10 -38.28 -18.54
C PRO E 496 -3.60 -39.63 -18.04
N ASN E 497 -3.84 -40.68 -18.84
CA ASN E 497 -3.30 -42.00 -18.57
C ASN E 497 -2.23 -42.32 -19.61
N ARG E 498 -1.07 -42.77 -19.15
CA ARG E 498 0.08 -42.92 -20.03
C ARG E 498 -0.18 -43.95 -21.12
N GLU E 499 -0.82 -45.07 -20.78
CA GLU E 499 -1.01 -46.15 -21.73
C GLU E 499 -1.83 -45.71 -22.93
N ASP E 500 -2.89 -44.91 -22.70
CA ASP E 500 -3.70 -44.43 -23.80
C ASP E 500 -2.93 -43.43 -24.67
N THR E 501 -2.09 -42.60 -24.06
CA THR E 501 -1.36 -41.57 -24.81
C THR E 501 -0.15 -42.13 -25.55
N GLU E 502 0.31 -43.33 -25.19
CA GLU E 502 1.49 -43.90 -25.85
C GLU E 502 1.24 -44.12 -27.34
N THR E 503 0.05 -44.64 -27.70
CA THR E 503 -0.23 -44.90 -29.10
C THR E 503 -0.34 -43.60 -29.90
N LEU E 504 -0.93 -42.56 -29.30
CA LEU E 504 -1.02 -41.27 -29.98
C LEU E 504 0.37 -40.65 -30.16
N ILE E 505 1.22 -40.77 -29.14
CA ILE E 505 2.58 -40.25 -29.25
C ILE E 505 3.35 -41.00 -30.32
N LYS E 506 3.18 -42.32 -30.39
CA LYS E 506 3.83 -43.11 -31.43
C LYS E 506 3.35 -42.69 -32.81
N ALA E 507 2.05 -42.46 -32.97
CA ALA E 507 1.52 -42.04 -34.26
C ALA E 507 2.08 -40.67 -34.66
N VAL E 508 2.11 -39.73 -33.73
CA VAL E 508 2.61 -38.39 -34.06
C VAL E 508 4.11 -38.43 -34.33
N TYR E 509 4.84 -39.34 -33.68
CA TYR E 509 6.26 -39.47 -33.97
C TYR E 509 6.50 -40.09 -35.35
N THR E 510 5.69 -41.08 -35.71
CA THR E 510 5.79 -41.66 -37.05
C THR E 510 5.47 -40.62 -38.11
N LEU E 511 4.51 -39.73 -37.82
CA LEU E 511 4.30 -38.58 -38.69
C LEU E 511 5.54 -37.69 -38.73
N TYR E 512 6.19 -37.50 -37.58
CA TYR E 512 7.40 -36.68 -37.52
C TYR E 512 8.54 -37.28 -38.31
N GLN E 513 8.56 -38.61 -38.46
CA GLN E 513 9.68 -39.30 -39.10
C GLN E 513 9.40 -39.68 -40.55
N GLN E 514 8.33 -39.14 -41.14
CA GLN E 514 8.02 -39.45 -42.53
C GLN E 514 9.11 -38.92 -43.46
N ARG E 515 9.24 -39.58 -44.62
CA ARG E 515 10.31 -39.28 -45.57
C ARG E 515 10.00 -37.97 -46.30
N GLY E 516 10.34 -36.86 -45.64
CA GLY E 516 10.23 -35.56 -46.25
C GLY E 516 8.95 -34.83 -45.93
N LEU E 517 9.05 -33.77 -45.12
CA LEU E 517 7.91 -32.95 -44.77
C LEU E 517 8.26 -31.47 -44.99
N ILE E 518 7.22 -30.66 -45.18
CA ILE E 518 7.44 -29.23 -45.38
C ILE E 518 7.83 -28.59 -44.05
N LEU E 519 8.52 -27.45 -44.16
CA LEU E 519 9.05 -26.78 -42.98
C LEU E 519 7.98 -26.34 -41.99
N PRO E 520 6.87 -25.71 -42.39
CA PRO E 520 5.85 -25.34 -41.38
C PRO E 520 5.31 -26.52 -40.60
N VAL E 521 5.11 -27.66 -41.24
CA VAL E 521 4.61 -28.83 -40.52
C VAL E 521 5.63 -29.31 -39.50
N ARG E 522 6.91 -29.32 -39.89
CA ARG E 522 7.96 -29.71 -38.95
C ARG E 522 8.02 -28.77 -37.77
N THR E 523 7.91 -27.45 -38.02
CA THR E 523 7.94 -26.48 -36.93
C THR E 523 6.76 -26.67 -36.00
N LEU E 524 5.57 -26.90 -36.55
CA LEU E 524 4.38 -27.10 -35.71
C LEU E 524 4.53 -28.37 -34.87
N LEU E 525 5.03 -29.45 -35.47
CA LEU E 525 5.22 -30.69 -34.73
C LEU E 525 6.24 -30.51 -33.61
N LEU E 526 7.34 -29.82 -33.90
CA LEU E 526 8.34 -29.57 -32.86
C LEU E 526 7.78 -28.69 -31.75
N LYS E 527 6.98 -27.70 -32.09
CA LYS E 527 6.36 -26.86 -31.07
C LYS E 527 5.41 -27.66 -30.19
N PHE E 528 4.61 -28.53 -30.80
CA PHE E 528 3.70 -29.37 -30.02
C PHE E 528 4.47 -30.31 -29.11
N PHE E 529 5.55 -30.90 -29.62
CA PHE E 529 6.36 -31.81 -28.79
C PHE E 529 7.01 -31.06 -27.64
N SER E 530 7.55 -29.89 -28.00
CA SER E 530 8.13 -29.06 -26.94
C SER E 530 7.03 -28.90 -25.89
N LYS E 531 5.80 -28.57 -26.33
CA LYS E 531 4.67 -28.41 -25.39
C LYS E 531 4.18 -29.79 -24.93
N ILE E 532 4.99 -30.83 -25.13
CA ILE E 532 4.64 -32.17 -24.59
C ILE E 532 5.84 -32.57 -23.72
N TYR E 533 6.94 -31.84 -23.86
CA TYR E 533 8.12 -32.13 -23.00
C TYR E 533 8.17 -31.09 -21.93
N GLN E 534 8.11 -29.81 -22.30
CA GLN E 534 8.25 -28.72 -21.30
C GLN E 534 7.02 -28.69 -20.39
N THR E 535 6.54 -29.85 -19.96
CA THR E 535 5.37 -29.95 -19.07
C THR E 535 5.56 -31.16 -18.20
N GLU E 536 6.61 -31.95 -18.45
CA GLU E 536 6.91 -33.12 -17.59
C GLU E 536 7.15 -32.62 -16.17
N GLU E 537 7.76 -31.44 -16.00
CA GLU E 537 7.97 -30.85 -14.65
C GLU E 537 6.60 -30.59 -14.03
N LEU E 538 5.53 -30.60 -14.84
CA LEU E 538 4.15 -30.45 -14.31
C LEU E 538 3.45 -31.82 -14.30
N ARG E 546 8.92 -40.33 -18.72
CA ARG E 546 10.05 -41.04 -19.32
C ARG E 546 9.57 -42.05 -20.36
N SER E 547 8.57 -41.65 -21.15
CA SER E 547 8.05 -42.53 -22.19
C SER E 547 9.14 -42.86 -23.21
N LYS E 548 9.20 -44.14 -23.59
CA LYS E 548 10.24 -44.58 -24.51
C LYS E 548 10.12 -43.87 -25.86
N VAL E 549 8.90 -43.76 -26.39
CA VAL E 549 8.72 -43.10 -27.68
C VAL E 549 9.03 -41.62 -27.58
N LEU E 550 8.65 -40.99 -26.47
CA LEU E 550 8.98 -39.58 -26.27
C LEU E 550 10.49 -39.37 -26.16
N SER E 551 11.17 -40.26 -25.43
CA SER E 551 12.61 -40.10 -25.22
C SER E 551 13.44 -40.53 -26.41
N ARG E 552 12.89 -41.32 -27.33
CA ARG E 552 13.63 -41.70 -28.53
C ARG E 552 13.77 -40.53 -29.50
N TRP E 553 12.76 -39.68 -29.59
CA TRP E 553 12.87 -38.49 -30.43
C TRP E 553 13.85 -37.48 -29.86
N LEU E 554 14.01 -37.47 -28.52
CA LEU E 554 14.94 -36.54 -27.88
C LEU E 554 16.37 -36.82 -28.30
N ALA E 555 16.74 -38.10 -28.43
CA ALA E 555 18.12 -38.46 -28.74
C ALA E 555 18.56 -37.94 -30.10
N GLY E 556 17.62 -37.75 -31.02
CA GLY E 556 17.95 -37.28 -32.35
C GLY E 556 18.08 -35.78 -32.49
N LEU E 557 17.99 -35.04 -31.38
CA LEU E 557 18.05 -33.59 -31.41
C LEU E 557 19.47 -33.05 -31.56
N PRO E 558 20.47 -33.54 -30.82
CA PRO E 558 21.83 -33.01 -31.01
C PRO E 558 22.36 -33.21 -32.42
N LEU E 559 22.02 -34.33 -33.07
CA LEU E 559 22.46 -34.52 -34.46
C LEU E 559 21.85 -33.48 -35.38
N GLN E 560 20.56 -33.19 -35.20
CA GLN E 560 19.91 -32.16 -36.00
C GLN E 560 20.54 -30.79 -35.74
N LEU E 561 20.85 -30.50 -34.47
CA LEU E 561 21.48 -29.22 -34.15
C LEU E 561 22.86 -29.10 -34.79
N ALA E 562 23.63 -30.19 -34.77
CA ALA E 562 24.96 -30.17 -35.38
C ALA E 562 24.86 -29.99 -36.89
N HIS E 563 23.89 -30.66 -37.53
CA HIS E 563 23.74 -30.53 -38.97
C HIS E 563 23.23 -29.16 -39.37
N LEU E 564 22.37 -28.55 -38.55
CA LEU E 564 21.81 -27.22 -38.84
C LEU E 564 22.81 -26.17 -38.36
N GLY E 565 23.77 -25.87 -39.24
CA GLY E 565 24.81 -24.91 -38.91
C GLY E 565 24.31 -23.48 -38.79
N SER E 566 23.89 -22.90 -39.92
CA SER E 566 23.41 -21.51 -39.91
C SER E 566 22.20 -21.30 -40.80
N ARG E 567 21.57 -22.36 -41.30
CA ARG E 567 20.44 -22.18 -42.22
C ARG E 567 19.23 -21.61 -41.50
N ASN E 568 18.89 -22.16 -40.32
CA ASN E 568 17.68 -21.76 -39.58
C ASN E 568 18.06 -21.41 -38.15
N PRO E 569 18.43 -20.16 -37.89
CA PRO E 569 18.80 -19.79 -36.51
C PRO E 569 17.67 -19.98 -35.50
N GLU E 570 16.42 -19.74 -35.89
CA GLU E 570 15.31 -19.86 -34.94
C GLU E 570 15.06 -21.30 -34.55
N LEU E 571 15.10 -22.21 -35.53
CA LEU E 571 14.96 -23.63 -35.23
C LEU E 571 16.10 -24.11 -34.34
N SER E 572 17.31 -23.61 -34.58
CA SER E 572 18.44 -23.98 -33.75
C SER E 572 18.28 -23.42 -32.33
N THR E 573 17.70 -22.23 -32.20
CA THR E 573 17.44 -21.69 -30.86
C THR E 573 16.43 -22.54 -30.12
N GLN E 574 15.37 -22.96 -30.80
CA GLN E 574 14.41 -23.87 -30.17
C GLN E 574 15.08 -25.18 -29.77
N LEU E 575 15.94 -25.70 -30.64
CA LEU E 575 16.62 -26.97 -30.36
C LEU E 575 17.54 -26.84 -29.16
N ILE E 576 18.31 -25.76 -29.06
CA ILE E 576 19.21 -25.62 -27.92
C ILE E 576 18.41 -25.39 -26.65
N ASP E 577 17.28 -24.69 -26.73
CA ASP E 577 16.45 -24.52 -25.54
C ASP E 577 15.92 -25.86 -25.03
N ILE E 578 15.38 -26.68 -25.93
CA ILE E 578 14.81 -27.96 -25.48
C ILE E 578 15.93 -28.90 -25.01
N ILE E 579 17.09 -28.85 -25.68
CA ILE E 579 18.21 -29.69 -25.26
C ILE E 579 18.69 -29.29 -23.87
N HIS E 580 18.78 -27.98 -23.60
CA HIS E 580 19.16 -27.50 -22.28
C HIS E 580 18.13 -27.93 -21.23
N THR E 581 16.85 -27.81 -21.55
CA THR E 581 15.82 -28.19 -20.58
C THR E 581 15.90 -29.69 -20.27
N ALA E 582 16.08 -30.52 -21.30
CA ALA E 582 16.16 -31.96 -21.08
C ALA E 582 17.42 -32.34 -20.31
N ALA E 583 18.55 -31.72 -20.64
CA ALA E 583 19.79 -32.01 -19.94
C ALA E 583 19.75 -31.52 -18.50
N ALA E 584 18.90 -30.53 -18.19
CA ALA E 584 18.72 -30.11 -16.80
C ALA E 584 18.07 -31.18 -15.95
N ARG E 585 17.47 -32.21 -16.56
CA ARG E 585 16.81 -33.29 -15.83
C ARG E 585 17.56 -34.61 -15.95
N ALA E 586 18.78 -34.59 -16.50
CA ALA E 586 19.62 -35.78 -16.61
C ALA E 586 18.91 -36.92 -17.35
N ASN E 587 18.28 -36.59 -18.47
CA ASN E 587 17.65 -37.61 -19.31
C ASN E 587 18.74 -38.44 -19.97
N LYS E 588 18.94 -39.66 -19.48
CA LYS E 588 20.09 -40.47 -19.88
C LYS E 588 20.04 -40.90 -21.34
N GLU E 589 18.90 -40.76 -22.01
CA GLU E 589 18.82 -41.03 -23.43
C GLU E 589 19.21 -39.84 -24.30
N LEU E 590 19.53 -38.71 -23.68
CA LEU E 590 19.99 -37.53 -24.40
C LEU E 590 21.46 -37.23 -24.17
N LEU E 591 21.94 -37.34 -22.94
CA LEU E 591 23.33 -37.05 -22.62
C LEU E 591 24.30 -37.98 -23.35
N LYS E 592 23.90 -39.21 -23.64
CA LYS E 592 24.75 -40.11 -24.42
C LYS E 592 25.00 -39.54 -25.82
N SER E 593 23.93 -39.14 -26.51
CA SER E 593 24.10 -38.56 -27.84
C SER E 593 24.81 -37.22 -27.76
N LEU E 594 24.56 -36.44 -26.71
CA LEU E 594 25.26 -35.17 -26.55
C LEU E 594 26.77 -35.39 -26.41
N GLN E 595 27.17 -36.38 -25.62
CA GLN E 595 28.58 -36.69 -25.47
C GLN E 595 29.16 -37.23 -26.78
N ALA E 596 28.36 -38.00 -27.53
CA ALA E 596 28.83 -38.51 -28.81
C ALA E 596 29.08 -37.39 -29.81
N THR E 597 28.20 -36.39 -29.85
CA THR E 597 28.31 -35.32 -30.84
C THR E 597 28.99 -34.07 -30.32
N ALA E 598 29.50 -34.09 -29.08
CA ALA E 598 30.21 -32.94 -28.54
C ALA E 598 31.40 -32.54 -29.40
N LEU E 599 32.05 -33.52 -30.04
CA LEU E 599 33.19 -33.20 -30.90
C LEU E 599 32.77 -32.30 -32.07
N ARG E 600 31.66 -32.66 -32.73
CA ARG E 600 31.21 -31.89 -33.87
C ARG E 600 30.57 -30.58 -33.47
N ILE E 601 29.74 -30.57 -32.42
CA ILE E 601 29.02 -29.35 -32.09
C ILE E 601 29.95 -28.29 -31.54
N TYR E 602 31.01 -28.68 -30.83
CA TYR E 602 32.03 -27.75 -30.35
C TYR E 602 33.25 -27.88 -31.25
N ASP E 603 33.32 -27.03 -32.28
CA ASP E 603 34.43 -27.05 -33.22
C ASP E 603 34.83 -25.62 -33.57
N PRO E 604 36.13 -25.29 -33.54
CA PRO E 604 36.56 -23.91 -33.78
C PRO E 604 36.31 -23.42 -35.20
N GLN E 605 36.79 -24.17 -36.20
CA GLN E 605 36.72 -23.73 -37.58
C GLN E 605 35.28 -23.55 -38.04
N GLU E 606 34.53 -24.65 -38.09
CA GLU E 606 33.10 -24.60 -38.37
C GLU E 606 32.39 -25.56 -37.43
N GLY E 607 31.21 -25.15 -36.97
CA GLY E 607 30.48 -25.95 -36.00
C GLY E 607 29.20 -25.29 -35.55
N ALA E 608 28.91 -25.34 -34.26
CA ALA E 608 27.70 -24.75 -33.71
C ALA E 608 27.97 -23.81 -32.54
N VAL E 609 29.20 -23.34 -32.36
CA VAL E 609 29.55 -22.44 -31.27
C VAL E 609 30.00 -21.08 -31.80
N VAL E 610 30.43 -21.02 -33.06
CA VAL E 610 31.08 -19.82 -33.58
C VAL E 610 30.31 -19.24 -34.75
N VAL E 611 29.44 -20.04 -35.37
CA VAL E 611 28.72 -19.63 -36.56
C VAL E 611 27.36 -19.04 -36.23
N LEU E 612 26.78 -19.41 -35.08
CA LEU E 612 25.50 -18.88 -34.66
C LEU E 612 25.63 -17.46 -34.11
N PRO E 613 24.54 -16.69 -34.06
CA PRO E 613 24.61 -15.34 -33.50
C PRO E 613 25.04 -15.36 -32.03
N ALA E 614 25.28 -14.15 -31.51
CA ALA E 614 25.81 -14.01 -30.15
C ALA E 614 24.82 -14.49 -29.10
N ASP E 615 23.54 -14.60 -29.43
CA ASP E 615 22.54 -14.99 -28.45
C ASP E 615 22.56 -16.50 -28.19
N SER E 616 22.49 -17.30 -29.25
CA SER E 616 22.37 -18.74 -29.10
C SER E 616 23.72 -19.40 -28.86
N GLN E 617 24.79 -18.59 -28.80
CA GLN E 617 26.11 -19.09 -28.45
C GLN E 617 26.45 -18.83 -26.99
N GLN E 618 25.48 -18.40 -26.18
CA GLN E 618 25.65 -18.27 -24.74
C GLN E 618 25.10 -19.51 -24.05
N ARG E 619 23.94 -19.97 -24.49
CA ARG E 619 23.35 -21.19 -23.95
C ARG E 619 24.22 -22.38 -24.30
N LEU E 620 24.82 -22.37 -25.50
CA LEU E 620 25.63 -23.49 -25.94
C LEU E 620 27.04 -23.50 -25.36
N VAL E 621 27.43 -22.44 -24.64
CA VAL E 621 28.65 -22.50 -23.83
C VAL E 621 28.31 -22.72 -22.35
N GLN E 622 27.15 -22.28 -21.89
CA GLN E 622 26.68 -22.64 -20.56
C GLN E 622 26.29 -24.11 -20.46
N LEU E 623 25.99 -24.77 -21.58
CA LEU E 623 25.66 -26.18 -21.59
C LEU E 623 26.85 -27.07 -21.21
N VAL E 624 28.08 -26.54 -21.25
CA VAL E 624 29.26 -27.37 -20.98
C VAL E 624 29.22 -27.92 -19.56
N TYR E 625 28.53 -27.24 -18.64
CA TYR E 625 28.45 -27.73 -17.27
C TYR E 625 27.77 -29.09 -17.21
N PHE E 626 26.71 -29.30 -17.98
CA PHE E 626 25.95 -30.54 -17.92
C PHE E 626 26.55 -31.66 -18.76
N LEU E 627 27.62 -31.39 -19.50
CA LEU E 627 28.25 -32.44 -20.30
C LEU E 627 28.89 -33.47 -19.37
N PRO E 628 28.62 -34.76 -19.57
CA PRO E 628 29.13 -35.77 -18.64
C PRO E 628 30.65 -35.87 -18.58
N SER E 629 31.30 -36.11 -19.71
CA SER E 629 32.73 -36.37 -19.73
C SER E 629 33.44 -35.41 -20.67
N LEU E 630 34.61 -34.93 -20.24
CA LEU E 630 35.40 -33.98 -21.02
C LEU E 630 36.79 -34.57 -21.23
N PRO E 631 36.98 -35.37 -22.27
CA PRO E 631 38.30 -35.95 -22.53
C PRO E 631 39.29 -34.93 -23.09
N ALA E 632 40.50 -35.39 -23.45
CA ALA E 632 41.52 -34.49 -23.94
C ALA E 632 41.12 -33.87 -25.29
N ASP E 633 40.49 -34.65 -26.16
CA ASP E 633 40.14 -34.14 -27.49
C ASP E 633 39.16 -32.98 -27.39
N LEU E 634 38.06 -33.17 -26.66
CA LEU E 634 37.07 -32.11 -26.51
C LEU E 634 37.67 -30.90 -25.81
N LEU E 635 38.49 -31.12 -24.78
CA LEU E 635 39.11 -30.01 -24.07
C LEU E 635 40.01 -29.20 -25.00
N SER E 636 40.78 -29.88 -25.85
CA SER E 636 41.68 -29.17 -26.75
C SER E 636 40.90 -28.39 -27.81
N ARG E 637 39.91 -29.03 -28.43
CA ARG E 637 39.16 -28.31 -29.46
C ARG E 637 38.21 -27.28 -28.86
N LEU E 638 38.02 -27.29 -27.55
CA LEU E 638 37.28 -26.23 -26.87
C LEU E 638 38.18 -25.08 -26.46
N SER E 639 39.43 -25.37 -26.10
CA SER E 639 40.42 -24.31 -25.88
C SER E 639 40.68 -23.56 -27.17
N ARG E 640 40.82 -24.29 -28.28
CA ARG E 640 41.01 -23.63 -29.57
C ARG E 640 39.81 -22.80 -29.99
N CYS E 641 38.64 -23.08 -29.41
CA CYS E 641 37.46 -22.25 -29.69
C CYS E 641 37.50 -20.94 -28.94
N CYS E 642 38.09 -20.91 -27.74
CA CYS E 642 38.10 -19.71 -26.91
C CYS E 642 39.37 -18.89 -27.04
N ILE E 643 40.44 -19.43 -27.63
CA ILE E 643 41.65 -18.65 -27.79
C ILE E 643 41.50 -17.64 -28.93
N MET E 644 40.94 -18.05 -30.05
CA MET E 644 40.88 -17.20 -31.24
C MET E 644 39.83 -16.12 -31.07
N GLY E 645 39.73 -15.24 -32.07
CA GLY E 645 38.79 -14.15 -32.07
C GLY E 645 37.39 -14.51 -32.50
N ARG E 646 37.14 -15.78 -32.82
CA ARG E 646 35.80 -16.21 -33.23
C ARG E 646 34.79 -15.98 -32.10
N LEU E 647 35.16 -16.32 -30.87
CA LEU E 647 34.29 -16.15 -29.71
C LEU E 647 34.63 -14.86 -29.00
N SER E 648 33.59 -14.13 -28.59
CA SER E 648 33.79 -12.83 -27.95
C SER E 648 34.52 -12.99 -26.62
N SER E 649 35.27 -11.94 -26.25
CA SER E 649 36.01 -11.97 -25.00
C SER E 649 35.08 -12.01 -23.80
N SER E 650 33.88 -11.44 -23.92
CA SER E 650 32.91 -11.51 -22.82
C SER E 650 32.50 -12.95 -22.55
N LEU E 651 32.25 -13.73 -23.60
CA LEU E 651 31.97 -15.15 -23.46
C LEU E 651 33.24 -15.98 -23.57
N ALA E 652 34.25 -15.61 -22.79
CA ALA E 652 35.49 -16.36 -22.72
C ALA E 652 35.85 -16.56 -21.25
N ALA E 653 35.42 -15.63 -20.41
CA ALA E 653 35.52 -15.82 -18.97
C ALA E 653 34.44 -16.78 -18.46
N MET E 654 33.26 -16.77 -19.08
CA MET E 654 32.21 -17.70 -18.69
C MET E 654 32.64 -19.14 -18.91
N LEU E 655 33.26 -19.42 -20.05
CA LEU E 655 33.71 -20.78 -20.34
C LEU E 655 34.76 -21.24 -19.36
N ILE E 656 35.71 -20.36 -19.02
CA ILE E 656 36.76 -20.72 -18.07
C ILE E 656 36.17 -20.92 -16.69
N GLY E 657 35.19 -20.10 -16.30
CA GLY E 657 34.53 -20.29 -15.03
C GLY E 657 33.79 -21.60 -14.94
N ILE E 658 33.10 -21.98 -16.02
CA ILE E 658 32.40 -23.27 -16.05
C ILE E 658 33.40 -24.42 -15.96
N LEU E 659 34.49 -24.33 -16.72
CA LEU E 659 35.50 -25.39 -16.68
C LEU E 659 36.21 -25.46 -15.33
N HIS E 660 36.29 -24.36 -14.61
CA HIS E 660 36.79 -24.38 -13.24
C HIS E 660 35.79 -25.01 -12.28
N MET E 661 34.51 -24.68 -12.40
CA MET E 661 33.47 -25.26 -11.57
C MET E 661 33.29 -26.75 -11.83
N ARG E 662 33.68 -27.23 -13.01
CA ARG E 662 33.65 -28.65 -13.33
C ARG E 662 35.01 -29.31 -13.10
N SER E 663 35.96 -28.59 -12.53
CA SER E 663 37.32 -29.10 -12.37
C SER E 663 37.41 -29.90 -11.06
N SER E 664 38.62 -30.31 -10.70
CA SER E 664 38.84 -31.11 -9.49
C SER E 664 39.20 -30.27 -8.28
N PHE E 665 39.26 -28.94 -8.41
CA PHE E 665 39.65 -28.06 -7.31
C PHE E 665 38.53 -27.08 -6.94
N SER E 666 37.31 -27.36 -7.38
CA SER E 666 36.18 -26.50 -7.04
C SER E 666 35.82 -26.61 -5.56
N GLY E 667 35.74 -27.83 -5.05
CA GLY E 667 35.42 -28.05 -3.66
C GLY E 667 34.34 -29.10 -3.43
N TRP E 668 33.78 -29.62 -4.51
CA TRP E 668 32.73 -30.63 -4.46
C TRP E 668 33.26 -31.95 -4.99
N LYS E 669 32.54 -33.03 -4.68
CA LYS E 669 32.89 -34.37 -5.15
C LYS E 669 31.61 -35.06 -5.59
N TYR E 670 31.64 -35.66 -6.77
CA TYR E 670 30.46 -36.31 -7.36
C TYR E 670 30.94 -37.49 -8.20
N SER E 671 30.05 -37.96 -9.08
CA SER E 671 30.28 -39.18 -9.87
C SER E 671 31.66 -39.18 -10.53
N ALA E 672 32.22 -40.38 -10.69
CA ALA E 672 33.55 -40.51 -11.26
C ALA E 672 33.60 -40.13 -12.72
N LYS E 673 32.55 -40.45 -13.49
CA LYS E 673 32.57 -40.17 -14.92
C LYS E 673 32.62 -38.67 -15.19
N ASP E 674 31.83 -37.88 -14.45
CA ASP E 674 31.97 -36.43 -14.55
C ASP E 674 33.05 -36.00 -13.56
N TRP E 675 33.31 -34.70 -13.46
CA TRP E 675 34.47 -34.19 -12.72
C TRP E 675 35.74 -34.78 -13.32
N LEU E 676 35.73 -35.03 -14.63
CA LEU E 676 36.79 -35.75 -15.31
C LEU E 676 37.99 -34.87 -15.65
N MET E 677 38.10 -33.69 -15.02
CA MET E 677 39.29 -32.84 -15.17
C MET E 677 40.42 -33.49 -14.36
N SER E 678 41.06 -34.48 -14.99
CA SER E 678 42.05 -35.29 -14.30
C SER E 678 43.40 -34.58 -14.22
N ASP E 679 43.40 -33.36 -13.66
CA ASP E 679 44.63 -32.65 -13.33
C ASP E 679 45.49 -32.36 -14.55
N VAL E 680 46.05 -33.40 -15.15
CA VAL E 680 46.98 -33.21 -16.27
C VAL E 680 46.28 -32.56 -17.45
N ASP E 681 45.07 -33.03 -17.78
CA ASP E 681 44.33 -32.45 -18.90
C ASP E 681 43.93 -31.01 -18.60
N TYR E 682 43.55 -30.73 -17.36
CA TYR E 682 43.21 -29.37 -16.97
C TYR E 682 44.40 -28.44 -17.11
N PHE E 683 45.58 -28.88 -16.67
CA PHE E 683 46.78 -28.07 -16.81
C PHE E 683 47.17 -27.89 -18.27
N SER E 684 47.00 -28.93 -19.08
CA SER E 684 47.26 -28.79 -20.52
C SER E 684 46.35 -27.75 -21.14
N PHE E 685 45.06 -27.79 -20.80
CA PHE E 685 44.12 -26.80 -21.33
C PHE E 685 44.50 -25.40 -20.87
N LEU E 686 44.82 -25.25 -19.59
CA LEU E 686 45.14 -23.92 -19.06
C LEU E 686 46.40 -23.36 -19.72
N PHE E 687 47.43 -24.19 -19.89
CA PHE E 687 48.64 -23.72 -20.54
C PHE E 687 48.40 -23.40 -22.01
N SER E 688 47.65 -24.26 -22.72
CA SER E 688 47.41 -24.05 -24.14
C SER E 688 46.48 -22.88 -24.40
N THR E 689 45.75 -22.41 -23.39
CA THR E 689 45.03 -21.16 -23.56
C THR E 689 45.79 -19.96 -23.00
N LEU E 690 46.78 -20.19 -22.13
CA LEU E 690 47.63 -19.09 -21.70
C LEU E 690 48.59 -18.65 -22.80
N THR E 691 49.25 -19.60 -23.44
CA THR E 691 50.11 -19.31 -24.59
C THR E 691 49.42 -19.61 -25.90
N GLY E 692 48.12 -19.29 -25.97
CA GLY E 692 47.26 -19.81 -27.01
C GLY E 692 47.68 -19.55 -28.44
N PHE E 693 48.14 -20.61 -29.10
CA PHE E 693 48.45 -20.64 -30.52
C PHE E 693 48.62 -22.09 -30.94
N SER E 694 47.94 -22.50 -32.00
CA SER E 694 48.00 -23.90 -32.43
C SER E 694 49.40 -24.25 -32.90
N LYS E 695 49.72 -25.55 -32.82
CA LYS E 695 51.04 -26.01 -33.20
C LYS E 695 51.31 -25.77 -34.68
N GLU E 696 50.32 -25.99 -35.53
CA GLU E 696 50.50 -25.83 -36.97
C GLU E 696 50.82 -24.38 -37.33
N GLU E 697 50.01 -23.44 -36.82
CA GLU E 697 50.25 -22.04 -37.15
C GLU E 697 51.54 -21.53 -36.52
N LEU E 698 51.87 -22.01 -35.32
CA LEU E 698 53.14 -21.61 -34.71
C LEU E 698 54.33 -22.11 -35.52
N THR E 699 54.27 -23.36 -36.00
CA THR E 699 55.35 -23.88 -36.82
C THR E 699 55.46 -23.12 -38.13
N TRP E 700 54.32 -22.80 -38.76
CA TRP E 700 54.35 -22.01 -39.99
C TRP E 700 54.93 -20.63 -39.74
N LEU E 701 54.60 -20.03 -38.60
CA LEU E 701 55.17 -18.74 -38.23
C LEU E 701 56.67 -18.84 -38.04
N GLN E 702 57.13 -19.94 -37.44
CA GLN E 702 58.57 -20.18 -37.33
C GLN E 702 59.22 -20.31 -38.70
N SER E 703 58.50 -20.87 -39.67
CA SER E 703 59.07 -21.10 -41.00
C SER E 703 59.48 -19.78 -41.67
N LEU E 704 58.62 -18.76 -41.59
CA LEU E 704 58.91 -17.50 -42.24
C LEU E 704 60.06 -16.78 -41.55
N ARG E 705 60.89 -16.09 -42.34
CA ARG E 705 62.03 -15.37 -41.81
C ARG E 705 62.32 -14.17 -42.70
N GLY E 706 62.08 -12.97 -42.18
CA GLY E 706 62.35 -11.73 -42.88
C GLY E 706 61.11 -11.09 -43.45
N VAL E 707 60.53 -10.16 -42.69
CA VAL E 707 59.31 -9.44 -43.03
C VAL E 707 59.44 -8.07 -42.36
N PRO E 708 58.83 -7.00 -42.90
CA PRO E 708 58.69 -5.75 -42.12
C PRO E 708 57.58 -5.85 -41.07
N HIS E 709 57.52 -7.00 -40.38
CA HIS E 709 56.59 -7.23 -39.30
C HIS E 709 57.20 -7.88 -38.07
N VAL E 710 58.46 -8.33 -38.14
CA VAL E 710 59.10 -9.06 -37.05
C VAL E 710 60.37 -8.32 -36.65
N ILE E 711 60.54 -8.10 -35.36
CA ILE E 711 61.70 -7.38 -34.85
C ILE E 711 62.89 -8.33 -34.78
N GLN E 712 64.00 -7.93 -35.38
CA GLN E 712 65.22 -8.73 -35.39
C GLN E 712 66.29 -8.07 -34.52
N THR E 713 67.03 -8.90 -33.79
CA THR E 713 68.11 -8.43 -32.93
C THR E 713 69.27 -9.40 -33.02
N GLN E 714 70.48 -8.86 -33.12
CA GLN E 714 71.70 -9.68 -33.19
C GLN E 714 72.25 -10.02 -31.83
N LEU E 715 71.69 -9.49 -30.74
CA LEU E 715 72.17 -9.76 -29.39
C LEU E 715 71.33 -10.79 -28.66
N SER E 716 70.01 -10.75 -28.82
CA SER E 716 69.14 -11.75 -28.22
C SER E 716 68.71 -12.75 -29.28
N PRO E 717 69.04 -14.03 -29.13
CA PRO E 717 68.70 -14.99 -30.19
C PRO E 717 67.25 -15.42 -30.14
N VAL E 718 66.34 -14.47 -29.98
CA VAL E 718 64.90 -14.71 -30.00
C VAL E 718 64.25 -13.52 -30.69
N LEU E 719 63.47 -13.79 -31.73
CA LEU E 719 62.78 -12.73 -32.47
C LEU E 719 61.35 -12.62 -31.95
N LEU E 720 60.68 -11.51 -32.24
CA LEU E 720 59.33 -11.27 -31.76
C LEU E 720 58.42 -11.03 -32.96
N TYR E 721 57.53 -11.98 -33.24
CA TYR E 721 56.52 -11.77 -34.25
C TYR E 721 55.45 -10.82 -33.72
N LEU E 722 55.05 -9.86 -34.54
CA LEU E 722 54.12 -8.83 -34.12
C LEU E 722 52.70 -9.20 -34.54
N THR E 723 51.75 -8.86 -33.67
CA THR E 723 50.35 -9.21 -33.88
C THR E 723 49.51 -7.94 -34.00
N ASP E 724 48.38 -8.05 -34.70
CA ASP E 724 47.45 -6.94 -34.82
C ASP E 724 46.87 -6.60 -33.45
N LEU E 725 46.35 -5.38 -33.34
CA LEU E 725 45.90 -4.86 -32.06
C LEU E 725 44.72 -5.66 -31.50
N ASP E 726 43.79 -6.05 -32.36
CA ASP E 726 42.61 -6.78 -31.89
C ASP E 726 42.98 -8.13 -31.29
N GLN E 727 43.88 -8.86 -31.94
CA GLN E 727 44.30 -10.17 -31.43
C GLN E 727 45.01 -10.03 -30.08
N PHE E 728 45.89 -9.05 -29.96
CA PHE E 728 46.59 -8.84 -28.69
C PHE E 728 45.62 -8.42 -27.59
N LEU E 729 44.66 -7.55 -27.91
CA LEU E 729 43.68 -7.15 -26.91
C LEU E 729 42.83 -8.32 -26.46
N HIS E 730 42.42 -9.19 -27.39
CA HIS E 730 41.65 -10.37 -27.01
C HIS E 730 42.48 -11.32 -26.16
N HIS E 731 43.76 -11.53 -26.52
CA HIS E 731 44.60 -12.44 -25.76
C HIS E 731 44.99 -11.87 -24.40
N TRP E 732 44.90 -10.55 -24.23
CA TRP E 732 45.14 -9.95 -22.92
C TRP E 732 43.88 -9.84 -22.08
N ASP E 733 42.70 -9.81 -22.70
CA ASP E 733 41.45 -9.83 -21.97
C ASP E 733 40.98 -11.24 -21.63
N VAL E 734 41.52 -12.26 -22.32
CA VAL E 734 41.19 -13.64 -21.97
C VAL E 734 42.14 -14.25 -20.95
N THR E 735 43.30 -13.63 -20.74
CA THR E 735 44.29 -14.19 -19.83
C THR E 735 44.05 -13.82 -18.37
N GLU E 736 43.19 -12.85 -18.09
CA GLU E 736 42.87 -12.54 -16.70
C GLU E 736 42.14 -13.70 -16.03
N ALA E 737 41.21 -14.34 -16.76
CA ALA E 737 40.53 -15.50 -16.21
C ALA E 737 41.51 -16.64 -15.95
N VAL E 738 42.49 -16.83 -16.83
CA VAL E 738 43.50 -17.86 -16.62
C VAL E 738 44.34 -17.52 -15.39
N PHE E 739 44.71 -16.24 -15.23
CA PHE E 739 45.42 -15.82 -14.03
C PHE E 739 44.64 -16.18 -12.78
N HIS E 740 43.35 -15.84 -12.75
CA HIS E 740 42.55 -16.12 -11.56
C HIS E 740 42.40 -17.61 -11.33
N SER E 741 42.19 -18.39 -12.38
CA SER E 741 41.99 -19.83 -12.22
C SER E 741 43.27 -20.52 -11.77
N LEU E 742 44.42 -20.04 -12.20
CA LEU E 742 45.71 -20.61 -11.78
C LEU E 742 46.20 -20.03 -10.46
N LEU E 743 45.55 -18.99 -9.95
CA LEU E 743 45.90 -18.41 -8.65
C LEU E 743 45.22 -19.13 -7.49
N VAL E 744 44.03 -19.69 -7.70
CA VAL E 744 43.31 -20.39 -6.65
C VAL E 744 43.92 -21.75 -6.33
N ILE E 745 44.74 -22.30 -7.22
CA ILE E 745 45.24 -23.66 -7.09
C ILE E 745 46.03 -23.80 -5.79
N PRO E 746 45.67 -24.75 -4.92
CA PRO E 746 46.48 -24.99 -3.72
C PRO E 746 47.82 -25.60 -4.07
N ALA E 747 48.76 -25.49 -3.13
CA ALA E 747 50.12 -26.00 -3.29
C ALA E 747 50.79 -25.36 -4.52
N ARG E 748 50.99 -24.05 -4.40
CA ARG E 748 51.47 -23.24 -5.53
C ARG E 748 52.77 -23.78 -6.12
N SER E 749 53.60 -24.42 -5.30
CA SER E 749 54.88 -24.93 -5.79
C SER E 749 54.68 -25.97 -6.89
N GLN E 750 53.71 -26.88 -6.70
CA GLN E 750 53.51 -27.95 -7.68
C GLN E 750 53.02 -27.39 -9.02
N ASN E 751 52.05 -26.48 -9.00
CA ASN E 751 51.57 -25.92 -10.25
C ASN E 751 52.62 -25.04 -10.91
N PHE E 752 53.44 -24.34 -10.12
CA PHE E 752 54.53 -23.58 -10.70
C PHE E 752 55.55 -24.50 -11.36
N ASP E 753 55.84 -25.65 -10.75
CA ASP E 753 56.72 -26.62 -11.36
C ASP E 753 56.14 -27.16 -12.66
N ILE E 754 54.82 -27.41 -12.68
CA ILE E 754 54.17 -27.88 -13.89
C ILE E 754 54.27 -26.83 -14.99
N LEU E 755 54.04 -25.57 -14.64
CA LEU E 755 54.14 -24.49 -15.62
C LEU E 755 55.56 -24.35 -16.14
N GLN E 756 56.56 -24.48 -15.26
CA GLN E 756 57.95 -24.40 -15.70
C GLN E 756 58.30 -25.54 -16.63
N SER E 757 57.81 -26.75 -16.33
CA SER E 757 58.04 -27.87 -17.23
C SER E 757 57.39 -27.63 -18.59
N ALA E 758 56.17 -27.10 -18.60
CA ALA E 758 55.50 -26.80 -19.86
C ALA E 758 56.27 -25.77 -20.66
N ILE E 759 56.77 -24.73 -19.99
CA ILE E 759 57.54 -23.69 -20.67
C ILE E 759 58.83 -24.26 -21.25
N SER E 760 59.54 -25.07 -20.45
CA SER E 760 60.78 -25.66 -20.92
C SER E 760 60.56 -26.74 -21.96
N LYS E 761 59.33 -27.23 -22.12
CA LYS E 761 59.05 -28.21 -23.16
C LYS E 761 58.53 -27.60 -24.45
N HIS E 762 57.77 -26.50 -24.37
CA HIS E 762 57.12 -25.94 -25.54
C HIS E 762 57.59 -24.56 -25.96
N LEU E 763 58.37 -23.87 -25.14
CA LEU E 763 58.66 -22.46 -25.41
C LEU E 763 60.15 -22.14 -25.51
N VAL E 764 61.00 -22.75 -24.69
CA VAL E 764 62.40 -22.37 -24.68
C VAL E 764 63.07 -22.73 -26.00
N GLY E 765 62.67 -23.85 -26.61
CA GLY E 765 63.24 -24.24 -27.88
C GLY E 765 62.74 -23.41 -29.06
N LEU E 766 61.69 -22.63 -28.87
CA LEU E 766 61.17 -21.80 -29.94
C LEU E 766 62.17 -20.69 -30.29
N THR E 767 62.22 -20.34 -31.57
CA THR E 767 63.09 -19.27 -32.03
C THR E 767 62.37 -17.92 -32.08
N VAL E 768 61.14 -17.90 -32.56
CA VAL E 768 60.33 -16.69 -32.66
C VAL E 768 59.10 -16.86 -31.79
N ILE E 769 58.86 -15.92 -30.90
CA ILE E 769 57.70 -15.98 -30.02
C ILE E 769 56.80 -14.78 -30.29
N PRO E 770 55.49 -14.91 -30.14
CA PRO E 770 54.60 -13.77 -30.40
C PRO E 770 54.74 -12.70 -29.34
N ASP E 771 54.30 -11.49 -29.70
CA ASP E 771 54.30 -10.37 -28.76
C ASP E 771 53.20 -10.48 -27.72
N SER E 772 52.28 -11.43 -27.86
CA SER E 772 51.24 -11.67 -26.86
C SER E 772 51.72 -12.68 -25.81
N THR E 773 52.31 -13.78 -26.24
CA THR E 773 52.86 -14.76 -25.30
C THR E 773 53.99 -14.16 -24.48
N ALA E 774 54.84 -13.34 -25.10
CA ALA E 774 55.97 -12.73 -24.40
C ALA E 774 55.51 -11.87 -23.23
N GLY E 775 54.27 -11.41 -23.24
CA GLY E 775 53.73 -10.67 -22.12
C GLY E 775 52.92 -11.53 -21.19
N CYS E 776 52.16 -12.48 -21.77
CA CYS E 776 51.30 -13.33 -20.94
C CYS E 776 52.11 -14.25 -20.03
N VAL E 777 53.17 -14.86 -20.56
CA VAL E 777 53.97 -15.77 -19.73
C VAL E 777 54.70 -14.98 -18.64
N PHE E 778 55.15 -13.76 -18.96
CA PHE E 778 55.76 -12.92 -17.93
C PHE E 778 54.75 -12.53 -16.86
N GLY E 779 53.51 -12.25 -17.27
CA GLY E 779 52.47 -11.98 -16.30
C GLY E 779 52.20 -13.16 -15.38
N VAL E 780 52.14 -14.36 -15.96
CA VAL E 780 51.95 -15.55 -15.14
C VAL E 780 53.11 -15.72 -14.16
N ILE E 781 54.34 -15.52 -14.63
CA ILE E 781 55.50 -15.71 -13.76
C ILE E 781 55.49 -14.70 -12.63
N CYS E 782 55.19 -13.43 -12.92
CA CYS E 782 55.21 -12.41 -11.89
C CYS E 782 53.99 -12.45 -11.00
N LYS E 783 52.91 -13.13 -11.41
CA LYS E 783 51.73 -13.25 -10.56
C LYS E 783 51.75 -14.49 -9.69
N LEU E 784 52.44 -15.55 -10.12
CA LEU E 784 52.49 -16.79 -9.35
C LEU E 784 53.72 -16.90 -8.46
N LEU E 785 54.55 -15.85 -8.41
CA LEU E 785 55.78 -15.90 -7.63
C LEU E 785 55.50 -15.68 -6.15
N ASP E 786 56.18 -16.44 -5.30
CA ASP E 786 56.07 -16.29 -3.85
C ASP E 786 57.41 -16.68 -3.23
N HIS E 787 57.41 -16.87 -1.91
CA HIS E 787 58.64 -17.21 -1.21
C HIS E 787 59.16 -18.59 -1.60
N THR E 788 58.27 -19.58 -1.63
CA THR E 788 58.70 -20.97 -1.85
C THR E 788 59.04 -21.25 -3.31
N CYS E 789 58.63 -20.38 -4.23
CA CYS E 789 58.87 -20.64 -5.65
C CYS E 789 60.36 -20.55 -5.98
N VAL E 790 60.82 -21.46 -6.83
CA VAL E 790 62.21 -21.51 -7.27
C VAL E 790 62.24 -21.61 -8.78
N VAL E 791 62.94 -20.68 -9.43
CA VAL E 791 63.06 -20.70 -10.89
C VAL E 791 64.20 -21.62 -11.28
N SER E 792 64.00 -22.37 -12.37
CA SER E 792 65.01 -23.31 -12.83
C SER E 792 66.20 -22.57 -13.43
N GLU E 793 67.27 -23.33 -13.68
CA GLU E 793 68.48 -22.78 -14.25
C GLU E 793 68.54 -22.86 -15.76
N THR E 794 67.76 -23.75 -16.38
CA THR E 794 67.71 -23.88 -17.83
C THR E 794 66.68 -22.96 -18.47
N LEU E 795 65.98 -22.16 -17.67
CA LEU E 795 64.92 -21.28 -18.17
C LEU E 795 65.34 -19.81 -18.22
N LEU E 796 66.31 -19.41 -17.40
CA LEU E 796 66.69 -18.00 -17.30
C LEU E 796 67.15 -17.40 -18.61
N PRO E 797 68.02 -18.02 -19.41
CA PRO E 797 68.45 -17.37 -20.65
C PRO E 797 67.30 -17.03 -21.59
N PHE E 798 66.29 -17.90 -21.67
CA PHE E 798 65.14 -17.61 -22.52
C PHE E 798 64.42 -16.35 -22.03
N LEU E 799 64.23 -16.24 -20.71
CA LEU E 799 63.58 -15.05 -20.16
C LEU E 799 64.40 -13.80 -20.44
N ALA E 800 65.73 -13.89 -20.29
CA ALA E 800 66.58 -12.73 -20.55
C ALA E 800 66.49 -12.29 -22.00
N SER E 801 66.59 -13.25 -22.93
CA SER E 801 66.51 -12.92 -24.34
C SER E 801 65.16 -12.31 -24.70
N CYS E 802 64.08 -12.91 -24.20
CA CYS E 802 62.75 -12.38 -24.48
C CYS E 802 62.57 -10.99 -23.90
N CYS E 803 63.09 -10.75 -22.70
CA CYS E 803 62.98 -9.44 -22.08
C CYS E 803 63.73 -8.39 -22.90
N TYR E 804 64.94 -8.71 -23.35
CA TYR E 804 65.70 -7.75 -24.14
C TYR E 804 65.01 -7.47 -25.47
N SER E 805 64.50 -8.51 -26.12
CA SER E 805 63.79 -8.30 -27.39
C SER E 805 62.55 -7.45 -27.19
N LEU E 806 61.81 -7.71 -26.10
CA LEU E 806 60.63 -6.89 -25.80
C LEU E 806 61.00 -5.44 -25.58
N LEU E 807 62.08 -5.19 -24.83
CA LEU E 807 62.51 -3.83 -24.58
C LEU E 807 62.91 -3.13 -25.87
N TYR E 808 63.60 -3.85 -26.76
CA TYR E 808 63.96 -3.28 -28.05
C TYR E 808 62.69 -2.93 -28.83
N PHE E 809 61.69 -3.81 -28.79
CA PHE E 809 60.43 -3.53 -29.48
C PHE E 809 59.76 -2.28 -28.94
N LEU E 810 59.72 -2.12 -27.61
CA LEU E 810 59.12 -0.92 -27.04
C LEU E 810 59.90 0.33 -27.44
N LEU E 811 61.23 0.25 -27.44
CA LEU E 811 62.02 1.42 -27.80
C LEU E 811 61.81 1.82 -29.25
N THR E 812 61.76 0.85 -30.15
CA THR E 812 61.64 1.13 -31.59
C THR E 812 60.21 0.85 -32.02
N ILE E 813 59.36 1.87 -31.92
CA ILE E 813 57.98 1.80 -32.38
C ILE E 813 57.78 2.95 -33.35
N GLU E 814 57.98 2.69 -34.64
CA GLU E 814 57.80 3.71 -35.67
C GLU E 814 56.78 3.26 -36.71
N GLU E 817 54.13 1.51 -36.74
CA GLU E 817 53.00 2.08 -37.47
C GLU E 817 52.09 2.88 -36.54
N ALA E 818 50.94 3.29 -37.07
CA ALA E 818 49.98 4.07 -36.29
C ALA E 818 49.08 3.21 -35.43
N GLU E 819 49.19 1.89 -35.51
CA GLU E 819 48.36 0.98 -34.73
C GLU E 819 49.10 0.38 -33.55
N HIS E 820 50.38 0.06 -33.71
CA HIS E 820 51.15 -0.62 -32.66
C HIS E 820 51.73 0.38 -31.66
N LEU E 821 50.88 1.21 -31.09
CA LEU E 821 51.32 2.19 -30.11
C LEU E 821 50.51 2.06 -28.82
N ARG E 822 49.25 1.61 -28.93
CA ARG E 822 48.42 1.41 -27.75
C ARG E 822 48.86 0.22 -26.93
N LYS E 823 49.51 -0.76 -27.54
CA LYS E 823 50.06 -1.92 -26.83
C LYS E 823 51.47 -1.63 -26.32
N ARG E 824 51.62 -0.52 -25.61
CA ARG E 824 52.91 -0.09 -25.09
C ARG E 824 52.95 0.00 -23.57
N ASP E 825 51.95 0.61 -22.96
CA ASP E 825 51.93 0.74 -21.51
C ASP E 825 51.84 -0.62 -20.82
N LYS E 826 51.00 -1.50 -21.35
CA LYS E 826 50.86 -2.84 -20.77
C LYS E 826 52.18 -3.60 -20.84
N LEU E 827 52.84 -3.56 -22.00
CA LEU E 827 54.09 -4.27 -22.16
C LEU E 827 55.20 -3.68 -21.29
N TRP E 828 55.25 -2.35 -21.18
CA TRP E 828 56.24 -1.73 -20.31
C TRP E 828 56.01 -2.10 -18.84
N GLY E 829 54.75 -2.11 -18.41
CA GLY E 829 54.46 -2.52 -17.04
C GLY E 829 54.84 -3.97 -16.78
N VAL E 830 54.51 -4.85 -17.72
CA VAL E 830 54.89 -6.25 -17.57
C VAL E 830 56.40 -6.40 -17.51
N CYS E 831 57.11 -5.70 -18.39
CA CYS E 831 58.57 -5.79 -18.43
C CYS E 831 59.20 -5.28 -17.14
N VAL E 832 58.74 -4.13 -16.64
CA VAL E 832 59.32 -3.60 -15.42
C VAL E 832 58.99 -4.49 -14.23
N SER E 833 57.79 -5.08 -14.21
CA SER E 833 57.43 -5.97 -13.11
C SER E 833 58.30 -7.22 -13.10
N ILE E 834 58.48 -7.85 -14.27
CA ILE E 834 59.30 -9.06 -14.32
C ILE E 834 60.76 -8.73 -14.03
N LEU E 835 61.23 -7.55 -14.47
CA LEU E 835 62.59 -7.15 -14.16
C LEU E 835 62.79 -6.94 -12.67
N ALA E 836 61.81 -6.32 -12.00
CA ALA E 836 61.95 -6.04 -10.58
C ALA E 836 61.85 -7.32 -9.75
N LEU E 837 60.92 -8.21 -10.09
CA LEU E 837 60.70 -9.40 -9.26
C LEU E 837 61.91 -10.33 -9.27
N LEU E 838 62.53 -10.53 -10.43
CA LEU E 838 63.65 -11.44 -10.56
C LEU E 838 64.91 -10.66 -10.93
N PRO E 839 65.96 -10.69 -10.11
CA PRO E 839 67.19 -9.95 -10.45
C PRO E 839 68.13 -10.73 -11.34
N ARG E 840 68.01 -12.06 -11.35
CA ARG E 840 68.91 -12.89 -12.15
C ARG E 840 68.71 -12.66 -13.64
N VAL E 841 67.46 -12.46 -14.07
CA VAL E 841 67.21 -12.17 -15.48
C VAL E 841 67.80 -10.82 -15.85
N LEU E 842 67.74 -9.85 -14.94
CA LEU E 842 68.37 -8.55 -15.20
C LEU E 842 69.89 -8.70 -15.33
N ARG E 843 70.50 -9.49 -14.43
CA ARG E 843 71.93 -9.71 -14.51
C ARG E 843 72.31 -10.40 -15.82
N LEU E 844 71.53 -11.40 -16.23
CA LEU E 844 71.81 -12.09 -17.48
C LEU E 844 71.68 -11.16 -18.68
N MET E 845 70.64 -10.31 -18.70
CA MET E 845 70.48 -9.38 -19.80
C MET E 845 71.61 -8.37 -19.85
N LEU E 846 72.04 -7.87 -18.68
CA LEU E 846 73.16 -6.94 -18.64
C LEU E 846 74.45 -7.61 -19.11
N GLN E 847 74.68 -8.86 -18.70
CA GLN E 847 75.86 -9.59 -19.16
C GLN E 847 75.83 -9.80 -20.66
N SER E 848 74.68 -10.16 -21.21
CA SER E 848 74.53 -10.37 -22.65
C SER E 848 74.22 -9.06 -23.37
N LEU E 849 75.05 -8.05 -23.14
CA LEU E 849 74.93 -6.74 -23.78
C LEU E 849 76.21 -6.38 -24.51
N ARG E 850 76.79 -7.34 -25.21
CA ARG E 850 78.03 -7.11 -25.95
C ARG E 850 77.78 -6.13 -27.11
N VAL E 851 78.72 -5.20 -27.27
CA VAL E 851 78.60 -4.19 -28.32
C VAL E 851 79.55 -4.44 -29.48
N ASN E 852 80.53 -5.33 -29.32
CA ASN E 852 81.47 -5.61 -30.40
C ASN E 852 80.76 -6.19 -31.61
N ARG E 853 79.83 -7.13 -31.40
CA ARG E 853 79.09 -7.71 -32.51
C ARG E 853 78.00 -6.78 -33.01
N VAL E 854 77.39 -5.99 -32.11
CA VAL E 854 76.31 -5.10 -32.50
C VAL E 854 76.86 -3.97 -33.37
N GLY E 855 76.21 -3.74 -34.50
CA GLY E 855 76.65 -2.71 -35.42
C GLY E 855 76.21 -1.33 -35.00
N PRO E 856 76.63 -0.33 -35.79
CA PRO E 856 76.26 1.06 -35.46
C PRO E 856 74.77 1.33 -35.55
N GLU E 857 74.00 0.49 -36.25
CA GLU E 857 72.56 0.72 -36.36
C GLU E 857 71.89 0.63 -34.99
N GLU E 858 72.32 -0.32 -34.16
CA GLU E 858 71.76 -0.50 -32.82
C GLU E 858 72.56 0.20 -31.75
N LEU E 859 73.51 1.05 -32.12
CA LEU E 859 74.27 1.82 -31.13
C LEU E 859 73.39 2.75 -30.31
N PRO E 860 72.45 3.52 -30.87
CA PRO E 860 71.67 4.45 -30.03
C PRO E 860 70.59 3.76 -29.21
N VAL E 861 70.05 2.64 -29.71
CA VAL E 861 68.92 2.02 -29.02
C VAL E 861 69.35 1.41 -27.69
N VAL E 862 70.56 0.83 -27.63
CA VAL E 862 71.03 0.27 -26.37
C VAL E 862 71.28 1.39 -25.35
N GLY E 863 71.82 2.52 -25.80
CA GLY E 863 71.97 3.66 -24.91
C GLY E 863 70.65 4.19 -24.41
N GLN E 864 69.65 4.26 -25.29
CA GLN E 864 68.32 4.69 -24.86
C GLN E 864 67.74 3.72 -23.84
N LEU E 865 67.92 2.42 -24.06
CA LEU E 865 67.43 1.42 -23.10
C LEU E 865 68.12 1.57 -21.75
N LEU E 866 69.44 1.80 -21.77
CA LEU E 866 70.16 2.00 -20.52
C LEU E 866 69.68 3.24 -19.80
N ARG E 867 69.46 4.33 -20.54
CA ARG E 867 68.95 5.55 -19.92
C ARG E 867 67.57 5.35 -19.31
N LEU E 868 66.68 4.66 -20.03
CA LEU E 868 65.34 4.41 -19.51
C LEU E 868 65.38 3.52 -18.28
N LEU E 869 66.23 2.50 -18.29
CA LEU E 869 66.37 1.63 -17.12
C LEU E 869 66.94 2.41 -15.93
N LEU E 870 67.89 3.32 -16.20
CA LEU E 870 68.42 4.17 -15.14
C LEU E 870 67.34 5.05 -14.54
N GLN E 871 66.46 5.60 -15.39
CA GLN E 871 65.48 6.56 -14.93
C GLN E 871 64.49 5.94 -13.93
N HIS E 872 64.05 4.72 -14.20
CA HIS E 872 62.97 4.13 -13.41
C HIS E 872 63.46 3.78 -12.01
N ALA E 873 62.61 4.04 -11.01
CA ALA E 873 63.01 3.97 -9.61
C ALA E 873 63.06 2.56 -9.03
N PRO E 874 62.05 1.70 -9.22
CA PRO E 874 62.12 0.37 -8.61
C PRO E 874 63.30 -0.47 -9.07
N LEU E 875 63.78 -0.27 -10.29
CA LEU E 875 64.94 -1.02 -10.81
C LEU E 875 66.24 -0.31 -10.40
N ARG E 876 66.40 -0.11 -9.10
CA ARG E 876 67.57 0.54 -8.55
C ARG E 876 68.38 -0.36 -7.63
N THR E 877 67.75 -0.98 -6.63
CA THR E 877 68.48 -1.82 -5.69
C THR E 877 69.10 -3.02 -6.37
N HIS E 878 68.35 -3.68 -7.25
CA HIS E 878 68.89 -4.79 -8.02
C HIS E 878 69.84 -4.33 -9.12
N MET E 879 69.92 -3.03 -9.38
CA MET E 879 70.74 -2.48 -10.46
C MET E 879 72.11 -2.05 -9.99
N LEU E 880 72.19 -1.26 -8.91
CA LEU E 880 73.46 -0.72 -8.45
C LEU E 880 74.43 -1.81 -7.98
N THR E 881 73.93 -3.03 -7.72
CA THR E 881 74.83 -4.13 -7.39
C THR E 881 75.77 -4.44 -8.55
N ASN E 882 75.25 -4.41 -9.77
CA ASN E 882 76.04 -4.61 -10.98
C ASN E 882 76.28 -3.24 -11.60
N ALA E 883 77.31 -2.54 -11.11
CA ALA E 883 77.64 -1.21 -11.60
C ALA E 883 78.82 -1.19 -12.56
N ILE E 884 79.74 -2.16 -12.46
CA ILE E 884 80.88 -2.20 -13.35
C ILE E 884 80.43 -2.46 -14.79
N LEU E 885 79.48 -3.37 -14.97
CA LEU E 885 78.99 -3.67 -16.31
C LEU E 885 78.28 -2.47 -16.94
N VAL E 886 77.76 -1.55 -16.13
CA VAL E 886 77.12 -0.36 -16.68
C VAL E 886 78.15 0.52 -17.38
N GLN E 887 79.28 0.78 -16.71
CA GLN E 887 80.33 1.60 -17.30
C GLN E 887 81.05 0.87 -18.42
N GLN E 888 81.23 -0.45 -18.31
CA GLN E 888 81.95 -1.20 -19.32
C GLN E 888 81.28 -1.09 -20.68
N ILE E 889 79.94 -1.15 -20.70
CA ILE E 889 79.21 -0.96 -21.94
C ILE E 889 79.33 0.50 -22.40
N ILE E 890 79.34 1.44 -21.47
CA ILE E 890 79.34 2.86 -21.82
C ILE E 890 80.62 3.22 -22.57
N LYS E 891 81.78 2.79 -22.04
CA LYS E 891 83.04 3.11 -22.72
C LYS E 891 83.12 2.44 -24.08
N ASN E 892 82.63 1.20 -24.19
CA ASN E 892 82.64 0.52 -25.48
C ASN E 892 81.73 1.22 -26.48
N ILE E 893 80.68 1.88 -26.01
CA ILE E 893 79.77 2.59 -26.92
C ILE E 893 80.51 3.73 -27.61
N THR E 894 81.32 4.49 -26.86
CA THR E 894 82.07 5.59 -27.46
C THR E 894 83.07 5.07 -28.49
N THR E 895 83.74 3.97 -28.19
CA THR E 895 84.72 3.39 -29.11
C THR E 895 84.03 2.64 -30.24
N TRP E 905 72.84 12.30 -27.41
CA TRP E 905 72.20 11.13 -26.81
C TRP E 905 73.15 10.44 -25.82
N LEU E 906 74.43 10.36 -26.18
CA LEU E 906 75.41 9.74 -25.29
C LEU E 906 75.76 10.65 -24.12
N THR E 907 75.64 11.97 -24.31
CA THR E 907 75.98 12.90 -23.23
C THR E 907 75.04 12.74 -22.05
N ASP E 908 73.74 12.54 -22.31
CA ASP E 908 72.79 12.35 -21.22
C ASP E 908 73.07 11.08 -20.44
N LEU E 909 73.45 10.01 -21.14
CA LEU E 909 73.71 8.73 -20.47
C LEU E 909 74.87 8.84 -19.50
N HIS E 910 75.93 9.56 -19.88
CA HIS E 910 77.11 9.67 -19.03
C HIS E 910 76.78 10.32 -17.70
N TYR E 911 76.00 11.42 -17.73
CA TYR E 911 75.64 12.10 -16.50
C TYR E 911 74.64 11.30 -15.67
N CYS E 912 73.77 10.54 -16.34
CA CYS E 912 72.66 9.86 -15.67
C CYS E 912 73.08 8.69 -14.80
N PHE E 913 74.36 8.41 -14.55
CA PHE E 913 74.71 7.31 -13.65
C PHE E 913 74.27 7.61 -12.22
N ASN E 914 74.52 8.81 -11.75
CA ASN E 914 74.11 9.24 -10.41
C ASN E 914 72.74 9.90 -10.52
N VAL E 915 71.73 9.27 -9.93
CA VAL E 915 70.33 9.62 -10.14
C VAL E 915 69.73 10.07 -8.82
N TYR E 916 69.35 11.36 -8.75
CA TYR E 916 68.84 12.00 -7.53
C TYR E 916 69.62 11.61 -6.29
N ILE E 917 70.94 11.79 -6.34
CA ILE E 917 71.79 11.54 -5.18
C ILE E 917 73.02 12.44 -5.24
N ASN F 265 15.12 18.93 -2.43
CA ASN F 265 14.36 17.67 -2.40
C ASN F 265 12.92 17.89 -2.84
N SER F 266 12.75 18.57 -3.97
CA SER F 266 11.46 18.79 -4.58
C SER F 266 11.56 18.52 -6.08
N ILE F 267 10.43 18.18 -6.69
CA ILE F 267 10.39 17.78 -8.09
C ILE F 267 9.67 18.86 -8.88
N PHE F 268 10.30 19.32 -9.96
CA PHE F 268 9.73 20.33 -10.85
C PHE F 268 9.39 19.68 -12.19
N ILE F 269 8.16 19.84 -12.63
CA ILE F 269 7.64 19.14 -13.80
C ILE F 269 6.87 20.12 -14.67
N ASN F 270 7.11 20.06 -15.98
CA ASN F 270 6.30 20.77 -16.95
C ASN F 270 5.12 19.91 -17.35
N TRP F 271 3.96 20.54 -17.59
CA TRP F 271 2.77 19.76 -17.88
C TRP F 271 2.88 19.00 -19.20
N LYS F 272 3.38 19.67 -20.25
CA LYS F 272 3.41 19.04 -21.56
C LYS F 272 4.29 17.80 -21.57
N GLU F 273 5.42 17.86 -20.85
CA GLU F 273 6.27 16.68 -20.72
C GLU F 273 5.53 15.55 -20.00
N HIS F 274 4.76 15.89 -18.96
CA HIS F 274 4.01 14.87 -18.23
C HIS F 274 2.79 14.39 -19.00
N ALA F 275 2.25 15.23 -19.90
CA ALA F 275 1.12 14.79 -20.72
C ALA F 275 1.51 13.61 -21.58
N ASN F 276 2.70 13.66 -22.19
CA ASN F 276 3.29 12.51 -22.85
C ASN F 276 4.07 11.69 -21.81
N ASP F 277 4.90 10.77 -22.28
CA ASP F 277 5.50 9.77 -21.41
C ASP F 277 6.94 10.08 -21.01
N GLN F 278 7.39 11.33 -21.14
CA GLN F 278 8.77 11.66 -20.79
C GLN F 278 9.01 11.57 -19.29
N GLN F 279 8.16 12.19 -18.48
CA GLN F 279 8.41 12.34 -17.06
C GLN F 279 7.38 11.58 -16.23
N HIS F 280 7.85 11.07 -15.09
CA HIS F 280 7.00 10.35 -14.15
C HIS F 280 7.24 10.89 -12.76
N ILE F 281 6.26 10.69 -11.88
CA ILE F 281 6.22 11.29 -10.55
C ILE F 281 6.55 10.23 -9.52
N GLN F 282 7.48 10.54 -8.61
CA GLN F 282 7.83 9.66 -7.51
C GLN F 282 8.04 10.52 -6.27
N VAL F 283 7.02 10.59 -5.41
CA VAL F 283 7.06 11.36 -4.18
C VAL F 283 6.87 10.40 -3.00
N TYR F 284 7.68 10.57 -1.97
CA TYR F 284 7.66 9.69 -0.81
C TYR F 284 7.23 10.44 0.44
N GLU F 285 6.95 9.68 1.50
CA GLU F 285 6.29 10.24 2.68
C GLU F 285 7.14 11.31 3.36
N ASN F 286 8.39 10.96 3.69
CA ASN F 286 9.25 11.85 4.47
C ASN F 286 10.24 12.63 3.62
N GLY F 287 10.23 12.46 2.31
CA GLY F 287 11.14 13.18 1.43
C GLY F 287 10.64 13.17 0.01
N GLY F 288 11.04 14.19 -0.74
CA GLY F 288 10.69 14.31 -2.13
C GLY F 288 11.81 13.81 -3.01
N SER F 289 11.50 12.83 -3.87
CA SER F 289 12.39 12.20 -4.84
C SER F 289 13.50 11.40 -4.16
N GLN F 290 13.50 11.25 -2.83
CA GLN F 290 14.47 10.42 -2.15
C GLN F 290 13.77 9.71 -1.00
N PRO F 291 14.00 8.41 -0.83
CA PRO F 291 13.26 7.66 0.21
C PRO F 291 13.43 8.20 1.62
N ASN F 292 14.64 8.64 1.97
CA ASN F 292 14.96 9.11 3.32
C ASN F 292 14.54 8.06 4.36
N VAL F 293 15.18 6.91 4.27
CA VAL F 293 14.84 5.76 5.10
C VAL F 293 15.98 5.29 5.99
N SER F 294 17.21 5.77 5.77
CA SER F 294 18.34 5.32 6.58
C SER F 294 18.22 5.88 7.99
N SER F 295 18.32 5.00 8.99
CA SER F 295 18.22 5.38 10.38
C SER F 295 19.60 5.36 11.04
N GLN F 296 19.72 6.11 12.13
CA GLN F 296 20.98 6.23 12.86
C GLN F 296 21.01 5.39 14.13
N PHE F 297 20.01 4.57 14.38
CA PHE F 297 20.00 3.74 15.57
C PHE F 297 20.91 2.54 15.39
N ARG F 298 21.80 2.31 16.36
CA ARG F 298 22.75 1.21 16.32
C ARG F 298 22.76 0.48 17.64
N LEU F 299 22.68 -0.84 17.58
CA LEU F 299 22.76 -1.67 18.78
C LEU F 299 24.22 -1.81 19.18
N ARG F 300 24.56 -1.35 20.38
CA ARG F 300 25.95 -1.38 20.84
C ARG F 300 26.03 -1.33 22.36
N ASP F 431 42.30 52.33 12.43
CA ASP F 431 43.11 51.20 12.83
C ASP F 431 42.97 50.91 14.33
N HIS F 432 42.71 51.96 15.10
CA HIS F 432 42.52 51.81 16.54
C HIS F 432 41.28 50.99 16.85
N LEU F 433 40.20 51.20 16.10
CA LEU F 433 38.96 50.47 16.30
C LEU F 433 38.98 49.08 15.67
N LEU F 434 40.02 48.74 14.91
CA LEU F 434 40.12 47.41 14.33
C LEU F 434 40.23 46.34 15.41
N LEU F 435 41.03 46.60 16.45
CA LEU F 435 41.11 45.68 17.56
C LEU F 435 39.78 45.59 18.31
N ASN F 436 39.11 46.72 18.49
CA ASN F 436 37.82 46.72 19.17
C ASN F 436 36.75 46.01 18.35
N LEU F 437 36.90 45.98 17.02
CA LEU F 437 35.93 45.28 16.17
C LEU F 437 35.92 43.79 16.48
N THR F 438 37.10 43.18 16.61
CA THR F 438 37.20 41.78 16.97
C THR F 438 37.10 41.55 18.48
N LEU F 439 37.24 42.61 19.29
CA LEU F 439 37.09 42.46 20.73
C LEU F 439 35.66 42.08 21.11
N SER F 440 34.68 42.69 20.45
CA SER F 440 33.28 42.38 20.72
C SER F 440 32.78 41.15 19.98
N ASP F 441 33.60 40.57 19.10
CA ASP F 441 33.16 39.42 18.31
C ASP F 441 32.91 38.19 19.17
N ILE F 442 33.65 38.05 20.27
CA ILE F 442 33.61 36.80 21.03
C ILE F 442 32.22 36.58 21.63
N MET F 443 31.62 37.62 22.22
CA MET F 443 30.33 37.48 22.86
C MET F 443 29.17 37.39 21.88
N VAL F 444 29.42 37.60 20.58
CA VAL F 444 28.36 37.48 19.59
C VAL F 444 27.86 36.05 19.51
N SER F 445 28.76 35.08 19.66
CA SER F 445 28.39 33.67 19.60
C SER F 445 27.46 33.28 20.73
N GLU F 460 25.18 48.06 26.17
CA GLU F 460 24.87 49.31 25.48
C GLU F 460 26.09 49.81 24.72
N MET F 461 27.27 49.58 25.29
CA MET F 461 28.50 50.00 24.63
C MET F 461 28.70 49.29 23.30
N ILE F 462 28.38 47.99 23.25
CA ILE F 462 28.48 47.25 22.01
C ILE F 462 27.49 47.81 20.98
N ARG F 463 26.27 48.13 21.41
CA ARG F 463 25.26 48.62 20.48
C ARG F 463 25.67 49.96 19.86
N LYS F 464 26.20 50.87 20.68
CA LYS F 464 26.59 52.18 20.16
C LYS F 464 27.90 52.15 19.39
N PHE F 465 28.77 51.17 19.65
CA PHE F 465 30.08 51.14 19.00
C PHE F 465 29.95 50.91 17.49
N VAL F 466 29.08 49.99 17.08
CA VAL F 466 28.96 49.66 15.66
C VAL F 466 28.42 50.85 14.88
N THR F 467 27.58 51.68 15.51
CA THR F 467 27.07 52.86 14.83
C THR F 467 28.20 53.81 14.44
N GLU F 468 29.17 53.99 15.35
CA GLU F 468 30.33 54.84 15.03
C GLU F 468 31.14 54.25 13.88
N THR F 469 31.35 52.93 13.90
CA THR F 469 32.08 52.28 12.81
C THR F 469 31.33 52.40 11.49
N LEU F 470 30.01 52.22 11.53
CA LEU F 470 29.18 52.29 10.33
C LEU F 470 28.77 53.71 9.97
N GLU F 471 29.15 54.71 10.78
CA GLU F 471 28.84 56.09 10.45
C GLU F 471 29.63 56.57 9.24
N ASP F 472 30.82 56.01 9.03
CA ASP F 472 31.62 56.31 7.83
C ASP F 472 31.79 55.09 6.94
N GLY F 473 32.35 54.00 7.47
CA GLY F 473 32.52 52.75 6.76
C GLY F 473 33.00 52.88 5.33
N SER F 474 34.07 53.62 5.11
CA SER F 474 34.55 53.93 3.76
C SER F 474 35.92 53.36 3.45
N ARG F 475 36.88 53.45 4.38
CA ARG F 475 38.23 53.00 4.10
C ARG F 475 38.32 51.48 3.99
N LEU F 476 37.44 50.76 4.69
CA LEU F 476 37.52 49.30 4.73
C LEU F 476 37.27 48.70 3.35
N ASN F 477 38.03 47.66 3.03
CA ASN F 477 37.97 47.02 1.72
C ASN F 477 36.79 46.04 1.69
N SER F 478 36.68 45.29 0.59
CA SER F 478 35.57 44.36 0.42
C SER F 478 35.59 43.28 1.49
N LYS F 479 36.77 42.69 1.74
CA LYS F 479 36.88 41.67 2.78
C LYS F 479 36.64 42.28 4.15
N GLN F 480 37.16 43.49 4.39
CA GLN F 480 36.98 44.14 5.68
C GLN F 480 35.51 44.46 5.94
N LEU F 481 34.81 44.97 4.93
CA LEU F 481 33.40 45.31 5.11
C LEU F 481 32.56 44.06 5.32
N ASN F 482 32.89 42.97 4.63
CA ASN F 482 32.15 41.71 4.80
C ASN F 482 32.25 41.24 6.25
N ARG F 483 33.47 41.30 6.81
CA ARG F 483 33.63 40.94 8.22
C ARG F 483 32.82 41.87 9.12
N LEU F 484 32.85 43.18 8.84
CA LEU F 484 32.05 44.11 9.62
C LEU F 484 30.56 43.88 9.38
N LEU F 485 30.16 43.61 8.13
CA LEU F 485 28.76 43.35 7.84
C LEU F 485 28.24 42.12 8.57
N GLY F 486 29.06 41.06 8.63
CA GLY F 486 28.65 39.86 9.33
C GLY F 486 28.39 40.11 10.81
N VAL F 487 29.28 40.87 11.45
CA VAL F 487 29.11 41.17 12.88
C VAL F 487 28.10 42.27 13.14
N SER F 488 27.52 42.86 12.09
CA SER F 488 26.52 43.90 12.25
C SER F 488 25.11 43.34 12.33
N TRP F 489 24.78 42.40 11.44
CA TRP F 489 23.43 41.83 11.45
C TRP F 489 23.20 41.00 12.71
N ARG F 490 24.22 40.29 13.18
CA ARG F 490 24.05 39.48 14.38
C ARG F 490 23.68 40.33 15.59
N LEU F 491 24.33 41.49 15.74
CA LEU F 491 23.94 42.41 16.79
C LEU F 491 22.53 42.92 16.58
N MET F 492 22.18 43.24 15.32
CA MET F 492 20.81 43.65 15.02
C MET F 492 19.82 42.53 15.30
N GLN F 493 20.16 41.30 14.91
CA GLN F 493 19.27 40.17 15.17
C GLN F 493 19.14 39.90 16.67
N ILE F 494 20.25 40.00 17.41
CA ILE F 494 20.23 39.71 18.83
C ILE F 494 19.45 40.75 19.61
N GLN F 495 19.18 41.92 19.02
CA GLN F 495 18.50 43.00 19.72
C GLN F 495 17.03 43.04 19.32
N PRO F 496 16.11 42.74 20.22
CA PRO F 496 14.68 42.93 19.92
C PRO F 496 14.29 44.39 19.99
N ASN F 497 12.99 44.69 19.91
CA ASN F 497 12.48 46.07 19.97
C ASN F 497 13.08 46.91 18.84
N ARG F 498 12.62 46.56 17.62
CA ARG F 498 13.13 47.13 16.37
C ARG F 498 13.30 48.64 16.40
N GLU F 499 12.58 49.33 17.30
CA GLU F 499 12.64 50.78 17.35
C GLU F 499 14.06 51.29 17.58
N ASP F 500 14.82 50.63 18.45
CA ASP F 500 16.22 51.03 18.65
C ASP F 500 17.17 50.22 17.78
N THR F 501 16.84 50.13 16.49
CA THR F 501 17.73 49.56 15.48
C THR F 501 17.83 50.43 14.23
N GLU F 502 17.11 51.55 14.18
CA GLU F 502 17.13 52.41 13.00
C GLU F 502 18.53 52.98 12.76
N THR F 503 19.34 53.09 13.81
CA THR F 503 20.67 53.66 13.66
C THR F 503 21.53 52.85 12.70
N LEU F 504 21.51 51.52 12.86
CA LEU F 504 22.31 50.67 11.98
C LEU F 504 21.82 50.75 10.54
N ILE F 505 20.50 50.71 10.33
CA ILE F 505 19.97 50.85 8.99
C ILE F 505 20.28 52.22 8.42
N LYS F 506 20.14 53.27 9.24
CA LYS F 506 20.48 54.61 8.78
C LYS F 506 21.97 54.72 8.48
N ALA F 507 22.82 54.16 9.34
CA ALA F 507 24.27 54.25 9.13
C ALA F 507 24.67 53.55 7.83
N VAL F 508 24.13 52.35 7.58
CA VAL F 508 24.44 51.66 6.34
C VAL F 508 23.87 52.43 5.15
N TYR F 509 22.70 53.04 5.33
CA TYR F 509 22.11 53.84 4.25
C TYR F 509 23.01 55.02 3.90
N THR F 510 23.61 55.66 4.91
CA THR F 510 24.54 56.76 4.64
C THR F 510 25.72 56.27 3.82
N LEU F 511 26.27 55.10 4.17
CA LEU F 511 27.28 54.49 3.31
C LEU F 511 26.69 54.12 1.96
N TYR F 512 25.46 53.59 1.95
CA TYR F 512 24.79 53.28 0.69
C TYR F 512 24.54 54.55 -0.12
N GLN F 513 24.18 55.64 0.55
CA GLN F 513 23.95 56.90 -0.16
C GLN F 513 25.23 57.42 -0.80
N GLN F 514 26.36 57.27 -0.12
CA GLN F 514 27.63 57.74 -0.65
C GLN F 514 27.97 56.98 -1.92
N ARG F 515 28.36 57.71 -2.97
CA ARG F 515 28.63 57.10 -4.26
C ARG F 515 30.11 56.75 -4.39
N GLY F 516 30.40 55.88 -5.34
CA GLY F 516 31.78 55.50 -5.65
C GLY F 516 32.31 54.35 -4.80
N LEU F 517 31.62 53.22 -4.82
CA LEU F 517 32.05 52.02 -4.13
C LEU F 517 32.15 50.87 -5.12
N ILE F 518 33.01 49.91 -4.78
CA ILE F 518 33.24 48.77 -5.68
C ILE F 518 31.98 47.90 -5.75
N LEU F 519 31.78 47.28 -6.91
CA LEU F 519 30.61 46.44 -7.12
C LEU F 519 30.53 45.24 -6.18
N PRO F 520 31.61 44.48 -5.94
CA PRO F 520 31.46 43.27 -5.10
C PRO F 520 30.91 43.55 -3.71
N VAL F 521 31.21 44.71 -3.13
CA VAL F 521 30.65 45.06 -1.83
C VAL F 521 29.30 45.77 -1.97
N ARG F 522 28.96 46.26 -3.15
CA ARG F 522 27.65 46.88 -3.35
C ARG F 522 26.52 45.88 -3.18
N THR F 523 26.68 44.68 -3.75
CA THR F 523 25.65 43.66 -3.62
C THR F 523 25.60 43.06 -2.22
N LEU F 524 26.69 43.15 -1.46
CA LEU F 524 26.67 42.69 -0.08
C LEU F 524 25.76 43.55 0.78
N LEU F 525 25.76 44.87 0.55
CA LEU F 525 24.88 45.75 1.29
C LEU F 525 23.42 45.43 1.03
N LEU F 526 23.07 45.19 -0.24
CA LEU F 526 21.69 44.86 -0.57
C LEU F 526 21.26 43.55 0.06
N LYS F 527 22.15 42.55 0.06
CA LYS F 527 21.83 41.27 0.67
C LYS F 527 21.56 41.42 2.16
N PHE F 528 22.39 42.21 2.85
CA PHE F 528 22.11 42.53 4.24
C PHE F 528 20.83 43.34 4.37
N PHE F 529 20.60 44.29 3.46
CA PHE F 529 19.38 45.07 3.45
C PHE F 529 18.16 44.25 3.06
N SER F 530 18.34 43.04 2.56
CA SER F 530 17.23 42.16 2.21
C SER F 530 16.88 41.20 3.33
N LYS F 531 17.84 40.84 4.18
CA LYS F 531 17.56 39.93 5.28
C LYS F 531 16.66 40.59 6.32
N ILE F 532 16.84 41.90 6.53
CA ILE F 532 15.99 42.62 7.49
C ILE F 532 14.55 42.62 7.02
N TYR F 533 14.41 42.81 5.69
CA TYR F 533 13.06 42.88 5.05
C TYR F 533 12.48 41.50 4.93
N GLN F 534 13.14 40.56 4.25
CA GLN F 534 12.50 39.23 4.03
C GLN F 534 12.29 38.49 5.35
N THR F 535 12.31 39.19 6.48
CA THR F 535 12.05 38.57 7.78
C THR F 535 10.98 39.38 8.48
N GLU F 536 10.60 40.52 7.92
CA GLU F 536 9.46 41.25 8.53
C GLU F 536 8.32 40.24 8.67
N GLU F 537 8.16 39.35 7.69
CA GLU F 537 7.14 38.27 7.77
C GLU F 537 7.17 37.65 9.16
N LEU F 538 8.37 37.39 9.69
CA LEU F 538 8.50 36.74 11.01
C LEU F 538 8.25 37.75 12.15
N TYR F 545 4.13 50.62 10.91
CA TYR F 545 5.10 49.86 11.71
C TYR F 545 6.45 49.81 11.02
N ARG F 546 6.45 49.98 9.69
CA ARG F 546 7.69 49.95 8.93
C ARG F 546 8.59 51.11 9.32
N SER F 547 9.89 50.81 9.46
CA SER F 547 10.86 51.83 9.79
C SER F 547 10.96 52.87 8.68
N LYS F 548 11.20 54.12 9.07
CA LYS F 548 11.27 55.20 8.09
C LYS F 548 12.42 55.00 7.13
N VAL F 549 13.60 54.60 7.64
CA VAL F 549 14.74 54.39 6.76
C VAL F 549 14.47 53.22 5.81
N LEU F 550 13.92 52.13 6.33
CA LEU F 550 13.60 50.99 5.48
C LEU F 550 12.54 51.36 4.45
N SER F 551 11.50 52.09 4.88
CA SER F 551 10.46 52.51 3.95
C SER F 551 11.00 53.48 2.92
N ARG F 552 11.84 54.43 3.35
CA ARG F 552 12.46 55.35 2.40
C ARG F 552 13.42 54.63 1.46
N TRP F 553 14.06 53.56 1.93
CA TRP F 553 14.90 52.75 1.06
C TRP F 553 14.10 52.12 -0.07
N LEU F 554 12.91 51.59 0.25
CA LEU F 554 12.12 50.88 -0.76
C LEU F 554 11.65 51.83 -1.86
N ALA F 555 11.44 53.11 -1.52
CA ALA F 555 11.06 54.07 -2.54
C ALA F 555 12.15 54.26 -3.59
N GLY F 556 13.40 54.04 -3.22
CA GLY F 556 14.52 54.19 -4.12
C GLY F 556 14.90 52.97 -4.92
N LEU F 557 14.19 51.86 -4.75
CA LEU F 557 14.50 50.64 -5.51
C LEU F 557 13.95 50.69 -6.92
N PRO F 558 12.69 51.06 -7.16
CA PRO F 558 12.21 51.13 -8.55
C PRO F 558 12.99 52.12 -9.40
N LEU F 559 13.51 53.20 -8.80
CA LEU F 559 14.37 54.11 -9.56
C LEU F 559 15.67 53.43 -9.97
N GLN F 560 16.25 52.63 -9.08
CA GLN F 560 17.51 51.97 -9.39
C GLN F 560 17.36 50.93 -10.49
N LEU F 561 16.21 50.25 -10.56
CA LEU F 561 16.01 49.24 -11.59
C LEU F 561 15.96 49.85 -12.98
N ALA F 562 15.57 51.13 -13.09
CA ALA F 562 15.50 51.77 -14.40
C ALA F 562 16.89 51.98 -14.99
N HIS F 563 17.82 52.51 -14.20
CA HIS F 563 19.16 52.81 -14.71
C HIS F 563 19.93 51.53 -15.04
N LEU F 564 19.83 50.52 -14.18
CA LEU F 564 20.53 49.25 -14.39
C LEU F 564 19.80 48.40 -15.44
N GLY F 565 19.82 48.90 -16.68
CA GLY F 565 19.12 48.24 -17.76
C GLY F 565 19.74 46.93 -18.19
N SER F 566 20.93 46.99 -18.79
CA SER F 566 21.59 45.80 -19.32
C SER F 566 22.78 45.38 -18.48
N ARG F 567 23.62 46.33 -18.06
CA ARG F 567 24.78 46.00 -17.25
C ARG F 567 24.35 45.48 -15.88
N ASN F 568 25.17 44.57 -15.34
CA ASN F 568 24.95 43.94 -14.05
C ASN F 568 23.61 43.20 -14.01
N PRO F 569 23.44 42.13 -14.80
CA PRO F 569 22.19 41.36 -14.70
C PRO F 569 21.97 40.73 -13.34
N GLU F 570 23.04 40.39 -12.63
CA GLU F 570 22.90 39.73 -11.33
C GLU F 570 22.19 40.63 -10.33
N LEU F 571 22.61 41.91 -10.26
CA LEU F 571 21.95 42.83 -9.35
C LEU F 571 20.53 43.19 -9.81
N SER F 572 20.27 43.14 -11.12
CA SER F 572 18.92 43.38 -11.60
C SER F 572 17.95 42.30 -11.14
N THR F 573 18.41 41.05 -11.10
CA THR F 573 17.55 39.96 -10.62
C THR F 573 17.24 40.13 -9.15
N GLN F 574 18.23 40.49 -8.33
CA GLN F 574 18.01 40.65 -6.90
C GLN F 574 17.33 41.97 -6.55
N LEU F 575 17.26 42.92 -7.50
CA LEU F 575 16.50 44.15 -7.30
C LEU F 575 15.05 44.01 -7.73
N ILE F 576 14.67 42.86 -8.28
CA ILE F 576 13.27 42.59 -8.61
C ILE F 576 12.59 41.81 -7.48
N ASP F 577 13.29 40.82 -6.93
CA ASP F 577 12.72 40.00 -5.87
C ASP F 577 12.50 40.77 -4.58
N ILE F 578 13.05 41.97 -4.45
CA ILE F 578 12.75 42.82 -3.30
C ILE F 578 11.57 43.73 -3.60
N ILE F 579 11.49 44.25 -4.82
CA ILE F 579 10.31 45.02 -5.24
C ILE F 579 9.09 44.11 -5.25
N HIS F 580 9.23 42.91 -5.81
CA HIS F 580 8.11 41.99 -5.91
C HIS F 580 7.62 41.54 -4.54
N THR F 581 8.54 41.24 -3.62
CA THR F 581 8.15 40.77 -2.29
C THR F 581 7.68 41.90 -1.39
N ALA F 582 7.87 43.15 -1.78
CA ALA F 582 7.36 44.29 -1.03
C ALA F 582 6.12 44.91 -1.66
N ALA F 583 5.73 44.44 -2.84
CA ALA F 583 4.50 44.87 -3.47
C ALA F 583 3.33 43.98 -3.11
N ALA F 584 3.58 42.70 -2.81
CA ALA F 584 2.52 41.81 -2.37
C ALA F 584 1.90 42.30 -1.07
N ARG F 585 2.74 42.73 -0.13
CA ARG F 585 2.23 43.22 1.14
C ARG F 585 1.54 44.59 1.00
N ALA F 586 1.38 45.11 -0.21
CA ALA F 586 0.67 46.38 -0.46
C ALA F 586 1.23 47.50 0.41
N ASN F 587 2.53 47.70 0.31
CA ASN F 587 3.21 48.87 0.86
C ASN F 587 2.70 50.14 0.18
N LYS F 588 2.39 51.16 0.98
CA LYS F 588 1.82 52.41 0.48
C LYS F 588 2.85 53.38 -0.10
N GLU F 589 4.14 53.07 0.00
CA GLU F 589 5.19 53.89 -0.58
C GLU F 589 5.84 53.27 -1.81
N LEU F 590 6.08 51.97 -1.79
CA LEU F 590 6.63 51.31 -2.97
C LEU F 590 5.65 51.32 -4.14
N LEU F 591 4.38 51.03 -3.87
CA LEU F 591 3.39 51.00 -4.94
C LEU F 591 3.17 52.38 -5.55
N LYS F 592 3.43 53.44 -4.79
CA LYS F 592 3.36 54.78 -5.36
C LYS F 592 4.50 54.99 -6.36
N SER F 593 5.72 54.63 -5.96
CA SER F 593 6.87 54.78 -6.86
C SER F 593 6.81 53.77 -8.01
N LEU F 594 6.34 52.55 -7.72
CA LEU F 594 6.25 51.53 -8.76
C LEU F 594 5.27 51.91 -9.85
N GLN F 595 4.34 52.83 -9.58
CA GLN F 595 3.45 53.35 -10.60
C GLN F 595 4.00 54.62 -11.26
N ALA F 596 4.64 55.48 -10.47
CA ALA F 596 5.19 56.72 -11.03
C ALA F 596 6.31 56.44 -12.01
N THR F 597 7.15 55.45 -11.72
CA THR F 597 8.28 55.12 -12.57
C THR F 597 7.98 53.97 -13.53
N ALA F 598 6.75 53.45 -13.54
CA ALA F 598 6.42 52.33 -14.41
C ALA F 598 6.51 52.70 -15.88
N LEU F 599 6.45 53.99 -16.23
CA LEU F 599 6.53 54.39 -17.62
C LEU F 599 7.92 54.20 -18.21
N ARG F 600 8.93 54.00 -17.36
CA ARG F 600 10.30 53.80 -17.83
C ARG F 600 10.74 52.35 -17.79
N ILE F 601 10.31 51.58 -16.78
CA ILE F 601 10.66 50.17 -16.73
C ILE F 601 10.02 49.41 -17.88
N TYR F 602 8.75 49.70 -18.17
CA TYR F 602 8.02 49.04 -19.25
C TYR F 602 8.06 49.88 -20.53
N ASP F 603 9.28 50.08 -21.04
CA ASP F 603 9.48 50.82 -22.28
C ASP F 603 9.96 49.87 -23.36
N PRO F 604 9.20 49.65 -24.44
CA PRO F 604 9.60 48.65 -25.42
C PRO F 604 10.60 49.15 -26.45
N GLN F 605 11.58 49.91 -26.01
CA GLN F 605 12.80 50.20 -26.77
C GLN F 605 14.05 50.00 -25.93
N GLU F 606 14.00 50.36 -24.66
CA GLU F 606 15.09 50.15 -23.72
C GLU F 606 14.51 50.32 -22.31
N GLY F 607 15.04 49.53 -21.37
CA GLY F 607 14.47 49.52 -20.05
C GLY F 607 14.89 48.32 -19.23
N ALA F 608 13.91 47.60 -18.68
CA ALA F 608 14.18 46.41 -17.90
C ALA F 608 13.36 45.20 -18.31
N VAL F 609 12.46 45.35 -19.29
CA VAL F 609 11.62 44.25 -19.73
C VAL F 609 12.16 43.59 -20.99
N VAL F 610 12.66 44.39 -21.93
CA VAL F 610 13.06 43.89 -23.24
C VAL F 610 14.57 43.81 -23.40
N VAL F 611 15.33 44.07 -22.34
CA VAL F 611 16.79 43.99 -22.41
C VAL F 611 17.38 43.02 -21.40
N LEU F 612 16.66 42.66 -20.34
CA LEU F 612 17.18 41.73 -19.36
C LEU F 612 17.16 40.30 -19.92
N PRO F 613 17.95 39.39 -19.34
CA PRO F 613 17.92 38.00 -19.78
C PRO F 613 16.55 37.38 -19.57
N ALA F 614 16.31 36.26 -20.25
CA ALA F 614 14.99 35.67 -20.25
C ALA F 614 14.73 34.85 -18.99
N ASP F 615 15.01 35.44 -17.84
CA ASP F 615 14.60 34.92 -16.54
C ASP F 615 13.91 35.99 -15.70
N SER F 616 14.36 37.23 -15.77
CA SER F 616 13.71 38.34 -15.10
C SER F 616 12.61 38.98 -15.93
N GLN F 617 12.53 38.65 -17.22
CA GLN F 617 11.39 39.10 -18.02
C GLN F 617 10.11 38.45 -17.53
N GLN F 618 10.18 37.16 -17.17
CA GLN F 618 9.02 36.49 -16.60
C GLN F 618 8.62 37.11 -15.27
N ARG F 619 9.60 37.46 -14.43
CA ARG F 619 9.29 38.09 -13.16
C ARG F 619 8.86 39.54 -13.32
N LEU F 620 9.14 40.17 -14.47
CA LEU F 620 8.69 41.53 -14.72
C LEU F 620 7.37 41.59 -15.48
N VAL F 621 6.86 40.46 -15.94
CA VAL F 621 5.47 40.38 -16.41
C VAL F 621 4.56 39.80 -15.33
N GLN F 622 5.12 39.16 -14.31
CA GLN F 622 4.35 38.81 -13.11
C GLN F 622 4.44 39.93 -12.08
N LEU F 623 4.20 41.16 -12.55
CA LEU F 623 4.11 42.32 -11.68
C LEU F 623 3.02 43.29 -12.08
N VAL F 624 2.49 43.22 -13.30
CA VAL F 624 1.42 44.12 -13.71
C VAL F 624 0.12 43.81 -13.00
N TYR F 625 0.01 42.63 -12.37
CA TYR F 625 -1.14 42.35 -11.52
C TYR F 625 -1.15 43.26 -10.30
N PHE F 626 -0.02 43.34 -9.60
CA PHE F 626 0.09 44.15 -8.40
C PHE F 626 0.20 45.64 -8.68
N LEU F 627 0.43 46.03 -9.93
CA LEU F 627 0.58 47.43 -10.28
C LEU F 627 -0.77 48.13 -10.17
N PRO F 628 -0.92 49.14 -9.31
CA PRO F 628 -2.20 49.84 -9.20
C PRO F 628 -2.36 50.84 -10.34
N SER F 629 -3.60 51.12 -10.72
CA SER F 629 -3.91 52.27 -11.56
C SER F 629 -3.18 52.24 -12.90
N LEU F 630 -3.58 51.33 -13.80
CA LEU F 630 -2.98 51.20 -15.13
C LEU F 630 -3.64 52.18 -16.09
N PRO F 631 -2.99 53.32 -16.39
CA PRO F 631 -3.60 54.31 -17.28
C PRO F 631 -3.51 53.93 -18.75
N ALA F 632 -3.92 54.85 -19.63
CA ALA F 632 -3.85 54.58 -21.05
C ALA F 632 -2.41 54.53 -21.56
N ASP F 633 -1.59 55.50 -21.15
CA ASP F 633 -0.21 55.55 -21.65
C ASP F 633 0.59 54.33 -21.19
N LEU F 634 0.39 53.89 -19.94
CA LEU F 634 1.02 52.66 -19.49
C LEU F 634 0.48 51.44 -20.24
N LEU F 635 -0.79 51.49 -20.65
CA LEU F 635 -1.36 50.39 -21.41
C LEU F 635 -0.86 50.38 -22.85
N SER F 636 -0.67 51.57 -23.44
CA SER F 636 -0.18 51.64 -24.81
C SER F 636 1.24 51.09 -24.92
N ARG F 637 2.09 51.41 -23.95
CA ARG F 637 3.45 50.88 -23.96
C ARG F 637 3.44 49.36 -23.81
N LEU F 638 2.56 48.84 -22.94
CA LEU F 638 2.48 47.39 -22.75
C LEU F 638 1.91 46.68 -23.97
N SER F 639 1.01 47.34 -24.72
CA SER F 639 0.45 46.73 -25.90
C SER F 639 1.52 46.50 -26.97
N ARG F 640 2.39 47.49 -27.19
CA ARG F 640 3.48 47.31 -28.14
C ARG F 640 4.55 46.36 -27.62
N CYS F 641 4.54 46.06 -26.32
CA CYS F 641 5.54 45.17 -25.74
C CYS F 641 5.28 43.70 -26.05
N CYS F 642 4.31 43.39 -26.89
CA CYS F 642 4.00 42.01 -27.25
C CYS F 642 4.06 41.75 -28.75
N ILE F 643 3.66 42.73 -29.57
CA ILE F 643 3.67 42.52 -31.02
C ILE F 643 5.09 42.45 -31.54
N MET F 644 5.95 43.36 -31.09
CA MET F 644 7.35 43.33 -31.50
C MET F 644 8.04 42.10 -30.91
N GLY F 645 8.86 41.45 -31.73
CA GLY F 645 9.47 40.19 -31.35
C GLY F 645 10.60 40.32 -30.35
N ARG F 646 10.38 41.07 -29.28
CA ARG F 646 11.36 41.20 -28.20
C ARG F 646 11.03 40.27 -27.04
N LEU F 647 9.82 40.39 -26.48
CA LEU F 647 9.36 39.41 -25.51
C LEU F 647 9.05 38.09 -26.20
N SER F 648 9.34 37.00 -25.50
CA SER F 648 9.14 35.68 -26.07
C SER F 648 7.66 35.40 -26.32
N SER F 649 7.40 34.47 -27.24
CA SER F 649 6.03 34.14 -27.60
C SER F 649 5.27 33.50 -26.43
N SER F 650 5.96 32.86 -25.50
CA SER F 650 5.32 32.28 -24.34
C SER F 650 5.05 33.29 -23.24
N LEU F 651 5.93 34.28 -23.08
CA LEU F 651 5.76 35.31 -22.05
C LEU F 651 4.92 36.49 -22.53
N ALA F 652 4.53 36.50 -23.81
CA ALA F 652 3.66 37.55 -24.32
C ALA F 652 2.20 37.10 -24.42
N ALA F 653 1.95 35.80 -24.52
CA ALA F 653 0.59 35.26 -24.42
C ALA F 653 0.16 35.04 -22.99
N MET F 654 1.05 35.28 -22.03
CA MET F 654 0.75 35.17 -20.61
C MET F 654 0.42 36.53 -19.98
N LEU F 655 1.08 37.60 -20.45
CA LEU F 655 0.75 38.93 -19.96
C LEU F 655 -0.69 39.31 -20.29
N ILE F 656 -1.25 38.75 -21.36
CA ILE F 656 -2.65 39.00 -21.67
C ILE F 656 -3.54 38.35 -20.64
N GLY F 657 -3.17 37.14 -20.17
CA GLY F 657 -3.97 36.47 -19.16
C GLY F 657 -4.06 37.26 -17.86
N ILE F 658 -2.93 37.79 -17.40
CA ILE F 658 -2.94 38.62 -16.19
C ILE F 658 -3.73 39.89 -16.43
N LEU F 659 -3.53 40.54 -17.59
CA LEU F 659 -4.23 41.76 -17.90
C LEU F 659 -5.72 41.54 -18.17
N HIS F 660 -6.16 40.29 -18.30
CA HIS F 660 -7.59 40.02 -18.41
C HIS F 660 -8.25 39.90 -17.05
N MET F 661 -7.55 39.33 -16.07
CA MET F 661 -8.09 39.22 -14.72
C MET F 661 -8.19 40.55 -14.00
N ARG F 662 -7.60 41.62 -14.56
CA ARG F 662 -7.70 42.95 -14.00
C ARG F 662 -8.73 43.80 -14.72
N SER F 663 -9.66 43.17 -15.43
CA SER F 663 -10.69 43.88 -16.17
C SER F 663 -12.01 43.80 -15.40
N SER F 664 -13.08 44.28 -16.03
CA SER F 664 -14.42 44.20 -15.46
C SER F 664 -15.15 42.94 -15.90
N PHE F 665 -14.48 42.04 -16.61
CA PHE F 665 -15.08 40.80 -17.11
C PHE F 665 -14.35 39.59 -16.54
N SER F 666 -14.06 39.62 -15.25
CA SER F 666 -13.36 38.53 -14.58
C SER F 666 -14.08 37.98 -13.36
N GLY F 667 -15.01 38.74 -12.77
CA GLY F 667 -15.65 38.33 -11.54
C GLY F 667 -14.89 38.70 -10.29
N TRP F 668 -13.76 39.37 -10.42
CA TRP F 668 -12.94 39.79 -9.28
C TRP F 668 -13.11 41.28 -9.06
N LYS F 669 -13.48 41.67 -7.84
CA LYS F 669 -13.68 43.07 -7.49
C LYS F 669 -12.95 43.37 -6.19
N TYR F 670 -12.08 44.38 -6.21
CA TYR F 670 -11.36 44.81 -5.02
C TYR F 670 -11.73 46.22 -4.60
N SER F 671 -11.57 47.21 -5.47
CA SER F 671 -11.84 48.61 -5.14
C SER F 671 -11.94 49.40 -6.44
N ALA F 672 -11.97 50.72 -6.31
CA ALA F 672 -12.05 51.63 -7.46
C ALA F 672 -10.69 52.15 -7.89
N LYS F 673 -9.88 52.65 -6.95
CA LYS F 673 -8.55 53.13 -7.30
C LYS F 673 -7.69 51.98 -7.82
N ASP F 674 -7.64 50.88 -7.08
CA ASP F 674 -7.00 49.68 -7.58
C ASP F 674 -7.85 49.06 -8.68
N TRP F 675 -7.20 48.25 -9.51
CA TRP F 675 -7.87 47.58 -10.63
C TRP F 675 -8.51 48.57 -11.60
N LEU F 676 -7.89 49.75 -11.74
CA LEU F 676 -8.45 50.83 -12.55
C LEU F 676 -8.22 50.50 -14.02
N MET F 677 -9.09 49.65 -14.55
CA MET F 677 -9.09 49.29 -15.97
C MET F 677 -10.52 49.45 -16.49
N SER F 678 -10.85 50.65 -16.93
CA SER F 678 -12.17 50.89 -17.49
C SER F 678 -12.31 50.19 -18.85
N ASP F 679 -13.52 49.74 -19.14
CA ASP F 679 -13.78 49.01 -20.37
C ASP F 679 -13.68 49.90 -21.61
N VAL F 680 -13.63 51.22 -21.44
CA VAL F 680 -13.53 52.12 -22.59
C VAL F 680 -12.17 51.95 -23.28
N ASP F 681 -11.10 51.93 -22.50
CA ASP F 681 -9.76 51.80 -23.06
C ASP F 681 -9.23 50.37 -23.01
N TYR F 682 -10.01 49.42 -22.49
CA TYR F 682 -9.58 48.02 -22.52
C TYR F 682 -9.47 47.52 -23.95
N PHE F 683 -10.48 47.83 -24.78
CA PHE F 683 -10.43 47.41 -26.18
C PHE F 683 -9.29 48.10 -26.92
N SER F 684 -8.93 49.31 -26.51
CA SER F 684 -7.79 49.98 -27.12
C SER F 684 -6.48 49.24 -26.85
N PHE F 685 -6.48 48.32 -25.90
CA PHE F 685 -5.33 47.44 -25.68
C PHE F 685 -5.45 46.17 -26.51
N LEU F 686 -6.58 45.48 -26.43
CA LEU F 686 -6.75 44.24 -27.18
C LEU F 686 -6.68 44.47 -28.68
N PHE F 687 -7.34 45.53 -29.16
CA PHE F 687 -7.30 45.84 -30.58
C PHE F 687 -5.89 46.21 -31.03
N SER F 688 -5.16 46.99 -30.22
CA SER F 688 -3.81 47.38 -30.59
C SER F 688 -2.83 46.22 -30.56
N THR F 689 -3.19 45.11 -29.92
CA THR F 689 -2.38 43.90 -29.93
C THR F 689 -2.82 42.91 -30.99
N LEU F 690 -4.14 42.75 -31.19
CA LEU F 690 -4.63 41.89 -32.26
C LEU F 690 -4.18 42.42 -33.62
N THR F 691 -4.27 43.73 -33.83
CA THR F 691 -3.72 44.38 -35.01
C THR F 691 -2.33 44.91 -34.63
N GLY F 692 -1.29 44.26 -35.15
CA GLY F 692 0.06 44.69 -34.89
C GLY F 692 0.44 45.89 -35.72
N PHE F 693 1.72 46.26 -35.64
CA PHE F 693 2.28 47.35 -36.45
C PHE F 693 1.52 48.65 -36.16
N SER F 694 1.76 49.17 -34.95
CA SER F 694 1.01 50.29 -34.41
C SER F 694 0.98 51.50 -35.35
N LYS F 695 0.08 52.44 -35.05
CA LYS F 695 -0.37 53.43 -36.04
C LYS F 695 0.80 54.16 -36.71
N GLU F 696 1.85 54.49 -35.95
CA GLU F 696 2.96 55.24 -36.53
C GLU F 696 3.67 54.44 -37.62
N GLU F 697 3.62 53.11 -37.53
CA GLU F 697 4.28 52.28 -38.54
C GLU F 697 3.48 52.27 -39.85
N LEU F 698 2.16 52.14 -39.75
CA LEU F 698 1.33 52.03 -40.95
C LEU F 698 1.32 53.32 -41.77
N THR F 699 1.46 54.48 -41.12
CA THR F 699 1.53 55.72 -41.88
C THR F 699 2.74 55.73 -42.80
N TRP F 700 3.88 55.26 -42.31
CA TRP F 700 5.07 55.14 -43.16
C TRP F 700 4.92 54.07 -44.23
N LEU F 701 4.04 53.08 -44.01
CA LEU F 701 3.87 52.00 -44.97
C LEU F 701 3.23 52.46 -46.27
N GLN F 702 2.60 53.64 -46.29
CA GLN F 702 1.90 54.10 -47.48
C GLN F 702 2.84 54.43 -48.63
N SER F 703 4.13 54.59 -48.35
CA SER F 703 5.11 54.93 -49.39
C SER F 703 5.69 53.70 -50.08
N LEU F 704 5.32 52.49 -49.65
CA LEU F 704 5.87 51.27 -50.23
C LEU F 704 5.01 50.83 -51.40
N ARG F 705 5.66 50.61 -52.55
CA ARG F 705 4.97 50.16 -53.75
C ARG F 705 6.00 49.67 -54.75
N GLY F 706 5.69 48.57 -55.42
CA GLY F 706 6.60 47.99 -56.40
C GLY F 706 7.89 47.48 -55.81
N VAL F 707 7.82 46.85 -54.65
CA VAL F 707 9.00 46.29 -53.98
C VAL F 707 8.75 44.80 -53.76
N PRO F 708 9.74 44.01 -53.35
CA PRO F 708 9.49 42.58 -53.11
C PRO F 708 8.61 42.31 -51.89
N HIS F 709 8.08 43.37 -51.29
CA HIS F 709 7.17 43.28 -50.15
C HIS F 709 5.79 43.83 -50.49
N VAL F 710 5.38 43.70 -51.76
CA VAL F 710 4.11 44.23 -52.24
C VAL F 710 3.44 43.18 -53.11
N ILE F 711 2.12 43.05 -52.96
CA ILE F 711 1.35 42.05 -53.69
C ILE F 711 0.28 42.78 -54.49
N GLN F 712 0.61 43.98 -54.98
CA GLN F 712 -0.36 44.80 -55.68
C GLN F 712 -0.95 44.07 -56.87
N THR F 713 -2.28 44.06 -56.94
CA THR F 713 -3.01 43.46 -58.05
C THR F 713 -4.11 44.41 -58.47
N GLN F 714 -4.33 44.52 -59.78
CA GLN F 714 -5.35 45.45 -60.28
C GLN F 714 -6.73 44.82 -60.24
N LEU F 715 -7.10 44.24 -59.10
CA LEU F 715 -8.44 43.68 -58.91
C LEU F 715 -9.07 44.03 -57.58
N SER F 716 -8.30 44.43 -56.57
CA SER F 716 -8.82 44.81 -55.27
C SER F 716 -8.20 46.13 -54.84
N PRO F 717 -8.93 46.95 -54.08
CA PRO F 717 -8.39 48.24 -53.64
C PRO F 717 -7.52 48.15 -52.41
N VAL F 718 -7.08 46.94 -52.06
CA VAL F 718 -6.30 46.71 -50.84
C VAL F 718 -4.98 46.05 -51.20
N LEU F 719 -4.00 46.21 -50.32
CA LEU F 719 -2.67 45.66 -50.49
C LEU F 719 -2.37 44.64 -49.39
N LEU F 720 -1.39 43.79 -49.66
CA LEU F 720 -0.97 42.70 -48.78
C LEU F 720 0.53 42.77 -48.49
N TYR F 721 0.99 43.93 -48.05
CA TYR F 721 2.37 44.09 -47.61
C TYR F 721 2.80 42.95 -46.70
N LEU F 722 3.79 42.18 -47.15
CA LEU F 722 4.22 40.98 -46.45
C LEU F 722 5.14 41.32 -45.29
N THR F 723 5.57 40.27 -44.59
CA THR F 723 6.56 40.39 -43.52
C THR F 723 7.30 39.07 -43.42
N ASP F 724 8.53 39.12 -42.94
CA ASP F 724 9.36 37.93 -42.81
C ASP F 724 8.70 36.92 -41.87
N LEU F 725 9.22 35.69 -41.90
CA LEU F 725 8.62 34.62 -41.10
C LEU F 725 9.15 34.72 -39.67
N ASP F 726 9.01 35.91 -39.08
CA ASP F 726 9.23 36.11 -37.66
C ASP F 726 8.21 37.06 -37.04
N GLN F 727 7.50 37.85 -37.85
CA GLN F 727 6.36 38.63 -37.40
C GLN F 727 5.04 38.01 -37.84
N PHE F 728 5.08 36.77 -38.33
CA PHE F 728 3.88 35.99 -38.58
C PHE F 728 3.80 34.71 -37.75
N LEU F 729 4.93 34.21 -37.26
CA LEU F 729 4.92 33.11 -36.29
C LEU F 729 4.91 33.59 -34.86
N HIS F 730 5.05 34.89 -34.62
CA HIS F 730 4.88 35.49 -33.31
C HIS F 730 3.64 36.35 -33.20
N HIS F 731 3.18 36.93 -34.31
CA HIS F 731 1.91 37.64 -34.33
C HIS F 731 0.72 36.70 -34.50
N TRP F 732 0.98 35.41 -34.72
CA TRP F 732 -0.07 34.40 -34.76
C TRP F 732 -0.11 33.53 -33.51
N ASP F 733 1.01 33.43 -32.79
CA ASP F 733 1.04 32.71 -31.53
C ASP F 733 0.75 33.62 -30.34
N VAL F 734 0.62 34.93 -30.57
CA VAL F 734 0.18 35.84 -29.52
C VAL F 734 -1.26 36.30 -29.72
N THR F 735 -1.83 36.09 -30.90
CA THR F 735 -3.22 36.40 -31.13
C THR F 735 -4.15 35.27 -30.69
N GLU F 736 -3.60 34.15 -30.22
CA GLU F 736 -4.44 33.10 -29.66
C GLU F 736 -4.97 33.48 -28.30
N ALA F 737 -4.14 34.12 -27.47
CA ALA F 737 -4.61 34.60 -26.17
C ALA F 737 -5.66 35.70 -26.34
N VAL F 738 -5.43 36.62 -27.28
CA VAL F 738 -6.42 37.67 -27.54
C VAL F 738 -7.69 37.07 -28.09
N PHE F 739 -7.59 35.93 -28.80
CA PHE F 739 -8.80 35.25 -29.25
C PHE F 739 -9.65 34.78 -28.08
N HIS F 740 -8.99 34.23 -27.04
CA HIS F 740 -9.74 33.68 -25.91
C HIS F 740 -10.38 34.78 -25.08
N SER F 741 -9.67 35.89 -24.86
CA SER F 741 -10.21 36.96 -24.04
C SER F 741 -11.42 37.64 -24.67
N LEU F 742 -11.63 37.47 -25.96
CA LEU F 742 -12.78 38.06 -26.64
C LEU F 742 -13.97 37.10 -26.73
N LEU F 743 -13.86 35.91 -26.15
CA LEU F 743 -14.98 34.98 -26.08
C LEU F 743 -15.62 34.92 -24.70
N VAL F 744 -14.84 35.15 -23.64
CA VAL F 744 -15.38 35.14 -22.29
C VAL F 744 -16.34 36.30 -22.07
N ILE F 745 -16.10 37.42 -22.75
CA ILE F 745 -16.95 38.61 -22.55
C ILE F 745 -18.38 38.28 -22.92
N PRO F 746 -19.35 38.55 -22.04
CA PRO F 746 -20.75 38.25 -22.37
C PRO F 746 -21.33 39.29 -23.32
N ALA F 747 -22.54 39.00 -23.80
CA ALA F 747 -23.28 39.87 -24.70
C ALA F 747 -22.45 40.15 -25.97
N ARG F 748 -22.22 39.07 -26.72
CA ARG F 748 -21.40 39.15 -27.92
C ARG F 748 -21.99 40.07 -28.97
N SER F 749 -23.28 40.38 -28.89
CA SER F 749 -23.87 41.34 -29.82
C SER F 749 -23.24 42.72 -29.65
N GLN F 750 -23.06 43.16 -28.40
CA GLN F 750 -22.41 44.44 -28.17
C GLN F 750 -20.90 44.35 -28.40
N ASN F 751 -20.28 43.26 -27.95
CA ASN F 751 -18.83 43.10 -28.11
C ASN F 751 -18.43 43.15 -29.57
N PHE F 752 -19.24 42.54 -30.45
CA PHE F 752 -18.96 42.62 -31.87
C PHE F 752 -19.07 44.06 -32.37
N ASP F 753 -20.05 44.81 -31.87
CA ASP F 753 -20.29 46.16 -32.37
C ASP F 753 -19.14 47.10 -32.05
N ILE F 754 -18.61 47.04 -30.82
CA ILE F 754 -17.46 47.89 -30.48
C ILE F 754 -16.25 47.48 -31.30
N LEU F 755 -16.02 46.18 -31.47
CA LEU F 755 -14.94 45.72 -32.33
C LEU F 755 -15.16 46.15 -33.77
N GLN F 756 -16.40 46.04 -34.26
CA GLN F 756 -16.69 46.41 -35.64
C GLN F 756 -16.42 47.89 -35.88
N SER F 757 -16.80 48.75 -34.94
CA SER F 757 -16.50 50.18 -35.07
C SER F 757 -15.00 50.42 -35.09
N ALA F 758 -14.25 49.71 -34.24
CA ALA F 758 -12.80 49.85 -34.23
C ALA F 758 -12.20 49.41 -35.55
N ILE F 759 -12.68 48.29 -36.10
CA ILE F 759 -12.21 47.83 -37.40
C ILE F 759 -12.58 48.84 -38.47
N SER F 760 -13.79 49.40 -38.39
CA SER F 760 -14.25 50.41 -39.34
C SER F 760 -13.70 51.80 -39.04
N LYS F 761 -12.69 51.91 -38.20
CA LYS F 761 -12.05 53.18 -37.89
C LYS F 761 -10.58 53.20 -38.27
N HIS F 762 -9.83 52.16 -37.88
CA HIS F 762 -8.39 52.13 -38.14
C HIS F 762 -8.01 51.43 -39.44
N LEU F 763 -8.86 50.52 -39.94
CA LEU F 763 -8.45 49.62 -41.01
C LEU F 763 -9.22 49.78 -42.32
N VAL F 764 -10.44 50.30 -42.29
CA VAL F 764 -11.26 50.33 -43.50
C VAL F 764 -10.62 51.25 -44.55
N GLY F 765 -10.14 52.42 -44.13
CA GLY F 765 -9.60 53.38 -45.06
C GLY F 765 -8.12 53.19 -45.32
N LEU F 766 -7.60 52.03 -44.95
CA LEU F 766 -6.20 51.72 -45.14
C LEU F 766 -5.96 51.23 -46.57
N THR F 767 -4.68 51.26 -46.97
CA THR F 767 -4.28 50.80 -48.29
C THR F 767 -3.04 49.92 -48.28
N VAL F 768 -2.38 49.74 -47.13
CA VAL F 768 -1.17 48.94 -47.04
C VAL F 768 -1.35 47.84 -46.00
N ILE F 769 -2.58 47.33 -45.89
CA ILE F 769 -2.94 46.29 -44.92
C ILE F 769 -1.89 45.19 -44.89
N PRO F 770 -1.39 44.81 -43.72
CA PRO F 770 -0.32 43.81 -43.67
C PRO F 770 -0.84 42.42 -43.99
N ASP F 771 0.10 41.49 -44.12
CA ASP F 771 -0.22 40.09 -44.39
C ASP F 771 -0.50 39.29 -43.12
N SER F 772 -0.23 39.86 -41.95
CA SER F 772 -0.54 39.22 -40.67
C SER F 772 -1.82 39.75 -40.04
N THR F 773 -2.05 41.06 -40.12
CA THR F 773 -3.29 41.64 -39.64
C THR F 773 -4.49 41.11 -40.43
N ALA F 774 -4.33 40.99 -41.76
CA ALA F 774 -5.41 40.45 -42.58
C ALA F 774 -5.72 39.00 -42.24
N GLY F 775 -4.81 38.31 -41.56
CA GLY F 775 -5.06 36.95 -41.15
C GLY F 775 -5.64 36.85 -39.75
N CYS F 776 -5.04 37.59 -38.81
CA CYS F 776 -5.53 37.57 -37.43
C CYS F 776 -6.93 38.16 -37.33
N VAL F 777 -7.20 39.25 -38.05
CA VAL F 777 -8.54 39.83 -38.06
C VAL F 777 -9.53 38.84 -38.66
N PHE F 778 -9.10 38.10 -39.70
CA PHE F 778 -9.95 37.06 -40.27
C PHE F 778 -10.29 36.00 -39.23
N GLY F 779 -9.38 35.74 -38.30
CA GLY F 779 -9.66 34.76 -37.26
C GLY F 779 -10.74 35.22 -36.29
N VAL F 780 -10.74 36.51 -35.96
CA VAL F 780 -11.69 37.02 -34.97
C VAL F 780 -13.12 36.83 -35.45
N ILE F 781 -13.41 37.27 -36.67
CA ILE F 781 -14.77 37.12 -37.19
C ILE F 781 -15.12 35.65 -37.39
N CYS F 782 -14.12 34.82 -37.68
CA CYS F 782 -14.37 33.38 -37.76
C CYS F 782 -14.65 32.75 -36.41
N LYS F 783 -14.23 33.39 -35.32
CA LYS F 783 -14.35 32.84 -33.98
C LYS F 783 -15.27 33.65 -33.08
N LEU F 784 -16.04 34.58 -33.63
CA LEU F 784 -16.92 35.43 -32.83
C LEU F 784 -18.36 35.44 -33.29
N LEU F 785 -18.68 34.87 -34.45
CA LEU F 785 -20.01 34.99 -35.01
C LEU F 785 -21.03 34.19 -34.22
N ASP F 786 -22.24 34.74 -34.10
CA ASP F 786 -23.34 34.06 -33.46
C ASP F 786 -24.63 34.46 -34.17
N HIS F 787 -25.74 33.82 -33.76
CA HIS F 787 -27.01 34.11 -34.39
C HIS F 787 -27.49 35.53 -34.10
N THR F 788 -26.91 36.19 -33.11
CA THR F 788 -27.30 37.56 -32.76
C THR F 788 -26.42 38.61 -33.43
N CYS F 789 -25.51 38.20 -34.32
CA CYS F 789 -24.61 39.16 -34.95
C CYS F 789 -25.38 40.06 -35.91
N VAL F 790 -24.95 41.33 -35.97
CA VAL F 790 -25.68 42.36 -36.69
C VAL F 790 -24.69 42.95 -37.72
N VAL F 791 -23.88 42.06 -38.32
CA VAL F 791 -22.76 42.43 -39.16
C VAL F 791 -23.09 43.60 -40.08
N SER F 792 -22.27 44.64 -40.05
CA SER F 792 -22.55 45.88 -40.73
C SER F 792 -22.33 45.77 -42.23
N GLU F 793 -23.16 46.49 -42.99
CA GLU F 793 -23.04 46.53 -44.44
C GLU F 793 -21.87 47.38 -44.91
N THR F 794 -21.31 48.23 -44.05
CA THR F 794 -20.15 49.03 -44.42
C THR F 794 -18.83 48.28 -44.28
N LEU F 795 -18.85 47.09 -43.67
CA LEU F 795 -17.63 46.30 -43.51
C LEU F 795 -17.53 45.16 -44.52
N LEU F 796 -18.65 44.69 -45.05
CA LEU F 796 -18.61 43.58 -45.99
C LEU F 796 -17.83 43.89 -47.26
N PRO F 797 -18.02 45.04 -47.93
CA PRO F 797 -17.16 45.33 -49.10
C PRO F 797 -15.68 45.36 -48.75
N PHE F 798 -15.33 45.81 -47.54
CA PHE F 798 -13.94 45.80 -47.12
C PHE F 798 -13.41 44.38 -46.99
N LEU F 799 -14.20 43.49 -46.36
CA LEU F 799 -13.73 42.14 -46.11
C LEU F 799 -13.50 41.38 -47.41
N ALA F 800 -14.41 41.53 -48.39
CA ALA F 800 -14.27 40.84 -49.66
C ALA F 800 -13.00 41.27 -50.38
N SER F 801 -12.72 42.57 -50.40
CA SER F 801 -11.51 43.06 -51.05
C SER F 801 -10.27 42.52 -50.35
N CYS F 802 -10.28 42.49 -49.02
CA CYS F 802 -9.14 41.98 -48.26
C CYS F 802 -8.98 40.47 -48.40
N CYS F 803 -10.06 39.75 -48.71
CA CYS F 803 -9.99 38.30 -48.77
C CYS F 803 -9.34 37.82 -50.07
N TYR F 804 -9.78 38.33 -51.22
CA TYR F 804 -9.24 37.87 -52.49
C TYR F 804 -7.76 38.23 -52.62
N SER F 805 -7.40 39.44 -52.20
CA SER F 805 -6.01 39.87 -52.31
C SER F 805 -5.09 38.97 -51.48
N LEU F 806 -5.53 38.60 -50.27
CA LEU F 806 -4.80 37.60 -49.50
C LEU F 806 -4.81 36.26 -50.21
N LEU F 807 -5.94 35.89 -50.81
CA LEU F 807 -6.01 34.66 -51.59
C LEU F 807 -5.04 34.72 -52.77
N TYR F 808 -4.91 35.88 -53.40
CA TYR F 808 -3.96 36.04 -54.50
C TYR F 808 -2.55 35.71 -54.05
N PHE F 809 -2.20 36.08 -52.81
CA PHE F 809 -0.85 35.81 -52.31
C PHE F 809 -0.55 34.32 -52.29
N LEU F 810 -1.52 33.50 -51.88
CA LEU F 810 -1.28 32.06 -51.77
C LEU F 810 -0.98 31.44 -53.12
N LEU F 811 -1.65 31.91 -54.17
CA LEU F 811 -1.49 31.28 -55.48
C LEU F 811 -0.16 31.65 -56.12
N THR F 812 0.27 32.91 -56.00
CA THR F 812 1.53 33.33 -56.61
C THR F 812 2.70 33.17 -55.63
N ILE F 813 2.80 31.98 -55.02
CA ILE F 813 3.94 31.69 -54.17
C ILE F 813 5.20 31.53 -55.02
N GLU F 814 5.08 30.83 -56.15
CA GLU F 814 6.13 30.62 -57.14
C GLU F 814 7.48 30.28 -56.51
N LYS F 815 7.44 29.56 -55.38
CA LYS F 815 8.65 29.23 -54.62
C LYS F 815 9.45 30.47 -54.32
N GLY F 816 10.63 30.59 -54.94
CA GLY F 816 11.48 31.75 -54.74
C GLY F 816 11.92 31.93 -53.31
N GLU F 817 11.37 32.93 -52.63
CA GLU F 817 11.67 33.16 -51.23
C GLU F 817 11.16 31.99 -50.39
N ALA F 818 12.08 31.28 -49.73
CA ALA F 818 11.70 30.13 -48.94
C ALA F 818 10.92 30.52 -47.69
N GLU F 819 11.03 31.77 -47.24
CA GLU F 819 10.31 32.20 -46.04
C GLU F 819 8.80 32.18 -46.27
N HIS F 820 8.35 32.71 -47.41
CA HIS F 820 6.91 32.80 -47.67
C HIS F 820 6.38 31.51 -48.26
N LEU F 821 6.62 30.40 -47.59
CA LEU F 821 6.09 29.10 -47.99
C LEU F 821 5.47 28.34 -46.83
N ARG F 822 6.06 28.43 -45.64
CA ARG F 822 5.49 27.77 -44.47
C ARG F 822 4.17 28.42 -44.05
N LYS F 823 4.04 29.73 -44.23
CA LYS F 823 2.83 30.46 -43.86
C LYS F 823 1.79 30.39 -44.98
N ARG F 824 1.43 29.15 -45.34
CA ARG F 824 0.44 28.91 -46.39
C ARG F 824 -0.81 28.23 -45.86
N ASP F 825 -0.66 27.12 -45.13
CA ASP F 825 -1.81 26.41 -44.61
C ASP F 825 -2.59 27.24 -43.60
N LYS F 826 -1.89 27.97 -42.72
CA LYS F 826 -2.55 28.76 -41.70
C LYS F 826 -3.42 29.85 -42.33
N LEU F 827 -2.86 30.59 -43.28
CA LEU F 827 -3.64 31.62 -43.96
C LEU F 827 -4.78 31.01 -44.78
N TRP F 828 -4.53 29.87 -45.42
CA TRP F 828 -5.56 29.23 -46.24
C TRP F 828 -6.73 28.76 -45.38
N GLY F 829 -6.44 28.23 -44.19
CA GLY F 829 -7.52 27.73 -43.33
C GLY F 829 -8.45 28.85 -42.88
N VAL F 830 -7.89 29.96 -42.43
CA VAL F 830 -8.71 31.06 -41.95
C VAL F 830 -9.40 31.78 -43.11
N CYS F 831 -8.74 31.83 -44.27
CA CYS F 831 -9.32 32.52 -45.42
C CYS F 831 -10.58 31.80 -45.90
N VAL F 832 -10.55 30.47 -45.95
CA VAL F 832 -11.69 29.72 -46.46
C VAL F 832 -12.87 29.82 -45.50
N SER F 833 -12.60 29.78 -44.20
CA SER F 833 -13.67 29.77 -43.21
C SER F 833 -14.49 31.06 -43.22
N ILE F 834 -13.94 32.16 -43.73
CA ILE F 834 -14.68 33.42 -43.69
C ILE F 834 -15.84 33.41 -44.68
N LEU F 835 -15.70 32.72 -45.82
CA LEU F 835 -16.81 32.67 -46.77
C LEU F 835 -17.91 31.71 -46.33
N ALA F 836 -17.55 30.62 -45.67
CA ALA F 836 -18.56 29.67 -45.22
C ALA F 836 -19.50 30.30 -44.19
N LEU F 837 -18.94 31.10 -43.26
CA LEU F 837 -19.75 31.71 -42.23
C LEU F 837 -20.55 32.90 -42.74
N LEU F 838 -20.05 33.59 -43.78
CA LEU F 838 -20.75 34.74 -44.35
C LEU F 838 -21.20 34.42 -45.77
N PRO F 839 -22.48 34.11 -45.98
CA PRO F 839 -22.96 33.93 -47.36
C PRO F 839 -22.84 35.17 -48.22
N ARG F 840 -22.95 36.36 -47.62
CA ARG F 840 -23.02 37.59 -48.41
C ARG F 840 -21.67 37.99 -48.99
N VAL F 841 -20.57 37.74 -48.27
CA VAL F 841 -19.26 38.16 -48.78
C VAL F 841 -18.89 37.37 -50.02
N LEU F 842 -19.30 36.09 -50.09
CA LEU F 842 -19.02 35.29 -51.26
C LEU F 842 -19.66 35.89 -52.51
N ARG F 843 -20.92 36.32 -52.41
CA ARG F 843 -21.56 37.00 -53.52
C ARG F 843 -20.87 38.32 -53.83
N LEU F 844 -20.49 39.07 -52.80
CA LEU F 844 -19.78 40.33 -53.01
C LEU F 844 -18.43 40.10 -53.68
N MET F 845 -17.69 39.07 -53.24
CA MET F 845 -16.40 38.78 -53.85
C MET F 845 -16.57 38.37 -55.31
N LEU F 846 -17.56 37.55 -55.61
CA LEU F 846 -17.79 37.09 -56.98
C LEU F 846 -18.54 38.10 -57.82
N GLN F 847 -19.04 39.18 -57.23
CA GLN F 847 -19.65 40.25 -58.00
C GLN F 847 -18.62 41.20 -58.62
N SER F 848 -17.36 41.12 -58.17
CA SER F 848 -16.30 41.96 -58.69
C SER F 848 -15.24 41.20 -59.46
N LEU F 849 -15.07 39.91 -59.21
CA LEU F 849 -14.09 39.10 -59.91
C LEU F 849 -14.57 38.88 -61.33
N ARG F 850 -14.03 39.65 -62.28
CA ARG F 850 -14.42 39.55 -63.67
C ARG F 850 -13.20 39.86 -64.55
N VAL F 851 -13.44 39.89 -65.86
CA VAL F 851 -12.37 40.10 -66.83
C VAL F 851 -12.69 41.34 -67.65
N ASN F 852 -11.84 41.64 -68.64
CA ASN F 852 -11.88 42.81 -69.52
C ASN F 852 -11.38 44.06 -68.82
N ARG F 853 -10.75 43.91 -67.66
CA ARG F 853 -10.06 45.02 -67.01
C ARG F 853 -8.70 44.62 -66.45
N VAL F 854 -8.26 43.38 -66.67
CA VAL F 854 -6.97 42.90 -66.21
C VAL F 854 -6.33 42.11 -67.35
N GLY F 855 -5.03 42.30 -67.54
CA GLY F 855 -4.30 41.60 -68.58
C GLY F 855 -4.27 40.11 -68.36
N PRO F 856 -3.88 39.36 -69.39
CA PRO F 856 -3.86 37.89 -69.28
C PRO F 856 -2.80 37.34 -68.34
N GLU F 857 -1.94 38.19 -67.78
CA GLU F 857 -0.93 37.71 -66.83
C GLU F 857 -1.58 37.11 -65.59
N GLU F 858 -2.64 37.74 -65.09
CA GLU F 858 -3.34 37.25 -63.90
C GLU F 858 -4.42 36.23 -64.23
N LEU F 859 -4.68 35.97 -65.51
CA LEU F 859 -5.71 35.00 -65.88
C LEU F 859 -5.46 33.60 -65.32
N PRO F 860 -4.25 33.04 -65.35
CA PRO F 860 -4.04 31.75 -64.68
C PRO F 860 -4.30 31.80 -63.19
N VAL F 861 -4.05 32.94 -62.54
CA VAL F 861 -4.27 33.03 -61.10
C VAL F 861 -5.75 32.96 -60.76
N VAL F 862 -6.57 33.76 -61.45
CA VAL F 862 -8.00 33.75 -61.17
C VAL F 862 -8.63 32.43 -61.61
N GLY F 863 -8.17 31.88 -62.73
CA GLY F 863 -8.70 30.60 -63.18
C GLY F 863 -8.45 29.48 -62.19
N GLN F 864 -7.26 29.47 -61.57
CA GLN F 864 -6.97 28.46 -60.56
C GLN F 864 -7.86 28.64 -59.33
N LEU F 865 -8.07 29.89 -58.90
CA LEU F 865 -8.88 30.13 -57.72
C LEU F 865 -10.34 29.75 -57.94
N LEU F 866 -10.89 30.13 -59.09
CA LEU F 866 -12.31 29.86 -59.35
C LEU F 866 -12.59 28.36 -59.39
N ARG F 867 -11.71 27.60 -60.03
CA ARG F 867 -11.89 26.14 -60.07
C ARG F 867 -11.62 25.51 -58.71
N LEU F 868 -10.77 26.12 -57.88
CA LEU F 868 -10.43 25.53 -56.60
C LEU F 868 -11.57 25.70 -55.61
N LEU F 869 -12.22 26.87 -55.60
CA LEU F 869 -13.35 27.10 -54.71
C LEU F 869 -14.53 26.19 -55.02
N LEU F 870 -14.62 25.66 -56.25
CA LEU F 870 -15.63 24.67 -56.55
C LEU F 870 -15.40 23.38 -55.79
N GLN F 871 -14.16 23.10 -55.40
CA GLN F 871 -13.84 22.01 -54.49
C GLN F 871 -14.13 22.46 -53.06
N HIS F 872 -13.61 21.73 -52.07
CA HIS F 872 -13.78 22.08 -50.66
C HIS F 872 -15.27 22.08 -50.29
N ALA F 873 -15.83 20.88 -50.28
CA ALA F 873 -17.24 20.54 -50.06
C ALA F 873 -17.96 21.46 -49.06
N PRO F 874 -17.33 21.88 -47.94
CA PRO F 874 -17.99 22.88 -47.07
C PRO F 874 -18.63 24.05 -47.79
N LEU F 875 -18.18 24.38 -49.00
CA LEU F 875 -18.69 25.51 -49.75
C LEU F 875 -19.40 25.10 -51.04
N ARG F 876 -20.23 24.05 -50.99
CA ARG F 876 -20.98 23.66 -52.19
C ARG F 876 -22.25 24.49 -52.34
N THR F 877 -23.14 24.41 -51.34
CA THR F 877 -24.43 25.10 -51.42
C THR F 877 -24.24 26.61 -51.52
N HIS F 878 -23.14 27.13 -50.97
CA HIS F 878 -22.86 28.56 -51.08
C HIS F 878 -22.63 28.96 -52.53
N MET F 879 -21.87 28.15 -53.27
CA MET F 879 -21.67 28.43 -54.69
C MET F 879 -22.88 28.06 -55.53
N LEU F 880 -23.72 27.13 -55.06
CA LEU F 880 -24.90 26.73 -55.82
C LEU F 880 -25.86 27.91 -55.98
N THR F 881 -26.06 28.69 -54.93
CA THR F 881 -26.93 29.86 -55.01
C THR F 881 -26.36 30.94 -55.92
N ASN F 882 -25.05 30.96 -56.12
CA ASN F 882 -24.38 31.94 -57.00
C ASN F 882 -23.95 31.32 -58.31
N ALA F 883 -24.74 30.38 -58.84
CA ALA F 883 -24.36 29.70 -60.08
C ALA F 883 -24.32 30.67 -61.25
N ILE F 884 -25.29 31.60 -61.32
CA ILE F 884 -25.35 32.52 -62.44
C ILE F 884 -24.11 33.41 -62.49
N LEU F 885 -23.68 33.91 -61.33
CA LEU F 885 -22.49 34.77 -61.29
C LEU F 885 -21.25 34.02 -61.76
N VAL F 886 -21.08 32.78 -61.30
CA VAL F 886 -19.90 32.01 -61.70
C VAL F 886 -19.98 31.66 -63.19
N GLN F 887 -21.18 31.35 -63.68
CA GLN F 887 -21.32 30.95 -65.09
C GLN F 887 -20.92 32.08 -66.02
N GLN F 888 -21.30 33.33 -65.70
CA GLN F 888 -20.97 34.45 -66.56
C GLN F 888 -19.46 34.64 -66.68
N ILE F 889 -18.75 34.47 -65.57
CA ILE F 889 -17.28 34.56 -65.61
C ILE F 889 -16.71 33.43 -66.44
N ILE F 890 -17.32 32.25 -66.41
CA ILE F 890 -16.80 31.10 -67.15
C ILE F 890 -16.77 31.41 -68.65
N LYS F 891 -17.85 31.99 -69.17
CA LYS F 891 -17.86 32.36 -70.59
C LYS F 891 -16.84 33.45 -70.87
N ASN F 892 -16.67 34.40 -69.95
CA ASN F 892 -15.73 35.50 -70.16
C ASN F 892 -14.30 34.98 -70.31
N ILE F 893 -13.90 34.02 -69.47
CA ILE F 893 -12.56 33.47 -69.55
C ILE F 893 -12.35 32.77 -70.90
N THR F 894 -13.37 32.01 -71.34
CA THR F 894 -13.28 31.35 -72.64
C THR F 894 -13.35 32.36 -73.79
N THR F 895 -13.95 33.53 -73.55
CA THR F 895 -14.21 34.48 -74.62
C THR F 895 -12.92 35.02 -75.22
N LEU F 896 -12.13 35.73 -74.42
CA LEU F 896 -10.93 36.37 -74.96
C LEU F 896 -9.89 35.33 -75.37
N LYS F 897 -9.92 34.14 -74.78
CA LYS F 897 -8.99 33.08 -75.13
C LYS F 897 -9.62 32.12 -76.13
N SER F 898 -9.93 32.66 -77.31
CA SER F 898 -10.53 31.87 -78.39
C SER F 898 -9.46 31.30 -79.33
N GLY F 899 -8.68 32.18 -79.95
CA GLY F 899 -7.57 31.74 -80.77
C GLY F 899 -6.29 31.64 -79.96
N SER F 900 -5.96 30.44 -79.52
CA SER F 900 -4.85 30.21 -78.60
C SER F 900 -4.56 28.71 -78.57
N VAL F 901 -3.77 28.29 -77.60
CA VAL F 901 -3.42 26.90 -77.42
C VAL F 901 -4.37 26.30 -76.38
N GLN F 902 -4.31 24.97 -76.21
CA GLN F 902 -5.29 24.26 -75.39
C GLN F 902 -5.39 24.85 -73.99
N GLU F 903 -4.26 25.16 -73.36
CA GLU F 903 -4.23 25.75 -72.01
C GLU F 903 -5.01 24.87 -71.02
N GLN F 904 -4.41 23.70 -70.75
CA GLN F 904 -4.99 22.65 -69.93
C GLN F 904 -5.75 23.19 -68.72
N TRP F 905 -5.24 24.26 -68.10
CA TRP F 905 -5.95 24.84 -66.96
C TRP F 905 -7.32 25.38 -67.35
N LEU F 906 -7.52 25.70 -68.62
CA LEU F 906 -8.84 26.11 -69.10
C LEU F 906 -9.69 24.91 -69.48
N THR F 907 -9.06 23.86 -70.03
CA THR F 907 -9.82 22.66 -70.38
C THR F 907 -10.41 22.01 -69.14
N ASP F 908 -9.64 21.94 -68.05
CA ASP F 908 -10.17 21.40 -66.80
C ASP F 908 -11.28 22.29 -66.24
N LEU F 909 -11.22 23.60 -66.53
CA LEU F 909 -12.18 24.53 -65.95
C LEU F 909 -13.61 24.20 -66.40
N HIS F 910 -13.81 23.93 -67.70
CA HIS F 910 -15.14 23.62 -68.18
C HIS F 910 -15.64 22.28 -67.66
N TYR F 911 -14.77 21.27 -67.66
CA TYR F 911 -15.21 19.93 -67.26
C TYR F 911 -15.45 19.85 -65.76
N CYS F 912 -14.58 20.46 -64.96
CA CYS F 912 -14.73 20.39 -63.51
C CYS F 912 -16.03 21.03 -63.05
N PHE F 913 -16.44 22.12 -63.70
CA PHE F 913 -17.70 22.76 -63.36
C PHE F 913 -18.88 21.81 -63.61
N ASN F 914 -18.86 21.11 -64.74
CA ASN F 914 -19.92 20.17 -65.06
C ASN F 914 -19.78 18.84 -64.32
N VAL F 915 -18.56 18.47 -63.91
CA VAL F 915 -18.35 17.20 -63.22
C VAL F 915 -18.64 17.31 -61.73
N TYR F 916 -18.08 18.32 -61.07
CA TYR F 916 -18.18 18.41 -59.62
C TYR F 916 -19.55 18.89 -59.18
N ILE F 917 -20.30 19.54 -60.07
CA ILE F 917 -21.69 19.95 -59.83
C ILE F 917 -22.42 19.99 -61.17
N THR F 918 -23.75 20.07 -61.10
CA THR F 918 -24.56 20.05 -62.30
C THR F 918 -24.35 21.31 -63.12
N GLY F 919 -24.58 21.19 -64.43
CA GLY F 919 -24.40 22.32 -65.34
C GLY F 919 -25.66 23.11 -65.54
#